data_6WZT
#
_entry.id   6WZT
#
loop_
_entity.id
_entity.type
_entity.pdbx_description
1 polymer Hemagglutinin
2 polymer 'Cyno antibody heavy chain'
3 polymer 'Cyno antibody light chain'
4 branched 2-acetamido-2-deoxy-beta-D-glucopyranose-(1-4)-2-acetamido-2-deoxy-beta-D-glucopyranose
5 branched beta-D-mannopyranose-(1-4)-2-acetamido-2-deoxy-beta-D-glucopyranose-(1-4)-2-acetamido-2-deoxy-beta-D-glucopyranose
6 non-polymer 2-acetamido-2-deoxy-beta-D-glucopyranose
#
loop_
_entity_poly.entity_id
_entity_poly.type
_entity_poly.pdbx_seq_one_letter_code
_entity_poly.pdbx_strand_id
1 'polypeptide(L)'
;QKLPGNDNSTATLCLGHHAVPNGTIVKTITNDQIEVTNATELVQNSSIGEICDSPHQILDGENCTLIDALLGDPQCDGFQ
NKKWDLFVERSKAYSNCFPYDVPDYASLRSLVASSGTLEFNNESFNWTGVTQNGTSSACIRRSNNSFFSRLNWLTQLNFK
YPALNVTMPNNEQFDKLYIWGVHHPVTDKDQIFLYAQSSGRITVSTKRSQQAVIPNIGYRPRIRNIPSRISIYWTIVKPG
DILLINSTGNLIAPRGYFKIRSGKSSIMRSDAPIGKCNSECITPNGSIPNDKPFQNVNRITYGACPRYVKQSTLKLATGM
RNVPEKQTRGIFGAIAGFIENGWEGMVDGWYGFRHQNSEGRGQAADLKSTQAAIDQINGKLNRLIGKTNEKFHQIEKEFS
EVEGRIQDLEKYVEDTKIDLWSYNAELLVALENQHTIDLTDSEMNKLFEKTKKQLRENAEDMGNGCFKIYHKCDNACIGS
IRNGTYDHDVYRDEALNNRFQIK
;
A,B,C
2 'polypeptide(L)'
;QVQLQESGPGLVKPSETLSLTCAVSGGTFSAYYWGWIRQPPGKGLEWIGSISGGSGSTDYSPSLKSRATISRDTSKNQFS
LKLTSVTAADTAVYYCVRKYWGDYYANWFDVWGPGVLVTVSSASTKGPSVFPLAPCSRSTSESTAALGCLVKDYFPEPVT
VSWNSGSLTSGVHTFPAVLQSSGLYSLSSVVTVPSSSLGTQTYVCNVNHKPSNTKVDKRVEIKTCGGGSKPPT
;
H,E,G
3 'polypeptide(L)'
;DIQMTQSPSSLSASVGDTVTITCRASQSISSWLAWYQQKPGKAPKLLIYKASSLQGGVPSRFSGSGSGSDFTLTISSLQS
EDFATYYCQQYSGRPPTFGQGTKVEIKRAVAAPSVFIFPPSEDQVKSGTVSVVCLLNNFYPREASVKWKVDGALKTGNSQ
ESVTEQDSKDNTYSLSSTLTLSSTDYQSHNVYACEVTHQGLSSPVTKSFNRGEC
;
L,D,F
#
loop_
_chem_comp.id
_chem_comp.type
_chem_comp.name
_chem_comp.formula
BMA D-saccharide, beta linking beta-D-mannopyranose 'C6 H12 O6'
NAG D-saccharide, beta linking 2-acetamido-2-deoxy-beta-D-glucopyranose 'C8 H15 N O6'
#
# COMPACT_ATOMS: atom_id res chain seq x y z
N SER A 9 48.55 -21.23 -14.69
CA SER A 9 47.89 -20.14 -15.50
C SER A 9 47.44 -18.99 -14.60
N THR A 10 46.23 -18.46 -14.83
CA THR A 10 45.64 -17.40 -14.02
C THR A 10 44.28 -17.87 -13.50
N ALA A 11 44.02 -17.66 -12.21
CA ALA A 11 42.80 -18.17 -11.58
C ALA A 11 41.62 -17.26 -11.91
N THR A 12 40.40 -17.82 -11.91
CA THR A 12 39.20 -17.01 -12.07
C THR A 12 38.20 -17.40 -10.99
N LEU A 13 37.74 -16.43 -10.19
CA LEU A 13 36.63 -16.70 -9.29
C LEU A 13 35.37 -16.10 -9.89
N CYS A 14 34.26 -16.83 -9.79
CA CYS A 14 33.06 -16.40 -10.47
C CYS A 14 31.83 -16.70 -9.61
N LEU A 15 31.06 -15.65 -9.30
CA LEU A 15 29.97 -15.73 -8.33
C LEU A 15 28.64 -16.03 -9.01
N GLY A 16 27.66 -16.46 -8.21
CA GLY A 16 26.31 -16.69 -8.70
C GLY A 16 25.37 -17.24 -7.61
N HIS A 17 24.12 -17.54 -8.00
CA HIS A 17 23.04 -17.90 -7.10
C HIS A 17 22.36 -19.18 -7.58
N HIS A 18 21.64 -19.90 -6.70
CA HIS A 18 21.03 -21.18 -7.02
C HIS A 18 19.73 -21.01 -7.80
N ALA A 19 19.27 -22.08 -8.47
CA ALA A 19 17.98 -22.10 -9.13
C ALA A 19 17.34 -23.48 -8.94
N VAL A 20 16.11 -23.65 -9.44
CA VAL A 20 15.38 -24.90 -9.27
C VAL A 20 14.95 -25.41 -10.64
N PRO A 21 15.05 -26.73 -10.94
CA PRO A 21 14.56 -27.24 -12.22
C PRO A 21 13.10 -26.86 -12.43
N ASN A 22 12.29 -26.90 -11.36
CA ASN A 22 10.88 -26.56 -11.51
C ASN A 22 10.47 -25.46 -10.53
N GLY A 23 9.94 -24.34 -11.07
CA GLY A 23 9.50 -23.21 -10.26
C GLY A 23 8.01 -22.91 -10.45
N THR A 24 7.56 -21.73 -9.98
CA THR A 24 6.15 -21.36 -10.07
C THR A 24 6.02 -19.86 -10.33
N ILE A 25 4.96 -19.49 -11.06
CA ILE A 25 4.68 -18.11 -11.40
C ILE A 25 4.16 -17.36 -10.17
N VAL A 26 4.47 -16.06 -10.09
CA VAL A 26 4.04 -15.22 -8.99
C VAL A 26 3.74 -13.82 -9.51
N LYS A 27 2.62 -13.25 -9.02
CA LYS A 27 2.15 -11.94 -9.44
C LYS A 27 2.78 -10.86 -8.57
N THR A 28 3.37 -9.85 -9.22
CA THR A 28 4.07 -8.77 -8.54
C THR A 28 3.47 -7.43 -8.95
N ILE A 29 4.22 -6.34 -8.73
CA ILE A 29 3.86 -5.03 -9.21
C ILE A 29 4.76 -4.65 -10.40
N THR A 30 6.02 -5.11 -10.36
CA THR A 30 7.00 -4.87 -11.41
C THR A 30 6.60 -5.62 -12.68
N ASN A 31 6.29 -6.91 -12.52
CA ASN A 31 5.97 -7.77 -13.65
C ASN A 31 4.84 -8.71 -13.22
N ASP A 32 3.74 -8.70 -13.98
CA ASP A 32 2.54 -9.44 -13.59
C ASP A 32 2.80 -10.95 -13.50
N GLN A 33 3.90 -11.39 -14.13
CA GLN A 33 4.32 -12.79 -14.11
C GLN A 33 5.84 -12.86 -13.95
N ILE A 34 6.30 -13.75 -13.05
CA ILE A 34 7.72 -14.01 -12.85
C ILE A 34 7.91 -15.40 -12.23
N GLU A 35 9.07 -16.00 -12.51
CA GLU A 35 9.42 -17.33 -12.04
C GLU A 35 10.44 -17.24 -10.89
N VAL A 36 10.04 -17.79 -9.74
CA VAL A 36 10.88 -17.88 -8.55
C VAL A 36 10.96 -19.33 -8.12
N THR A 37 11.92 -19.63 -7.23
CA THR A 37 12.29 -20.99 -6.85
C THR A 37 11.11 -21.68 -6.16
N ASN A 38 10.75 -21.18 -4.99
CA ASN A 38 9.82 -21.86 -4.09
C ASN A 38 8.66 -20.91 -3.80
N ALA A 39 7.45 -21.39 -4.13
CA ALA A 39 6.22 -20.65 -3.88
C ALA A 39 5.50 -21.27 -2.69
N THR A 40 4.46 -20.58 -2.22
CA THR A 40 3.55 -21.08 -1.19
C THR A 40 2.14 -20.63 -1.51
N GLU A 41 1.23 -20.79 -0.53
CA GLU A 41 -0.15 -20.39 -0.66
C GLU A 41 -0.52 -19.42 0.47
N LEU A 42 -1.40 -18.46 0.15
CA LEU A 42 -1.90 -17.51 1.12
C LEU A 42 -3.42 -17.66 1.29
N VAL A 43 -4.03 -18.55 0.48
CA VAL A 43 -5.48 -18.72 0.48
C VAL A 43 -5.81 -20.20 0.67
N GLN A 44 -6.38 -20.53 1.84
CA GLN A 44 -6.91 -21.86 2.10
C GLN A 44 -8.29 -21.99 1.48
N ASN A 45 -8.38 -22.81 0.42
CA ASN A 45 -9.59 -22.92 -0.38
C ASN A 45 -10.35 -24.20 -0.05
N SER A 46 -9.79 -25.00 0.87
CA SER A 46 -10.26 -26.35 1.12
C SER A 46 -10.70 -26.51 2.58
N SER A 47 -11.75 -27.32 2.78
CA SER A 47 -12.28 -27.65 4.08
C SER A 47 -12.11 -29.14 4.36
N ILE A 48 -12.12 -29.50 5.65
CA ILE A 48 -12.22 -30.88 6.10
C ILE A 48 -13.57 -31.43 5.67
N GLY A 49 -14.62 -30.63 5.86
CA GLY A 49 -15.96 -30.94 5.42
C GLY A 49 -16.89 -31.30 6.57
N GLU A 50 -16.54 -30.84 7.79
CA GLU A 50 -17.38 -31.01 8.96
C GLU A 50 -17.03 -30.01 10.06
N ILE A 51 -18.04 -29.72 10.88
CA ILE A 51 -17.91 -28.86 12.04
C ILE A 51 -17.20 -29.66 13.12
N CYS A 52 -16.00 -29.21 13.48
CA CYS A 52 -15.19 -30.01 14.37
C CYS A 52 -15.06 -29.33 15.73
N ASP A 53 -15.12 -30.14 16.79
CA ASP A 53 -15.35 -29.65 18.15
C ASP A 53 -14.21 -28.79 18.70
N SER A 54 -13.07 -29.40 19.03
CA SER A 54 -12.02 -28.68 19.75
C SER A 54 -11.59 -27.45 18.94
N PRO A 55 -11.43 -26.27 19.58
CA PRO A 55 -11.68 -26.11 21.02
C PRO A 55 -13.01 -25.50 21.47
N HIS A 56 -13.93 -25.18 20.55
CA HIS A 56 -15.16 -24.48 20.92
C HIS A 56 -16.31 -25.46 21.18
N GLN A 57 -17.28 -25.02 22.01
CA GLN A 57 -18.47 -25.83 22.29
C GLN A 57 -19.46 -25.69 21.14
N ILE A 58 -19.94 -26.82 20.63
CA ILE A 58 -20.88 -26.88 19.53
C ILE A 58 -22.20 -27.47 20.02
N LEU A 59 -23.28 -27.22 19.28
CA LEU A 59 -24.59 -27.77 19.59
C LEU A 59 -25.39 -27.81 18.29
N ASP A 60 -25.90 -28.98 17.89
CA ASP A 60 -26.58 -29.09 16.60
C ASP A 60 -28.08 -29.29 16.80
N GLY A 61 -28.88 -28.41 16.18
CA GLY A 61 -30.33 -28.48 16.24
C GLY A 61 -30.84 -29.80 15.68
N GLU A 62 -30.29 -30.19 14.52
CA GLU A 62 -30.61 -31.48 13.93
C GLU A 62 -32.13 -31.60 13.74
N ASN A 63 -32.86 -30.54 13.42
CA ASN A 63 -34.32 -30.51 13.23
C ASN A 63 -34.99 -29.39 14.02
N CYS A 64 -34.24 -28.57 14.77
CA CYS A 64 -34.92 -27.45 15.42
C CYS A 64 -34.21 -26.10 15.22
N THR A 65 -34.98 -25.09 14.78
CA THR A 65 -34.49 -23.73 14.64
C THR A 65 -34.27 -23.18 16.06
N LEU A 66 -33.47 -22.13 16.22
CA LEU A 66 -33.14 -21.60 17.53
C LEU A 66 -34.39 -21.04 18.23
N ILE A 67 -35.30 -20.44 17.45
CA ILE A 67 -36.58 -19.95 17.95
C ILE A 67 -37.43 -21.13 18.41
N ASP A 68 -37.44 -22.20 17.60
CA ASP A 68 -38.16 -23.43 17.90
C ASP A 68 -37.61 -24.08 19.17
N ALA A 69 -36.29 -24.00 19.34
CA ALA A 69 -35.60 -24.54 20.50
C ALA A 69 -35.86 -23.67 21.74
N LEU A 70 -35.82 -22.34 21.56
CA LEU A 70 -36.10 -21.39 22.62
C LEU A 70 -37.54 -21.54 23.09
N LEU A 71 -38.49 -21.58 22.13
CA LEU A 71 -39.85 -21.97 22.44
C LEU A 71 -39.81 -23.47 22.72
N GLY A 72 -40.90 -24.14 23.02
CA GLY A 72 -40.63 -25.55 23.27
C GLY A 72 -41.39 -26.47 22.32
N ASP A 73 -40.65 -27.08 21.36
CA ASP A 73 -41.19 -28.14 20.53
C ASP A 73 -40.87 -29.45 21.24
N PRO A 74 -41.88 -30.30 21.50
CA PRO A 74 -41.67 -31.53 22.27
C PRO A 74 -40.59 -32.39 21.64
N GLN A 75 -40.64 -32.58 20.32
CA GLN A 75 -39.57 -33.29 19.64
C GLN A 75 -38.36 -32.36 19.55
N CYS A 76 -37.17 -32.87 19.77
CA CYS A 76 -35.95 -32.08 19.79
C CYS A 76 -36.03 -30.96 20.81
N ASP A 77 -36.47 -31.28 22.02
CA ASP A 77 -36.50 -30.30 23.09
C ASP A 77 -35.32 -30.41 24.03
N GLY A 78 -34.42 -31.38 23.80
CA GLY A 78 -33.29 -31.61 24.67
C GLY A 78 -32.46 -30.35 24.93
N PHE A 79 -32.57 -29.35 24.05
CA PHE A 79 -31.79 -28.12 24.08
C PHE A 79 -32.18 -27.25 25.27
N GLN A 80 -33.12 -27.73 26.11
CA GLN A 80 -33.55 -26.97 27.28
C GLN A 80 -32.38 -26.85 28.25
N ASN A 81 -32.19 -25.65 28.82
CA ASN A 81 -31.10 -25.38 29.75
C ASN A 81 -29.76 -25.86 29.19
N LYS A 82 -29.52 -25.71 27.87
CA LYS A 82 -28.26 -26.10 27.26
C LYS A 82 -27.51 -24.86 26.77
N LYS A 83 -26.19 -24.79 27.05
CA LYS A 83 -25.38 -23.64 26.68
C LYS A 83 -24.50 -23.98 25.48
N TRP A 84 -23.92 -22.96 24.83
CA TRP A 84 -23.09 -23.17 23.64
C TRP A 84 -22.15 -21.99 23.40
N ASP A 85 -21.15 -22.23 22.54
CA ASP A 85 -20.33 -21.20 21.93
C ASP A 85 -20.96 -20.77 20.61
N LEU A 86 -21.26 -21.75 19.75
CA LEU A 86 -21.85 -21.53 18.44
C LEU A 86 -22.95 -22.57 18.19
N PHE A 87 -24.18 -22.08 18.05
CA PHE A 87 -25.34 -22.89 17.68
C PHE A 87 -25.40 -22.97 16.15
N VAL A 88 -25.73 -24.16 15.64
CA VAL A 88 -25.90 -24.38 14.22
C VAL A 88 -27.33 -24.86 13.93
N GLU A 89 -27.84 -24.45 12.77
CA GLU A 89 -29.17 -24.85 12.31
C GLU A 89 -29.02 -25.72 11.06
N ARG A 90 -29.91 -26.72 10.95
CA ARG A 90 -30.02 -27.54 9.75
C ARG A 90 -31.14 -26.97 8.89
N SER A 91 -30.92 -27.01 7.57
CA SER A 91 -31.86 -26.47 6.59
C SER A 91 -33.04 -27.42 6.41
N LYS A 92 -33.06 -28.52 7.18
CA LYS A 92 -34.10 -29.52 7.15
C LYS A 92 -35.03 -29.37 8.35
N ALA A 93 -34.77 -28.34 9.18
CA ALA A 93 -35.54 -28.04 10.38
C ALA A 93 -36.80 -27.27 10.01
N TYR A 94 -37.81 -27.32 10.90
CA TYR A 94 -39.15 -26.85 10.65
C TYR A 94 -39.96 -26.82 11.95
N SER A 95 -41.02 -26.01 11.97
CA SER A 95 -42.04 -26.03 12.99
C SER A 95 -42.99 -27.20 12.72
N ASN A 96 -43.21 -28.05 13.73
CA ASN A 96 -44.01 -29.25 13.56
C ASN A 96 -44.86 -29.52 14.80
N CYS A 97 -45.20 -28.45 15.50
CA CYS A 97 -46.02 -28.57 16.69
C CYS A 97 -47.11 -27.49 16.70
N PHE A 98 -46.71 -26.23 16.56
CA PHE A 98 -47.65 -25.13 16.43
C PHE A 98 -47.04 -23.97 15.65
N PRO A 99 -47.77 -23.40 14.66
CA PRO A 99 -47.25 -22.28 13.86
C PRO A 99 -47.19 -20.97 14.65
N TYR A 100 -46.28 -20.10 14.22
CA TYR A 100 -46.04 -18.82 14.87
C TYR A 100 -45.35 -17.88 13.89
N ASP A 101 -45.53 -16.57 14.10
CA ASP A 101 -44.85 -15.54 13.35
C ASP A 101 -44.18 -14.59 14.33
N VAL A 102 -42.90 -14.29 14.08
CA VAL A 102 -42.16 -13.40 14.95
C VAL A 102 -41.91 -12.09 14.20
N PRO A 103 -42.65 -11.00 14.50
CA PRO A 103 -42.33 -9.71 13.89
C PRO A 103 -40.88 -9.38 14.24
N ASP A 104 -40.08 -9.08 13.22
CA ASP A 104 -38.64 -8.93 13.37
C ASP A 104 -38.03 -10.24 13.85
N TYR A 105 -38.48 -11.36 13.26
CA TYR A 105 -37.93 -12.67 13.55
C TYR A 105 -36.41 -12.61 13.58
N ALA A 106 -35.81 -11.89 12.61
CA ALA A 106 -34.36 -11.90 12.46
C ALA A 106 -33.68 -11.31 13.69
N SER A 107 -34.29 -10.26 14.27
CA SER A 107 -33.72 -9.56 15.41
C SER A 107 -33.70 -10.45 16.65
N LEU A 108 -34.88 -10.99 17.03
CA LEU A 108 -35.01 -11.82 18.23
C LEU A 108 -34.05 -13.01 18.13
N ARG A 109 -34.08 -13.69 16.97
CA ARG A 109 -33.23 -14.84 16.69
C ARG A 109 -31.78 -14.47 16.99
N SER A 110 -31.33 -13.34 16.42
CA SER A 110 -29.97 -12.85 16.52
C SER A 110 -29.59 -12.57 17.98
N LEU A 111 -30.55 -12.08 18.76
CA LEU A 111 -30.33 -11.70 20.15
C LEU A 111 -30.14 -12.93 21.03
N VAL A 112 -31.03 -13.91 20.87
CA VAL A 112 -30.96 -15.17 21.61
C VAL A 112 -29.68 -15.90 21.22
N ALA A 113 -29.34 -15.84 19.92
CA ALA A 113 -28.10 -16.37 19.38
C ALA A 113 -26.90 -15.70 20.05
N SER A 114 -27.04 -14.41 20.34
CA SER A 114 -25.96 -13.61 20.91
C SER A 114 -25.80 -13.89 22.41
N SER A 115 -26.83 -14.47 23.03
CA SER A 115 -26.80 -14.81 24.45
C SER A 115 -25.90 -16.02 24.68
N GLY A 116 -26.19 -17.12 23.97
CA GLY A 116 -25.40 -18.33 24.02
C GLY A 116 -25.84 -19.28 25.12
N THR A 117 -26.96 -18.94 25.76
CA THR A 117 -27.53 -19.71 26.86
C THR A 117 -29.04 -19.86 26.64
N LEU A 118 -29.59 -20.94 27.21
CA LEU A 118 -31.02 -21.19 27.20
C LEU A 118 -31.47 -21.60 28.60
N GLU A 119 -30.77 -21.10 29.62
CA GLU A 119 -31.14 -21.32 31.01
C GLU A 119 -32.45 -20.58 31.30
N PHE A 120 -33.39 -21.31 31.90
CA PHE A 120 -34.74 -20.82 32.17
C PHE A 120 -35.08 -21.09 33.64
N ASN A 121 -35.81 -20.14 34.23
CA ASN A 121 -36.31 -20.31 35.59
C ASN A 121 -37.82 -20.10 35.61
N ASN A 122 -38.50 -20.94 36.39
CA ASN A 122 -39.94 -20.87 36.60
C ASN A 122 -40.27 -19.67 37.48
N GLU A 123 -41.53 -19.24 37.41
CA GLU A 123 -42.08 -18.24 38.31
C GLU A 123 -43.60 -18.46 38.43
N SER A 124 -44.07 -18.46 39.67
CA SER A 124 -45.49 -18.58 39.98
C SER A 124 -46.14 -17.21 39.96
N PHE A 125 -46.66 -16.83 38.78
CA PHE A 125 -47.50 -15.64 38.65
C PHE A 125 -48.84 -15.92 39.32
N ASN A 126 -49.50 -14.84 39.77
CA ASN A 126 -50.83 -14.92 40.35
C ASN A 126 -51.86 -15.01 39.22
N TRP A 127 -51.68 -16.00 38.33
CA TRP A 127 -52.67 -16.37 37.35
C TRP A 127 -53.87 -16.97 38.09
N THR A 128 -54.99 -16.24 38.06
CA THR A 128 -56.13 -16.54 38.91
C THR A 128 -57.42 -16.46 38.08
N GLY A 129 -58.38 -17.33 38.43
CA GLY A 129 -59.68 -17.39 37.79
C GLY A 129 -59.60 -17.80 36.32
N VAL A 130 -58.39 -18.24 35.92
CA VAL A 130 -58.07 -18.63 34.56
C VAL A 130 -58.14 -20.16 34.47
N THR A 131 -58.65 -20.66 33.33
CA THR A 131 -58.36 -22.02 32.93
C THR A 131 -57.03 -22.01 32.18
N GLN A 132 -55.96 -22.35 32.90
CA GLN A 132 -54.64 -22.44 32.31
C GLN A 132 -54.36 -23.89 31.91
N ASN A 133 -53.10 -24.16 31.52
CA ASN A 133 -52.65 -25.46 31.03
C ASN A 133 -53.51 -25.92 29.85
N GLY A 134 -53.87 -24.96 28.99
CA GLY A 134 -54.69 -25.20 27.81
C GLY A 134 -53.98 -26.12 26.82
N THR A 135 -54.76 -26.98 26.15
CA THR A 135 -54.22 -28.04 25.32
C THR A 135 -54.64 -27.86 23.87
N SER A 136 -53.89 -28.50 22.97
CA SER A 136 -54.22 -28.60 21.55
C SER A 136 -53.60 -29.86 20.95
N SER A 137 -54.41 -30.59 20.17
CA SER A 137 -53.99 -31.80 19.47
C SER A 137 -53.01 -31.47 18.34
N ALA A 138 -52.92 -30.18 18.00
CA ALA A 138 -51.96 -29.63 17.06
C ALA A 138 -50.55 -30.04 17.45
N CYS A 139 -50.21 -29.78 18.71
CA CYS A 139 -48.91 -30.11 19.29
C CYS A 139 -49.00 -31.44 20.02
N ILE A 140 -48.17 -32.40 19.59
CA ILE A 140 -48.20 -33.75 20.13
C ILE A 140 -46.97 -33.98 21.00
N ARG A 141 -47.25 -34.40 22.24
CA ARG A 141 -46.24 -34.71 23.24
C ARG A 141 -46.72 -35.95 23.99
N ARG A 142 -45.91 -37.03 23.94
CA ARG A 142 -46.19 -38.28 24.62
C ARG A 142 -47.52 -38.86 24.13
N SER A 143 -47.78 -38.70 22.81
CA SER A 143 -49.02 -39.03 22.14
C SER A 143 -50.23 -38.33 22.78
N ASN A 144 -50.05 -37.05 23.14
CA ASN A 144 -51.09 -36.28 23.81
C ASN A 144 -51.19 -34.88 23.21
N ASN A 145 -52.39 -34.29 23.34
CA ASN A 145 -52.64 -32.89 23.10
C ASN A 145 -51.75 -32.07 24.04
N SER A 146 -51.04 -31.10 23.47
CA SER A 146 -50.04 -30.35 24.21
C SER A 146 -49.92 -28.92 23.68
N PHE A 147 -48.97 -28.18 24.26
CA PHE A 147 -48.58 -26.86 23.80
C PHE A 147 -47.06 -26.72 23.93
N PHE A 148 -46.57 -25.49 23.76
CA PHE A 148 -45.14 -25.18 23.85
C PHE A 148 -44.64 -25.39 25.27
N SER A 149 -43.33 -25.66 25.39
CA SER A 149 -42.71 -26.04 26.64
C SER A 149 -42.62 -24.84 27.60
N ARG A 150 -42.03 -23.74 27.11
CA ARG A 150 -41.60 -22.63 27.95
C ARG A 150 -42.75 -21.66 28.21
N LEU A 151 -43.85 -21.86 27.49
CA LEU A 151 -44.93 -20.88 27.39
C LEU A 151 -46.16 -21.45 28.09
N ASN A 152 -47.16 -20.59 28.31
CA ASN A 152 -48.42 -20.99 28.88
C ASN A 152 -49.58 -20.35 28.11
N TRP A 153 -50.53 -21.19 27.72
CA TRP A 153 -51.74 -20.77 27.03
C TRP A 153 -52.85 -20.62 28.07
N LEU A 154 -53.62 -19.55 27.93
CA LEU A 154 -54.64 -19.19 28.91
C LEU A 154 -56.02 -19.23 28.26
N THR A 155 -56.95 -19.88 28.95
CA THR A 155 -58.35 -20.00 28.54
C THR A 155 -59.24 -19.53 29.68
N GLN A 156 -60.51 -19.24 29.36
CA GLN A 156 -61.47 -18.73 30.33
C GLN A 156 -61.91 -19.87 31.26
N LEU A 157 -62.26 -19.52 32.50
CA LEU A 157 -62.93 -20.46 33.39
C LEU A 157 -64.38 -20.06 33.56
N ASN A 158 -65.28 -21.02 33.26
CA ASN A 158 -66.69 -20.96 33.61
C ASN A 158 -67.35 -19.77 32.92
N PHE A 159 -67.17 -19.71 31.58
CA PHE A 159 -67.79 -18.73 30.70
C PHE A 159 -67.41 -17.30 31.09
N LYS A 160 -66.34 -17.18 31.89
CA LYS A 160 -65.95 -15.92 32.52
C LYS A 160 -64.43 -15.76 32.45
N TYR A 161 -64.00 -14.50 32.42
CA TYR A 161 -62.60 -14.16 32.31
C TYR A 161 -62.34 -12.83 33.01
N PRO A 162 -61.77 -12.84 34.25
CA PRO A 162 -61.21 -11.62 34.83
C PRO A 162 -59.95 -11.20 34.09
N ALA A 163 -59.82 -9.89 33.86
CA ALA A 163 -58.64 -9.29 33.25
C ALA A 163 -57.44 -9.49 34.18
N LEU A 164 -56.27 -9.70 33.57
CA LEU A 164 -55.12 -10.20 34.30
C LEU A 164 -54.10 -9.08 34.53
N ASN A 165 -54.16 -8.54 35.75
CA ASN A 165 -53.36 -7.41 36.18
C ASN A 165 -52.28 -7.95 37.12
N VAL A 166 -51.09 -8.19 36.55
CA VAL A 166 -50.02 -8.96 37.18
C VAL A 166 -48.69 -8.23 37.00
N THR A 167 -47.79 -8.44 37.96
CA THR A 167 -46.47 -7.82 38.00
C THR A 167 -45.39 -8.88 38.20
N MET A 168 -44.14 -8.47 37.96
CA MET A 168 -42.96 -9.18 38.39
C MET A 168 -41.83 -8.18 38.66
N PRO A 169 -41.30 -8.12 39.90
CA PRO A 169 -40.07 -7.35 40.18
C PRO A 169 -38.83 -8.08 39.69
N ASN A 170 -37.74 -7.32 39.52
CA ASN A 170 -36.43 -7.88 39.22
C ASN A 170 -35.41 -7.24 40.16
N ASN A 171 -35.30 -7.82 41.37
CA ASN A 171 -34.50 -7.28 42.45
C ASN A 171 -33.06 -7.80 42.36
N GLU A 172 -32.77 -8.53 41.27
CA GLU A 172 -31.52 -9.26 41.11
C GLU A 172 -30.56 -8.46 40.23
N GLN A 173 -29.35 -8.99 40.04
CA GLN A 173 -28.24 -8.25 39.45
C GLN A 173 -27.98 -8.72 38.02
N PHE A 174 -29.06 -9.13 37.34
CA PHE A 174 -29.00 -9.62 35.96
C PHE A 174 -30.34 -9.39 35.28
N ASP A 175 -30.28 -9.11 33.97
CA ASP A 175 -31.45 -8.79 33.15
C ASP A 175 -32.25 -10.05 32.87
N LYS A 176 -33.57 -9.88 32.79
CA LYS A 176 -34.51 -10.95 32.53
C LYS A 176 -35.07 -10.79 31.12
N LEU A 177 -34.88 -11.81 30.29
CA LEU A 177 -35.43 -11.83 28.94
C LEU A 177 -36.72 -12.66 28.95
N TYR A 178 -37.84 -11.95 28.82
CA TYR A 178 -39.17 -12.55 28.85
C TYR A 178 -39.66 -12.80 27.43
N ILE A 179 -40.33 -13.94 27.23
CA ILE A 179 -40.93 -14.32 25.97
C ILE A 179 -42.41 -14.63 26.21
N TRP A 180 -43.27 -13.97 25.42
CA TRP A 180 -44.70 -14.22 25.41
C TRP A 180 -45.20 -14.15 23.97
N GLY A 181 -46.50 -14.43 23.80
CA GLY A 181 -47.14 -14.36 22.49
C GLY A 181 -48.60 -13.92 22.59
N VAL A 182 -49.22 -13.78 21.42
CA VAL A 182 -50.64 -13.48 21.29
C VAL A 182 -51.25 -14.52 20.35
N HIS A 183 -52.38 -15.09 20.77
CA HIS A 183 -53.16 -15.97 19.92
C HIS A 183 -53.94 -15.14 18.91
N HIS A 184 -54.18 -15.72 17.74
CA HIS A 184 -55.03 -15.13 16.72
C HIS A 184 -56.26 -16.02 16.50
N PRO A 185 -57.35 -15.82 17.28
CA PRO A 185 -58.58 -16.60 17.12
C PRO A 185 -59.18 -16.37 15.74
N VAL A 186 -59.83 -17.41 15.20
CA VAL A 186 -60.20 -17.44 13.79
C VAL A 186 -61.57 -16.79 13.60
N THR A 187 -62.56 -17.18 14.41
CA THR A 187 -63.92 -16.70 14.27
C THR A 187 -64.38 -16.04 15.57
N ASP A 188 -65.46 -15.25 15.47
CA ASP A 188 -66.16 -14.67 16.61
C ASP A 188 -66.63 -15.79 17.53
N LYS A 189 -67.01 -16.92 16.93
CA LYS A 189 -67.44 -18.12 17.63
C LYS A 189 -66.24 -18.78 18.30
N ASP A 190 -65.07 -18.71 17.66
CA ASP A 190 -63.82 -19.21 18.22
C ASP A 190 -63.37 -18.30 19.36
N GLN A 191 -63.63 -16.99 19.21
CA GLN A 191 -63.20 -15.96 20.14
C GLN A 191 -63.89 -16.15 21.49
N ILE A 192 -65.23 -16.28 21.46
CA ILE A 192 -66.04 -16.43 22.67
C ILE A 192 -65.73 -17.76 23.34
N PHE A 193 -65.32 -18.76 22.54
CA PHE A 193 -64.99 -20.06 23.07
C PHE A 193 -63.67 -20.02 23.85
N LEU A 194 -62.69 -19.27 23.35
CA LEU A 194 -61.38 -19.23 23.97
C LEU A 194 -61.37 -18.25 25.15
N TYR A 195 -61.86 -17.02 24.94
CA TYR A 195 -61.57 -15.92 25.85
C TYR A 195 -62.83 -15.25 26.40
N ALA A 196 -64.00 -15.68 25.92
CA ALA A 196 -65.32 -15.33 26.43
C ALA A 196 -65.60 -13.82 26.38
N GLN A 197 -64.70 -13.06 25.75
CA GLN A 197 -64.90 -11.64 25.49
C GLN A 197 -64.28 -11.30 24.13
N SER A 198 -65.11 -10.68 23.28
CA SER A 198 -64.83 -10.46 21.86
C SER A 198 -63.60 -9.58 21.66
N SER A 199 -63.52 -8.48 22.43
CA SER A 199 -62.43 -7.53 22.32
C SER A 199 -61.20 -8.07 23.04
N GLY A 200 -60.17 -8.38 22.24
CA GLY A 200 -58.86 -8.73 22.76
C GLY A 200 -57.93 -7.51 22.79
N ARG A 201 -57.07 -7.46 23.81
CA ARG A 201 -56.12 -6.37 24.02
C ARG A 201 -55.06 -6.80 25.03
N ILE A 202 -53.80 -6.52 24.68
CA ILE A 202 -52.64 -6.82 25.51
C ILE A 202 -51.84 -5.54 25.72
N THR A 203 -51.39 -5.34 26.96
CA THR A 203 -50.43 -4.28 27.28
C THR A 203 -49.34 -4.85 28.18
N VAL A 204 -48.09 -4.67 27.75
CA VAL A 204 -46.92 -4.93 28.58
C VAL A 204 -46.09 -3.64 28.64
N SER A 205 -45.30 -3.48 29.71
CA SER A 205 -44.51 -2.28 29.89
C SER A 205 -43.32 -2.52 30.80
N THR A 206 -42.35 -1.59 30.71
CA THR A 206 -41.27 -1.40 31.67
C THR A 206 -41.39 0.03 32.21
N LYS A 207 -40.33 0.48 32.91
CA LYS A 207 -40.23 1.87 33.33
C LYS A 207 -39.59 2.69 32.21
N ARG A 208 -39.03 2.00 31.21
CA ARG A 208 -38.12 2.60 30.25
C ARG A 208 -38.62 2.37 28.82
N SER A 209 -39.61 1.50 28.65
CA SER A 209 -40.23 1.16 27.38
C SER A 209 -41.58 0.49 27.61
N GLN A 210 -42.42 0.45 26.56
CA GLN A 210 -43.71 -0.22 26.60
C GLN A 210 -44.07 -0.78 25.23
N GLN A 211 -44.93 -1.82 25.24
CA GLN A 211 -45.44 -2.46 24.03
C GLN A 211 -46.88 -2.91 24.27
N ALA A 212 -47.71 -2.75 23.23
CA ALA A 212 -49.08 -3.20 23.23
C ALA A 212 -49.49 -3.64 21.84
N VAL A 213 -50.24 -4.75 21.75
CA VAL A 213 -50.71 -5.29 20.49
C VAL A 213 -52.17 -5.71 20.62
N ILE A 214 -52.94 -5.40 19.57
CA ILE A 214 -54.31 -5.84 19.39
C ILE A 214 -54.31 -7.12 18.55
N PRO A 215 -55.03 -8.20 18.98
CA PRO A 215 -55.21 -9.38 18.13
C PRO A 215 -56.16 -9.10 16.97
N ASN A 216 -55.78 -9.61 15.79
CA ASN A 216 -56.56 -9.45 14.57
C ASN A 216 -57.19 -10.79 14.21
N ILE A 217 -58.44 -10.96 14.65
CA ILE A 217 -59.27 -12.11 14.35
C ILE A 217 -59.31 -12.29 12.82
N GLY A 218 -58.86 -13.47 12.37
CA GLY A 218 -58.62 -13.71 10.95
C GLY A 218 -58.59 -15.19 10.60
N TYR A 219 -59.07 -15.51 9.39
CA TYR A 219 -59.04 -16.88 8.90
C TYR A 219 -57.80 -17.06 8.00
N ARG A 220 -56.63 -17.34 8.62
CA ARG A 220 -55.38 -17.49 7.88
C ARG A 220 -55.30 -18.94 7.36
N PRO A 221 -54.37 -19.29 6.44
CA PRO A 221 -54.30 -20.64 5.88
C PRO A 221 -53.83 -21.70 6.90
N ARG A 222 -54.24 -22.97 6.69
CA ARG A 222 -54.09 -23.99 7.73
C ARG A 222 -52.81 -24.81 7.55
N ILE A 223 -51.67 -24.29 8.04
CA ILE A 223 -50.48 -25.12 8.16
C ILE A 223 -50.73 -26.13 9.28
N ARG A 224 -50.60 -27.42 8.91
CA ARG A 224 -50.78 -28.55 9.81
C ARG A 224 -52.17 -28.55 10.42
N ASN A 225 -53.16 -28.11 9.62
CA ASN A 225 -54.58 -28.15 9.92
C ASN A 225 -54.93 -27.22 11.09
N ILE A 226 -54.19 -26.09 11.19
CA ILE A 226 -54.42 -25.12 12.25
C ILE A 226 -54.75 -23.76 11.62
N PRO A 227 -55.99 -23.25 11.84
CA PRO A 227 -56.43 -21.99 11.22
C PRO A 227 -55.84 -20.74 11.86
N SER A 228 -55.04 -20.93 12.91
CA SER A 228 -54.54 -19.84 13.74
C SER A 228 -53.01 -19.77 13.71
N ARG A 229 -52.49 -18.68 14.27
CA ARG A 229 -51.06 -18.45 14.44
C ARG A 229 -50.80 -17.94 15.86
N ILE A 230 -49.52 -17.74 16.19
CA ILE A 230 -49.09 -17.10 17.43
C ILE A 230 -48.06 -16.02 17.08
N SER A 231 -48.35 -14.77 17.50
CA SER A 231 -47.41 -13.68 17.34
C SER A 231 -46.50 -13.59 18.56
N ILE A 232 -45.18 -13.55 18.31
CA ILE A 232 -44.17 -13.63 19.34
C ILE A 232 -43.41 -12.31 19.41
N TYR A 233 -43.39 -11.73 20.62
CA TYR A 233 -42.53 -10.59 20.93
C TYR A 233 -41.67 -10.92 22.14
N TRP A 234 -40.71 -10.02 22.43
CA TRP A 234 -39.73 -10.21 23.47
C TRP A 234 -39.51 -8.87 24.19
N THR A 235 -39.65 -8.89 25.52
CA THR A 235 -39.46 -7.72 26.35
C THR A 235 -38.26 -7.96 27.27
N ILE A 236 -37.23 -7.14 27.07
CA ILE A 236 -36.09 -7.08 27.97
C ILE A 236 -36.50 -6.25 29.18
N VAL A 237 -36.00 -6.65 30.36
CA VAL A 237 -36.19 -5.91 31.60
C VAL A 237 -34.82 -5.66 32.22
N LYS A 238 -34.58 -4.41 32.62
CA LYS A 238 -33.41 -4.03 33.39
C LYS A 238 -33.72 -4.21 34.88
N PRO A 239 -32.70 -4.30 35.78
CA PRO A 239 -32.97 -4.46 37.22
C PRO A 239 -33.56 -3.19 37.81
N GLY A 240 -34.38 -3.35 38.84
CA GLY A 240 -35.08 -2.25 39.49
C GLY A 240 -36.32 -1.80 38.71
N ASP A 241 -36.66 -2.58 37.68
CA ASP A 241 -37.86 -2.37 36.87
C ASP A 241 -38.87 -3.45 37.24
N ILE A 242 -40.16 -3.14 37.11
CA ILE A 242 -41.24 -4.04 37.47
C ILE A 242 -42.17 -4.21 36.27
N LEU A 243 -41.83 -5.12 35.36
CA LEU A 243 -42.66 -5.31 34.18
C LEU A 243 -44.02 -5.84 34.60
N LEU A 244 -45.09 -5.26 34.04
CA LEU A 244 -46.44 -5.73 34.31
C LEU A 244 -47.12 -6.09 32.99
N ILE A 245 -48.12 -7.00 33.05
CA ILE A 245 -48.77 -7.48 31.84
C ILE A 245 -50.29 -7.37 32.02
N ASN A 246 -50.89 -6.24 31.59
CA ASN A 246 -52.34 -6.15 31.57
C ASN A 246 -52.86 -6.77 30.28
N SER A 247 -53.97 -7.52 30.40
CA SER A 247 -54.50 -8.31 29.30
C SER A 247 -56.01 -8.47 29.43
N THR A 248 -56.65 -8.84 28.31
CA THR A 248 -58.06 -9.17 28.27
C THR A 248 -58.23 -10.63 27.85
N GLY A 249 -57.11 -11.31 27.64
CA GLY A 249 -57.08 -12.64 27.06
C GLY A 249 -56.04 -12.72 25.95
N ASN A 250 -56.13 -13.79 25.14
CA ASN A 250 -55.33 -13.99 23.93
C ASN A 250 -53.84 -14.06 24.26
N LEU A 251 -53.50 -13.94 25.55
CA LEU A 251 -52.12 -13.84 26.01
C LEU A 251 -51.54 -15.24 26.14
N ILE A 252 -50.37 -15.42 25.51
CA ILE A 252 -49.48 -16.51 25.87
C ILE A 252 -48.65 -16.03 27.06
N ALA A 253 -48.90 -16.64 28.23
CA ALA A 253 -48.18 -16.31 29.44
C ALA A 253 -46.78 -16.93 29.39
N PRO A 254 -45.71 -16.14 29.68
CA PRO A 254 -44.40 -16.70 29.95
C PRO A 254 -44.47 -17.48 31.26
N ARG A 255 -43.88 -18.69 31.26
CA ARG A 255 -43.84 -19.53 32.44
C ARG A 255 -42.61 -19.21 33.30
N GLY A 256 -42.00 -18.03 33.06
CA GLY A 256 -40.84 -17.60 33.81
C GLY A 256 -40.00 -16.60 33.00
N TYR A 257 -38.70 -16.55 33.28
CA TYR A 257 -37.81 -15.60 32.62
C TYR A 257 -36.59 -16.36 32.06
N PHE A 258 -36.18 -16.02 30.83
CA PHE A 258 -34.93 -16.53 30.28
C PHE A 258 -33.79 -15.62 30.73
N LYS A 259 -32.76 -16.23 31.35
CA LYS A 259 -31.60 -15.49 31.81
C LYS A 259 -30.73 -15.15 30.60
N ILE A 260 -30.41 -13.86 30.45
CA ILE A 260 -29.60 -13.37 29.34
C ILE A 260 -28.18 -13.11 29.83
N ARG A 261 -27.22 -13.69 29.11
CA ARG A 261 -25.81 -13.36 29.26
C ARG A 261 -25.34 -12.66 27.99
N SER A 262 -24.13 -12.11 28.01
CA SER A 262 -23.54 -11.51 26.82
C SER A 262 -22.23 -12.22 26.53
N GLY A 263 -22.08 -12.76 25.31
CA GLY A 263 -20.92 -13.58 25.02
C GLY A 263 -20.53 -13.58 23.54
N LYS A 264 -19.52 -14.40 23.22
CA LYS A 264 -19.02 -14.58 21.86
C LYS A 264 -19.98 -15.46 21.04
N SER A 265 -21.07 -15.91 21.67
CA SER A 265 -22.01 -16.84 21.06
C SER A 265 -22.75 -16.21 19.87
N SER A 266 -23.06 -17.04 18.85
CA SER A 266 -23.72 -16.60 17.63
C SER A 266 -24.53 -17.75 17.02
N ILE A 267 -25.05 -17.53 15.81
CA ILE A 267 -25.75 -18.57 15.06
C ILE A 267 -25.01 -18.79 13.74
N MET A 268 -25.29 -19.93 13.09
CA MET A 268 -24.77 -20.24 11.78
C MET A 268 -25.64 -21.31 11.12
N ARG A 269 -25.83 -21.16 9.80
CA ARG A 269 -26.71 -22.03 9.02
C ARG A 269 -25.86 -22.88 8.08
N SER A 270 -25.90 -24.20 8.28
CA SER A 270 -25.09 -25.15 7.54
C SER A 270 -25.70 -26.56 7.58
N ASP A 271 -25.18 -27.45 6.73
CA ASP A 271 -25.62 -28.84 6.68
C ASP A 271 -24.42 -29.78 6.66
N ALA A 272 -23.37 -29.42 7.41
CA ALA A 272 -22.21 -30.27 7.61
C ALA A 272 -22.25 -30.90 9.00
N PRO A 273 -22.02 -32.22 9.16
CA PRO A 273 -22.16 -32.91 10.46
C PRO A 273 -21.16 -32.46 11.52
N ILE A 274 -21.43 -32.86 12.78
CA ILE A 274 -20.56 -32.57 13.91
C ILE A 274 -19.50 -33.66 13.98
N GLY A 275 -18.24 -33.23 14.18
CA GLY A 275 -17.10 -34.15 14.21
C GLY A 275 -16.10 -33.81 15.30
N LYS A 276 -15.04 -34.63 15.36
CA LYS A 276 -14.01 -34.55 16.38
C LYS A 276 -12.69 -34.20 15.70
N CYS A 277 -12.21 -32.97 15.99
CA CYS A 277 -10.95 -32.43 15.49
C CYS A 277 -10.58 -31.19 16.30
N ASN A 278 -9.34 -30.71 16.14
CA ASN A 278 -8.90 -29.47 16.76
C ASN A 278 -8.66 -28.41 15.68
N SER A 279 -9.62 -27.48 15.57
CA SER A 279 -9.55 -26.30 14.71
C SER A 279 -10.63 -25.31 15.11
N GLU A 280 -10.28 -24.02 15.09
CA GLU A 280 -11.10 -22.95 15.67
C GLU A 280 -12.12 -22.46 14.65
N CYS A 281 -11.61 -21.94 13.51
CA CYS A 281 -12.43 -21.34 12.47
C CYS A 281 -13.41 -22.37 11.90
N ILE A 282 -14.68 -21.97 11.84
CA ILE A 282 -15.75 -22.89 11.47
C ILE A 282 -16.72 -22.21 10.50
N THR A 283 -16.87 -22.85 9.34
CA THR A 283 -17.60 -22.33 8.19
C THR A 283 -18.68 -23.32 7.79
N PRO A 284 -19.75 -22.90 7.04
CA PRO A 284 -20.72 -23.83 6.46
C PRO A 284 -20.16 -24.98 5.62
N ASN A 285 -19.02 -24.75 4.96
CA ASN A 285 -18.34 -25.79 4.20
C ASN A 285 -17.52 -26.67 5.16
N GLY A 286 -17.21 -26.13 6.35
CA GLY A 286 -16.62 -26.92 7.41
C GLY A 286 -15.42 -26.24 8.07
N SER A 287 -14.82 -26.95 9.03
CA SER A 287 -13.64 -26.52 9.76
C SER A 287 -12.43 -26.50 8.84
N ILE A 288 -11.68 -25.39 8.89
CA ILE A 288 -10.42 -25.23 8.19
C ILE A 288 -9.36 -24.78 9.19
N PRO A 289 -8.05 -25.00 8.96
CA PRO A 289 -7.00 -24.30 9.69
C PRO A 289 -7.09 -22.78 9.51
N ASN A 290 -6.75 -22.05 10.58
CA ASN A 290 -6.82 -20.59 10.62
C ASN A 290 -5.42 -20.01 10.42
N ASP A 291 -4.56 -20.84 9.82
CA ASP A 291 -3.12 -20.70 9.80
C ASP A 291 -2.70 -19.63 8.80
N LYS A 292 -3.08 -19.82 7.53
CA LYS A 292 -2.76 -18.86 6.49
C LYS A 292 -3.66 -17.64 6.68
N PRO A 293 -3.33 -16.47 6.11
CA PRO A 293 -4.05 -15.22 6.38
C PRO A 293 -5.36 -15.00 5.62
N PHE A 294 -5.56 -15.76 4.54
CA PHE A 294 -6.75 -15.62 3.72
C PHE A 294 -7.36 -16.97 3.36
N GLN A 295 -8.64 -16.92 3.02
CA GLN A 295 -9.43 -18.04 2.52
C GLN A 295 -10.47 -17.49 1.56
N ASN A 296 -11.14 -18.38 0.81
CA ASN A 296 -12.21 -17.98 -0.08
C ASN A 296 -13.36 -18.99 0.00
N VAL A 297 -13.55 -19.55 1.19
CA VAL A 297 -14.55 -20.59 1.40
C VAL A 297 -15.93 -19.98 1.56
N ASN A 298 -16.04 -18.90 2.35
CA ASN A 298 -17.32 -18.26 2.63
C ASN A 298 -17.13 -16.91 3.32
N ARG A 299 -18.05 -15.99 2.98
CA ARG A 299 -18.27 -14.72 3.66
C ARG A 299 -18.52 -14.97 5.14
N ILE A 300 -19.49 -15.85 5.44
CA ILE A 300 -19.83 -16.22 6.80
C ILE A 300 -18.64 -16.96 7.41
N THR A 301 -18.26 -16.52 8.61
CA THR A 301 -17.16 -17.08 9.38
C THR A 301 -17.54 -17.09 10.85
N TYR A 302 -16.70 -17.72 11.68
CA TYR A 302 -16.80 -17.65 13.13
C TYR A 302 -15.46 -17.95 13.77
N GLY A 303 -15.11 -17.15 14.79
CA GLY A 303 -13.85 -17.29 15.49
C GLY A 303 -12.71 -16.63 14.73
N ALA A 304 -11.49 -17.13 14.96
CA ALA A 304 -10.28 -16.56 14.38
C ALA A 304 -10.16 -16.96 12.90
N CYS A 305 -11.21 -16.63 12.13
CA CYS A 305 -11.27 -16.96 10.73
C CYS A 305 -10.53 -15.90 9.91
N PRO A 306 -9.53 -16.32 9.10
CA PRO A 306 -8.83 -15.43 8.17
C PRO A 306 -9.81 -14.74 7.22
N ARG A 307 -9.48 -13.49 6.87
CA ARG A 307 -10.35 -12.58 6.13
C ARG A 307 -10.78 -13.21 4.80
N TYR A 308 -12.07 -13.07 4.49
CA TYR A 308 -12.63 -13.61 3.27
C TYR A 308 -12.33 -12.68 2.10
N VAL A 309 -12.01 -13.28 0.94
CA VAL A 309 -11.72 -12.56 -0.29
C VAL A 309 -12.50 -13.20 -1.45
N LYS A 310 -12.29 -12.66 -2.66
CA LYS A 310 -12.99 -13.10 -3.85
C LYS A 310 -12.07 -13.93 -4.75
N GLN A 311 -10.76 -13.83 -4.51
CA GLN A 311 -9.74 -14.42 -5.38
C GLN A 311 -9.71 -15.93 -5.22
N SER A 312 -9.21 -16.60 -6.27
CA SER A 312 -9.04 -18.04 -6.28
C SER A 312 -7.70 -18.41 -5.62
N THR A 313 -6.65 -17.69 -6.01
CA THR A 313 -5.28 -17.97 -5.61
C THR A 313 -4.42 -16.72 -5.73
N LEU A 314 -3.65 -16.44 -4.66
CA LEU A 314 -2.73 -15.30 -4.60
C LEU A 314 -1.40 -15.80 -4.06
N LYS A 315 -0.54 -16.30 -4.95
CA LYS A 315 0.66 -17.01 -4.57
C LYS A 315 1.72 -16.04 -4.10
N LEU A 316 2.41 -16.43 -3.01
CA LEU A 316 3.44 -15.63 -2.37
C LEU A 316 4.79 -16.32 -2.55
N ALA A 317 5.77 -15.53 -3.00
CA ALA A 317 7.12 -15.98 -3.26
C ALA A 317 7.88 -16.13 -1.95
N THR A 318 8.75 -17.15 -1.88
CA THR A 318 9.56 -17.42 -0.71
C THR A 318 11.03 -17.62 -1.09
N GLY A 319 11.34 -17.45 -2.39
CA GLY A 319 12.70 -17.62 -2.90
C GLY A 319 13.06 -16.57 -3.94
N MET A 320 14.34 -16.57 -4.35
CA MET A 320 14.84 -15.61 -5.31
C MET A 320 14.41 -16.00 -6.72
N ARG A 321 14.74 -15.13 -7.69
CA ARG A 321 14.21 -15.17 -9.04
C ARG A 321 14.86 -16.31 -9.83
N ASN A 322 14.02 -17.28 -10.24
CA ASN A 322 14.45 -18.50 -10.90
C ASN A 322 14.82 -18.21 -12.35
N VAL A 323 16.08 -18.50 -12.71
CA VAL A 323 16.55 -18.31 -14.07
C VAL A 323 16.96 -19.68 -14.61
N PRO A 324 16.02 -20.51 -15.13
CA PRO A 324 16.38 -21.84 -15.62
C PRO A 324 17.32 -21.55 -16.78
N GLU A 325 18.49 -22.20 -16.80
CA GLU A 325 19.46 -21.94 -17.84
C GLU A 325 19.71 -23.22 -18.63
N LYS A 326 18.70 -23.64 -19.41
CA LYS A 326 18.78 -24.87 -20.18
C LYS A 326 19.29 -24.56 -21.58
N GLN A 327 20.61 -24.28 -21.70
CA GLN A 327 21.17 -24.05 -23.04
C GLN A 327 22.28 -25.03 -23.38
N THR A 328 22.65 -25.13 -24.66
CA THR A 328 23.74 -26.01 -25.07
C THR A 328 25.03 -25.57 -24.36
N ARG A 329 25.77 -26.51 -23.78
CA ARG A 329 26.92 -26.14 -22.98
C ARG A 329 27.96 -25.44 -23.82
N GLY A 330 28.49 -24.37 -23.32
CA GLY A 330 29.47 -23.70 -24.14
C GLY A 330 30.89 -24.08 -23.74
N ILE A 331 31.07 -25.05 -22.86
CA ILE A 331 32.39 -25.41 -22.34
C ILE A 331 33.17 -24.19 -21.79
N PHE A 332 32.43 -23.23 -21.23
CA PHE A 332 33.04 -21.98 -20.79
C PHE A 332 33.82 -22.25 -19.51
N GLY A 333 34.87 -21.45 -19.26
CA GLY A 333 35.65 -21.57 -18.04
C GLY A 333 34.74 -21.53 -16.82
N ALA A 334 34.93 -22.47 -15.88
CA ALA A 334 34.07 -22.66 -14.72
C ALA A 334 32.66 -22.97 -15.18
N ILE A 335 31.72 -22.04 -14.97
CA ILE A 335 30.37 -22.21 -15.45
C ILE A 335 29.88 -20.88 -16.03
N ALA A 336 30.77 -19.88 -16.12
CA ALA A 336 30.43 -18.55 -16.57
C ALA A 336 29.30 -18.01 -15.68
N GLY A 337 29.43 -18.17 -14.36
CA GLY A 337 28.35 -17.82 -13.45
C GLY A 337 28.05 -16.32 -13.44
N PHE A 338 26.76 -15.96 -13.39
CA PHE A 338 26.31 -14.57 -13.49
C PHE A 338 25.16 -14.33 -12.51
N ILE A 339 24.92 -13.07 -12.12
CA ILE A 339 23.74 -12.70 -11.37
C ILE A 339 22.51 -12.92 -12.25
N GLU A 340 22.66 -12.68 -13.57
CA GLU A 340 21.59 -12.86 -14.53
C GLU A 340 21.42 -14.33 -14.89
N ASN A 341 22.47 -14.97 -15.43
CA ASN A 341 22.44 -16.38 -15.80
C ASN A 341 22.25 -17.21 -14.53
N GLY A 342 21.38 -18.22 -14.59
CA GLY A 342 21.09 -19.01 -13.40
C GLY A 342 22.15 -20.09 -13.15
N TRP A 343 22.00 -20.80 -12.03
CA TRP A 343 22.91 -21.84 -11.60
C TRP A 343 22.11 -23.05 -11.13
N GLU A 344 21.73 -23.93 -12.06
CA GLU A 344 21.00 -25.13 -11.69
C GLU A 344 21.92 -26.08 -10.93
N GLY A 345 21.43 -26.70 -9.86
CA GLY A 345 22.23 -27.67 -9.13
C GLY A 345 23.02 -27.05 -7.98
N MET A 346 22.34 -26.57 -6.93
CA MET A 346 23.00 -26.09 -5.74
C MET A 346 22.01 -26.23 -4.60
N VAL A 347 21.85 -27.47 -4.11
CA VAL A 347 20.87 -27.78 -3.09
C VAL A 347 21.22 -27.09 -1.78
N ASP A 348 22.52 -26.99 -1.44
CA ASP A 348 22.92 -26.46 -0.14
C ASP A 348 22.89 -24.93 -0.19
N GLY A 349 22.00 -24.29 0.57
CA GLY A 349 21.97 -22.84 0.66
C GLY A 349 21.21 -22.19 -0.49
N TRP A 350 21.24 -20.85 -0.55
CA TRP A 350 20.61 -20.11 -1.63
C TRP A 350 21.67 -19.39 -2.45
N TYR A 351 22.87 -19.21 -1.87
CA TYR A 351 24.00 -18.55 -2.53
C TYR A 351 25.24 -19.42 -2.42
N GLY A 352 26.06 -19.47 -3.49
CA GLY A 352 27.26 -20.27 -3.49
C GLY A 352 28.39 -19.63 -4.29
N PHE A 353 29.63 -20.10 -4.10
CA PHE A 353 30.78 -19.59 -4.83
C PHE A 353 31.31 -20.70 -5.74
N ARG A 354 31.44 -20.40 -7.05
CA ARG A 354 32.03 -21.34 -8.00
C ARG A 354 33.40 -20.82 -8.42
N HIS A 355 34.43 -21.67 -8.33
CA HIS A 355 35.79 -21.21 -8.59
C HIS A 355 36.42 -22.05 -9.70
N GLN A 356 37.23 -21.43 -10.56
CA GLN A 356 38.03 -22.19 -11.50
C GLN A 356 39.49 -21.90 -11.20
N ASN A 357 40.17 -22.86 -10.59
CA ASN A 357 41.57 -22.71 -10.21
C ASN A 357 42.45 -23.55 -11.13
N SER A 358 43.73 -23.67 -10.74
CA SER A 358 44.70 -24.53 -11.41
C SER A 358 44.39 -26.00 -11.09
N GLU A 359 43.94 -26.26 -9.85
CA GLU A 359 43.69 -27.59 -9.34
C GLU A 359 42.52 -28.26 -10.06
N GLY A 360 41.50 -27.49 -10.42
CA GLY A 360 40.33 -28.01 -11.13
C GLY A 360 39.15 -27.04 -11.11
N ARG A 361 37.92 -27.58 -11.09
CA ARG A 361 36.71 -26.77 -11.02
C ARG A 361 35.89 -27.21 -9.81
N GLY A 362 35.46 -26.27 -8.95
CA GLY A 362 34.77 -26.64 -7.72
C GLY A 362 33.75 -25.60 -7.27
N GLN A 363 32.92 -25.98 -6.29
CA GLN A 363 31.93 -25.09 -5.71
C GLN A 363 31.98 -25.22 -4.20
N ALA A 364 31.63 -24.12 -3.51
CA ALA A 364 31.40 -24.14 -2.08
C ALA A 364 30.25 -23.20 -1.74
N ALA A 365 29.39 -23.66 -0.83
CA ALA A 365 28.24 -22.89 -0.40
C ALA A 365 28.64 -21.94 0.74
N ASP A 366 27.89 -20.84 0.85
CA ASP A 366 27.96 -19.93 1.97
C ASP A 366 26.84 -20.30 2.94
N LEU A 367 27.01 -19.91 4.21
CA LEU A 367 25.99 -20.10 5.23
C LEU A 367 25.56 -18.74 5.78
N LYS A 368 26.51 -17.78 5.82
CA LYS A 368 26.37 -16.51 6.50
C LYS A 368 25.26 -15.68 5.86
N SER A 369 25.41 -15.40 4.56
CA SER A 369 24.50 -14.54 3.82
C SER A 369 23.14 -15.21 3.62
N THR A 370 23.18 -16.52 3.32
CA THR A 370 21.98 -17.29 3.03
C THR A 370 21.11 -17.47 4.27
N GLN A 371 21.76 -17.52 5.45
CA GLN A 371 21.07 -17.63 6.72
C GLN A 371 20.29 -16.34 6.98
N ALA A 372 20.90 -15.20 6.65
CA ALA A 372 20.29 -13.89 6.79
C ALA A 372 19.16 -13.73 5.78
N ALA A 373 19.33 -14.35 4.60
CA ALA A 373 18.32 -14.39 3.55
C ALA A 373 17.07 -15.07 4.06
N ILE A 374 17.20 -16.37 4.38
CA ILE A 374 16.10 -17.22 4.83
C ILE A 374 15.46 -16.61 6.07
N ASP A 375 16.28 -16.05 6.98
CA ASP A 375 15.84 -15.45 8.22
C ASP A 375 14.79 -14.37 7.96
N GLN A 376 15.09 -13.46 7.03
CA GLN A 376 14.23 -12.32 6.70
C GLN A 376 12.95 -12.80 6.01
N ILE A 377 13.04 -13.92 5.29
CA ILE A 377 11.91 -14.54 4.62
C ILE A 377 10.99 -15.18 5.66
N ASN A 378 11.60 -15.81 6.67
CA ASN A 378 10.89 -16.54 7.72
C ASN A 378 10.07 -15.59 8.58
N GLY A 379 10.62 -14.40 8.85
CA GLY A 379 9.91 -13.33 9.52
C GLY A 379 8.66 -12.93 8.73
N LYS A 380 8.87 -12.67 7.43
CA LYS A 380 7.83 -12.25 6.50
C LYS A 380 6.69 -13.26 6.47
N LEU A 381 7.04 -14.55 6.60
CA LEU A 381 6.05 -15.61 6.76
C LEU A 381 5.23 -15.32 8.02
N ASN A 382 5.91 -15.23 9.17
CA ASN A 382 5.30 -15.16 10.49
C ASN A 382 4.44 -13.90 10.65
N ARG A 383 4.87 -12.79 10.04
CA ARG A 383 4.14 -11.52 10.08
C ARG A 383 2.87 -11.62 9.24
N LEU A 384 2.75 -12.68 8.44
CA LEU A 384 1.61 -12.87 7.57
C LEU A 384 0.98 -14.25 7.80
N ILE A 385 1.57 -15.05 8.69
CA ILE A 385 1.08 -16.40 8.99
C ILE A 385 0.74 -16.48 10.48
N GLY A 386 -0.43 -17.07 10.76
CA GLY A 386 -0.84 -17.35 12.13
C GLY A 386 -1.50 -16.15 12.81
N LYS A 387 -1.17 -14.95 12.32
CA LYS A 387 -1.82 -13.72 12.75
C LYS A 387 -3.25 -13.73 12.24
N THR A 388 -4.18 -13.30 13.10
CA THR A 388 -5.60 -13.41 12.81
C THR A 388 -6.39 -12.41 13.65
N ASN A 389 -7.61 -12.12 13.17
CA ASN A 389 -8.64 -11.44 13.95
C ASN A 389 -9.77 -12.43 14.21
N GLU A 390 -10.37 -12.29 15.40
CA GLU A 390 -11.51 -13.06 15.84
C GLU A 390 -12.78 -12.21 15.64
N LYS A 391 -13.81 -12.84 15.06
CA LYS A 391 -15.11 -12.22 14.87
C LYS A 391 -16.18 -13.16 15.41
N PHE A 392 -17.00 -12.65 16.33
CA PHE A 392 -17.78 -13.51 17.20
C PHE A 392 -19.27 -13.47 16.86
N HIS A 393 -19.78 -12.31 16.45
CA HIS A 393 -21.13 -12.21 15.95
C HIS A 393 -21.21 -11.19 14.83
N GLN A 394 -21.33 -11.71 13.61
CA GLN A 394 -21.58 -10.95 12.40
C GLN A 394 -23.09 -10.71 12.28
N ILE A 395 -23.47 -9.90 11.29
CA ILE A 395 -24.84 -9.95 10.78
C ILE A 395 -24.91 -11.06 9.73
N GLU A 396 -26.12 -11.59 9.51
CA GLU A 396 -26.41 -12.58 8.49
C GLU A 396 -25.87 -12.12 7.14
N LYS A 397 -25.41 -13.06 6.33
CA LYS A 397 -24.74 -12.76 5.07
C LYS A 397 -25.36 -13.50 3.89
N GLU A 398 -26.43 -14.27 4.17
CA GLU A 398 -27.26 -14.89 3.15
C GLU A 398 -28.72 -14.63 3.51
N PHE A 399 -29.56 -14.48 2.46
CA PHE A 399 -30.94 -14.06 2.64
C PHE A 399 -31.87 -14.95 1.82
N SER A 400 -32.66 -15.76 2.54
CA SER A 400 -33.62 -16.70 1.97
C SER A 400 -34.84 -15.96 1.44
N GLU A 401 -35.20 -14.85 2.11
CA GLU A 401 -36.30 -14.00 1.71
C GLU A 401 -35.81 -12.56 1.58
N VAL A 402 -36.52 -11.77 0.75
CA VAL A 402 -36.22 -10.35 0.57
C VAL A 402 -37.28 -9.52 1.30
N GLU A 403 -36.92 -9.09 2.52
CA GLU A 403 -37.76 -8.22 3.33
C GLU A 403 -37.77 -6.82 2.71
N GLY A 404 -36.61 -6.40 2.20
CA GLY A 404 -36.50 -5.15 1.45
C GLY A 404 -35.28 -4.33 1.83
N ARG A 405 -35.54 -3.07 2.20
CA ARG A 405 -34.56 -1.98 2.26
C ARG A 405 -33.38 -2.34 3.15
N ILE A 406 -33.67 -2.86 4.35
CA ILE A 406 -32.66 -3.17 5.34
C ILE A 406 -31.69 -4.20 4.74
N GLN A 407 -32.26 -5.30 4.26
CA GLN A 407 -31.53 -6.40 3.64
C GLN A 407 -30.62 -5.91 2.53
N ASP A 408 -31.13 -4.93 1.75
CA ASP A 408 -30.43 -4.36 0.62
C ASP A 408 -29.13 -3.69 1.08
N LEU A 409 -29.17 -3.06 2.26
CA LEU A 409 -28.04 -2.26 2.73
C LEU A 409 -26.90 -3.14 3.27
N GLU A 410 -27.23 -4.30 3.85
CA GLU A 410 -26.17 -5.14 4.39
C GLU A 410 -25.53 -6.00 3.30
N LYS A 411 -26.28 -6.24 2.21
CA LYS A 411 -25.73 -6.77 0.97
C LYS A 411 -24.69 -5.79 0.43
N TYR A 412 -25.00 -4.50 0.54
CA TYR A 412 -24.09 -3.43 0.18
C TYR A 412 -22.86 -3.47 1.09
N VAL A 413 -23.10 -3.56 2.41
CA VAL A 413 -22.06 -3.56 3.43
C VAL A 413 -21.10 -4.72 3.19
N GLU A 414 -21.67 -5.90 2.90
CA GLU A 414 -20.95 -7.13 2.64
C GLU A 414 -20.00 -6.92 1.46
N ASP A 415 -20.59 -6.59 0.29
CA ASP A 415 -19.87 -6.42 -0.96
C ASP A 415 -18.80 -5.33 -0.81
N THR A 416 -19.12 -4.28 -0.06
CA THR A 416 -18.18 -3.22 0.28
C THR A 416 -16.92 -3.83 0.87
N LYS A 417 -17.09 -4.62 1.95
CA LYS A 417 -16.00 -5.18 2.72
C LYS A 417 -15.14 -6.09 1.85
N ILE A 418 -15.80 -7.03 1.15
CA ILE A 418 -15.11 -8.06 0.38
C ILE A 418 -14.28 -7.41 -0.72
N ASP A 419 -14.87 -6.44 -1.42
CA ASP A 419 -14.21 -5.71 -2.49
C ASP A 419 -12.97 -5.00 -1.97
N LEU A 420 -13.13 -4.25 -0.87
CA LEU A 420 -12.06 -3.46 -0.28
C LEU A 420 -10.92 -4.37 0.15
N TRP A 421 -11.25 -5.42 0.90
CA TRP A 421 -10.30 -6.41 1.39
C TRP A 421 -9.59 -7.11 0.24
N SER A 422 -10.36 -7.48 -0.80
CA SER A 422 -9.85 -8.21 -1.95
C SER A 422 -8.73 -7.42 -2.61
N TYR A 423 -9.01 -6.15 -2.93
CA TYR A 423 -8.05 -5.24 -3.53
C TYR A 423 -6.89 -5.02 -2.56
N ASN A 424 -7.23 -4.85 -1.27
CA ASN A 424 -6.30 -4.53 -0.21
C ASN A 424 -5.27 -5.66 -0.06
N ALA A 425 -5.77 -6.90 -0.06
CA ALA A 425 -4.96 -8.10 0.03
C ALA A 425 -4.10 -8.25 -1.23
N GLU A 426 -4.70 -7.95 -2.39
CA GLU A 426 -4.07 -8.06 -3.70
C GLU A 426 -2.80 -7.21 -3.74
N LEU A 427 -2.88 -6.00 -3.15
CA LEU A 427 -1.76 -5.09 -3.08
C LEU A 427 -0.72 -5.59 -2.09
N LEU A 428 -1.17 -5.96 -0.87
CA LEU A 428 -0.29 -6.47 0.17
C LEU A 428 0.61 -7.56 -0.41
N VAL A 429 0.00 -8.56 -1.03
CA VAL A 429 0.68 -9.70 -1.64
C VAL A 429 1.76 -9.18 -2.57
N ALA A 430 1.36 -8.36 -3.55
CA ALA A 430 2.19 -7.91 -4.65
C ALA A 430 3.38 -7.08 -4.15
N LEU A 431 3.15 -6.28 -3.10
CA LEU A 431 4.14 -5.40 -2.52
C LEU A 431 5.25 -6.21 -1.83
N GLU A 432 4.86 -7.32 -1.17
CA GLU A 432 5.79 -8.19 -0.45
C GLU A 432 6.62 -8.99 -1.43
N ASN A 433 5.96 -9.49 -2.49
CA ASN A 433 6.61 -10.27 -3.54
C ASN A 433 7.80 -9.48 -4.08
N GLN A 434 7.53 -8.22 -4.45
CA GLN A 434 8.52 -7.27 -4.92
C GLN A 434 9.63 -7.13 -3.87
N HIS A 435 9.22 -6.93 -2.62
CA HIS A 435 10.13 -6.70 -1.50
C HIS A 435 11.13 -7.85 -1.36
N THR A 436 10.61 -9.10 -1.41
CA THR A 436 11.40 -10.31 -1.27
C THR A 436 12.41 -10.41 -2.42
N ILE A 437 11.92 -10.25 -3.66
CA ILE A 437 12.73 -10.33 -4.86
C ILE A 437 13.83 -9.27 -4.81
N ASP A 438 13.47 -8.07 -4.30
CA ASP A 438 14.41 -6.98 -4.09
C ASP A 438 15.47 -7.40 -3.08
N LEU A 439 15.02 -7.88 -1.91
CA LEU A 439 15.88 -8.20 -0.77
C LEU A 439 16.86 -9.32 -1.13
N THR A 440 16.39 -10.31 -1.89
CA THR A 440 17.19 -11.48 -2.28
C THR A 440 18.38 -11.04 -3.13
N ASP A 441 18.07 -10.32 -4.22
CA ASP A 441 19.06 -9.92 -5.21
C ASP A 441 19.92 -8.78 -4.68
N SER A 442 19.38 -8.01 -3.72
CA SER A 442 20.12 -6.95 -3.04
C SER A 442 21.21 -7.56 -2.16
N GLU A 443 20.89 -8.69 -1.52
CA GLU A 443 21.82 -9.43 -0.68
C GLU A 443 22.86 -10.11 -1.57
N MET A 444 22.42 -10.53 -2.77
CA MET A 444 23.32 -11.00 -3.82
C MET A 444 24.29 -9.88 -4.19
N ASN A 445 23.76 -8.66 -4.35
CA ASN A 445 24.54 -7.48 -4.68
C ASN A 445 25.47 -7.13 -3.52
N LYS A 446 24.99 -7.33 -2.29
CA LYS A 446 25.72 -7.00 -1.08
C LYS A 446 26.90 -7.95 -0.89
N LEU A 447 26.67 -9.25 -1.15
CA LEU A 447 27.72 -10.25 -1.16
C LEU A 447 28.68 -9.97 -2.31
N PHE A 448 28.12 -9.63 -3.48
CA PHE A 448 28.89 -9.25 -4.66
C PHE A 448 29.85 -8.13 -4.31
N GLU A 449 29.32 -7.08 -3.66
CA GLU A 449 30.12 -5.91 -3.29
C GLU A 449 31.19 -6.28 -2.27
N LYS A 450 30.82 -7.10 -1.28
CA LYS A 450 31.73 -7.53 -0.21
C LYS A 450 33.00 -8.13 -0.82
N THR A 451 32.83 -8.99 -1.83
CA THR A 451 33.93 -9.66 -2.50
C THR A 451 34.81 -8.61 -3.19
N LYS A 452 34.19 -7.77 -4.03
CA LYS A 452 34.87 -6.80 -4.87
C LYS A 452 35.55 -5.73 -4.02
N LYS A 453 34.89 -5.32 -2.92
CA LYS A 453 35.40 -4.31 -2.01
C LYS A 453 36.63 -4.85 -1.28
N GLN A 454 36.56 -6.13 -0.89
CA GLN A 454 37.64 -6.86 -0.26
C GLN A 454 38.82 -6.96 -1.23
N LEU A 455 38.50 -7.23 -2.50
CA LEU A 455 39.50 -7.32 -3.56
C LEU A 455 39.89 -5.91 -4.00
N ARG A 456 40.95 -5.38 -3.36
CA ARG A 456 41.41 -4.03 -3.52
C ARG A 456 41.60 -3.70 -5.01
N GLU A 457 42.47 -4.49 -5.68
CA GLU A 457 42.80 -4.22 -7.07
C GLU A 457 42.93 -5.52 -7.88
N ASN A 458 43.02 -6.66 -7.16
CA ASN A 458 43.42 -7.92 -7.77
C ASN A 458 42.32 -8.49 -8.66
N ALA A 459 41.12 -7.89 -8.60
CA ALA A 459 40.00 -8.38 -9.37
C ALA A 459 39.61 -7.38 -10.46
N GLU A 460 39.57 -7.90 -11.69
CA GLU A 460 38.86 -7.26 -12.79
C GLU A 460 37.40 -7.65 -12.69
N ASP A 461 36.59 -7.17 -13.64
CA ASP A 461 35.19 -7.58 -13.74
C ASP A 461 35.00 -8.22 -15.12
N MET A 462 34.76 -9.54 -15.13
CA MET A 462 34.79 -10.32 -16.35
C MET A 462 33.69 -9.91 -17.32
N GLY A 463 32.52 -9.54 -16.78
CA GLY A 463 31.42 -9.02 -17.60
C GLY A 463 30.15 -9.85 -17.48
N ASN A 464 30.20 -10.88 -16.63
CA ASN A 464 29.04 -11.72 -16.35
C ASN A 464 29.09 -12.19 -14.89
N GLY A 465 29.33 -11.24 -13.97
CA GLY A 465 29.43 -11.54 -12.54
C GLY A 465 30.56 -12.51 -12.23
N CYS A 466 31.72 -12.25 -12.85
CA CYS A 466 32.92 -13.08 -12.78
C CYS A 466 34.11 -12.17 -12.47
N PHE A 467 35.11 -12.70 -11.77
CA PHE A 467 36.29 -11.93 -11.43
C PHE A 467 37.54 -12.65 -11.96
N LYS A 468 38.56 -11.90 -12.36
CA LYS A 468 39.82 -12.51 -12.78
C LYS A 468 40.87 -12.26 -11.71
N ILE A 469 41.41 -13.34 -11.12
CA ILE A 469 42.43 -13.25 -10.08
C ILE A 469 43.80 -13.42 -10.73
N TYR A 470 44.75 -12.52 -10.42
CA TYR A 470 46.01 -12.51 -11.14
C TYR A 470 47.14 -13.14 -10.32
N HIS A 471 46.90 -14.31 -9.74
CA HIS A 471 47.94 -15.08 -9.08
C HIS A 471 47.43 -16.50 -8.97
N LYS A 472 48.32 -17.49 -8.95
CA LYS A 472 47.83 -18.83 -8.72
C LYS A 472 47.06 -18.74 -7.41
N CYS A 473 45.76 -19.01 -7.45
CA CYS A 473 44.99 -18.93 -6.23
C CYS A 473 44.58 -20.38 -5.97
N ASP A 474 45.28 -21.00 -5.02
CA ASP A 474 45.03 -22.39 -4.66
C ASP A 474 43.77 -22.50 -3.78
N ASN A 475 43.45 -23.72 -3.33
CA ASN A 475 42.25 -24.02 -2.55
C ASN A 475 42.13 -23.15 -1.31
N ALA A 476 43.25 -22.96 -0.60
CA ALA A 476 43.30 -22.12 0.60
C ALA A 476 42.93 -20.68 0.24
N CYS A 477 43.52 -20.18 -0.86
CA CYS A 477 43.35 -18.82 -1.36
C CYS A 477 41.91 -18.58 -1.79
N ILE A 478 41.35 -19.50 -2.58
CA ILE A 478 39.97 -19.44 -3.04
C ILE A 478 39.05 -19.43 -1.83
N GLY A 479 39.32 -20.34 -0.88
CA GLY A 479 38.60 -20.45 0.38
C GLY A 479 38.77 -19.22 1.27
N SER A 480 39.91 -18.52 1.12
CA SER A 480 40.24 -17.35 1.91
C SER A 480 39.32 -16.19 1.54
N ILE A 481 39.11 -15.98 0.23
CA ILE A 481 38.24 -14.94 -0.30
C ILE A 481 36.80 -15.20 0.15
N ARG A 482 36.42 -16.48 0.13
CA ARG A 482 35.14 -16.97 0.64
C ARG A 482 35.01 -16.62 2.13
N ASN A 483 36.12 -16.77 2.86
CA ASN A 483 36.15 -16.61 4.31
C ASN A 483 36.28 -15.13 4.67
N GLY A 484 36.57 -14.29 3.68
CA GLY A 484 36.66 -12.85 3.83
C GLY A 484 37.87 -12.43 4.67
N THR A 485 39.00 -13.12 4.44
CA THR A 485 40.22 -12.94 5.19
C THR A 485 41.37 -12.59 4.24
N TYR A 486 41.07 -12.61 2.93
CA TYR A 486 42.08 -12.53 1.89
C TYR A 486 42.86 -11.22 1.98
N ASP A 487 44.18 -11.35 2.19
CA ASP A 487 45.09 -10.23 2.07
C ASP A 487 45.32 -9.96 0.58
N HIS A 488 45.25 -8.67 0.22
CA HIS A 488 45.58 -8.24 -1.13
C HIS A 488 47.08 -8.09 -1.28
N ASP A 489 47.75 -7.66 -0.19
CA ASP A 489 49.13 -7.22 -0.18
C ASP A 489 50.09 -8.32 -0.64
N VAL A 490 49.90 -9.55 -0.12
CA VAL A 490 50.83 -10.64 -0.33
C VAL A 490 51.04 -10.87 -1.84
N TYR A 491 49.97 -10.69 -2.63
CA TYR A 491 49.96 -11.05 -4.03
C TYR A 491 49.98 -9.81 -4.93
N ARG A 492 49.65 -8.65 -4.34
CA ARG A 492 49.30 -7.41 -5.03
C ARG A 492 50.30 -7.09 -6.15
N ASP A 493 51.60 -7.19 -5.85
CA ASP A 493 52.67 -6.79 -6.74
C ASP A 493 52.65 -7.65 -8.01
N GLU A 494 52.54 -8.97 -7.82
CA GLU A 494 52.57 -9.94 -8.92
C GLU A 494 51.27 -9.85 -9.73
N ALA A 495 50.18 -9.47 -9.06
CA ALA A 495 48.87 -9.29 -9.69
C ALA A 495 48.92 -8.15 -10.69
N LEU A 496 49.72 -7.11 -10.37
CA LEU A 496 49.80 -5.89 -11.16
C LEU A 496 50.77 -6.05 -12.33
N ASN A 497 51.88 -6.75 -12.09
CA ASN A 497 52.85 -7.06 -13.14
C ASN A 497 52.17 -7.92 -14.21
N ASN A 498 51.26 -8.80 -13.76
CA ASN A 498 50.45 -9.62 -14.65
C ASN A 498 49.38 -8.76 -15.32
N ARG A 499 48.68 -7.94 -14.54
CA ARG A 499 47.51 -7.20 -15.00
C ARG A 499 47.91 -6.12 -16.00
N PHE A 500 48.95 -5.35 -15.66
CA PHE A 500 49.42 -4.26 -16.50
C PHE A 500 50.77 -4.63 -17.14
N GLN A 501 50.80 -5.82 -17.75
CA GLN A 501 51.99 -6.35 -18.40
C GLN A 501 52.35 -5.49 -19.61
N ILE A 502 53.64 -5.49 -19.94
CA ILE A 502 54.19 -4.64 -20.99
C ILE A 502 54.72 -5.51 -22.12
N GLN B 1 10.98 -34.74 -9.13
CA GLN B 1 12.25 -33.94 -9.18
C GLN B 1 13.25 -34.65 -10.10
N VAL B 2 14.15 -35.42 -9.48
CA VAL B 2 15.17 -36.19 -10.17
C VAL B 2 14.98 -37.67 -9.84
N GLN B 3 14.74 -38.47 -10.89
CA GLN B 3 14.67 -39.92 -10.76
C GLN B 3 15.56 -40.52 -11.82
N LEU B 4 15.99 -41.76 -11.57
CA LEU B 4 16.91 -42.47 -12.46
C LEU B 4 16.33 -43.85 -12.76
N GLN B 5 16.57 -44.32 -13.99
CA GLN B 5 16.24 -45.70 -14.35
C GLN B 5 17.49 -46.40 -14.89
N GLU B 6 17.91 -47.40 -14.11
CA GLU B 6 19.08 -48.22 -14.41
C GLU B 6 18.68 -49.30 -15.41
N SER B 7 19.55 -49.50 -16.41
CA SER B 7 19.30 -50.47 -17.48
C SER B 7 20.57 -51.24 -17.79
N GLY B 8 20.39 -52.48 -18.29
CA GLY B 8 21.49 -53.30 -18.76
C GLY B 8 21.25 -54.79 -18.55
N PRO B 9 22.08 -55.66 -19.19
CA PRO B 9 22.01 -57.11 -18.98
C PRO B 9 22.57 -57.48 -17.61
N GLY B 10 21.75 -58.16 -16.82
CA GLY B 10 22.13 -58.63 -15.49
C GLY B 10 23.05 -59.85 -15.55
N LEU B 11 23.39 -60.28 -16.77
CA LEU B 11 24.28 -61.41 -17.02
C LEU B 11 25.33 -61.01 -18.06
N VAL B 12 26.53 -61.59 -17.95
CA VAL B 12 27.64 -61.29 -18.84
C VAL B 12 28.67 -62.42 -18.78
N LYS B 13 29.20 -62.86 -19.93
CA LYS B 13 30.18 -63.93 -19.99
C LYS B 13 31.46 -63.51 -19.25
N PRO B 14 32.20 -64.44 -18.59
CA PRO B 14 33.45 -64.10 -17.91
C PRO B 14 34.50 -63.49 -18.84
N SER B 15 35.24 -62.48 -18.33
CA SER B 15 36.32 -61.81 -19.06
C SER B 15 35.78 -61.08 -20.29
N GLU B 16 34.61 -60.43 -20.13
CA GLU B 16 33.95 -59.72 -21.21
C GLU B 16 33.62 -58.29 -20.78
N THR B 17 33.13 -57.50 -21.74
CA THR B 17 32.79 -56.10 -21.56
C THR B 17 31.43 -56.00 -20.85
N LEU B 18 31.35 -55.07 -19.90
CA LEU B 18 30.10 -54.71 -19.24
C LEU B 18 29.62 -53.37 -19.81
N SER B 19 28.36 -53.37 -20.28
CA SER B 19 27.72 -52.20 -20.84
C SER B 19 26.42 -51.93 -20.08
N LEU B 20 26.36 -50.76 -19.42
CA LEU B 20 25.20 -50.34 -18.66
C LEU B 20 24.82 -48.91 -19.05
N THR B 21 23.53 -48.59 -18.88
CA THR B 21 23.01 -47.25 -19.07
C THR B 21 22.02 -46.94 -17.95
N CYS B 22 22.00 -45.67 -17.53
CA CYS B 22 21.00 -45.18 -16.58
C CYS B 22 20.34 -43.93 -17.13
N ALA B 23 19.06 -43.76 -16.78
CA ALA B 23 18.22 -42.69 -17.31
C ALA B 23 18.20 -41.50 -16.35
N VAL B 24 17.87 -40.32 -16.90
CA VAL B 24 17.56 -39.14 -16.10
C VAL B 24 16.13 -38.71 -16.38
N SER B 25 15.47 -38.16 -15.36
CA SER B 25 14.12 -37.63 -15.46
C SER B 25 13.99 -36.40 -14.57
N GLY B 26 13.75 -35.24 -15.21
CA GLY B 26 13.78 -33.96 -14.53
C GLY B 26 15.20 -33.43 -14.42
N GLY B 27 15.32 -32.10 -14.27
CA GLY B 27 16.60 -31.42 -14.30
C GLY B 27 17.20 -31.44 -15.70
N THR B 28 18.40 -30.86 -15.81
CA THR B 28 19.12 -30.81 -17.09
C THR B 28 20.48 -31.48 -16.89
N PHE B 29 20.75 -32.49 -17.73
CA PHE B 29 21.93 -33.33 -17.62
C PHE B 29 23.22 -32.49 -17.65
N SER B 30 23.16 -31.35 -18.35
CA SER B 30 24.30 -30.47 -18.57
C SER B 30 24.75 -29.79 -17.27
N ALA B 31 23.92 -29.83 -16.22
CA ALA B 31 24.07 -28.94 -15.08
C ALA B 31 24.62 -29.66 -13.85
N TYR B 32 25.01 -30.94 -13.99
CA TYR B 32 25.52 -31.71 -12.87
C TYR B 32 26.69 -32.58 -13.33
N TYR B 33 27.28 -33.31 -12.36
CA TYR B 33 28.21 -34.39 -12.59
C TYR B 33 27.58 -35.70 -12.14
N TRP B 34 28.02 -36.81 -12.75
CA TRP B 34 27.45 -38.12 -12.49
C TRP B 34 28.54 -39.16 -12.35
N GLY B 35 28.35 -40.07 -11.39
CA GLY B 35 29.24 -41.18 -11.17
C GLY B 35 28.50 -42.50 -11.07
N TRP B 36 29.27 -43.59 -10.94
CA TRP B 36 28.76 -44.93 -10.69
C TRP B 36 29.37 -45.45 -9.39
N ILE B 37 28.69 -46.44 -8.78
CA ILE B 37 29.10 -46.98 -7.49
C ILE B 37 28.78 -48.48 -7.46
N ARG B 38 29.70 -49.32 -6.93
CA ARG B 38 29.58 -50.76 -6.98
C ARG B 38 29.36 -51.34 -5.58
N GLN B 39 28.47 -52.34 -5.47
CA GLN B 39 28.24 -53.03 -4.21
C GLN B 39 27.90 -54.50 -4.44
N PRO B 40 28.82 -55.45 -4.12
CA PRO B 40 28.44 -56.86 -3.96
C PRO B 40 27.57 -57.00 -2.71
N PRO B 41 26.61 -57.96 -2.66
CA PRO B 41 25.64 -58.02 -1.57
C PRO B 41 26.26 -58.34 -0.20
N GLY B 42 26.01 -57.44 0.75
CA GLY B 42 26.34 -57.65 2.15
C GLY B 42 27.80 -57.36 2.51
N LYS B 43 28.52 -56.71 1.59
CA LYS B 43 29.89 -56.26 1.82
C LYS B 43 29.95 -54.74 1.69
N GLY B 44 31.18 -54.21 1.72
CA GLY B 44 31.43 -52.80 1.48
C GLY B 44 31.19 -52.43 0.02
N LEU B 45 30.71 -51.19 -0.18
CA LEU B 45 30.48 -50.64 -1.51
C LEU B 45 31.61 -49.67 -1.87
N GLU B 46 31.68 -49.29 -3.15
CA GLU B 46 32.81 -48.51 -3.64
C GLU B 46 32.39 -47.56 -4.76
N TRP B 47 32.98 -46.36 -4.71
CA TRP B 47 32.89 -45.32 -5.75
C TRP B 47 33.73 -45.74 -6.94
N ILE B 48 33.15 -45.61 -8.14
CA ILE B 48 33.78 -46.08 -9.37
C ILE B 48 34.53 -44.92 -10.04
N GLY B 49 33.81 -43.82 -10.27
CA GLY B 49 34.34 -42.68 -11.00
C GLY B 49 33.22 -41.73 -11.44
N SER B 50 33.59 -40.50 -11.79
CA SER B 50 32.62 -39.49 -12.21
C SER B 50 33.08 -38.80 -13.49
N ILE B 51 32.13 -38.11 -14.14
CA ILE B 51 32.35 -37.42 -15.41
C ILE B 51 31.68 -36.05 -15.33
N SER B 52 32.15 -35.12 -16.16
CA SER B 52 31.47 -33.84 -16.35
C SER B 52 30.22 -34.08 -17.19
N GLY B 53 29.07 -34.17 -16.49
CA GLY B 53 27.77 -34.26 -17.12
C GLY B 53 27.48 -33.06 -18.01
N GLY B 54 28.33 -32.03 -17.89
CA GLY B 54 28.29 -30.84 -18.73
C GLY B 54 29.27 -30.91 -19.89
N SER B 55 30.51 -31.37 -19.62
CA SER B 55 31.60 -31.24 -20.58
C SER B 55 32.17 -32.59 -21.01
N GLY B 56 32.33 -33.51 -20.05
CA GLY B 56 32.83 -34.85 -20.33
C GLY B 56 34.16 -35.15 -19.67
N SER B 57 34.72 -34.16 -18.95
CA SER B 57 35.93 -34.31 -18.16
C SER B 57 35.65 -35.21 -16.96
N THR B 58 36.51 -36.22 -16.78
CA THR B 58 36.15 -37.39 -15.99
C THR B 58 37.20 -37.69 -14.91
N ASP B 59 36.85 -38.65 -14.03
CA ASP B 59 37.77 -39.30 -13.11
C ASP B 59 37.28 -40.72 -12.83
N TYR B 60 38.17 -41.58 -12.34
CA TYR B 60 37.84 -42.97 -12.02
C TYR B 60 38.57 -43.37 -10.74
N SER B 61 38.03 -44.34 -10.00
CA SER B 61 38.74 -44.89 -8.86
C SER B 61 40.01 -45.54 -9.37
N PRO B 62 41.18 -45.38 -8.70
CA PRO B 62 42.45 -45.88 -9.22
C PRO B 62 42.40 -47.38 -9.53
N SER B 63 41.70 -48.15 -8.69
CA SER B 63 41.59 -49.59 -8.86
C SER B 63 40.94 -49.94 -10.19
N LEU B 64 39.84 -49.24 -10.53
CA LEU B 64 39.10 -49.50 -11.75
C LEU B 64 39.40 -48.46 -12.83
N LYS B 65 40.46 -47.66 -12.66
CA LYS B 65 40.72 -46.58 -13.60
C LYS B 65 40.97 -47.12 -15.01
N SER B 66 41.82 -48.14 -15.13
CA SER B 66 42.07 -48.75 -16.43
C SER B 66 40.90 -49.64 -16.86
N ARG B 67 40.33 -50.41 -15.92
CA ARG B 67 39.27 -51.36 -16.20
C ARG B 67 37.96 -50.66 -16.57
N ALA B 68 37.57 -49.60 -15.82
CA ALA B 68 36.27 -48.98 -16.01
C ALA B 68 36.36 -47.77 -16.94
N THR B 69 35.37 -47.65 -17.84
CA THR B 69 35.26 -46.52 -18.75
C THR B 69 33.83 -45.99 -18.72
N ILE B 70 33.64 -44.78 -18.18
CA ILE B 70 32.31 -44.20 -18.10
C ILE B 70 32.13 -43.16 -19.20
N SER B 71 30.87 -42.98 -19.60
CA SER B 71 30.50 -42.08 -20.68
C SER B 71 29.17 -41.38 -20.37
N ARG B 72 28.76 -40.52 -21.31
CA ARG B 72 27.59 -39.67 -21.19
C ARG B 72 26.97 -39.51 -22.59
N ASP B 73 25.77 -38.91 -22.64
CA ASP B 73 25.23 -38.34 -23.86
C ASP B 73 24.36 -37.13 -23.52
N THR B 74 24.66 -36.01 -24.18
CA THR B 74 23.90 -34.78 -24.11
C THR B 74 22.56 -34.99 -24.82
N SER B 75 22.60 -35.76 -25.91
CA SER B 75 21.49 -35.93 -26.84
C SER B 75 20.30 -36.62 -26.16
N LYS B 76 20.55 -37.79 -25.55
CA LYS B 76 19.48 -38.69 -25.13
C LYS B 76 19.23 -38.61 -23.63
N ASN B 77 19.94 -37.70 -22.95
CA ASN B 77 19.82 -37.46 -21.52
C ASN B 77 20.37 -38.65 -20.73
N GLN B 78 21.26 -39.43 -21.36
CA GLN B 78 21.75 -40.68 -20.80
C GLN B 78 23.27 -40.62 -20.60
N PHE B 79 23.81 -41.72 -20.08
CA PHE B 79 25.21 -41.88 -19.72
C PHE B 79 25.50 -43.36 -19.46
N SER B 80 26.71 -43.79 -19.80
CA SER B 80 27.05 -45.21 -19.82
C SER B 80 28.32 -45.50 -19.02
N LEU B 81 28.47 -46.76 -18.61
CA LEU B 81 29.71 -47.32 -18.11
C LEU B 81 30.10 -48.52 -18.97
N LYS B 82 31.38 -48.55 -19.37
CA LYS B 82 31.95 -49.66 -20.12
C LYS B 82 33.12 -50.23 -19.32
N LEU B 83 32.95 -51.48 -18.85
CA LEU B 83 33.95 -52.15 -18.04
C LEU B 83 34.48 -53.37 -18.80
N THR B 84 35.82 -53.43 -18.94
CA THR B 84 36.48 -54.49 -19.68
C THR B 84 37.16 -55.45 -18.72
N SER B 85 37.40 -56.68 -19.20
CA SER B 85 38.13 -57.74 -18.49
C SER B 85 37.58 -57.93 -17.08
N VAL B 86 36.26 -58.20 -17.01
CA VAL B 86 35.54 -58.33 -15.75
C VAL B 86 36.02 -59.59 -15.02
N THR B 87 35.90 -59.57 -13.68
CA THR B 87 36.22 -60.72 -12.85
C THR B 87 34.91 -61.43 -12.47
N ALA B 88 35.05 -62.66 -11.96
CA ALA B 88 33.94 -63.43 -11.40
C ALA B 88 33.42 -62.77 -10.12
N ALA B 89 34.30 -62.02 -9.44
CA ALA B 89 34.02 -61.38 -8.16
C ALA B 89 33.22 -60.09 -8.37
N ASP B 90 33.38 -59.47 -9.55
CA ASP B 90 32.84 -58.16 -9.88
C ASP B 90 31.31 -58.17 -9.89
N THR B 91 30.73 -59.38 -9.88
CA THR B 91 29.32 -59.64 -9.72
C THR B 91 28.79 -58.86 -8.52
N ALA B 92 27.85 -57.94 -8.79
CA ALA B 92 27.39 -56.97 -7.80
C ALA B 92 26.02 -56.41 -8.21
N VAL B 93 25.58 -55.39 -7.46
CA VAL B 93 24.50 -54.49 -7.86
C VAL B 93 25.16 -53.14 -8.18
N TYR B 94 24.65 -52.45 -9.20
CA TYR B 94 25.22 -51.16 -9.60
C TYR B 94 24.24 -50.02 -9.30
N TYR B 95 24.74 -48.80 -9.44
CA TYR B 95 23.97 -47.58 -9.24
C TYR B 95 24.49 -46.47 -10.16
N CYS B 96 23.55 -45.60 -10.54
CA CYS B 96 23.83 -44.28 -11.07
C CYS B 96 23.45 -43.27 -9.99
N VAL B 97 24.28 -42.23 -9.81
CA VAL B 97 24.13 -41.30 -8.70
C VAL B 97 24.41 -39.88 -9.17
N ARG B 98 23.79 -38.89 -8.51
CA ARG B 98 24.06 -37.49 -8.77
C ARG B 98 25.16 -37.00 -7.84
N LYS B 99 26.24 -36.43 -8.40
CA LYS B 99 27.35 -35.92 -7.62
C LYS B 99 27.38 -34.40 -7.70
N TYR B 100 28.08 -33.74 -6.76
CA TYR B 100 28.16 -32.28 -6.79
C TYR B 100 29.11 -31.83 -7.89
N TRP B 101 28.88 -30.62 -8.42
CA TRP B 101 29.65 -30.08 -9.53
C TRP B 101 31.12 -29.94 -9.16
N GLY B 102 31.41 -29.61 -7.90
CA GLY B 102 32.77 -29.39 -7.42
C GLY B 102 33.59 -30.68 -7.43
N ASP B 103 34.84 -30.58 -7.89
CA ASP B 103 35.74 -31.71 -7.98
C ASP B 103 36.04 -32.23 -6.58
N TYR B 104 36.15 -31.30 -5.61
CA TYR B 104 36.26 -31.65 -4.19
C TYR B 104 35.18 -30.94 -3.40
N TYR B 105 34.26 -31.69 -2.78
CA TYR B 105 33.13 -31.07 -2.09
C TYR B 105 32.42 -32.12 -1.26
N ALA B 106 31.34 -31.74 -0.56
CA ALA B 106 30.55 -32.67 0.22
C ALA B 106 29.24 -32.99 -0.49
N ASN B 107 28.26 -33.59 0.22
CA ASN B 107 26.94 -33.86 -0.32
C ASN B 107 27.02 -34.72 -1.59
N TRP B 108 27.98 -35.66 -1.66
CA TRP B 108 28.06 -36.56 -2.81
C TRP B 108 26.99 -37.64 -2.71
N PHE B 109 26.58 -38.21 -3.86
CA PHE B 109 25.54 -39.23 -3.93
C PHE B 109 24.26 -38.73 -3.26
N ASP B 110 23.82 -37.52 -3.60
CA ASP B 110 22.59 -36.96 -3.06
C ASP B 110 21.39 -37.82 -3.49
N VAL B 111 21.36 -38.26 -4.76
CA VAL B 111 20.30 -39.11 -5.31
C VAL B 111 20.92 -40.39 -5.88
N TRP B 112 20.21 -41.54 -5.78
CA TRP B 112 20.73 -42.84 -6.17
C TRP B 112 19.84 -43.49 -7.23
N GLY B 113 20.40 -44.42 -8.01
CA GLY B 113 19.64 -45.17 -8.99
C GLY B 113 18.81 -46.27 -8.33
N PRO B 114 17.79 -46.85 -9.01
CA PRO B 114 16.90 -47.82 -8.38
C PRO B 114 17.64 -49.09 -7.97
N GLY B 115 18.79 -49.36 -8.62
CA GLY B 115 19.60 -50.53 -8.33
C GLY B 115 19.31 -51.67 -9.30
N VAL B 116 20.28 -52.03 -10.15
CA VAL B 116 20.16 -53.13 -11.09
C VAL B 116 21.21 -54.18 -10.74
N LEU B 117 20.79 -55.44 -10.58
CA LEU B 117 21.71 -56.52 -10.24
C LEU B 117 22.54 -56.89 -11.49
N VAL B 118 23.86 -57.11 -11.32
CA VAL B 118 24.73 -57.54 -12.41
C VAL B 118 25.47 -58.81 -11.99
N THR B 119 25.06 -59.98 -12.51
CA THR B 119 25.71 -61.24 -12.18
C THR B 119 26.50 -61.74 -13.38
N VAL B 120 27.79 -62.07 -13.19
CA VAL B 120 28.59 -62.66 -14.26
C VAL B 120 28.01 -64.04 -14.57
N SER B 121 27.93 -64.37 -15.86
CA SER B 121 27.29 -65.61 -16.26
C SER B 121 28.27 -66.76 -16.18
N SER B 122 28.51 -67.20 -14.98
CA SER B 122 29.46 -68.28 -14.86
C SER B 122 28.94 -69.53 -15.58
N ALA B 123 27.65 -69.83 -15.43
CA ALA B 123 27.10 -71.00 -16.08
C ALA B 123 26.21 -70.55 -17.22
N SER B 124 25.67 -71.48 -18.03
CA SER B 124 24.84 -71.14 -19.18
C SER B 124 23.54 -70.51 -18.68
N THR B 125 23.05 -69.47 -19.38
CA THR B 125 21.78 -68.84 -19.03
C THR B 125 20.65 -69.83 -19.29
N LYS B 126 19.61 -69.84 -18.45
CA LYS B 126 18.53 -70.80 -18.56
C LYS B 126 17.21 -70.20 -18.08
N GLY B 127 16.11 -70.93 -18.35
CA GLY B 127 14.77 -70.53 -17.94
C GLY B 127 14.46 -70.94 -16.50
N PRO B 128 13.59 -70.18 -15.79
CA PRO B 128 13.15 -70.55 -14.44
C PRO B 128 12.34 -71.84 -14.42
N SER B 129 12.50 -72.62 -13.34
CA SER B 129 11.66 -73.78 -13.10
C SER B 129 10.70 -73.48 -11.95
N VAL B 130 9.45 -73.22 -12.32
CA VAL B 130 8.41 -72.74 -11.43
C VAL B 130 7.78 -73.95 -10.74
N PHE B 131 8.03 -74.05 -9.43
CA PHE B 131 7.56 -75.17 -8.61
C PHE B 131 6.47 -74.68 -7.68
N PRO B 132 5.18 -74.93 -7.99
CA PRO B 132 4.07 -74.71 -7.05
C PRO B 132 4.24 -75.52 -5.77
N LEU B 133 3.63 -75.01 -4.69
CA LEU B 133 3.68 -75.70 -3.41
C LEU B 133 2.31 -75.61 -2.73
N ALA B 134 1.62 -76.76 -2.67
CA ALA B 134 0.28 -76.87 -2.14
C ALA B 134 0.29 -76.67 -0.62
N PRO B 135 -0.63 -75.84 -0.07
CA PRO B 135 -0.84 -75.76 1.37
C PRO B 135 -1.45 -77.06 1.88
N CYS B 136 -0.94 -77.53 3.02
CA CYS B 136 -1.43 -78.74 3.67
C CYS B 136 -1.99 -78.37 5.04
N SER B 137 -2.29 -79.39 5.84
CA SER B 137 -2.71 -79.24 7.23
C SER B 137 -1.52 -78.78 8.08
N ARG B 138 -0.31 -79.18 7.66
CA ARG B 138 0.91 -78.98 8.42
C ARG B 138 1.63 -77.72 7.92
N SER B 139 0.96 -76.92 7.09
CA SER B 139 1.48 -75.67 6.56
C SER B 139 0.41 -74.59 6.65
N THR B 140 -0.57 -74.78 7.55
CA THR B 140 -1.61 -73.79 7.75
C THR B 140 -1.67 -73.37 9.22
N SER B 141 -1.55 -72.07 9.51
CA SER B 141 -1.74 -71.56 10.85
C SER B 141 -3.23 -71.39 11.12
N GLU B 142 -3.63 -71.10 12.36
CA GLU B 142 -5.05 -70.96 12.69
C GLU B 142 -5.67 -69.86 11.84
N SER B 143 -4.92 -68.77 11.63
CA SER B 143 -5.39 -67.61 10.88
C SER B 143 -4.80 -67.49 9.49
N THR B 144 -3.89 -68.40 9.09
CA THR B 144 -3.17 -68.22 7.82
C THR B 144 -2.79 -69.56 7.19
N ALA B 145 -2.53 -69.58 5.88
CA ALA B 145 -2.08 -70.79 5.19
C ALA B 145 -0.79 -70.47 4.42
N ALA B 146 0.04 -71.49 4.14
CA ALA B 146 1.32 -71.21 3.51
C ALA B 146 1.34 -71.72 2.07
N LEU B 147 0.86 -70.90 1.13
CA LEU B 147 0.98 -71.18 -0.29
C LEU B 147 2.38 -70.82 -0.74
N GLY B 148 3.02 -71.72 -1.51
CA GLY B 148 4.39 -71.51 -1.94
C GLY B 148 4.54 -71.61 -3.46
N CYS B 149 5.63 -71.00 -3.97
CA CYS B 149 5.98 -71.04 -5.37
C CYS B 149 7.49 -70.92 -5.53
N LEU B 150 8.14 -72.05 -5.78
CA LEU B 150 9.59 -72.16 -5.89
C LEU B 150 10.01 -71.91 -7.33
N VAL B 151 10.95 -70.97 -7.52
CA VAL B 151 11.65 -70.83 -8.79
C VAL B 151 13.02 -71.46 -8.63
N LYS B 152 13.17 -72.68 -9.17
CA LYS B 152 14.40 -73.45 -9.12
C LYS B 152 15.02 -73.48 -10.51
N ASP B 153 16.23 -74.05 -10.60
CA ASP B 153 16.91 -74.42 -11.83
C ASP B 153 17.13 -73.19 -12.72
N TYR B 154 16.88 -72.01 -12.16
CA TYR B 154 16.95 -70.75 -12.89
C TYR B 154 18.39 -70.23 -12.84
N PHE B 155 18.91 -69.88 -14.02
CA PHE B 155 20.19 -69.22 -14.14
C PHE B 155 20.16 -68.25 -15.32
N PRO B 156 20.63 -66.99 -15.16
CA PRO B 156 21.10 -66.48 -13.87
C PRO B 156 20.01 -65.82 -13.03
N GLU B 157 20.44 -65.18 -11.93
CA GLU B 157 19.61 -64.41 -11.04
C GLU B 157 19.35 -63.03 -11.66
N PRO B 158 18.30 -62.27 -11.25
CA PRO B 158 17.32 -62.72 -10.26
C PRO B 158 16.08 -63.34 -10.91
N VAL B 159 15.05 -63.58 -10.09
CA VAL B 159 13.70 -63.84 -10.58
C VAL B 159 12.72 -63.20 -9.59
N THR B 160 11.89 -62.30 -10.12
CA THR B 160 10.94 -61.54 -9.32
C THR B 160 9.54 -62.08 -9.56
N VAL B 161 8.87 -62.49 -8.47
CA VAL B 161 7.56 -63.13 -8.55
C VAL B 161 6.48 -62.12 -8.15
N SER B 162 5.45 -62.03 -9.00
CA SER B 162 4.23 -61.29 -8.69
C SER B 162 3.15 -62.27 -8.25
N TRP B 163 2.33 -61.85 -7.27
CA TRP B 163 1.25 -62.66 -6.75
C TRP B 163 -0.09 -62.04 -7.11
N ASN B 164 -0.83 -62.73 -8.00
CA ASN B 164 -2.05 -62.25 -8.63
C ASN B 164 -1.76 -60.98 -9.43
N SER B 165 -0.53 -60.90 -9.96
CA SER B 165 0.06 -59.74 -10.63
C SER B 165 0.18 -58.56 -9.65
N GLY B 166 0.34 -58.89 -8.36
CA GLY B 166 0.53 -57.90 -7.30
C GLY B 166 -0.81 -57.40 -6.73
N SER B 167 -1.86 -58.22 -6.81
CA SER B 167 -3.16 -57.89 -6.27
C SER B 167 -3.17 -58.04 -4.76
N LEU B 168 -2.52 -59.12 -4.27
CA LEU B 168 -2.33 -59.35 -2.84
C LEU B 168 -0.88 -59.04 -2.47
N THR B 169 -0.70 -58.40 -1.31
CA THR B 169 0.61 -57.96 -0.84
C THR B 169 0.83 -58.30 0.64
N SER B 170 -0.28 -58.53 1.36
CA SER B 170 -0.26 -58.74 2.80
C SER B 170 0.34 -60.11 3.13
N GLY B 171 1.49 -60.07 3.81
CA GLY B 171 2.20 -61.26 4.26
C GLY B 171 2.83 -62.04 3.11
N VAL B 172 3.17 -61.33 2.03
CA VAL B 172 3.90 -61.89 0.91
C VAL B 172 5.39 -61.65 1.14
N HIS B 173 6.14 -62.75 1.31
CA HIS B 173 7.55 -62.71 1.67
C HIS B 173 8.36 -63.45 0.60
N THR B 174 9.16 -62.68 -0.16
CA THR B 174 10.08 -63.26 -1.14
C THR B 174 11.35 -63.70 -0.40
N PHE B 175 11.49 -65.02 -0.23
CA PHE B 175 12.66 -65.60 0.41
C PHE B 175 13.87 -65.46 -0.52
N PRO B 176 15.06 -65.09 0.02
CA PRO B 176 16.25 -64.85 -0.81
C PRO B 176 16.69 -66.05 -1.63
N ALA B 177 17.42 -65.77 -2.71
CA ALA B 177 17.90 -66.77 -3.66
C ALA B 177 18.91 -67.70 -2.98
N VAL B 178 18.90 -68.97 -3.42
CA VAL B 178 19.66 -70.03 -2.78
C VAL B 178 20.55 -70.69 -3.83
N LEU B 179 21.86 -70.79 -3.50
CA LEU B 179 22.77 -71.67 -4.20
C LEU B 179 22.62 -73.07 -3.62
N GLN B 180 22.03 -73.96 -4.42
CA GLN B 180 21.94 -75.38 -4.08
C GLN B 180 23.26 -76.05 -4.42
N SER B 181 23.39 -77.32 -3.98
CA SER B 181 24.53 -78.17 -4.31
C SER B 181 24.54 -78.50 -5.81
N SER B 182 23.42 -78.21 -6.49
CA SER B 182 23.25 -78.36 -7.91
C SER B 182 24.14 -77.38 -8.69
N GLY B 183 24.65 -76.36 -7.98
CA GLY B 183 25.33 -75.24 -8.59
C GLY B 183 24.35 -74.31 -9.29
N LEU B 184 23.05 -74.56 -9.06
CA LEU B 184 21.95 -73.85 -9.68
C LEU B 184 21.26 -73.02 -8.61
N TYR B 185 20.63 -71.92 -9.04
CA TYR B 185 20.01 -70.97 -8.13
C TYR B 185 18.51 -71.23 -8.04
N SER B 186 17.93 -70.88 -6.89
CA SER B 186 16.52 -71.13 -6.57
C SER B 186 16.06 -70.28 -5.39
N LEU B 187 14.73 -70.13 -5.26
CA LEU B 187 14.06 -69.47 -4.15
C LEU B 187 12.56 -69.68 -4.25
N SER B 188 11.86 -69.43 -3.13
CA SER B 188 10.41 -69.32 -3.08
C SER B 188 10.02 -67.92 -2.65
N SER B 189 8.88 -67.44 -3.14
CA SER B 189 8.23 -66.26 -2.60
C SER B 189 6.95 -66.68 -1.89
N VAL B 190 7.05 -66.91 -0.58
CA VAL B 190 5.94 -67.47 0.20
C VAL B 190 4.86 -66.42 0.35
N VAL B 191 3.60 -66.87 0.29
CA VAL B 191 2.43 -66.03 0.52
C VAL B 191 1.64 -66.60 1.69
N THR B 192 1.32 -65.72 2.64
CA THR B 192 0.47 -66.04 3.78
C THR B 192 -0.94 -65.53 3.48
N VAL B 193 -1.88 -66.48 3.33
CA VAL B 193 -3.27 -66.19 3.04
C VAL B 193 -4.14 -66.82 4.11
N PRO B 194 -5.21 -66.13 4.62
CA PRO B 194 -6.03 -66.64 5.71
C PRO B 194 -6.56 -68.06 5.49
N SER B 195 -6.66 -68.83 6.59
CA SER B 195 -6.99 -70.25 6.58
C SER B 195 -8.43 -70.48 6.11
N SER B 196 -9.24 -69.42 6.12
CA SER B 196 -10.65 -69.46 5.77
C SER B 196 -10.84 -69.65 4.27
N SER B 197 -9.81 -69.31 3.48
CA SER B 197 -9.88 -69.30 2.03
C SER B 197 -9.34 -70.60 1.43
N LEU B 198 -9.10 -71.60 2.28
CA LEU B 198 -8.50 -72.87 1.86
C LEU B 198 -9.51 -73.73 1.11
N GLY B 199 -9.05 -74.30 0.00
CA GLY B 199 -9.84 -75.20 -0.84
C GLY B 199 -10.88 -74.45 -1.68
N THR B 200 -10.78 -73.11 -1.70
CA THR B 200 -11.75 -72.24 -2.33
C THR B 200 -11.16 -71.64 -3.60
N GLN B 201 -10.14 -70.78 -3.43
CA GLN B 201 -9.53 -70.06 -4.54
C GLN B 201 -8.24 -70.79 -4.98
N THR B 202 -8.06 -70.85 -6.30
CA THR B 202 -6.87 -71.40 -6.93
C THR B 202 -5.94 -70.24 -7.29
N TYR B 203 -5.00 -69.95 -6.37
CA TYR B 203 -4.14 -68.77 -6.48
C TYR B 203 -3.06 -68.99 -7.54
N VAL B 204 -2.50 -67.86 -8.02
CA VAL B 204 -1.50 -67.86 -9.08
C VAL B 204 -0.24 -67.14 -8.59
N CYS B 205 0.91 -67.79 -8.81
CA CYS B 205 2.22 -67.16 -8.68
C CYS B 205 2.78 -66.89 -10.07
N ASN B 206 3.21 -65.64 -10.29
CA ASN B 206 3.57 -65.16 -11.62
C ASN B 206 5.06 -64.83 -11.66
N VAL B 207 5.77 -65.50 -12.58
CA VAL B 207 7.22 -65.43 -12.68
C VAL B 207 7.59 -64.33 -13.68
N ASN B 208 8.55 -63.48 -13.28
CA ASN B 208 9.06 -62.41 -14.12
C ASN B 208 10.58 -62.53 -14.20
N HIS B 209 11.04 -63.55 -14.94
CA HIS B 209 12.45 -63.73 -15.27
C HIS B 209 12.78 -62.80 -16.44
N LYS B 210 13.08 -61.53 -16.10
CA LYS B 210 13.11 -60.42 -17.03
C LYS B 210 14.08 -60.65 -18.19
N PRO B 211 15.36 -61.05 -17.97
CA PRO B 211 16.28 -61.32 -19.08
C PRO B 211 15.83 -62.43 -20.04
N SER B 212 15.13 -63.43 -19.49
CA SER B 212 14.60 -64.55 -20.28
C SER B 212 13.22 -64.19 -20.84
N ASN B 213 12.60 -63.13 -20.29
CA ASN B 213 11.31 -62.59 -20.70
C ASN B 213 10.21 -63.63 -20.51
N THR B 214 10.25 -64.32 -19.37
CA THR B 214 9.34 -65.43 -19.08
C THR B 214 8.24 -64.95 -18.13
N LYS B 215 6.99 -65.32 -18.47
CA LYS B 215 5.84 -65.10 -17.62
C LYS B 215 5.14 -66.44 -17.38
N VAL B 216 5.09 -66.85 -16.11
CA VAL B 216 4.47 -68.10 -15.73
C VAL B 216 3.45 -67.83 -14.61
N ASP B 217 2.19 -67.63 -15.02
CA ASP B 217 1.06 -67.51 -14.11
C ASP B 217 0.60 -68.90 -13.70
N LYS B 218 1.56 -69.71 -13.22
CA LYS B 218 1.31 -71.10 -12.85
C LYS B 218 0.53 -71.12 -11.54
N ARG B 219 -0.50 -71.97 -11.52
CA ARG B 219 -1.35 -72.15 -10.35
C ARG B 219 -0.76 -73.23 -9.45
N VAL B 220 -1.23 -73.25 -8.20
CA VAL B 220 -0.90 -74.27 -7.24
C VAL B 220 -2.19 -75.03 -6.91
N GLU B 221 -2.19 -76.34 -7.20
CA GLU B 221 -3.37 -77.16 -6.97
C GLU B 221 -2.98 -78.45 -6.23
N ILE B 222 -3.92 -78.91 -5.39
CA ILE B 222 -3.81 -80.17 -4.67
C ILE B 222 -4.04 -81.32 -5.65
N LYS B 223 -3.16 -82.32 -5.58
CA LYS B 223 -3.33 -83.56 -6.32
C LYS B 223 -3.10 -84.76 -5.38
N THR B 224 -3.74 -85.87 -5.72
CA THR B 224 -3.68 -87.12 -4.96
C THR B 224 -2.83 -88.13 -5.74
N CYS B 225 -2.00 -88.88 -5.00
CA CYS B 225 -1.14 -89.90 -5.56
C CYS B 225 -1.96 -91.11 -6.04
N ASP C 1 43.05 -46.70 1.30
CA ASP C 1 43.78 -45.42 1.55
C ASP C 1 43.49 -44.95 2.98
N ILE C 2 42.30 -44.37 3.18
CA ILE C 2 41.87 -43.89 4.48
C ILE C 2 40.66 -44.72 4.92
N GLN C 3 40.91 -45.68 5.81
CA GLN C 3 39.91 -46.64 6.28
C GLN C 3 38.88 -45.92 7.14
N MET C 4 37.60 -46.25 6.90
CA MET C 4 36.49 -45.72 7.70
C MET C 4 36.02 -46.80 8.67
N THR C 5 36.14 -46.50 9.97
CA THR C 5 35.72 -47.40 11.03
C THR C 5 34.31 -47.01 11.48
N GLN C 6 33.48 -48.04 11.74
CA GLN C 6 32.11 -47.85 12.15
C GLN C 6 31.87 -48.59 13.46
N SER C 7 31.24 -47.89 14.42
CA SER C 7 31.01 -48.41 15.76
C SER C 7 29.65 -47.92 16.29
N PRO C 8 28.90 -48.73 17.09
CA PRO C 8 29.21 -50.15 17.28
C PRO C 8 28.86 -50.94 16.02
N SER C 9 29.63 -52.02 15.79
CA SER C 9 29.56 -52.81 14.57
C SER C 9 28.19 -53.48 14.40
N SER C 10 27.47 -53.64 15.52
CA SER C 10 26.10 -54.12 15.56
C SER C 10 25.35 -53.45 16.71
N LEU C 11 24.03 -53.22 16.54
CA LEU C 11 23.20 -52.61 17.57
C LEU C 11 21.72 -52.91 17.35
N SER C 12 20.95 -52.78 18.44
CA SER C 12 19.49 -52.87 18.47
C SER C 12 18.94 -52.11 19.69
N ALA C 13 17.67 -51.69 19.59
CA ALA C 13 16.87 -51.19 20.70
C ALA C 13 15.40 -51.07 20.27
N SER C 14 14.52 -50.74 21.23
CA SER C 14 13.07 -50.81 21.06
C SER C 14 12.51 -49.48 20.55
N VAL C 15 11.16 -49.41 20.44
CA VAL C 15 10.43 -48.26 19.97
C VAL C 15 10.66 -47.06 20.91
N GLY C 16 10.86 -45.88 20.30
CA GLY C 16 11.05 -44.63 21.02
C GLY C 16 12.33 -44.60 21.84
N ASP C 17 13.37 -45.25 21.31
CA ASP C 17 14.68 -45.31 21.96
C ASP C 17 15.68 -44.48 21.15
N THR C 18 16.62 -43.86 21.86
CA THR C 18 17.72 -43.14 21.24
C THR C 18 18.94 -44.07 21.16
N VAL C 19 19.49 -44.18 19.95
CA VAL C 19 20.70 -44.96 19.70
C VAL C 19 21.74 -44.07 19.01
N THR C 20 23.02 -44.40 19.21
CA THR C 20 24.13 -43.66 18.63
C THR C 20 25.05 -44.63 17.88
N ILE C 21 25.37 -44.26 16.62
CA ILE C 21 26.32 -44.98 15.79
C ILE C 21 27.49 -44.04 15.50
N THR C 22 28.70 -44.49 15.85
CA THR C 22 29.91 -43.70 15.82
C THR C 22 30.75 -44.12 14.61
N CYS C 23 31.35 -43.14 13.93
CA CYS C 23 32.27 -43.37 12.83
C CYS C 23 33.66 -42.86 13.20
N ARG C 24 34.67 -43.64 12.82
CA ARG C 24 36.07 -43.30 13.06
C ARG C 24 36.80 -43.21 11.73
N ALA C 25 37.99 -42.59 11.77
CA ALA C 25 38.81 -42.35 10.60
C ALA C 25 40.25 -42.74 10.91
N SER C 26 41.04 -43.03 9.86
CA SER C 26 42.46 -43.27 10.03
C SER C 26 43.18 -41.95 10.31
N GLN C 27 42.81 -40.91 9.55
CA GLN C 27 43.32 -39.57 9.75
C GLN C 27 42.15 -38.63 10.03
N SER C 28 42.26 -37.78 11.06
CA SER C 28 41.22 -36.83 11.43
C SER C 28 40.87 -35.96 10.22
N ILE C 29 39.62 -36.05 9.74
CA ILE C 29 39.18 -35.29 8.58
C ILE C 29 38.23 -34.19 9.06
N SER C 30 38.46 -32.93 8.63
CA SER C 30 37.72 -31.79 9.17
C SER C 30 36.30 -31.73 8.62
N SER C 31 35.33 -32.30 9.34
CA SER C 31 33.91 -32.19 9.00
C SER C 31 33.65 -32.38 7.51
N TRP C 32 34.09 -33.53 6.97
CA TRP C 32 33.82 -33.90 5.60
C TRP C 32 33.34 -35.35 5.54
N LEU C 33 32.16 -35.65 6.11
CA LEU C 33 31.65 -37.01 6.18
C LEU C 33 30.17 -37.06 5.77
N ALA C 34 29.71 -38.22 5.26
CA ALA C 34 28.32 -38.41 4.84
C ALA C 34 27.75 -39.69 5.47
N TRP C 35 26.46 -39.68 5.82
CA TRP C 35 25.78 -40.86 6.34
C TRP C 35 24.69 -41.32 5.37
N TYR C 36 24.43 -42.63 5.30
CA TYR C 36 23.47 -43.16 4.34
C TYR C 36 22.56 -44.21 4.99
N GLN C 37 21.31 -44.23 4.51
CA GLN C 37 20.29 -45.18 4.93
C GLN C 37 20.06 -46.18 3.79
N GLN C 38 20.21 -47.47 4.10
CA GLN C 38 20.03 -48.52 3.10
C GLN C 38 18.97 -49.51 3.58
N LYS C 39 17.75 -49.34 3.05
CA LYS C 39 16.71 -50.34 3.21
C LYS C 39 17.15 -51.62 2.51
N PRO C 40 17.21 -52.78 3.22
CA PRO C 40 17.66 -54.04 2.63
C PRO C 40 16.80 -54.45 1.44
N GLY C 41 17.47 -54.72 0.31
CA GLY C 41 16.83 -55.07 -0.95
C GLY C 41 16.25 -53.86 -1.67
N LYS C 42 16.68 -52.66 -1.24
CA LYS C 42 16.27 -51.41 -1.86
C LYS C 42 17.49 -50.53 -2.11
N ALA C 43 17.29 -49.49 -2.94
CA ALA C 43 18.32 -48.52 -3.29
C ALA C 43 18.66 -47.66 -2.06
N PRO C 44 19.93 -47.68 -1.59
CA PRO C 44 20.35 -46.86 -0.45
C PRO C 44 20.14 -45.36 -0.65
N LYS C 45 19.57 -44.69 0.36
CA LYS C 45 19.26 -43.26 0.28
C LYS C 45 20.21 -42.45 1.16
N LEU C 46 20.50 -41.19 0.79
CA LEU C 46 21.37 -40.33 1.58
C LEU C 46 20.69 -39.92 2.88
N LEU C 47 21.42 -39.98 4.01
CA LEU C 47 20.86 -39.60 5.30
C LEU C 47 21.34 -38.22 5.75
N ILE C 48 22.67 -37.96 5.75
CA ILE C 48 23.21 -36.69 6.23
C ILE C 48 24.57 -36.40 5.57
N TYR C 49 25.19 -35.23 5.83
CA TYR C 49 26.40 -34.80 5.13
C TYR C 49 27.10 -33.68 5.90
N LYS C 50 28.37 -33.40 5.56
CA LYS C 50 29.08 -32.23 6.05
C LYS C 50 28.91 -32.13 7.57
N ALA C 51 29.38 -33.11 8.32
CA ALA C 51 29.27 -33.12 9.77
C ALA C 51 27.83 -32.94 10.23
N SER C 52 26.90 -33.55 9.51
CA SER C 52 25.50 -33.60 9.91
C SER C 52 24.79 -32.25 9.88
N SER C 53 25.04 -31.44 8.86
CA SER C 53 24.20 -30.25 8.74
C SER C 53 22.78 -30.71 8.40
N LEU C 54 21.75 -30.04 8.92
CA LEU C 54 20.39 -30.51 8.76
C LEU C 54 19.99 -30.49 7.28
N GLN C 55 19.27 -31.52 6.82
CA GLN C 55 18.86 -31.64 5.43
C GLN C 55 17.36 -31.88 5.29
N GLY C 56 16.74 -31.26 4.27
CA GLY C 56 15.32 -31.41 3.99
C GLY C 56 15.04 -32.79 3.37
N GLY C 57 13.87 -33.36 3.70
CA GLY C 57 13.53 -34.72 3.31
C GLY C 57 13.91 -35.74 4.39
N VAL C 58 14.86 -35.37 5.25
CA VAL C 58 15.25 -36.21 6.38
C VAL C 58 14.66 -35.57 7.63
N PRO C 59 13.61 -36.17 8.25
CA PRO C 59 12.99 -35.63 9.47
C PRO C 59 14.00 -35.36 10.60
N SER C 60 13.62 -34.46 11.51
CA SER C 60 14.53 -33.83 12.47
C SER C 60 15.20 -34.86 13.38
N ARG C 61 14.54 -36.01 13.59
CA ARG C 61 14.94 -37.02 14.56
C ARG C 61 16.36 -37.52 14.28
N PHE C 62 16.73 -37.58 13.00
CA PHE C 62 18.08 -37.97 12.58
C PHE C 62 19.00 -36.77 12.77
N SER C 63 20.05 -36.96 13.58
CA SER C 63 21.01 -35.92 13.90
C SER C 63 22.39 -36.52 14.13
N GLY C 64 23.42 -35.68 14.00
CA GLY C 64 24.79 -36.09 14.27
C GLY C 64 25.68 -34.90 14.62
N SER C 65 26.95 -35.20 14.91
CA SER C 65 27.97 -34.20 15.21
C SER C 65 29.33 -34.64 14.68
N GLY C 66 30.12 -33.66 14.22
CA GLY C 66 31.44 -33.90 13.64
C GLY C 66 32.54 -33.14 14.38
N SER C 67 33.61 -33.86 14.76
CA SER C 67 34.73 -33.31 15.48
C SER C 67 36.04 -34.01 15.10
N GLY C 68 36.45 -33.83 13.84
CA GLY C 68 37.77 -34.25 13.37
C GLY C 68 37.86 -35.75 13.09
N SER C 69 37.90 -36.55 14.18
CA SER C 69 37.86 -38.00 14.07
C SER C 69 36.59 -38.56 14.70
N ASP C 70 35.95 -37.76 15.56
CA ASP C 70 34.81 -38.19 16.37
C ASP C 70 33.49 -37.80 15.70
N PHE C 71 32.86 -38.79 15.05
CA PHE C 71 31.67 -38.62 14.24
C PHE C 71 30.63 -39.64 14.66
N THR C 72 29.44 -39.16 15.02
CA THR C 72 28.37 -39.99 15.53
C THR C 72 27.06 -39.62 14.83
N LEU C 73 26.30 -40.63 14.40
CA LEU C 73 24.90 -40.46 14.04
C LEU C 73 24.04 -40.88 15.22
N THR C 74 22.97 -40.10 15.46
CA THR C 74 21.99 -40.41 16.48
C THR C 74 20.61 -40.54 15.83
N ILE C 75 19.99 -41.70 16.06
CA ILE C 75 18.55 -41.87 15.90
C ILE C 75 17.92 -41.44 17.23
N SER C 76 17.17 -40.33 17.21
CA SER C 76 16.60 -39.74 18.40
C SER C 76 15.47 -40.60 18.95
N SER C 77 14.60 -41.07 18.04
CA SER C 77 13.49 -41.95 18.38
C SER C 77 13.44 -43.10 17.37
N LEU C 78 13.46 -44.33 17.89
CA LEU C 78 13.49 -45.52 17.05
C LEU C 78 12.07 -45.88 16.61
N GLN C 79 11.84 -45.76 15.29
CA GLN C 79 10.65 -46.29 14.66
C GLN C 79 11.05 -47.53 13.86
N SER C 80 10.06 -48.37 13.55
CA SER C 80 10.20 -49.51 12.66
C SER C 80 10.70 -49.10 11.28
N GLU C 81 10.36 -47.88 10.86
CA GLU C 81 10.84 -47.38 9.58
C GLU C 81 12.35 -47.11 9.62
N ASP C 82 13.00 -47.38 10.76
CA ASP C 82 14.41 -47.04 10.91
C ASP C 82 15.35 -48.24 10.95
N PHE C 83 14.96 -49.41 10.44
CA PHE C 83 15.90 -50.53 10.39
C PHE C 83 16.64 -50.44 9.07
N ALA C 84 17.99 -50.43 9.09
CA ALA C 84 18.78 -50.43 7.87
C ALA C 84 20.29 -50.57 8.17
N THR C 85 21.11 -50.50 7.10
CA THR C 85 22.56 -50.57 7.26
C THR C 85 23.11 -49.16 7.00
N TYR C 86 23.66 -48.55 8.07
CA TYR C 86 24.03 -47.15 8.07
C TYR C 86 25.53 -47.03 7.77
N TYR C 87 25.90 -46.13 6.85
CA TYR C 87 27.26 -46.03 6.35
C TYR C 87 27.77 -44.60 6.50
N CYS C 88 28.99 -44.46 7.04
CA CYS C 88 29.67 -43.17 7.11
C CYS C 88 30.70 -43.07 5.99
N GLN C 89 30.58 -42.05 5.13
CA GLN C 89 31.46 -41.95 3.97
C GLN C 89 32.30 -40.67 4.04
N GLN C 90 33.58 -40.75 3.68
CA GLN C 90 34.48 -39.61 3.78
C GLN C 90 34.72 -39.04 2.38
N TYR C 91 34.55 -37.72 2.21
CA TYR C 91 34.91 -37.11 0.94
C TYR C 91 36.06 -36.14 1.10
N SER C 92 36.62 -36.06 2.31
CA SER C 92 37.73 -35.16 2.57
C SER C 92 38.92 -35.49 1.67
N GLY C 93 39.21 -36.78 1.53
CA GLY C 93 40.33 -37.22 0.72
C GLY C 93 39.85 -38.13 -0.40
N ARG C 94 40.59 -38.15 -1.51
CA ARG C 94 40.24 -39.05 -2.60
C ARG C 94 41.28 -40.17 -2.69
N PRO C 95 40.90 -41.43 -3.01
CA PRO C 95 39.52 -41.80 -3.37
C PRO C 95 38.56 -41.81 -2.19
N PRO C 96 37.22 -41.68 -2.42
CA PRO C 96 36.23 -41.78 -1.36
C PRO C 96 36.24 -43.15 -0.69
N THR C 97 35.88 -43.17 0.60
CA THR C 97 35.85 -44.39 1.40
C THR C 97 34.60 -44.40 2.26
N PHE C 98 34.15 -45.62 2.61
CA PHE C 98 32.81 -45.88 3.10
C PHE C 98 32.83 -46.49 4.50
N GLY C 99 31.72 -46.28 5.22
CA GLY C 99 31.41 -47.00 6.44
C GLY C 99 31.28 -48.49 6.17
N GLN C 100 31.56 -49.29 7.20
CA GLN C 100 31.53 -50.74 7.10
C GLN C 100 30.08 -51.21 6.90
N GLY C 101 29.17 -50.59 7.65
CA GLY C 101 27.75 -50.92 7.59
C GLY C 101 27.32 -51.72 8.81
N THR C 102 26.42 -51.10 9.59
CA THR C 102 25.94 -51.69 10.83
C THR C 102 24.50 -52.15 10.61
N LYS C 103 24.29 -53.47 10.77
CA LYS C 103 22.97 -54.05 10.78
C LYS C 103 22.28 -53.65 12.09
N VAL C 104 21.40 -52.65 12.00
CA VAL C 104 20.62 -52.22 13.15
C VAL C 104 19.20 -52.77 13.02
N GLU C 105 18.72 -53.33 14.13
CA GLU C 105 17.40 -53.93 14.23
C GLU C 105 16.68 -53.32 15.42
N ILE C 106 15.38 -53.65 15.57
CA ILE C 106 14.58 -53.18 16.70
C ILE C 106 14.44 -54.34 17.69
N LYS C 107 14.75 -54.09 18.97
CA LYS C 107 14.58 -55.07 20.01
C LYS C 107 13.13 -55.00 20.53
N ARG C 108 12.17 -55.57 19.78
CA ARG C 108 10.76 -55.42 20.12
C ARG C 108 9.93 -56.58 19.55
N ALA C 109 8.68 -56.74 20.03
CA ALA C 109 7.72 -57.69 19.49
C ALA C 109 8.29 -59.11 19.43
N VAL C 110 8.85 -59.63 20.55
CA VAL C 110 9.18 -61.04 20.61
C VAL C 110 7.88 -61.82 20.44
N ALA C 111 7.83 -62.78 19.49
CA ALA C 111 6.59 -63.47 19.18
C ALA C 111 6.79 -64.98 19.02
N ALA C 112 5.74 -65.77 19.27
CA ALA C 112 5.80 -67.21 19.01
C ALA C 112 5.77 -67.50 17.52
N PRO C 113 6.79 -68.22 16.97
CA PRO C 113 6.87 -68.49 15.53
C PRO C 113 5.86 -69.54 15.07
N SER C 114 5.39 -69.37 13.82
CA SER C 114 4.46 -70.30 13.20
C SER C 114 5.23 -71.20 12.23
N VAL C 115 5.07 -72.51 12.42
CA VAL C 115 5.86 -73.54 11.75
C VAL C 115 5.13 -74.01 10.50
N PHE C 116 5.84 -74.02 9.36
CA PHE C 116 5.26 -74.34 8.07
C PHE C 116 6.21 -75.21 7.24
N ILE C 117 6.03 -76.54 7.34
CA ILE C 117 6.71 -77.49 6.46
C ILE C 117 6.08 -77.43 5.07
N PHE C 118 6.87 -77.75 4.04
CA PHE C 118 6.44 -77.66 2.65
C PHE C 118 6.42 -79.06 2.03
N PRO C 119 5.29 -79.50 1.43
CA PRO C 119 5.22 -80.83 0.82
C PRO C 119 5.95 -80.91 -0.50
N PRO C 120 6.46 -82.11 -0.90
CA PRO C 120 6.92 -82.33 -2.27
C PRO C 120 5.70 -82.34 -3.19
N SER C 121 5.65 -81.36 -4.10
CA SER C 121 4.62 -81.32 -5.14
C SER C 121 4.86 -82.43 -6.15
N GLU C 122 3.89 -82.65 -7.04
CA GLU C 122 3.97 -83.78 -7.96
C GLU C 122 5.00 -83.53 -9.04
N ASP C 123 5.11 -82.26 -9.48
CA ASP C 123 6.17 -81.84 -10.38
C ASP C 123 7.53 -82.10 -9.72
N GLN C 124 7.58 -81.95 -8.39
CA GLN C 124 8.77 -82.13 -7.58
C GLN C 124 9.18 -83.60 -7.56
N VAL C 125 8.19 -84.50 -7.42
CA VAL C 125 8.41 -85.94 -7.42
C VAL C 125 8.87 -86.37 -8.81
N LYS C 126 8.28 -85.75 -9.85
CA LYS C 126 8.63 -86.01 -11.24
C LYS C 126 9.96 -85.36 -11.60
N SER C 127 10.34 -84.30 -10.86
CA SER C 127 11.56 -83.54 -11.11
C SER C 127 12.81 -84.38 -10.80
N GLY C 128 12.66 -85.33 -9.87
CA GLY C 128 13.75 -86.20 -9.48
C GLY C 128 14.48 -85.68 -8.24
N THR C 129 14.09 -84.50 -7.78
CA THR C 129 14.62 -83.88 -6.57
C THR C 129 13.46 -83.49 -5.65
N VAL C 130 13.60 -83.84 -4.36
CA VAL C 130 12.63 -83.44 -3.36
C VAL C 130 13.28 -82.46 -2.39
N SER C 131 12.75 -81.23 -2.38
CA SER C 131 13.13 -80.19 -1.44
C SER C 131 12.10 -80.12 -0.32
N VAL C 132 12.55 -80.38 0.91
CA VAL C 132 11.69 -80.32 2.08
C VAL C 132 12.13 -79.16 2.97
N VAL C 133 11.34 -78.07 2.90
CA VAL C 133 11.64 -76.79 3.51
C VAL C 133 10.64 -76.59 4.65
N CYS C 134 10.99 -75.72 5.61
CA CYS C 134 10.12 -75.44 6.75
C CYS C 134 10.21 -73.96 7.12
N LEU C 135 9.04 -73.31 7.24
CA LEU C 135 8.93 -71.87 7.43
C LEU C 135 8.50 -71.55 8.86
N LEU C 136 9.24 -70.63 9.51
CA LEU C 136 8.87 -70.10 10.81
C LEU C 136 8.44 -68.65 10.60
N ASN C 137 7.14 -68.34 10.75
CA ASN C 137 6.61 -67.05 10.32
C ASN C 137 7.12 -65.87 11.15
N ASN C 138 7.14 -65.87 12.48
CA ASN C 138 7.45 -64.63 13.20
C ASN C 138 8.20 -64.84 14.52
N PHE C 139 9.54 -64.72 14.51
CA PHE C 139 10.33 -64.84 15.74
C PHE C 139 11.31 -63.67 15.81
N TYR C 140 11.21 -62.82 16.86
CA TYR C 140 12.04 -61.63 16.96
C TYR C 140 13.54 -61.95 17.10
N PRO C 141 14.01 -62.83 18.01
CA PRO C 141 15.45 -62.95 18.30
C PRO C 141 16.33 -63.89 17.47
N ARG C 142 15.79 -64.65 16.54
CA ARG C 142 16.56 -65.64 15.79
C ARG C 142 17.01 -66.79 16.70
N GLU C 143 16.42 -66.87 17.89
CA GLU C 143 16.69 -67.96 18.81
C GLU C 143 16.17 -69.26 18.20
N ALA C 144 15.09 -69.16 17.41
CA ALA C 144 14.50 -70.30 16.73
C ALA C 144 15.52 -70.95 15.80
N SER C 145 15.66 -72.28 15.87
CA SER C 145 16.56 -73.02 15.01
C SER C 145 15.77 -74.09 14.27
N VAL C 146 16.33 -74.62 13.18
CA VAL C 146 15.64 -75.62 12.38
C VAL C 146 16.43 -76.92 12.40
N LYS C 147 15.71 -78.04 12.42
CA LYS C 147 16.30 -79.36 12.26
C LYS C 147 15.36 -80.27 11.46
N TRP C 148 15.95 -81.32 10.88
CA TRP C 148 15.22 -82.32 10.11
C TRP C 148 15.60 -83.72 10.60
N LYS C 149 14.57 -84.46 11.05
CA LYS C 149 14.72 -85.85 11.44
C LYS C 149 13.66 -86.67 10.70
N VAL C 150 14.09 -87.36 9.65
CA VAL C 150 13.32 -88.40 8.98
C VAL C 150 13.28 -89.61 9.91
N ASP C 151 12.37 -90.57 9.64
CA ASP C 151 12.18 -91.74 10.49
C ASP C 151 13.48 -92.51 10.67
N GLY C 152 14.29 -92.56 9.60
CA GLY C 152 15.53 -93.31 9.58
C GLY C 152 16.66 -92.61 10.33
N ALA C 153 16.96 -91.37 9.92
CA ALA C 153 18.16 -90.67 10.36
C ALA C 153 17.90 -89.18 10.57
N LEU C 154 18.98 -88.45 10.90
CA LEU C 154 18.99 -87.01 11.09
C LEU C 154 19.53 -86.36 9.82
N LYS C 155 18.67 -85.57 9.17
CA LYS C 155 18.97 -84.97 7.87
C LYS C 155 19.19 -83.46 8.02
N THR C 156 19.37 -83.01 9.27
CA THR C 156 19.73 -81.65 9.61
C THR C 156 21.14 -81.35 9.12
N GLY C 157 21.35 -80.12 8.63
CA GLY C 157 22.64 -79.67 8.13
C GLY C 157 22.74 -79.82 6.61
N ASN C 158 21.82 -80.60 6.03
CA ASN C 158 21.71 -80.79 4.60
C ASN C 158 20.67 -79.81 4.05
N SER C 159 20.22 -78.89 4.92
CA SER C 159 19.25 -77.86 4.59
C SER C 159 19.95 -76.55 4.25
N GLN C 160 19.52 -75.93 3.15
CA GLN C 160 19.98 -74.61 2.74
C GLN C 160 19.04 -73.54 3.31
N GLU C 161 19.53 -72.84 4.33
CA GLU C 161 18.73 -71.90 5.12
C GLU C 161 18.55 -70.58 4.37
N SER C 162 17.30 -70.11 4.32
CA SER C 162 16.97 -68.80 3.80
C SER C 162 16.03 -68.09 4.78
N VAL C 163 16.57 -67.05 5.45
CA VAL C 163 15.83 -66.28 6.44
C VAL C 163 15.57 -64.88 5.88
N THR C 164 14.30 -64.45 5.91
CA THR C 164 13.94 -63.10 5.56
C THR C 164 14.44 -62.15 6.65
N GLU C 165 14.88 -60.96 6.22
CA GLU C 165 15.24 -59.89 7.13
C GLU C 165 14.00 -59.41 7.86
N GLN C 166 14.22 -58.41 8.73
CA GLN C 166 13.19 -57.77 9.52
C GLN C 166 12.24 -57.02 8.59
N ASP C 167 10.95 -57.01 8.96
CA ASP C 167 9.89 -56.50 8.10
C ASP C 167 9.40 -55.16 8.62
N SER C 168 8.60 -54.47 7.78
CA SER C 168 7.92 -53.24 8.14
C SER C 168 6.86 -53.51 9.21
N LYS C 169 6.29 -54.72 9.18
CA LYS C 169 5.32 -55.18 10.16
C LYS C 169 6.01 -55.42 11.50
N ASP C 170 7.13 -56.17 11.46
CA ASP C 170 7.86 -56.57 12.66
C ASP C 170 9.35 -56.71 12.36
N ASN C 171 10.17 -56.31 13.34
CA ASN C 171 11.61 -56.52 13.30
C ASN C 171 11.91 -57.97 13.66
N THR C 172 11.27 -58.89 12.93
CA THR C 172 11.38 -60.32 13.18
C THR C 172 11.88 -61.00 11.91
N TYR C 173 12.19 -62.30 12.04
CA TYR C 173 12.73 -63.09 10.96
C TYR C 173 11.65 -64.04 10.44
N SER C 174 11.92 -64.61 9.25
CA SER C 174 11.21 -65.76 8.74
C SER C 174 12.19 -66.65 7.99
N LEU C 175 12.42 -67.86 8.51
CA LEU C 175 13.45 -68.76 7.99
C LEU C 175 12.80 -69.98 7.33
N SER C 176 13.21 -70.22 6.07
CA SER C 176 12.88 -71.44 5.34
C SER C 176 14.18 -72.12 4.90
N SER C 177 14.43 -73.31 5.44
CA SER C 177 15.66 -74.04 5.21
C SER C 177 15.42 -75.22 4.27
N THR C 178 16.08 -75.15 3.10
CA THR C 178 15.79 -76.00 1.96
C THR C 178 16.66 -77.26 2.00
N LEU C 179 16.05 -78.38 2.40
CA LEU C 179 16.67 -79.70 2.32
C LEU C 179 16.25 -80.37 1.02
N THR C 180 17.14 -80.29 0.01
CA THR C 180 16.91 -80.92 -1.28
C THR C 180 17.66 -82.25 -1.33
N LEU C 181 16.93 -83.30 -1.73
CA LEU C 181 17.49 -84.62 -1.97
C LEU C 181 17.24 -85.00 -3.42
N SER C 182 17.73 -86.19 -3.81
CA SER C 182 17.29 -86.85 -5.03
C SER C 182 16.06 -87.69 -4.70
N SER C 183 15.26 -88.02 -5.73
CA SER C 183 14.06 -88.83 -5.58
C SER C 183 14.40 -90.21 -5.05
N THR C 184 15.52 -90.78 -5.52
CA THR C 184 16.02 -92.07 -5.08
C THR C 184 16.34 -92.03 -3.59
N ASP C 185 17.05 -90.97 -3.17
CA ASP C 185 17.51 -90.82 -1.79
C ASP C 185 16.34 -90.48 -0.87
N TYR C 186 15.37 -89.69 -1.38
CA TYR C 186 14.23 -89.26 -0.57
C TYR C 186 13.22 -90.39 -0.39
N GLN C 187 13.00 -91.19 -1.44
CA GLN C 187 12.02 -92.27 -1.43
C GLN C 187 12.35 -93.35 -0.39
N SER C 188 13.64 -93.63 -0.19
CA SER C 188 14.10 -94.68 0.71
C SER C 188 13.41 -94.68 2.08
N HIS C 189 13.05 -93.50 2.61
CA HIS C 189 12.51 -93.44 3.96
C HIS C 189 10.98 -93.24 3.95
N ASN C 190 10.37 -93.17 5.15
CA ASN C 190 8.93 -93.26 5.28
C ASN C 190 8.33 -92.05 5.98
N VAL C 191 8.71 -91.79 7.24
CA VAL C 191 8.09 -90.74 8.03
C VAL C 191 8.96 -89.48 7.98
N TYR C 192 8.34 -88.37 7.60
CA TYR C 192 9.03 -87.09 7.39
C TYR C 192 8.54 -86.07 8.42
N ALA C 193 9.47 -85.25 8.93
CA ALA C 193 9.20 -84.37 10.05
C ALA C 193 10.02 -83.08 9.97
N CYS C 194 9.36 -81.96 10.30
CA CYS C 194 10.02 -80.69 10.59
C CYS C 194 9.99 -80.45 12.10
N GLU C 195 11.18 -80.26 12.69
CA GLU C 195 11.35 -79.99 14.10
C GLU C 195 11.95 -78.60 14.28
N VAL C 196 11.48 -77.89 15.29
CA VAL C 196 11.78 -76.48 15.48
C VAL C 196 12.23 -76.24 16.92
N THR C 197 13.48 -75.77 17.06
CA THR C 197 14.07 -75.50 18.37
C THR C 197 14.20 -73.99 18.56
N HIS C 198 13.23 -73.40 19.26
CA HIS C 198 13.22 -71.98 19.56
C HIS C 198 13.79 -71.75 20.96
N GLN C 199 15.04 -71.26 21.03
CA GLN C 199 15.76 -71.03 22.28
C GLN C 199 15.04 -69.99 23.13
N GLY C 200 14.16 -69.19 22.51
CA GLY C 200 13.32 -68.24 23.21
C GLY C 200 12.28 -68.94 24.08
N LEU C 201 11.92 -70.17 23.73
CA LEU C 201 10.90 -70.93 24.45
C LEU C 201 11.42 -72.32 24.85
N SER C 202 12.39 -72.83 24.08
CA SER C 202 13.06 -74.12 24.28
C SER C 202 12.08 -75.29 24.16
N SER C 203 10.99 -75.08 23.41
CA SER C 203 9.94 -76.06 23.25
C SER C 203 9.87 -76.50 21.78
N PRO C 204 10.45 -77.67 21.41
CA PRO C 204 10.39 -78.18 20.04
C PRO C 204 9.04 -78.80 19.69
N VAL C 205 8.46 -78.34 18.58
CA VAL C 205 7.24 -78.88 18.01
C VAL C 205 7.59 -79.57 16.68
N THR C 206 7.32 -80.88 16.63
CA THR C 206 7.64 -81.72 15.49
C THR C 206 6.39 -81.87 14.62
N LYS C 207 6.54 -81.60 13.32
CA LYS C 207 5.43 -81.64 12.38
C LYS C 207 5.67 -82.73 11.35
N SER C 208 4.80 -83.77 11.39
CA SER C 208 5.00 -84.99 10.64
C SER C 208 3.82 -85.31 9.75
N PHE C 209 4.13 -85.82 8.54
CA PHE C 209 3.18 -86.53 7.69
C PHE C 209 3.78 -87.88 7.30
N ASN C 210 2.96 -88.92 7.37
CA ASN C 210 3.37 -90.28 7.09
C ASN C 210 3.27 -90.54 5.59
N ARG C 211 3.82 -91.68 5.15
CA ARG C 211 3.75 -92.13 3.77
C ARG C 211 2.29 -92.43 3.40
N GLY C 212 1.87 -91.98 2.22
CA GLY C 212 0.48 -92.09 1.83
C GLY C 212 -0.20 -90.73 1.75
N GLU C 213 0.14 -89.82 2.68
CA GLU C 213 -0.35 -88.45 2.63
C GLU C 213 0.24 -87.80 1.39
N CYS C 214 -0.60 -87.12 0.58
CA CYS C 214 -0.15 -86.54 -0.67
C CYS C 214 -0.80 -85.16 -0.87
N SER D 9 53.81 11.16 4.89
CA SER D 9 53.26 9.79 4.65
C SER D 9 52.35 9.80 3.43
N THR D 10 51.22 9.09 3.54
CA THR D 10 50.16 9.09 2.53
C THR D 10 48.83 9.36 3.23
N ALA D 11 47.95 10.11 2.53
CA ALA D 11 46.72 10.61 3.10
C ALA D 11 45.63 9.53 3.12
N THR D 12 44.57 9.83 3.88
CA THR D 12 43.38 8.99 3.98
C THR D 12 42.16 9.86 4.28
N LEU D 13 41.17 9.82 3.38
CA LEU D 13 39.83 10.32 3.69
C LEU D 13 38.90 9.13 3.84
N CYS D 14 38.05 9.19 4.89
CA CYS D 14 37.18 8.08 5.24
C CYS D 14 35.80 8.62 5.62
N LEU D 15 34.78 8.13 4.91
CA LEU D 15 33.43 8.68 4.98
C LEU D 15 32.60 7.93 6.01
N GLY D 16 31.48 8.56 6.42
CA GLY D 16 30.51 7.96 7.34
C GLY D 16 29.40 8.93 7.74
N HIS D 17 28.57 8.47 8.68
CA HIS D 17 27.35 9.14 9.13
C HIS D 17 27.28 9.07 10.66
N HIS D 18 26.44 9.93 11.26
CA HIS D 18 26.32 9.98 12.71
C HIS D 18 25.40 8.88 13.24
N ALA D 19 25.43 8.71 14.57
CA ALA D 19 24.43 7.96 15.30
C ALA D 19 24.08 8.72 16.58
N VAL D 20 23.28 8.08 17.44
CA VAL D 20 22.91 8.60 18.75
C VAL D 20 23.02 7.44 19.75
N PRO D 21 23.56 7.65 20.97
CA PRO D 21 23.72 6.58 21.95
C PRO D 21 22.40 5.91 22.30
N ASN D 22 21.31 6.70 22.31
CA ASN D 22 19.97 6.18 22.50
C ASN D 22 19.11 6.43 21.27
N GLY D 23 18.75 5.33 20.61
CA GLY D 23 17.73 5.35 19.58
C GLY D 23 16.40 4.84 20.12
N THR D 24 15.48 4.55 19.19
CA THR D 24 14.19 3.95 19.49
C THR D 24 13.85 2.94 18.39
N ILE D 25 13.14 1.88 18.77
CA ILE D 25 12.72 0.84 17.85
C ILE D 25 11.61 1.36 16.96
N VAL D 26 11.56 0.84 15.72
CA VAL D 26 10.55 1.23 14.74
C VAL D 26 10.19 0.03 13.88
N LYS D 27 8.88 -0.14 13.63
CA LYS D 27 8.35 -1.27 12.88
C LYS D 27 8.33 -0.92 11.40
N THR D 28 8.89 -1.82 10.57
CA THR D 28 9.01 -1.61 9.14
C THR D 28 8.32 -2.75 8.38
N ILE D 29 8.61 -2.84 7.08
CA ILE D 29 8.21 -3.95 6.23
C ILE D 29 9.39 -4.90 6.06
N THR D 30 10.61 -4.35 6.12
CA THR D 30 11.84 -5.09 5.86
C THR D 30 12.21 -5.96 7.06
N ASN D 31 12.10 -5.36 8.25
CA ASN D 31 12.51 -5.95 9.51
C ASN D 31 11.62 -5.35 10.60
N ASP D 32 10.91 -6.23 11.32
CA ASP D 32 9.86 -5.85 12.25
C ASP D 32 10.38 -4.96 13.37
N GLN D 33 11.72 -4.96 13.56
CA GLN D 33 12.38 -4.15 14.57
C GLN D 33 13.68 -3.58 13.99
N ILE D 34 13.91 -2.28 14.21
CA ILE D 34 15.15 -1.61 13.81
C ILE D 34 15.36 -0.35 14.66
N GLU D 35 16.64 0.02 14.83
CA GLU D 35 17.04 1.16 15.63
C GLU D 35 17.45 2.32 14.72
N VAL D 36 16.75 3.45 14.89
CA VAL D 36 17.02 4.69 14.17
C VAL D 36 17.22 5.80 15.20
N THR D 37 17.78 6.93 14.74
CA THR D 37 18.23 8.02 15.59
C THR D 37 17.07 8.62 16.36
N ASN D 38 16.16 9.25 15.61
CA ASN D 38 15.11 10.09 16.18
C ASN D 38 13.76 9.57 15.72
N ALA D 39 12.93 9.21 16.71
CA ALA D 39 11.58 8.73 16.49
C ALA D 39 10.59 9.84 16.82
N THR D 40 9.32 9.61 16.44
CA THR D 40 8.20 10.48 16.82
C THR D 40 6.98 9.63 17.10
N GLU D 41 5.81 10.29 17.19
CA GLU D 41 4.55 9.62 17.44
C GLU D 41 3.56 9.97 16.34
N LEU D 42 2.70 8.99 15.99
CA LEU D 42 1.65 9.19 15.01
C LEU D 42 0.27 9.01 15.65
N VAL D 43 0.25 8.62 16.93
CA VAL D 43 -0.99 8.34 17.63
C VAL D 43 -1.05 9.16 18.93
N GLN D 44 -1.96 10.14 18.96
CA GLN D 44 -2.26 10.89 20.17
C GLN D 44 -3.21 10.07 21.05
N ASN D 45 -2.67 9.59 22.18
CA ASN D 45 -3.39 8.66 23.04
C ASN D 45 -3.91 9.37 24.29
N SER D 46 -3.62 10.68 24.39
CA SER D 46 -3.86 11.44 25.60
C SER D 46 -4.81 12.61 25.34
N SER D 47 -5.65 12.90 26.35
CA SER D 47 -6.58 14.01 26.32
C SER D 47 -6.20 15.04 27.41
N ILE D 48 -6.65 16.28 27.20
CA ILE D 48 -6.63 17.32 28.22
C ILE D 48 -7.53 16.88 29.38
N GLY D 49 -8.71 16.36 29.02
CA GLY D 49 -9.65 15.79 29.97
C GLY D 49 -10.87 16.69 30.17
N GLU D 50 -11.15 17.57 29.19
CA GLU D 50 -12.35 18.40 29.20
C GLU D 50 -12.70 18.90 27.80
N ILE D 51 -13.99 19.16 27.62
CA ILE D 51 -14.56 19.73 26.41
C ILE D 51 -14.20 21.21 26.40
N CYS D 52 -13.39 21.61 25.42
CA CYS D 52 -12.83 22.94 25.44
C CYS D 52 -13.44 23.81 24.35
N ASP D 53 -13.74 25.06 24.73
CA ASP D 53 -14.72 25.92 24.09
C ASP D 53 -14.35 26.31 22.65
N SER D 54 -13.16 26.89 22.43
CA SER D 54 -12.84 27.45 21.13
C SER D 54 -12.36 26.37 20.15
N PRO D 55 -12.72 26.46 18.85
CA PRO D 55 -13.60 27.50 18.32
C PRO D 55 -15.09 27.17 18.21
N HIS D 56 -15.44 25.89 18.37
CA HIS D 56 -16.80 25.40 18.17
C HIS D 56 -17.68 25.81 19.36
N GLN D 57 -18.92 26.22 19.08
CA GLN D 57 -19.89 26.56 20.12
C GLN D 57 -20.33 25.28 20.81
N ILE D 58 -20.30 25.30 22.15
CA ILE D 58 -20.66 24.16 22.97
C ILE D 58 -21.91 24.54 23.78
N LEU D 59 -22.61 23.51 24.28
CA LEU D 59 -23.78 23.70 25.12
C LEU D 59 -23.96 22.45 25.97
N ASP D 60 -24.01 22.57 27.30
CA ASP D 60 -24.05 21.38 28.14
C ASP D 60 -25.42 21.23 28.80
N GLY D 61 -26.02 20.04 28.64
CA GLY D 61 -27.29 19.73 29.27
C GLY D 61 -27.20 19.78 30.80
N GLU D 62 -26.14 19.18 31.32
CA GLU D 62 -25.99 19.00 32.75
C GLU D 62 -27.15 18.09 33.20
N ASN D 63 -28.38 18.65 33.26
CA ASN D 63 -29.52 17.89 33.74
C ASN D 63 -30.48 17.49 32.62
N CYS D 64 -30.14 17.75 31.34
CA CYS D 64 -31.21 17.52 30.36
C CYS D 64 -30.89 16.67 29.13
N THR D 65 -31.91 15.91 28.69
CA THR D 65 -31.76 15.14 27.46
C THR D 65 -32.15 16.07 26.32
N LEU D 66 -31.64 15.83 25.11
CA LEU D 66 -31.94 16.73 24.01
C LEU D 66 -33.43 16.72 23.75
N ILE D 67 -34.04 15.53 23.89
CA ILE D 67 -35.48 15.37 23.79
C ILE D 67 -36.15 16.12 24.94
N ASP D 68 -35.59 15.99 26.15
CA ASP D 68 -36.08 16.67 27.34
C ASP D 68 -35.97 18.19 27.17
N ALA D 69 -34.88 18.63 26.53
CA ALA D 69 -34.63 20.04 26.26
C ALA D 69 -35.57 20.54 25.16
N LEU D 70 -35.82 19.68 24.16
CA LEU D 70 -36.67 20.01 23.02
C LEU D 70 -38.11 20.21 23.48
N LEU D 71 -38.63 19.23 24.23
CA LEU D 71 -39.99 19.27 24.75
C LEU D 71 -40.07 20.30 25.88
N GLY D 72 -38.94 20.58 26.52
CA GLY D 72 -38.85 21.67 27.48
C GLY D 72 -39.38 21.24 28.85
N ASP D 73 -38.49 20.62 29.63
CA ASP D 73 -38.71 20.39 31.05
C ASP D 73 -38.60 21.74 31.76
N PRO D 74 -39.37 21.99 32.86
CA PRO D 74 -39.23 23.22 33.63
C PRO D 74 -37.80 23.44 34.15
N GLN D 75 -37.08 22.34 34.38
CA GLN D 75 -35.73 22.40 34.90
C GLN D 75 -34.71 22.51 33.77
N CYS D 76 -35.14 22.94 32.58
CA CYS D 76 -34.22 23.04 31.47
C CYS D 76 -34.68 24.22 30.64
N ASP D 77 -35.30 25.16 31.36
CA ASP D 77 -35.98 26.30 30.80
C ASP D 77 -34.97 27.29 30.23
N GLY D 78 -33.73 27.23 30.70
CA GLY D 78 -32.69 28.14 30.27
C GLY D 78 -32.24 27.90 28.82
N PHE D 79 -32.75 26.82 28.20
CA PHE D 79 -32.21 26.33 26.95
C PHE D 79 -33.02 26.76 25.72
N GLN D 80 -34.06 27.56 25.95
CA GLN D 80 -34.94 27.99 24.87
C GLN D 80 -34.17 28.91 23.92
N ASN D 81 -34.35 28.62 22.62
CA ASN D 81 -33.86 29.45 21.52
C ASN D 81 -32.33 29.38 21.41
N LYS D 82 -31.71 28.42 22.11
CA LYS D 82 -30.27 28.30 22.13
C LYS D 82 -29.83 27.51 20.90
N LYS D 83 -28.79 28.03 20.23
CA LYS D 83 -28.17 27.40 19.08
C LYS D 83 -26.81 26.86 19.51
N TRP D 84 -26.29 25.87 18.75
CA TRP D 84 -25.04 25.23 19.09
C TRP D 84 -24.36 24.63 17.85
N ASP D 85 -23.08 24.28 18.00
CA ASP D 85 -22.34 23.45 17.05
C ASP D 85 -22.48 21.99 17.46
N LEU D 86 -22.18 21.69 18.73
CA LEU D 86 -22.24 20.35 19.27
C LEU D 86 -22.89 20.38 20.67
N PHE D 87 -24.04 19.71 20.78
CA PHE D 87 -24.73 19.51 22.03
C PHE D 87 -24.15 18.28 22.72
N VAL D 88 -24.00 18.37 24.04
CA VAL D 88 -23.52 17.26 24.85
C VAL D 88 -24.57 16.89 25.90
N GLU D 89 -24.63 15.59 26.23
CA GLU D 89 -25.52 15.06 27.24
C GLU D 89 -24.70 14.51 28.39
N ARG D 90 -25.22 14.67 29.61
CA ARG D 90 -24.67 14.06 30.81
C ARG D 90 -25.42 12.77 31.09
N SER D 91 -24.68 11.76 31.57
CA SER D 91 -25.24 10.44 31.85
C SER D 91 -26.01 10.45 33.17
N LYS D 92 -26.10 11.64 33.79
CA LYS D 92 -26.79 11.85 35.05
C LYS D 92 -28.13 12.53 34.80
N ALA D 93 -28.46 12.76 33.52
CA ALA D 93 -29.70 13.40 33.11
C ALA D 93 -30.84 12.39 33.08
N TYR D 94 -32.08 12.91 33.16
CA TYR D 94 -33.27 12.11 33.38
C TYR D 94 -34.52 12.96 33.16
N SER D 95 -35.64 12.29 32.86
CA SER D 95 -36.96 12.89 32.87
C SER D 95 -37.45 12.98 34.32
N ASN D 96 -37.87 14.18 34.72
CA ASN D 96 -38.24 14.45 36.11
C ASN D 96 -39.43 15.39 36.18
N CYS D 97 -40.27 15.33 35.15
CA CYS D 97 -41.45 16.16 35.11
C CYS D 97 -42.67 15.35 34.64
N PHE D 98 -42.52 14.71 33.47
CA PHE D 98 -43.55 13.82 32.94
C PHE D 98 -42.93 12.76 32.03
N PRO D 99 -43.29 11.46 32.22
CA PRO D 99 -42.76 10.38 31.39
C PRO D 99 -43.30 10.41 29.96
N TYR D 100 -42.50 9.83 29.04
CA TYR D 100 -42.83 9.79 27.63
C TYR D 100 -42.02 8.68 26.96
N ASP D 101 -42.56 8.17 25.85
CA ASP D 101 -41.87 7.20 25.02
C ASP D 101 -41.88 7.71 23.58
N VAL D 102 -40.71 7.65 22.94
CA VAL D 102 -40.59 8.05 21.55
C VAL D 102 -40.39 6.80 20.71
N PRO D 103 -41.44 6.32 19.99
CA PRO D 103 -41.27 5.28 18.97
C PRO D 103 -40.31 5.78 17.90
N ASP D 104 -39.22 5.03 17.71
CA ASP D 104 -38.06 5.44 16.93
C ASP D 104 -37.44 6.69 17.58
N TYR D 105 -37.11 6.54 18.87
CA TYR D 105 -36.52 7.58 19.69
C TYR D 105 -35.21 8.05 19.08
N ALA D 106 -34.35 7.07 18.75
CA ALA D 106 -32.99 7.29 18.28
C ALA D 106 -32.97 8.18 17.04
N SER D 107 -34.02 8.06 16.21
CA SER D 107 -34.11 8.81 14.96
C SER D 107 -34.42 10.28 15.22
N LEU D 108 -35.50 10.56 15.96
CA LEU D 108 -35.92 11.93 16.25
C LEU D 108 -34.78 12.69 16.91
N ARG D 109 -34.19 12.07 17.95
CA ARG D 109 -33.07 12.62 18.70
C ARG D 109 -31.98 13.06 17.72
N SER D 110 -31.61 12.14 16.82
CA SER D 110 -30.53 12.33 15.85
C SER D 110 -30.85 13.50 14.91
N LEU D 111 -32.14 13.66 14.57
CA LEU D 111 -32.58 14.66 13.61
C LEU D 111 -32.52 16.06 14.23
N VAL D 112 -33.02 16.19 15.46
CA VAL D 112 -32.99 17.45 16.20
C VAL D 112 -31.53 17.82 16.47
N ALA D 113 -30.73 16.81 16.80
CA ALA D 113 -29.28 16.94 16.98
C ALA D 113 -28.65 17.47 15.71
N SER D 114 -29.16 17.03 14.55
CA SER D 114 -28.61 17.38 13.25
C SER D 114 -29.01 18.80 12.85
N SER D 115 -30.07 19.34 13.48
CA SER D 115 -30.54 20.69 13.20
C SER D 115 -29.58 21.72 13.79
N GLY D 116 -29.31 21.60 15.10
CA GLY D 116 -28.35 22.46 15.80
C GLY D 116 -29.00 23.73 16.33
N THR D 117 -30.33 23.80 16.21
CA THR D 117 -31.11 24.94 16.65
C THR D 117 -32.33 24.45 17.43
N LEU D 118 -32.81 25.30 18.34
CA LEU D 118 -34.02 25.05 19.10
C LEU D 118 -34.91 26.30 19.08
N GLU D 119 -34.83 27.07 17.99
CA GLU D 119 -35.68 28.23 17.78
C GLU D 119 -37.11 27.77 17.55
N PHE D 120 -38.03 28.38 18.29
CA PHE D 120 -39.44 28.01 18.29
C PHE D 120 -40.28 29.27 18.08
N ASN D 121 -41.37 29.11 17.32
CA ASN D 121 -42.34 30.19 17.12
C ASN D 121 -43.73 29.70 17.52
N ASN D 122 -44.47 30.60 18.18
CA ASN D 122 -45.84 30.36 18.60
C ASN D 122 -46.76 30.42 17.37
N GLU D 123 -47.94 29.81 17.52
CA GLU D 123 -49.01 29.91 16.55
C GLU D 123 -50.35 29.73 17.27
N SER D 124 -51.29 30.63 16.96
CA SER D 124 -52.65 30.58 17.48
C SER D 124 -53.51 29.70 16.58
N PHE D 125 -53.57 28.41 16.91
CA PHE D 125 -54.52 27.49 16.28
C PHE D 125 -55.92 27.82 16.78
N ASN D 126 -56.92 27.49 15.95
CA ASN D 126 -58.32 27.68 16.32
C ASN D 126 -58.75 26.51 17.22
N TRP D 127 -58.01 26.32 18.33
CA TRP D 127 -58.41 25.44 19.40
C TRP D 127 -59.64 26.03 20.08
N THR D 128 -60.79 25.36 19.90
CA THR D 128 -62.09 25.91 20.26
C THR D 128 -62.91 24.86 21.00
N GLY D 129 -63.71 25.33 21.97
CA GLY D 129 -64.60 24.48 22.76
C GLY D 129 -63.83 23.51 23.65
N VAL D 130 -62.51 23.71 23.72
CA VAL D 130 -61.59 22.87 24.45
C VAL D 130 -61.29 23.54 25.79
N THR D 131 -61.17 22.73 26.84
CA THR D 131 -60.44 23.15 28.03
C THR D 131 -58.97 22.86 27.80
N GLN D 132 -58.23 23.90 27.39
CA GLN D 132 -56.80 23.79 27.19
C GLN D 132 -56.08 24.26 28.46
N ASN D 133 -54.75 24.40 28.36
CA ASN D 133 -53.86 24.77 29.46
C ASN D 133 -54.05 23.80 30.62
N GLY D 134 -54.22 22.51 30.30
CA GLY D 134 -54.42 21.45 31.28
C GLY D 134 -53.18 21.27 32.15
N THR D 135 -53.42 20.94 33.43
CA THR D 135 -52.37 20.93 34.44
C THR D 135 -52.19 19.53 35.01
N SER D 136 -51.02 19.29 35.61
CA SER D 136 -50.71 18.09 36.37
C SER D 136 -49.64 18.38 37.42
N SER D 137 -49.88 17.89 38.65
CA SER D 137 -48.97 18.03 39.77
C SER D 137 -47.72 17.18 39.56
N ALA D 138 -47.78 16.28 38.58
CA ALA D 138 -46.66 15.48 38.11
C ALA D 138 -45.48 16.39 37.75
N CYS D 139 -45.74 17.38 36.87
CA CYS D 139 -44.76 18.36 36.43
C CYS D 139 -44.85 19.58 37.33
N ILE D 140 -43.74 19.91 37.99
CA ILE D 140 -43.69 21.02 38.92
C ILE D 140 -42.92 22.17 38.31
N ARG D 141 -43.58 23.34 38.29
CA ARG D 141 -43.01 24.58 37.78
C ARG D 141 -43.47 25.69 38.73
N ARG D 142 -42.49 26.37 39.35
CA ARG D 142 -42.72 27.48 40.26
C ARG D 142 -43.59 27.03 41.43
N SER D 143 -43.34 25.80 41.90
CA SER D 143 -44.11 25.10 42.93
C SER D 143 -45.59 24.99 42.54
N ASN D 144 -45.85 24.70 41.26
CA ASN D 144 -47.20 24.61 40.74
C ASN D 144 -47.35 23.38 39.84
N ASN D 145 -48.59 22.88 39.76
CA ASN D 145 -49.03 21.93 38.75
C ASN D 145 -48.80 22.52 37.38
N SER D 146 -48.14 21.75 36.50
CA SER D 146 -47.71 22.24 35.20
C SER D 146 -47.69 21.13 34.17
N PHE D 147 -47.24 21.48 32.97
CA PHE D 147 -46.99 20.54 31.89
C PHE D 147 -45.72 20.97 31.14
N PHE D 148 -45.48 20.34 29.97
CA PHE D 148 -44.32 20.64 29.14
C PHE D 148 -44.41 22.05 28.57
N SER D 149 -43.24 22.63 28.26
CA SER D 149 -43.12 24.01 27.85
C SER D 149 -43.69 24.22 26.45
N ARG D 150 -43.21 23.41 25.50
CA ARG D 150 -43.41 23.66 24.07
C ARG D 150 -44.75 23.09 23.59
N LEU D 151 -45.38 22.30 24.46
CA LEU D 151 -46.50 21.46 24.10
C LEU D 151 -47.76 22.00 24.77
N ASN D 152 -48.92 21.47 24.35
CA ASN D 152 -50.20 21.83 24.95
C ASN D 152 -51.03 20.58 25.15
N TRP D 153 -51.53 20.44 26.38
CA TRP D 153 -52.44 19.37 26.76
C TRP D 153 -53.87 19.87 26.62
N LEU D 154 -54.74 19.02 26.07
CA LEU D 154 -56.12 19.38 25.78
C LEU D 154 -57.06 18.50 26.59
N THR D 155 -58.04 19.15 27.23
CA THR D 155 -59.08 18.50 28.02
C THR D 155 -60.44 18.98 27.53
N GLN D 156 -61.50 18.24 27.90
CA GLN D 156 -62.85 18.55 27.46
C GLN D 156 -63.38 19.75 28.23
N LEU D 157 -64.28 20.51 27.59
CA LEU D 157 -65.03 21.55 28.29
C LEU D 157 -66.48 21.12 28.45
N ASN D 158 -66.95 21.13 29.69
CA ASN D 158 -68.35 21.01 30.05
C ASN D 158 -68.90 19.67 29.57
N PHE D 159 -68.22 18.59 29.96
CA PHE D 159 -68.60 17.20 29.73
C PHE D 159 -68.74 16.91 28.23
N LYS D 160 -68.15 17.80 27.42
CA LYS D 160 -68.32 17.79 25.97
C LYS D 160 -66.98 18.04 25.28
N TYR D 161 -66.85 17.49 24.07
CA TYR D 161 -65.63 17.60 23.29
C TYR D 161 -65.99 17.58 21.81
N PRO D 162 -65.99 18.76 21.13
CA PRO D 162 -66.00 18.79 19.67
C PRO D 162 -64.66 18.28 19.13
N ALA D 163 -64.75 17.47 18.07
CA ALA D 163 -63.58 16.98 17.37
C ALA D 163 -62.85 18.14 16.69
N LEU D 164 -61.52 18.05 16.64
CA LEU D 164 -60.69 19.20 16.33
C LEU D 164 -60.12 19.11 14.93
N ASN D 165 -60.78 19.84 14.02
CA ASN D 165 -60.49 19.85 12.60
C ASN D 165 -59.79 21.17 12.28
N VAL D 166 -58.45 21.12 12.26
CA VAL D 166 -57.59 22.30 12.25
C VAL D 166 -56.47 22.12 11.23
N THR D 167 -56.02 23.25 10.66
CA THR D 167 -54.99 23.30 9.64
C THR D 167 -53.89 24.29 10.02
N MET D 168 -52.77 24.20 9.29
CA MET D 168 -51.75 25.23 9.28
C MET D 168 -51.08 25.24 7.90
N PRO D 169 -51.12 26.37 7.15
CA PRO D 169 -50.33 26.52 5.94
C PRO D 169 -48.87 26.81 6.26
N ASN D 170 -47.99 26.58 5.27
CA ASN D 170 -46.59 26.94 5.35
C ASN D 170 -46.21 27.68 4.06
N ASN D 171 -46.49 28.99 4.04
CA ASN D 171 -46.34 29.82 2.86
C ASN D 171 -44.91 30.38 2.78
N GLU D 172 -44.05 29.93 3.70
CA GLU D 172 -42.72 30.47 3.90
C GLU D 172 -41.68 29.61 3.20
N GLN D 173 -40.42 30.03 3.25
CA GLN D 173 -39.35 29.45 2.44
C GLN D 173 -38.44 28.57 3.30
N PHE D 174 -39.03 27.93 4.32
CA PHE D 174 -38.31 27.05 5.24
C PHE D 174 -39.27 26.02 5.82
N ASP D 175 -38.74 24.81 6.06
CA ASP D 175 -39.50 23.68 6.56
C ASP D 175 -39.83 23.88 8.04
N LYS D 176 -41.02 23.39 8.42
CA LYS D 176 -41.50 23.48 9.79
C LYS D 176 -41.47 22.08 10.40
N LEU D 177 -40.74 21.94 11.51
CA LEU D 177 -40.67 20.69 12.26
C LEU D 177 -41.64 20.78 13.44
N TYR D 178 -42.72 20.00 13.33
CA TYR D 178 -43.79 19.98 14.33
C TYR D 178 -43.59 18.81 15.28
N ILE D 179 -43.88 19.05 16.57
CA ILE D 179 -43.81 18.04 17.61
C ILE D 179 -45.15 18.00 18.33
N TRP D 180 -45.73 16.80 18.41
CA TRP D 180 -46.95 16.56 19.17
C TRP D 180 -46.82 15.20 19.86
N GLY D 181 -47.84 14.87 20.66
CA GLY D 181 -47.89 13.59 21.36
C GLY D 181 -49.32 13.08 21.51
N VAL D 182 -49.42 11.86 22.07
CA VAL D 182 -50.68 11.24 22.42
C VAL D 182 -50.62 10.83 23.88
N HIS D 183 -51.67 11.17 24.64
CA HIS D 183 -51.82 10.70 26.00
C HIS D 183 -52.28 9.25 26.00
N HIS D 184 -51.89 8.52 27.03
CA HIS D 184 -52.37 7.16 27.26
C HIS D 184 -53.17 7.10 28.55
N PRO D 185 -54.50 7.36 28.50
CA PRO D 185 -55.35 7.29 29.69
C PRO D 185 -55.37 5.88 30.27
N VAL D 186 -55.50 5.80 31.60
CA VAL D 186 -55.25 4.55 32.30
C VAL D 186 -56.52 3.70 32.36
N THR D 187 -57.65 4.32 32.73
CA THR D 187 -58.91 3.61 32.91
C THR D 187 -59.99 4.23 32.02
N ASP D 188 -61.08 3.48 31.83
CA ASP D 188 -62.29 3.95 31.15
C ASP D 188 -62.84 5.16 31.91
N LYS D 189 -62.70 5.12 33.25
CA LYS D 189 -63.10 6.19 34.15
C LYS D 189 -62.17 7.39 33.98
N ASP D 190 -60.89 7.12 33.72
CA ASP D 190 -59.89 8.16 33.44
C ASP D 190 -60.15 8.77 32.07
N GLN D 191 -60.61 7.92 31.13
CA GLN D 191 -60.83 8.29 29.74
C GLN D 191 -61.96 9.32 29.64
N ILE D 192 -63.09 9.02 30.27
CA ILE D 192 -64.28 9.88 30.24
C ILE D 192 -63.98 11.18 30.98
N PHE D 193 -63.09 11.12 31.98
CA PHE D 193 -62.73 12.31 32.74
C PHE D 193 -61.89 13.27 31.90
N LEU D 194 -60.99 12.72 31.08
CA LEU D 194 -60.08 13.56 30.30
C LEU D 194 -60.75 14.05 29.02
N TYR D 195 -61.37 13.13 28.26
CA TYR D 195 -61.72 13.40 26.87
C TYR D 195 -63.20 13.20 26.58
N ALA D 196 -63.95 12.70 27.57
CA ALA D 196 -65.41 12.61 27.58
C ALA D 196 -65.96 11.76 26.44
N GLN D 197 -65.07 11.09 25.70
CA GLN D 197 -65.45 10.11 24.69
C GLN D 197 -64.43 8.97 24.71
N SER D 198 -64.94 7.75 24.83
CA SER D 198 -64.17 6.53 25.08
C SER D 198 -63.18 6.25 23.95
N SER D 199 -63.67 6.36 22.71
CA SER D 199 -62.87 6.07 21.53
C SER D 199 -61.94 7.25 21.23
N GLY D 200 -60.64 7.02 21.40
CA GLY D 200 -59.61 7.96 21.00
C GLY D 200 -59.06 7.61 19.61
N ARG D 201 -58.72 8.64 18.84
CA ARG D 201 -58.19 8.51 17.48
C ARG D 201 -57.57 9.84 17.05
N ILE D 202 -56.37 9.73 16.48
CA ILE D 202 -55.61 10.88 15.98
C ILE D 202 -55.26 10.62 14.51
N THR D 203 -55.40 11.65 13.68
CA THR D 203 -54.92 11.66 12.31
C THR D 203 -54.20 12.97 12.03
N VAL D 204 -52.95 12.85 11.54
CA VAL D 204 -52.20 13.96 10.99
C VAL D 204 -51.78 13.58 9.57
N SER D 205 -51.55 14.60 8.72
CA SER D 205 -51.17 14.35 7.34
C SER D 205 -50.44 15.53 6.72
N THR D 206 -49.74 15.24 5.62
CA THR D 206 -49.21 16.22 4.68
C THR D 206 -49.83 15.91 3.32
N LYS D 207 -49.29 16.53 2.26
CA LYS D 207 -49.67 16.21 0.89
C LYS D 207 -48.81 15.05 0.39
N ARG D 208 -47.77 14.71 1.16
CA ARG D 208 -46.69 13.86 0.68
C ARG D 208 -46.50 12.66 1.61
N SER D 209 -47.13 12.71 2.80
CA SER D 209 -47.09 11.65 3.81
C SER D 209 -48.23 11.84 4.80
N GLN D 210 -48.54 10.78 5.56
CA GLN D 210 -49.57 10.82 6.60
C GLN D 210 -49.21 9.87 7.73
N GLN D 211 -49.75 10.17 8.93
CA GLN D 211 -49.57 9.36 10.13
C GLN D 211 -50.84 9.40 10.96
N ALA D 212 -51.20 8.24 11.54
CA ALA D 212 -52.32 8.12 12.44
C ALA D 212 -52.01 7.08 13.52
N VAL D 213 -52.42 7.36 14.76
CA VAL D 213 -52.19 6.47 15.88
C VAL D 213 -53.45 6.40 16.75
N ILE D 214 -53.78 5.19 17.19
CA ILE D 214 -54.82 4.91 18.15
C ILE D 214 -54.20 4.86 19.55
N PRO D 215 -54.76 5.56 20.56
CA PRO D 215 -54.34 5.42 21.95
C PRO D 215 -54.74 4.06 22.52
N ASN D 216 -53.81 3.43 23.24
CA ASN D 216 -54.05 2.14 23.88
C ASN D 216 -54.18 2.35 25.39
N ILE D 217 -55.45 2.48 25.81
CA ILE D 217 -55.82 2.57 27.21
C ILE D 217 -55.19 1.40 27.97
N GLY D 218 -54.35 1.74 28.95
CA GLY D 218 -53.51 0.74 29.60
C GLY D 218 -53.06 1.17 31.01
N TYR D 219 -53.05 0.19 31.90
CA TYR D 219 -52.55 0.32 33.26
C TYR D 219 -51.05 0.04 33.24
N ARG D 220 -50.26 1.10 33.48
CA ARG D 220 -48.81 1.05 33.28
C ARG D 220 -48.08 1.22 34.62
N PRO D 221 -46.78 0.85 34.72
CA PRO D 221 -46.05 1.02 35.98
C PRO D 221 -45.69 2.48 36.18
N ARG D 222 -45.97 2.98 37.39
CA ARG D 222 -45.95 4.41 37.63
C ARG D 222 -44.56 4.91 38.01
N ILE D 223 -43.87 5.43 36.99
CA ILE D 223 -42.69 6.25 37.20
C ILE D 223 -43.16 7.60 37.72
N ARG D 224 -42.65 7.97 38.90
CA ARG D 224 -42.90 9.25 39.53
C ARG D 224 -44.40 9.38 39.88
N ASN D 225 -45.03 8.25 40.20
CA ASN D 225 -46.41 8.14 40.66
C ASN D 225 -47.39 8.56 39.54
N ILE D 226 -47.01 8.28 38.29
CA ILE D 226 -47.85 8.60 37.14
C ILE D 226 -48.18 7.32 36.36
N PRO D 227 -49.47 6.92 36.32
CA PRO D 227 -49.87 5.67 35.68
C PRO D 227 -49.89 5.72 34.15
N SER D 228 -49.56 6.89 33.61
CA SER D 228 -49.69 7.17 32.19
C SER D 228 -48.33 7.50 31.55
N ARG D 229 -48.32 7.54 30.21
CA ARG D 229 -47.18 7.94 29.40
C ARG D 229 -47.64 8.93 28.34
N ILE D 230 -46.69 9.43 27.55
CA ILE D 230 -46.95 10.25 26.37
C ILE D 230 -46.14 9.69 25.20
N SER D 231 -46.83 9.35 24.11
CA SER D 231 -46.17 8.92 22.88
C SER D 231 -45.88 10.13 22.00
N ILE D 232 -44.62 10.23 21.54
CA ILE D 232 -44.12 11.39 20.83
C ILE D 232 -43.76 10.98 19.40
N TYR D 233 -44.35 11.69 18.42
CA TYR D 233 -43.97 11.59 17.03
C TYR D 233 -43.63 12.98 16.50
N TRP D 234 -43.10 13.02 15.28
CA TRP D 234 -42.61 14.24 14.65
C TRP D 234 -42.98 14.21 13.17
N THR D 235 -43.66 15.29 12.73
CA THR D 235 -44.07 15.44 11.34
C THR D 235 -43.33 16.64 10.74
N ILE D 236 -42.50 16.33 9.73
CA ILE D 236 -41.87 17.34 8.89
C ILE D 236 -42.91 17.82 7.89
N VAL D 237 -42.87 19.12 7.59
CA VAL D 237 -43.71 19.72 6.55
C VAL D 237 -42.79 20.48 5.58
N LYS D 238 -43.01 20.23 4.28
CA LYS D 238 -42.37 20.99 3.22
C LYS D 238 -43.21 22.24 2.92
N PRO D 239 -42.67 23.28 2.25
CA PRO D 239 -43.44 24.48 1.93
C PRO D 239 -44.48 24.17 0.85
N GLY D 240 -45.61 24.90 0.90
CA GLY D 240 -46.72 24.70 -0.01
C GLY D 240 -47.60 23.52 0.40
N ASP D 241 -47.32 22.97 1.59
CA ASP D 241 -48.10 21.89 2.18
C ASP D 241 -48.91 22.45 3.34
N ILE D 242 -50.02 21.77 3.64
CA ILE D 242 -50.88 22.13 4.77
C ILE D 242 -50.88 20.99 5.77
N LEU D 243 -50.13 21.16 6.86
CA LEU D 243 -50.24 20.27 8.01
C LEU D 243 -51.64 20.43 8.58
N LEU D 244 -52.42 19.35 8.47
CA LEU D 244 -53.72 19.33 9.11
C LEU D 244 -53.77 18.26 10.18
N ILE D 245 -54.58 18.51 11.21
CA ILE D 245 -54.76 17.58 12.32
C ILE D 245 -56.25 17.34 12.51
N ASN D 246 -56.64 16.06 12.48
CA ASN D 246 -57.94 15.64 12.94
C ASN D 246 -57.77 14.75 14.16
N SER D 247 -58.63 14.93 15.16
CA SER D 247 -58.50 14.29 16.45
C SER D 247 -59.86 14.08 17.10
N THR D 248 -59.89 13.17 18.09
CA THR D 248 -61.06 12.93 18.93
C THR D 248 -60.72 13.27 20.39
N GLY D 249 -59.48 13.72 20.60
CA GLY D 249 -58.93 13.93 21.93
C GLY D 249 -57.54 13.31 22.04
N ASN D 250 -57.06 13.16 23.28
CA ASN D 250 -55.82 12.48 23.62
C ASN D 250 -54.62 13.17 22.98
N LEU D 251 -54.88 14.26 22.24
CA LEU D 251 -53.85 14.93 21.46
C LEU D 251 -53.08 15.91 22.36
N ILE D 252 -51.75 15.78 22.31
CA ILE D 252 -50.87 16.86 22.74
C ILE D 252 -50.73 17.81 21.56
N ALA D 253 -51.29 19.01 21.71
CA ALA D 253 -51.21 20.05 20.69
C ALA D 253 -49.82 20.67 20.69
N PRO D 254 -49.16 20.77 19.51
CA PRO D 254 -47.98 21.63 19.38
C PRO D 254 -48.40 23.09 19.55
N ARG D 255 -47.64 23.84 20.35
CA ARG D 255 -47.90 25.24 20.58
C ARG D 255 -47.23 26.10 19.51
N GLY D 256 -46.81 25.42 18.43
CA GLY D 256 -46.12 26.05 17.31
C GLY D 256 -45.32 25.00 16.54
N TYR D 257 -44.02 25.30 16.36
CA TYR D 257 -43.13 24.48 15.57
C TYR D 257 -41.68 24.86 15.87
N PHE D 258 -40.78 23.90 15.67
CA PHE D 258 -39.35 24.19 15.69
C PHE D 258 -38.89 24.38 14.24
N LYS D 259 -38.32 25.57 13.99
CA LYS D 259 -37.65 25.87 12.74
C LYS D 259 -36.46 24.93 12.60
N ILE D 260 -36.38 24.25 11.45
CA ILE D 260 -35.32 23.30 11.18
C ILE D 260 -34.31 23.93 10.22
N ARG D 261 -33.03 23.87 10.62
CA ARG D 261 -31.91 24.20 9.75
C ARG D 261 -31.13 22.91 9.49
N SER D 262 -30.13 23.01 8.61
CA SER D 262 -29.26 21.89 8.29
C SER D 262 -27.81 22.38 8.19
N GLY D 263 -26.89 21.60 8.77
CA GLY D 263 -25.48 21.94 8.78
C GLY D 263 -24.65 20.85 9.45
N LYS D 264 -23.79 21.28 10.38
CA LYS D 264 -22.76 20.43 10.98
C LYS D 264 -23.16 19.99 12.39
N SER D 265 -24.46 20.06 12.69
CA SER D 265 -24.94 19.84 14.03
C SER D 265 -25.05 18.35 14.35
N SER D 266 -24.85 18.03 15.64
CA SER D 266 -24.72 16.65 16.11
C SER D 266 -25.15 16.53 17.58
N ILE D 267 -24.86 15.35 18.16
CA ILE D 267 -24.96 15.08 19.58
C ILE D 267 -23.72 14.29 20.01
N MET D 268 -23.45 14.25 21.32
CA MET D 268 -22.38 13.46 21.89
C MET D 268 -22.65 13.22 23.38
N ARG D 269 -22.32 12.01 23.84
CA ARG D 269 -22.60 11.58 25.21
C ARG D 269 -21.28 11.44 25.95
N SER D 270 -21.12 12.24 27.02
CA SER D 270 -19.89 12.33 27.80
C SER D 270 -20.16 12.89 29.19
N ASP D 271 -19.16 12.78 30.07
CA ASP D 271 -19.22 13.32 31.42
C ASP D 271 -17.94 14.08 31.75
N ALA D 272 -17.40 14.81 30.76
CA ALA D 272 -16.27 15.70 30.96
C ALA D 272 -16.74 17.15 30.94
N PRO D 273 -16.31 18.00 31.91
CA PRO D 273 -16.82 19.37 32.05
C PRO D 273 -16.47 20.29 30.87
N ILE D 274 -17.15 21.46 30.83
CA ILE D 274 -16.90 22.48 29.83
C ILE D 274 -15.76 23.36 30.31
N GLY D 275 -14.82 23.64 29.41
CA GLY D 275 -13.64 24.44 29.72
C GLY D 275 -13.24 25.41 28.62
N LYS D 276 -12.15 26.14 28.87
CA LYS D 276 -11.67 27.20 28.00
C LYS D 276 -10.30 26.79 27.46
N CYS D 277 -10.25 26.53 26.14
CA CYS D 277 -9.05 26.16 25.40
C CYS D 277 -9.31 26.31 23.91
N ASN D 278 -8.22 26.27 23.11
CA ASN D 278 -8.36 26.27 21.66
C ASN D 278 -7.93 24.92 21.09
N SER D 279 -8.93 24.12 20.72
CA SER D 279 -8.77 22.84 20.04
C SER D 279 -10.12 22.41 19.46
N GLU D 280 -10.08 21.83 18.25
CA GLU D 280 -11.26 21.56 17.45
C GLU D 280 -11.86 20.21 17.83
N CYS D 281 -11.07 19.14 17.63
CA CYS D 281 -11.50 17.77 17.84
C CYS D 281 -11.91 17.56 19.30
N ILE D 282 -13.10 16.98 19.47
CA ILE D 282 -13.70 16.86 20.79
C ILE D 282 -14.31 15.47 20.97
N THR D 283 -13.84 14.78 22.01
CA THR D 283 -14.14 13.39 22.30
C THR D 283 -14.72 13.26 23.70
N PRO D 284 -15.44 12.17 24.05
CA PRO D 284 -15.86 11.90 25.43
C PRO D 284 -14.78 11.93 26.50
N ASN D 285 -13.55 11.54 26.13
CA ASN D 285 -12.41 11.63 27.02
C ASN D 285 -11.88 13.06 27.07
N GLY D 286 -12.21 13.85 26.05
CA GLY D 286 -11.94 15.28 26.07
C GLY D 286 -11.30 15.79 24.79
N SER D 287 -11.01 17.10 24.79
CA SER D 287 -10.35 17.80 23.68
C SER D 287 -8.90 17.34 23.57
N ILE D 288 -8.50 17.02 22.34
CA ILE D 288 -7.13 16.69 21.99
C ILE D 288 -6.71 17.57 20.82
N PRO D 289 -5.40 17.83 20.60
CA PRO D 289 -4.92 18.36 19.31
C PRO D 289 -5.25 17.43 18.15
N ASN D 290 -5.53 18.03 16.99
CA ASN D 290 -5.90 17.32 15.78
C ASN D 290 -4.70 17.23 14.84
N ASP D 291 -3.53 17.42 15.43
CA ASP D 291 -2.25 17.66 14.79
C ASP D 291 -1.75 16.37 14.13
N LYS D 292 -1.70 15.30 14.93
CA LYS D 292 -1.16 14.01 14.52
C LYS D 292 -2.25 13.22 13.80
N PRO D 293 -1.90 12.41 12.76
CA PRO D 293 -2.90 11.83 11.86
C PRO D 293 -3.79 10.76 12.47
N PHE D 294 -3.37 10.19 13.60
CA PHE D 294 -4.12 9.13 14.26
C PHE D 294 -4.21 9.35 15.77
N GLN D 295 -5.22 8.71 16.35
CA GLN D 295 -5.48 8.66 17.77
C GLN D 295 -6.14 7.32 18.09
N ASN D 296 -6.22 6.98 19.38
CA ASN D 296 -6.90 5.76 19.80
C ASN D 296 -7.73 6.03 21.06
N VAL D 297 -8.27 7.26 21.15
CA VAL D 297 -9.01 7.69 22.32
C VAL D 297 -10.45 7.16 22.27
N ASN D 298 -11.09 7.25 21.09
CA ASN D 298 -12.48 6.84 20.93
C ASN D 298 -12.89 6.78 19.47
N ARG D 299 -13.76 5.79 19.18
CA ARG D 299 -14.51 5.68 17.93
C ARG D 299 -15.28 6.96 17.66
N ILE D 300 -16.08 7.40 18.65
CA ILE D 300 -16.86 8.62 18.57
C ILE D 300 -15.89 9.79 18.50
N THR D 301 -16.14 10.68 17.52
CA THR D 301 -15.35 11.86 17.27
C THR D 301 -16.29 12.99 16.86
N TYR D 302 -15.73 14.21 16.73
CA TYR D 302 -16.44 15.35 16.14
C TYR D 302 -15.43 16.37 15.64
N GLY D 303 -15.71 16.91 14.44
CA GLY D 303 -14.85 17.89 13.81
C GLY D 303 -13.68 17.22 13.09
N ALA D 304 -12.57 17.97 12.98
CA ALA D 304 -11.39 17.52 12.27
C ALA D 304 -10.59 16.53 13.14
N CYS D 305 -11.27 15.45 13.54
CA CYS D 305 -10.70 14.43 14.40
C CYS D 305 -9.93 13.43 13.54
N PRO D 306 -8.62 13.23 13.82
CA PRO D 306 -7.82 12.20 13.18
C PRO D 306 -8.44 10.81 13.34
N ARG D 307 -8.28 9.97 12.30
CA ARG D 307 -8.95 8.69 12.15
C ARG D 307 -8.65 7.80 13.36
N TYR D 308 -9.69 7.13 13.86
CA TYR D 308 -9.59 6.24 14.99
C TYR D 308 -9.04 4.88 14.55
N VAL D 309 -8.15 4.32 15.38
CA VAL D 309 -7.55 3.01 15.15
C VAL D 309 -7.63 2.17 16.42
N LYS D 310 -7.06 0.96 16.37
CA LYS D 310 -7.11 0.01 17.47
C LYS D 310 -5.75 -0.09 18.15
N GLN D 311 -4.71 0.40 17.48
CA GLN D 311 -3.33 0.25 17.91
C GLN D 311 -3.04 1.14 19.11
N SER D 312 -2.01 0.73 19.89
CA SER D 312 -1.55 1.49 21.04
C SER D 312 -0.55 2.56 20.58
N THR D 313 0.39 2.15 19.72
CA THR D 313 1.50 3.00 19.29
C THR D 313 2.04 2.49 17.96
N LEU D 314 2.23 3.44 17.01
CA LEU D 314 2.77 3.16 15.70
C LEU D 314 3.84 4.20 15.38
N LYS D 315 5.07 3.92 15.82
CA LYS D 315 6.14 4.91 15.83
C LYS D 315 6.69 5.09 14.41
N LEU D 316 6.93 6.36 14.05
CA LEU D 316 7.40 6.76 12.74
C LEU D 316 8.82 7.30 12.87
N ALA D 317 9.71 6.78 12.01
CA ALA D 317 11.12 7.15 11.98
C ALA D 317 11.29 8.51 11.30
N THR D 318 12.26 9.28 11.79
CA THR D 318 12.55 10.60 11.24
C THR D 318 14.05 10.76 11.01
N GLY D 319 14.82 9.69 11.24
CA GLY D 319 16.27 9.70 11.07
C GLY D 319 16.79 8.41 10.45
N MET D 320 18.09 8.40 10.13
CA MET D 320 18.73 7.25 9.50
C MET D 320 19.01 6.17 10.54
N ARG D 321 19.50 5.02 10.06
CA ARG D 321 19.59 3.79 10.83
C ARG D 321 20.74 3.88 11.84
N ASN D 322 20.37 3.81 13.13
CA ASN D 322 21.28 3.99 14.25
C ASN D 322 22.14 2.74 14.42
N VAL D 323 23.47 2.90 14.33
CA VAL D 323 24.41 1.79 14.49
C VAL D 323 25.39 2.14 15.59
N PRO D 324 25.05 1.93 16.89
CA PRO D 324 25.94 2.32 17.98
C PRO D 324 27.22 1.47 17.87
N GLU D 325 28.39 2.10 17.97
CA GLU D 325 29.64 1.37 17.82
C GLU D 325 30.36 1.34 19.15
N LYS D 326 30.56 0.14 19.71
CA LYS D 326 31.26 0.05 20.98
C LYS D 326 32.52 -0.84 20.87
N GLN D 327 32.88 -1.27 19.67
CA GLN D 327 34.06 -2.11 19.46
C GLN D 327 35.30 -1.29 19.79
N THR D 328 36.29 -1.91 20.45
CA THR D 328 37.49 -1.18 20.86
C THR D 328 38.24 -0.74 19.61
N ARG D 329 38.64 0.53 19.57
CA ARG D 329 39.31 1.09 18.41
C ARG D 329 40.68 0.44 18.19
N GLY D 330 41.44 0.28 19.27
CA GLY D 330 42.77 -0.29 19.10
C GLY D 330 43.62 0.55 18.15
N ILE D 331 43.70 1.85 18.40
CA ILE D 331 44.48 2.79 17.62
C ILE D 331 44.13 2.67 16.13
N PHE D 332 42.83 2.54 15.79
CA PHE D 332 42.44 2.45 14.39
C PHE D 332 42.73 3.76 13.67
N GLY D 333 43.19 3.69 12.41
CA GLY D 333 43.42 4.88 11.61
C GLY D 333 42.12 5.65 11.38
N ALA D 334 42.14 6.98 11.57
CA ALA D 334 40.93 7.78 11.63
C ALA D 334 39.94 7.15 12.62
N ILE D 335 38.73 6.84 12.18
CA ILE D 335 37.81 6.09 13.02
C ILE D 335 37.41 4.80 12.33
N ALA D 336 37.90 4.61 11.09
CA ALA D 336 37.60 3.44 10.28
C ALA D 336 36.10 3.31 10.07
N GLY D 337 35.42 4.44 9.81
CA GLY D 337 33.97 4.45 9.75
C GLY D 337 33.43 3.91 8.42
N PHE D 338 32.29 3.21 8.46
CA PHE D 338 31.63 2.59 7.30
C PHE D 338 30.17 3.04 7.32
N ILE D 339 29.46 2.94 6.18
CA ILE D 339 28.01 3.14 6.15
C ILE D 339 27.34 2.08 7.03
N GLU D 340 27.85 0.84 7.00
CA GLU D 340 27.37 -0.21 7.87
C GLU D 340 27.71 0.14 9.33
N ASN D 341 28.95 0.61 9.57
CA ASN D 341 29.42 0.95 10.91
C ASN D 341 28.84 2.29 11.34
N GLY D 342 28.92 2.64 12.64
CA GLY D 342 28.35 3.90 13.12
C GLY D 342 29.41 4.89 13.59
N TRP D 343 29.04 6.18 13.70
CA TRP D 343 29.89 7.24 14.21
C TRP D 343 29.09 7.96 15.28
N GLU D 344 29.66 8.18 16.47
CA GLU D 344 28.95 8.90 17.51
C GLU D 344 29.47 10.34 17.59
N GLY D 345 30.64 10.56 17.05
CA GLY D 345 31.21 11.89 17.19
C GLY D 345 30.33 13.00 16.63
N MET D 346 29.74 12.80 15.45
CA MET D 346 29.20 13.94 14.74
C MET D 346 27.83 14.27 15.31
N VAL D 347 27.74 15.42 16.01
CA VAL D 347 26.47 15.89 16.57
C VAL D 347 25.93 17.05 15.73
N ASP D 348 26.72 17.55 14.76
CA ASP D 348 26.26 18.64 13.91
C ASP D 348 25.90 18.11 12.53
N GLY D 349 24.64 18.24 12.12
CA GLY D 349 24.21 17.72 10.83
C GLY D 349 23.89 16.23 10.91
N TRP D 350 23.76 15.57 9.75
CA TRP D 350 23.41 14.17 9.68
C TRP D 350 24.48 13.36 8.95
N TYR D 351 25.30 14.05 8.18
CA TYR D 351 26.38 13.42 7.43
C TYR D 351 27.62 14.29 7.54
N GLY D 352 28.78 13.63 7.54
CA GLY D 352 30.05 14.32 7.66
C GLY D 352 31.22 13.46 7.21
N PHE D 353 32.41 14.06 7.23
CA PHE D 353 33.62 13.38 6.77
C PHE D 353 34.67 13.40 7.87
N ARG D 354 35.26 12.23 8.12
CA ARG D 354 36.43 12.12 8.98
C ARG D 354 37.66 11.89 8.10
N HIS D 355 38.60 12.82 8.16
CA HIS D 355 39.86 12.67 7.47
C HIS D 355 40.90 12.16 8.45
N GLN D 356 41.98 11.59 7.89
CA GLN D 356 43.24 11.42 8.59
C GLN D 356 44.35 11.90 7.66
N ASN D 357 44.91 13.07 7.98
CA ASN D 357 45.96 13.67 7.16
C ASN D 357 47.30 13.55 7.88
N SER D 358 48.30 14.27 7.34
CA SER D 358 49.61 14.40 7.96
C SER D 358 49.53 15.31 9.18
N GLU D 359 48.68 16.35 9.09
CA GLU D 359 48.54 17.39 10.10
C GLU D 359 47.94 16.83 11.39
N GLY D 360 47.00 15.88 11.25
CA GLY D 360 46.33 15.28 12.39
C GLY D 360 45.04 14.58 11.99
N ARG D 361 44.06 14.60 12.91
CA ARG D 361 42.80 13.90 12.75
C ARG D 361 41.67 14.86 13.07
N GLY D 362 40.79 15.05 12.08
CA GLY D 362 39.72 16.02 12.17
C GLY D 362 38.45 15.58 11.46
N GLN D 363 37.38 16.34 11.68
CA GLN D 363 36.08 16.09 11.09
C GLN D 363 35.54 17.43 10.59
N ALA D 364 34.72 17.35 9.54
CA ALA D 364 33.93 18.48 9.08
C ALA D 364 32.58 18.00 8.59
N ALA D 365 31.53 18.75 8.96
CA ALA D 365 30.17 18.43 8.59
C ALA D 365 29.86 18.99 7.19
N ASP D 366 28.92 18.33 6.51
CA ASP D 366 28.32 18.84 5.29
C ASP D 366 27.01 19.53 5.66
N LEU D 367 26.55 20.43 4.78
CA LEU D 367 25.28 21.10 4.93
C LEU D 367 24.38 20.76 3.74
N LYS D 368 25.00 20.58 2.57
CA LYS D 368 24.32 20.46 1.29
C LYS D 368 23.42 19.23 1.26
N SER D 369 24.03 18.05 1.47
CA SER D 369 23.33 16.78 1.38
C SER D 369 22.36 16.60 2.54
N THR D 370 22.79 17.01 3.74
CA THR D 370 22.01 16.83 4.96
C THR D 370 20.77 17.73 4.94
N GLN D 371 20.88 18.90 4.29
CA GLN D 371 19.76 19.83 4.16
C GLN D 371 18.69 19.19 3.27
N ALA D 372 19.13 18.52 2.21
CA ALA D 372 18.24 17.82 1.30
C ALA D 372 17.61 16.61 1.98
N ALA D 373 18.39 15.99 2.89
CA ALA D 373 17.92 14.88 3.71
C ALA D 373 16.75 15.32 4.57
N ILE D 374 17.03 16.26 5.49
CA ILE D 374 16.04 16.77 6.45
C ILE D 374 14.83 17.33 5.71
N ASP D 375 15.07 18.01 4.57
CA ASP D 375 14.05 18.63 3.74
C ASP D 375 12.98 17.60 3.35
N GLN D 376 13.44 16.45 2.84
CA GLN D 376 12.56 15.40 2.33
C GLN D 376 11.81 14.73 3.48
N ILE D 377 12.43 14.72 4.68
CA ILE D 377 11.83 14.17 5.88
C ILE D 377 10.73 15.12 6.36
N ASN D 378 11.00 16.43 6.28
CA ASN D 378 10.10 17.48 6.77
C ASN D 378 8.82 17.51 5.95
N GLY D 379 8.95 17.28 4.64
CA GLY D 379 7.81 17.12 3.75
C GLY D 379 6.93 15.95 4.18
N LYS D 380 7.58 14.79 4.39
CA LYS D 380 6.95 13.54 4.79
C LYS D 380 6.17 13.72 6.10
N LEU D 381 6.71 14.56 6.99
CA LEU D 381 5.99 14.97 8.18
C LEU D 381 4.69 15.66 7.77
N ASN D 382 4.80 16.73 6.97
CA ASN D 382 3.71 17.64 6.64
C ASN D 382 2.59 16.93 5.87
N ARG D 383 2.96 15.99 4.98
CA ARG D 383 1.96 15.26 4.22
C ARG D 383 1.28 14.19 5.09
N LEU D 384 1.74 14.06 6.33
CA LEU D 384 1.14 13.13 7.28
C LEU D 384 0.79 13.84 8.59
N ILE D 385 1.11 15.13 8.69
CA ILE D 385 0.84 15.92 9.88
C ILE D 385 -0.05 17.11 9.51
N GLY D 386 -1.09 17.32 10.33
CA GLY D 386 -1.96 18.48 10.20
C GLY D 386 -3.06 18.26 9.16
N LYS D 387 -2.81 17.34 8.22
CA LYS D 387 -3.81 16.90 7.26
C LYS D 387 -4.88 16.12 8.02
N THR D 388 -6.15 16.41 7.68
CA THR D 388 -7.27 15.87 8.43
C THR D 388 -8.53 15.86 7.57
N ASN D 389 -9.48 15.00 7.98
CA ASN D 389 -10.85 15.04 7.51
C ASN D 389 -11.77 15.45 8.67
N GLU D 390 -12.81 16.20 8.32
CA GLU D 390 -13.84 16.65 9.24
C GLU D 390 -15.05 15.74 9.09
N LYS D 391 -15.59 15.31 10.23
CA LYS D 391 -16.81 14.50 10.28
C LYS D 391 -17.78 15.15 11.27
N PHE D 392 -18.99 15.44 10.80
CA PHE D 392 -19.87 16.39 11.46
C PHE D 392 -21.04 15.71 12.15
N HIS D 393 -21.58 14.65 11.51
CA HIS D 393 -22.61 13.84 12.15
C HIS D 393 -22.45 12.37 11.75
N GLN D 394 -21.93 11.60 12.71
CA GLN D 394 -21.82 10.15 12.63
C GLN D 394 -23.16 9.55 13.05
N ILE D 395 -23.27 8.22 12.91
CA ILE D 395 -24.26 7.47 13.66
C ILE D 395 -23.65 7.13 15.02
N GLU D 396 -24.53 6.90 16.01
CA GLU D 396 -24.15 6.48 17.35
C GLU D 396 -23.22 5.27 17.29
N LYS D 397 -22.29 5.19 18.24
CA LYS D 397 -21.23 4.18 18.20
C LYS D 397 -21.16 3.41 19.52
N GLU D 398 -22.04 3.75 20.46
CA GLU D 398 -22.24 3.01 21.70
C GLU D 398 -23.74 2.79 21.90
N PHE D 399 -24.08 1.65 22.50
CA PHE D 399 -25.47 1.22 22.60
C PHE D 399 -25.77 0.74 24.03
N SER D 400 -26.60 1.53 24.72
CA SER D 400 -27.01 1.27 26.09
C SER D 400 -28.05 0.15 26.15
N GLU D 401 -28.88 0.07 25.10
CA GLU D 401 -29.88 -0.97 24.96
C GLU D 401 -29.70 -1.68 23.61
N VAL D 402 -30.13 -2.93 23.55
CA VAL D 402 -30.11 -3.71 22.31
C VAL D 402 -31.52 -3.80 21.74
N GLU D 403 -31.80 -2.92 20.77
CA GLU D 403 -33.07 -2.89 20.04
C GLU D 403 -33.13 -4.11 19.11
N GLY D 404 -31.98 -4.44 18.51
CA GLY D 404 -31.85 -5.65 17.70
C GLY D 404 -31.10 -5.43 16.40
N ARG D 405 -31.75 -5.83 15.29
CA ARG D 405 -31.14 -6.06 14.00
C ARG D 405 -30.38 -4.84 13.49
N ILE D 406 -31.04 -3.66 13.56
CA ILE D 406 -30.47 -2.43 13.05
C ILE D 406 -29.15 -2.15 13.76
N GLN D 407 -29.17 -2.10 15.10
CA GLN D 407 -27.99 -1.85 15.91
C GLN D 407 -26.87 -2.83 15.56
N ASP D 408 -27.26 -4.10 15.35
CA ASP D 408 -26.31 -5.16 15.06
C ASP D 408 -25.48 -4.78 13.83
N LEU D 409 -26.12 -4.11 12.86
CA LEU D 409 -25.47 -3.82 11.59
C LEU D 409 -24.51 -2.63 11.69
N GLU D 410 -24.80 -1.65 12.57
CA GLU D 410 -23.92 -0.50 12.76
C GLU D 410 -22.65 -0.93 13.48
N LYS D 411 -22.81 -1.86 14.44
CA LYS D 411 -21.71 -2.48 15.16
C LYS D 411 -20.79 -3.15 14.15
N TYR D 412 -21.41 -3.77 13.14
CA TYR D 412 -20.69 -4.36 12.02
C TYR D 412 -19.96 -3.27 11.24
N VAL D 413 -20.69 -2.19 10.89
CA VAL D 413 -20.19 -1.08 10.10
C VAL D 413 -18.99 -0.45 10.80
N GLU D 414 -19.12 -0.24 12.12
CA GLU D 414 -18.11 0.35 12.98
C GLU D 414 -16.83 -0.49 12.90
N ASP D 415 -16.94 -1.77 13.30
CA ASP D 415 -15.84 -2.71 13.36
C ASP D 415 -15.18 -2.86 11.98
N THR D 416 -16.00 -2.84 10.93
CA THR D 416 -15.53 -2.85 9.56
C THR D 416 -14.52 -1.73 9.35
N LYS D 417 -14.95 -0.50 9.67
CA LYS D 417 -14.17 0.71 9.42
C LYS D 417 -12.86 0.67 10.20
N ILE D 418 -12.95 0.39 11.51
CA ILE D 418 -11.81 0.45 12.41
C ILE D 418 -10.76 -0.57 11.96
N ASP D 419 -11.21 -1.79 11.64
CA ASP D 419 -10.34 -2.87 11.19
C ASP D 419 -9.61 -2.48 9.92
N LEU D 420 -10.36 -1.98 8.93
CA LEU D 420 -9.83 -1.61 7.63
C LEU D 420 -8.79 -0.51 7.79
N TRP D 421 -9.17 0.56 8.53
CA TRP D 421 -8.31 1.70 8.78
C TRP D 421 -7.06 1.28 9.55
N SER D 422 -7.24 0.40 10.55
CA SER D 422 -6.16 -0.04 11.42
C SER D 422 -5.05 -0.70 10.60
N TYR D 423 -5.45 -1.67 9.77
CA TYR D 423 -4.55 -2.36 8.86
C TYR D 423 -3.96 -1.38 7.86
N ASN D 424 -4.83 -0.49 7.34
CA ASN D 424 -4.50 0.48 6.30
C ASN D 424 -3.41 1.41 6.80
N ALA D 425 -3.59 1.92 8.04
CA ALA D 425 -2.64 2.80 8.70
C ALA D 425 -1.34 2.05 8.98
N GLU D 426 -1.46 0.79 9.41
CA GLU D 426 -0.35 -0.08 9.76
C GLU D 426 0.62 -0.19 8.59
N LEU D 427 0.04 -0.34 7.37
CA LEU D 427 0.82 -0.45 6.14
C LEU D 427 1.43 0.90 5.79
N LEU D 428 0.62 1.96 5.81
CA LEU D 428 1.09 3.31 5.50
C LEU D 428 2.36 3.62 6.29
N VAL D 429 2.28 3.44 7.61
CA VAL D 429 3.38 3.68 8.53
C VAL D 429 4.62 2.92 8.05
N ALA D 430 4.47 1.59 7.90
CA ALA D 430 5.57 0.68 7.62
C ALA D 430 6.24 0.99 6.28
N LEU D 431 5.43 1.40 5.29
CA LEU D 431 5.89 1.69 3.95
C LEU D 431 6.76 2.94 3.94
N GLU D 432 6.39 3.95 4.76
CA GLU D 432 7.10 5.22 4.85
C GLU D 432 8.42 5.03 5.59
N ASN D 433 8.37 4.24 6.67
CA ASN D 433 9.55 3.93 7.49
C ASN D 433 10.65 3.39 6.58
N GLN D 434 10.29 2.39 5.78
CA GLN D 434 11.16 1.78 4.77
C GLN D 434 11.68 2.86 3.83
N HIS D 435 10.76 3.69 3.32
CA HIS D 435 11.07 4.73 2.36
C HIS D 435 12.14 5.69 2.89
N THR D 436 11.96 6.13 4.15
CA THR D 436 12.87 7.05 4.81
C THR D 436 14.26 6.42 4.94
N ILE D 437 14.29 5.19 5.49
CA ILE D 437 15.52 4.45 5.71
C ILE D 437 16.24 4.25 4.37
N ASP D 438 15.47 3.97 3.31
CA ASP D 438 15.98 3.84 1.96
C ASP D 438 16.60 5.16 1.51
N LEU D 439 15.84 6.25 1.64
CA LEU D 439 16.20 7.58 1.13
C LEU D 439 17.45 8.10 1.83
N THR D 440 17.56 7.84 3.15
CA THR D 440 18.68 8.30 3.96
C THR D 440 19.98 7.68 3.47
N ASP D 441 19.99 6.34 3.41
CA ASP D 441 21.19 5.58 3.08
C ASP D 441 21.50 5.68 1.59
N SER D 442 20.46 5.93 0.78
CA SER D 442 20.62 6.16 -0.65
C SER D 442 21.35 7.47 -0.89
N GLU D 443 21.04 8.48 -0.07
CA GLU D 443 21.68 9.79 -0.14
C GLU D 443 23.12 9.67 0.39
N MET D 444 23.31 8.78 1.37
CA MET D 444 24.63 8.37 1.82
C MET D 444 25.42 7.77 0.65
N ASN D 445 24.75 6.88 -0.10
CA ASN D 445 25.32 6.22 -1.26
C ASN D 445 25.59 7.24 -2.36
N LYS D 446 24.70 8.24 -2.49
CA LYS D 446 24.78 9.27 -3.51
C LYS D 446 25.96 10.20 -3.24
N LEU D 447 26.14 10.58 -1.97
CA LEU D 447 27.29 11.34 -1.52
C LEU D 447 28.55 10.50 -1.68
N PHE D 448 28.45 9.22 -1.29
CA PHE D 448 29.53 8.26 -1.44
C PHE D 448 30.00 8.25 -2.90
N GLU D 449 29.04 8.11 -3.83
CA GLU D 449 29.35 8.04 -5.25
C GLU D 449 29.98 9.35 -5.74
N LYS D 450 29.41 10.49 -5.29
CA LYS D 450 29.88 11.82 -5.69
C LYS D 450 31.38 11.94 -5.44
N THR D 451 31.83 11.49 -4.26
CA THR D 451 33.23 11.54 -3.86
C THR D 451 34.07 10.68 -4.82
N LYS D 452 33.68 9.40 -4.94
CA LYS D 452 34.41 8.39 -5.70
C LYS D 452 34.44 8.74 -7.19
N LYS D 453 33.32 9.28 -7.70
CA LYS D 453 33.19 9.66 -9.09
C LYS D 453 34.09 10.85 -9.39
N GLN D 454 34.14 11.80 -8.45
CA GLN D 454 35.00 12.97 -8.51
C GLN D 454 36.47 12.52 -8.49
N LEU D 455 36.76 11.53 -7.65
CA LEU D 455 38.09 10.95 -7.54
C LEU D 455 38.30 9.98 -8.70
N ARG D 456 38.89 10.47 -9.80
CA ARG D 456 39.15 9.65 -10.97
C ARG D 456 40.18 8.56 -10.65
N GLU D 457 41.46 8.94 -10.48
CA GLU D 457 42.53 7.99 -10.25
C GLU D 457 43.12 8.14 -8.86
N ASN D 458 42.50 8.97 -8.00
CA ASN D 458 43.12 9.31 -6.72
C ASN D 458 42.46 8.62 -5.53
N ALA D 459 41.73 7.53 -5.73
CA ALA D 459 41.13 6.82 -4.60
C ALA D 459 41.04 5.33 -4.87
N GLU D 460 41.60 4.55 -3.93
CA GLU D 460 41.29 3.13 -3.77
C GLU D 460 40.04 3.02 -2.92
N ASP D 461 39.61 1.78 -2.65
CA ASP D 461 38.51 1.53 -1.74
C ASP D 461 39.02 0.67 -0.59
N MET D 462 39.10 1.26 0.61
CA MET D 462 39.78 0.67 1.75
C MET D 462 39.11 -0.63 2.20
N GLY D 463 37.78 -0.68 2.10
CA GLY D 463 37.03 -1.90 2.38
C GLY D 463 36.02 -1.72 3.52
N ASN D 464 35.93 -0.49 4.03
CA ASN D 464 34.96 -0.14 5.06
C ASN D 464 34.52 1.31 4.87
N GLY D 465 34.13 1.66 3.63
CA GLY D 465 33.68 3.00 3.29
C GLY D 465 34.76 4.04 3.55
N CYS D 466 35.98 3.72 3.09
CA CYS D 466 37.19 4.48 3.36
C CYS D 466 37.98 4.60 2.06
N PHE D 467 38.71 5.71 1.91
CA PHE D 467 39.53 5.93 0.73
C PHE D 467 40.97 6.21 1.13
N LYS D 468 41.90 5.81 0.27
CA LYS D 468 43.31 6.08 0.46
C LYS D 468 43.75 7.05 -0.63
N ILE D 469 44.13 8.29 -0.26
CA ILE D 469 44.50 9.29 -1.23
C ILE D 469 46.03 9.23 -1.38
N TYR D 470 46.52 9.26 -2.63
CA TYR D 470 47.95 8.99 -2.83
C TYR D 470 48.79 10.26 -2.99
N HIS D 471 48.44 11.32 -2.25
CA HIS D 471 49.32 12.47 -2.18
C HIS D 471 49.16 13.05 -0.79
N LYS D 472 50.24 13.53 -0.17
CA LYS D 472 50.02 14.18 1.11
C LYS D 472 48.97 15.24 0.81
N CYS D 473 47.86 15.17 1.54
CA CYS D 473 46.74 16.01 1.13
C CYS D 473 46.57 16.98 2.29
N ASP D 474 46.80 18.26 2.03
CA ASP D 474 46.70 19.20 3.13
C ASP D 474 45.23 19.57 3.43
N ASN D 475 45.02 20.31 4.53
CA ASN D 475 43.72 20.78 4.98
C ASN D 475 42.91 21.36 3.83
N ALA D 476 43.57 22.18 2.99
CA ALA D 476 42.95 22.77 1.80
C ALA D 476 42.47 21.65 0.87
N CYS D 477 43.33 20.64 0.67
CA CYS D 477 43.08 19.52 -0.22
C CYS D 477 41.93 18.66 0.29
N ILE D 478 41.95 18.32 1.59
CA ILE D 478 40.90 17.54 2.25
C ILE D 478 39.59 18.31 2.12
N GLY D 479 39.66 19.62 2.40
CA GLY D 479 38.53 20.53 2.28
C GLY D 479 38.05 20.70 0.85
N SER D 480 38.97 20.51 -0.11
CA SER D 480 38.68 20.66 -1.54
C SER D 480 37.76 19.55 -2.02
N ILE D 481 38.06 18.30 -1.60
CA ILE D 481 37.28 17.12 -1.93
C ILE D 481 35.87 17.26 -1.33
N ARG D 482 35.82 17.79 -0.09
CA ARG D 482 34.59 18.12 0.60
C ARG D 482 33.80 19.14 -0.22
N ASN D 483 34.51 20.11 -0.81
CA ASN D 483 33.91 21.23 -1.51
C ASN D 483 33.56 20.83 -2.95
N GLY D 484 34.05 19.66 -3.38
CA GLY D 484 33.76 19.09 -4.68
C GLY D 484 34.40 19.87 -5.82
N THR D 485 35.64 20.33 -5.58
CA THR D 485 36.38 21.17 -6.50
C THR D 485 37.71 20.51 -6.86
N TYR D 486 37.98 19.36 -6.22
CA TYR D 486 39.29 18.72 -6.26
C TYR D 486 39.66 18.35 -7.70
N ASP D 487 40.77 18.92 -8.17
CA ASP D 487 41.40 18.50 -9.41
C ASP D 487 42.14 17.19 -9.15
N HIS D 488 41.95 16.23 -10.07
CA HIS D 488 42.70 14.99 -10.03
C HIS D 488 44.06 15.18 -10.68
N ASP D 489 44.10 16.03 -11.71
CA ASP D 489 45.25 16.19 -12.61
C ASP D 489 46.52 16.60 -11.87
N VAL D 490 46.40 17.59 -10.96
CA VAL D 490 47.55 18.20 -10.31
C VAL D 490 48.40 17.12 -9.62
N TYR D 491 47.74 16.11 -9.05
CA TYR D 491 48.40 15.11 -8.22
C TYR D 491 48.51 13.77 -8.94
N ARG D 492 47.71 13.60 -10.00
CA ARG D 492 47.42 12.32 -10.63
C ARG D 492 48.68 11.49 -10.85
N ASP D 493 49.74 12.12 -11.39
CA ASP D 493 50.96 11.45 -11.78
C ASP D 493 51.64 10.83 -10.57
N GLU D 494 51.76 11.62 -9.49
CA GLU D 494 52.44 11.20 -8.27
C GLU D 494 51.61 10.15 -7.54
N ALA D 495 50.28 10.24 -7.69
CA ALA D 495 49.34 9.29 -7.10
C ALA D 495 49.55 7.90 -7.69
N LEU D 496 49.91 7.85 -8.98
CA LEU D 496 50.04 6.62 -9.74
C LEU D 496 51.41 5.98 -9.51
N ASN D 497 52.46 6.81 -9.46
CA ASN D 497 53.81 6.36 -9.14
C ASN D 497 53.82 5.72 -7.76
N ASN D 498 53.02 6.30 -6.85
CA ASN D 498 52.84 5.77 -5.50
C ASN D 498 51.98 4.50 -5.56
N ARG D 499 50.86 4.55 -6.29
CA ARG D 499 49.86 3.50 -6.28
C ARG D 499 50.39 2.23 -6.95
N PHE D 500 51.00 2.40 -8.14
CA PHE D 500 51.53 1.29 -8.90
C PHE D 500 53.06 1.30 -8.85
N GLN D 501 53.59 1.39 -7.63
CA GLN D 501 55.02 1.42 -7.38
C GLN D 501 55.65 0.08 -7.77
N ILE D 502 56.94 0.14 -8.14
CA ILE D 502 57.67 -1.00 -8.66
C ILE D 502 58.80 -1.36 -7.68
N GLN E 1 21.00 12.57 28.51
CA GLN E 1 21.97 12.46 27.39
C GLN E 1 23.37 12.32 27.96
N VAL E 2 24.10 13.45 28.01
CA VAL E 2 25.46 13.53 28.54
C VAL E 2 25.45 14.50 29.73
N GLN E 3 25.85 13.97 30.89
CA GLN E 3 26.04 14.78 32.08
C GLN E 3 27.40 14.44 32.67
N LEU E 4 27.95 15.39 33.44
CA LEU E 4 29.27 15.25 34.03
C LEU E 4 29.18 15.52 35.53
N GLN E 5 30.00 14.82 36.31
CA GLN E 5 30.16 15.13 37.72
C GLN E 5 31.63 15.36 38.05
N GLU E 6 31.93 16.61 38.40
CA GLU E 6 33.25 17.06 38.79
C GLU E 6 33.53 16.67 40.23
N SER E 7 34.74 16.16 40.48
CA SER E 7 35.18 15.72 41.78
C SER E 7 36.60 16.18 42.07
N GLY E 8 36.90 16.35 43.36
CA GLY E 8 38.25 16.67 43.80
C GLY E 8 38.28 17.52 45.07
N PRO E 9 39.46 17.65 45.73
CA PRO E 9 39.62 18.51 46.89
C PRO E 9 39.63 19.98 46.45
N GLY E 10 38.72 20.76 47.03
CA GLY E 10 38.62 22.19 46.76
C GLY E 10 39.72 22.99 47.45
N LEU E 11 40.62 22.30 48.16
CA LEU E 11 41.74 22.89 48.86
C LEU E 11 43.01 22.11 48.53
N VAL E 12 44.15 22.81 48.56
CA VAL E 12 45.47 22.24 48.31
C VAL E 12 46.54 23.21 48.79
N LYS E 13 47.53 22.68 49.51
CA LYS E 13 48.69 23.43 49.99
C LYS E 13 49.42 24.06 48.80
N PRO E 14 50.01 25.28 48.95
CA PRO E 14 50.77 25.91 47.85
C PRO E 14 51.94 25.07 47.37
N SER E 15 52.24 25.18 46.07
CA SER E 15 53.34 24.52 45.38
C SER E 15 53.21 22.99 45.45
N GLU E 16 51.97 22.50 45.29
CA GLU E 16 51.67 21.07 45.37
C GLU E 16 50.90 20.64 44.14
N THR E 17 50.69 19.32 44.03
CA THR E 17 50.01 18.67 42.92
C THR E 17 48.50 18.85 43.08
N LEU E 18 47.83 19.17 41.96
CA LEU E 18 46.38 19.20 41.88
C LEU E 18 45.90 17.94 41.17
N SER E 19 44.98 17.23 41.83
CA SER E 19 44.38 16.01 41.31
C SER E 19 42.86 16.16 41.29
N LEU E 20 42.29 16.08 40.08
CA LEU E 20 40.85 16.21 39.88
C LEU E 20 40.36 15.08 38.97
N THR E 21 39.08 14.73 39.13
CA THR E 21 38.42 13.76 38.27
C THR E 21 37.01 14.28 37.96
N CYS E 22 36.55 13.99 36.74
CA CYS E 22 35.19 14.26 36.35
C CYS E 22 34.55 13.01 35.76
N ALA E 23 33.23 12.88 35.97
CA ALA E 23 32.47 11.70 35.60
C ALA E 23 31.81 11.88 34.24
N VAL E 24 31.48 10.76 33.59
CA VAL E 24 30.63 10.74 32.40
C VAL E 24 29.38 9.91 32.70
N SER E 25 28.26 10.31 32.10
CA SER E 25 26.99 9.61 32.21
C SER E 25 26.24 9.70 30.89
N GLY E 26 26.04 8.54 30.26
CA GLY E 26 25.52 8.45 28.91
C GLY E 26 26.63 8.65 27.86
N GLY E 27 26.37 8.14 26.65
CA GLY E 27 27.37 8.10 25.60
C GLY E 27 28.49 7.11 25.93
N THR E 28 29.47 7.04 25.03
CA THR E 28 30.62 6.15 25.20
C THR E 28 31.89 7.00 25.18
N PHE E 29 32.69 6.87 26.24
CA PHE E 29 33.87 7.70 26.46
C PHE E 29 34.84 7.59 25.28
N SER E 30 34.83 6.43 24.60
CA SER E 30 35.74 6.10 23.51
C SER E 30 35.47 6.93 22.26
N ALA E 31 34.31 7.62 22.21
CA ALA E 31 33.78 8.16 20.97
C ALA E 31 33.91 9.69 20.89
N TYR E 32 34.56 10.31 21.89
CA TYR E 32 34.74 11.75 21.90
C TYR E 32 36.15 12.10 22.36
N TYR E 33 36.45 13.41 22.33
CA TYR E 33 37.62 13.99 22.97
C TYR E 33 37.15 14.85 24.15
N TRP E 34 38.03 15.01 25.15
CA TRP E 34 37.67 15.74 26.36
C TRP E 34 38.83 16.66 26.77
N GLY E 35 38.45 17.85 27.23
CA GLY E 35 39.40 18.84 27.73
C GLY E 35 38.99 19.39 29.09
N TRP E 36 39.86 20.23 29.64
CA TRP E 36 39.60 20.98 30.86
C TRP E 36 39.70 22.47 30.57
N ILE E 37 39.03 23.28 31.41
CA ILE E 37 38.91 24.71 31.22
C ILE E 37 38.81 25.38 32.59
N ARG E 38 39.61 26.45 32.76
CA ARG E 38 39.86 27.09 34.03
C ARG E 38 39.30 28.51 34.02
N GLN E 39 38.75 28.95 35.16
CA GLN E 39 38.22 30.28 35.32
C GLN E 39 38.33 30.73 36.78
N PRO E 40 39.21 31.72 37.10
CA PRO E 40 39.11 32.45 38.35
C PRO E 40 37.86 33.33 38.33
N PRO E 41 37.20 33.60 39.49
CA PRO E 41 35.90 34.29 39.49
C PRO E 41 35.96 35.73 38.98
N GLY E 42 35.16 36.02 37.96
CA GLY E 42 34.93 37.37 37.47
C GLY E 42 36.01 37.89 36.53
N LYS E 43 36.89 36.99 36.06
CA LYS E 43 37.91 37.31 35.08
C LYS E 43 37.70 36.46 33.83
N GLY E 44 38.66 36.53 32.91
CA GLY E 44 38.68 35.68 31.73
C GLY E 44 38.98 34.23 32.08
N LEU E 45 38.38 33.32 31.30
CA LEU E 45 38.59 31.89 31.43
C LEU E 45 39.53 31.41 30.33
N GLU E 46 40.04 30.17 30.48
CA GLU E 46 41.06 29.67 29.58
C GLU E 46 40.96 28.16 29.38
N TRP E 47 41.21 27.75 28.12
CA TRP E 47 41.33 26.36 27.70
C TRP E 47 42.65 25.80 28.20
N ILE E 48 42.60 24.59 28.77
CA ILE E 48 43.76 23.97 29.40
C ILE E 48 44.45 23.04 28.40
N GLY E 49 43.66 22.10 27.83
CA GLY E 49 44.18 21.06 26.96
C GLY E 49 43.17 19.94 26.77
N SER E 50 43.38 19.12 25.75
CA SER E 50 42.47 18.02 25.44
C SER E 50 43.26 16.73 25.16
N ILE E 51 42.53 15.60 25.22
CA ILE E 51 43.08 14.27 25.05
C ILE E 51 42.17 13.47 24.12
N SER E 52 42.73 12.44 23.48
CA SER E 52 41.93 11.47 22.75
C SER E 52 41.21 10.57 23.75
N GLY E 53 39.93 10.88 23.99
CA GLY E 53 39.06 10.07 24.82
C GLY E 53 38.89 8.66 24.26
N GLY E 54 39.38 8.47 23.03
CA GLY E 54 39.43 7.18 22.37
C GLY E 54 40.79 6.49 22.51
N SER E 55 41.88 7.28 22.31
CA SER E 55 43.21 6.70 22.15
C SER E 55 44.18 7.17 23.24
N GLY E 56 44.13 8.47 23.58
CA GLY E 56 44.98 9.03 24.62
C GLY E 56 45.96 10.10 24.10
N SER E 57 45.94 10.32 22.78
CA SER E 57 46.73 11.37 22.14
C SER E 57 46.18 12.73 22.52
N THR E 58 47.08 13.62 22.97
CA THR E 58 46.69 14.76 23.79
C THR E 58 47.24 16.06 23.23
N ASP E 59 46.79 17.19 23.82
CA ASP E 59 47.36 18.51 23.64
C ASP E 59 47.12 19.32 24.92
N TYR E 60 47.94 20.37 25.10
CA TYR E 60 47.85 21.30 26.23
C TYR E 60 48.03 22.72 25.73
N SER E 61 47.50 23.69 26.48
CA SER E 61 47.75 25.10 26.23
C SER E 61 49.22 25.40 26.51
N PRO E 62 49.92 26.11 25.58
CA PRO E 62 51.36 26.39 25.72
C PRO E 62 51.75 27.10 27.01
N SER E 63 50.75 27.68 27.69
CA SER E 63 50.93 28.25 29.02
C SER E 63 51.20 27.13 30.03
N LEU E 64 50.20 26.29 30.29
CA LEU E 64 50.29 25.21 31.26
C LEU E 64 50.85 23.97 30.59
N LYS E 65 51.95 24.15 29.84
CA LYS E 65 52.39 23.17 28.87
C LYS E 65 52.97 21.94 29.58
N SER E 66 53.61 22.15 30.74
CA SER E 66 54.30 21.09 31.45
C SER E 66 53.79 20.94 32.87
N ARG E 67 53.32 22.06 33.44
CA ARG E 67 52.78 22.10 34.78
C ARG E 67 51.52 21.22 34.85
N ALA E 68 50.67 21.33 33.83
CA ALA E 68 49.45 20.53 33.71
C ALA E 68 49.75 19.20 33.03
N THR E 69 48.96 18.18 33.41
CA THR E 69 49.00 16.84 32.85
C THR E 69 47.60 16.23 32.95
N ILE E 70 46.96 16.01 31.79
CA ILE E 70 45.61 15.44 31.78
C ILE E 70 45.67 13.97 31.39
N SER E 71 44.68 13.22 31.89
CA SER E 71 44.60 11.77 31.71
C SER E 71 43.15 11.34 31.51
N ARG E 72 42.98 10.03 31.32
CA ARG E 72 41.73 9.38 31.00
C ARG E 72 41.70 8.00 31.64
N ASP E 73 40.54 7.35 31.61
CA ASP E 73 40.43 5.92 31.82
C ASP E 73 39.26 5.37 31.00
N THR E 74 39.57 4.34 30.20
CA THR E 74 38.58 3.59 29.43
C THR E 74 37.73 2.75 30.39
N SER E 75 38.39 2.25 31.44
CA SER E 75 37.83 1.28 32.38
C SER E 75 36.65 1.87 33.15
N LYS E 76 36.86 3.03 33.79
CA LYS E 76 35.94 3.54 34.79
C LYS E 76 35.07 4.66 34.24
N ASN E 77 35.21 4.97 32.94
CA ASN E 77 34.47 6.00 32.23
C ASN E 77 34.90 7.39 32.73
N GLN E 78 36.12 7.49 33.27
CA GLN E 78 36.60 8.70 33.92
C GLN E 78 37.84 9.23 33.21
N PHE E 79 38.34 10.37 33.72
CA PHE E 79 39.47 11.11 33.17
C PHE E 79 39.93 12.14 34.21
N SER E 80 41.24 12.39 34.24
CA SER E 80 41.85 13.17 35.31
C SER E 80 42.72 14.29 34.76
N LEU E 81 42.97 15.30 35.61
CA LEU E 81 43.99 16.33 35.40
C LEU E 81 44.94 16.31 36.59
N LYS E 82 46.25 16.33 36.29
CA LYS E 82 47.30 16.40 37.28
C LYS E 82 48.13 17.65 37.02
N LEU E 83 48.05 18.62 37.93
CA LEU E 83 48.75 19.89 37.81
C LEU E 83 49.78 20.02 38.92
N THR E 84 51.04 20.28 38.53
CA THR E 84 52.16 20.37 39.44
C THR E 84 52.58 21.83 39.61
N SER E 85 53.26 22.11 40.73
CA SER E 85 53.85 23.41 41.05
C SER E 85 52.82 24.53 40.89
N VAL E 86 51.67 24.38 41.57
CA VAL E 86 50.56 25.30 41.48
C VAL E 86 50.95 26.66 42.08
N THR E 87 50.30 27.72 41.57
CA THR E 87 50.48 29.07 42.10
C THR E 87 49.32 29.40 43.03
N ALA E 88 49.49 30.48 43.81
CA ALA E 88 48.45 31.02 44.67
C ALA E 88 47.33 31.61 43.82
N ALA E 89 47.68 32.03 42.59
CA ALA E 89 46.76 32.68 41.67
C ALA E 89 45.87 31.67 40.96
N ASP E 90 46.35 30.42 40.83
CA ASP E 90 45.71 29.36 40.06
C ASP E 90 44.36 28.97 40.68
N THR E 91 44.11 29.42 41.92
CA THR E 91 42.85 29.33 42.61
C THR E 91 41.72 29.79 41.69
N ALA E 92 40.80 28.87 41.39
CA ALA E 92 39.78 29.06 40.37
C ALA E 92 38.61 28.10 40.58
N VAL E 93 37.70 28.08 39.60
CA VAL E 93 36.72 27.02 39.41
C VAL E 93 37.14 26.26 38.15
N TYR E 94 36.96 24.93 38.17
CA TYR E 94 37.34 24.11 37.02
C TYR E 94 36.11 23.53 36.33
N TYR E 95 36.35 22.93 35.15
CA TYR E 95 35.32 22.29 34.36
C TYR E 95 35.92 21.12 33.58
N CYS E 96 35.06 20.11 33.37
CA CYS E 96 35.23 19.09 32.35
C CYS E 96 34.23 19.37 31.23
N VAL E 97 34.68 19.22 29.98
CA VAL E 97 33.89 19.63 28.83
C VAL E 97 34.01 18.61 27.71
N ARG E 98 32.96 18.53 26.88
CA ARG E 98 32.94 17.72 25.68
C ARG E 98 33.22 18.61 24.47
N LYS E 99 34.17 18.17 23.64
CA LYS E 99 34.53 18.90 22.42
C LYS E 99 34.40 17.97 21.23
N TYR E 100 34.68 18.52 20.04
CA TYR E 100 34.76 17.71 18.83
C TYR E 100 36.16 17.13 18.68
N TRP E 101 36.21 15.95 18.07
CA TRP E 101 37.44 15.17 18.01
C TRP E 101 38.31 15.64 16.85
N GLY E 102 37.93 16.80 16.27
CA GLY E 102 38.65 17.42 15.17
C GLY E 102 39.79 18.31 15.64
N ASP E 103 40.91 18.25 14.92
CA ASP E 103 42.07 19.09 15.10
C ASP E 103 41.70 20.53 14.78
N TYR E 104 41.06 20.75 13.62
CA TYR E 104 40.65 22.08 13.19
C TYR E 104 39.12 22.16 13.19
N TYR E 105 38.51 22.10 14.38
CA TYR E 105 37.06 22.11 14.36
C TYR E 105 36.46 23.14 15.31
N ALA E 106 35.12 23.15 15.32
CA ALA E 106 34.28 24.17 15.91
C ALA E 106 33.27 23.50 16.84
N ASN E 107 32.21 24.22 17.23
CA ASN E 107 31.18 23.71 18.11
C ASN E 107 31.81 23.10 19.35
N TRP E 108 32.94 23.68 19.80
CA TRP E 108 33.67 23.17 20.97
C TRP E 108 32.92 23.47 22.26
N PHE E 109 33.16 22.68 23.31
CA PHE E 109 32.54 22.85 24.62
C PHE E 109 31.01 22.84 24.49
N ASP E 110 30.48 21.82 23.81
CA ASP E 110 29.04 21.66 23.65
C ASP E 110 28.37 21.41 25.00
N VAL E 111 28.99 20.54 25.84
CA VAL E 111 28.45 20.18 27.15
C VAL E 111 29.53 20.43 28.22
N TRP E 112 29.15 20.89 29.42
CA TRP E 112 30.12 21.26 30.44
C TRP E 112 29.88 20.53 31.76
N GLY E 113 30.91 20.49 32.63
CA GLY E 113 30.81 19.93 33.96
C GLY E 113 30.07 20.88 34.90
N PRO E 114 29.64 20.40 36.10
CA PRO E 114 28.79 21.19 37.00
C PRO E 114 29.48 22.44 37.56
N GLY E 115 30.81 22.42 37.60
CA GLY E 115 31.62 23.52 38.11
C GLY E 115 31.95 23.32 39.58
N VAL E 116 33.23 23.06 39.86
CA VAL E 116 33.71 22.86 41.22
C VAL E 116 34.83 23.87 41.51
N LEU E 117 34.67 24.58 42.63
CA LEU E 117 35.62 25.58 43.09
C LEU E 117 36.86 24.88 43.63
N VAL E 118 38.04 25.44 43.35
CA VAL E 118 39.29 24.85 43.76
C VAL E 118 40.15 25.92 44.43
N THR E 119 39.97 26.15 45.73
CA THR E 119 40.87 27.04 46.45
C THR E 119 42.22 26.36 46.53
N VAL E 120 43.28 27.09 46.15
CA VAL E 120 44.61 26.53 46.28
C VAL E 120 45.37 27.46 47.20
N SER E 121 46.48 26.94 47.71
CA SER E 121 47.31 27.71 48.62
C SER E 121 46.64 28.10 49.91
N SER E 122 45.81 27.24 50.33
CA SER E 122 45.10 27.66 51.50
C SER E 122 46.04 27.78 52.68
N ALA E 123 45.71 28.78 53.47
CA ALA E 123 46.49 29.10 54.64
C ALA E 123 46.49 27.90 55.62
N SER E 124 45.31 27.48 56.07
CA SER E 124 45.14 26.45 57.08
C SER E 124 43.67 26.10 57.15
N THR E 125 43.32 24.81 57.29
CA THR E 125 41.92 24.46 57.22
C THR E 125 41.24 24.62 58.57
N LYS E 126 39.99 25.12 58.54
CA LYS E 126 39.19 25.37 59.72
C LYS E 126 37.74 24.98 59.45
N GLY E 127 37.09 24.48 60.50
CA GLY E 127 35.65 24.23 60.49
C GLY E 127 34.87 25.53 60.40
N PRO E 128 33.65 25.52 59.82
CA PRO E 128 32.79 26.71 59.77
C PRO E 128 32.35 27.16 61.15
N SER E 129 32.21 28.47 61.33
CA SER E 129 31.61 29.03 62.53
C SER E 129 30.23 29.59 62.20
N VAL E 130 29.21 28.84 62.60
CA VAL E 130 27.82 29.05 62.25
C VAL E 130 27.24 30.07 63.24
N PHE E 131 26.95 31.27 62.72
CA PHE E 131 26.44 32.38 63.51
C PHE E 131 24.97 32.63 63.15
N PRO E 132 24.02 32.15 63.98
CA PRO E 132 22.60 32.52 63.85
C PRO E 132 22.40 34.03 63.96
N LEU E 133 21.32 34.51 63.36
CA LEU E 133 20.98 35.92 63.41
C LEU E 133 19.47 36.10 63.60
N ALA E 134 19.09 36.53 64.82
CA ALA E 134 17.71 36.67 65.23
C ALA E 134 17.05 37.81 64.46
N PRO E 135 15.82 37.60 63.91
CA PRO E 135 15.03 38.68 63.34
C PRO E 135 14.55 39.62 64.45
N CYS E 136 14.62 40.93 64.17
CA CYS E 136 14.19 41.97 65.08
C CYS E 136 13.06 42.77 64.46
N SER E 137 12.66 43.85 65.14
CA SER E 137 11.70 44.82 64.64
C SER E 137 12.31 45.61 63.49
N ARG E 138 13.64 45.80 63.54
CA ARG E 138 14.38 46.64 62.61
C ARG E 138 14.95 45.79 61.47
N SER E 139 14.56 44.52 61.42
CA SER E 139 14.97 43.61 60.36
C SER E 139 13.73 42.93 59.80
N THR E 140 12.56 43.56 59.99
CA THR E 140 11.28 42.99 59.58
C THR E 140 10.55 43.99 58.69
N SER E 141 10.36 43.66 57.40
CA SER E 141 9.52 44.46 56.53
C SER E 141 8.07 43.99 56.72
N GLU E 142 7.08 44.80 56.32
CA GLU E 142 5.69 44.42 56.52
C GLU E 142 5.41 43.11 55.80
N SER E 143 5.93 42.99 54.57
CA SER E 143 5.77 41.78 53.78
C SER E 143 6.56 40.60 54.36
N THR E 144 7.80 40.79 54.81
CA THR E 144 8.64 39.68 55.26
C THR E 144 9.67 40.11 56.31
N ALA E 145 10.14 39.18 57.15
CA ALA E 145 11.17 39.43 58.15
C ALA E 145 12.54 39.04 57.59
N ALA E 146 13.60 39.15 58.40
CA ALA E 146 14.92 38.75 57.96
C ALA E 146 15.61 37.85 59.00
N LEU E 147 15.60 36.54 58.70
CA LEU E 147 16.34 35.56 59.46
C LEU E 147 17.70 35.36 58.77
N GLY E 148 18.76 35.32 59.58
CA GLY E 148 20.12 35.22 59.06
C GLY E 148 20.90 34.06 59.67
N CYS E 149 21.93 33.62 58.95
CA CYS E 149 22.83 32.57 59.40
C CYS E 149 24.21 32.78 58.76
N LEU E 150 25.14 33.30 59.57
CA LEU E 150 26.49 33.64 59.14
C LEU E 150 27.39 32.44 59.34
N VAL E 151 28.10 32.06 58.27
CA VAL E 151 29.21 31.12 58.38
C VAL E 151 30.50 31.92 58.31
N LYS E 152 31.10 32.12 59.49
CA LYS E 152 32.35 32.87 59.65
C LYS E 152 33.47 31.90 59.99
N ASP E 153 34.71 32.42 60.05
CA ASP E 153 35.90 31.76 60.57
C ASP E 153 36.19 30.48 59.79
N TYR E 154 35.47 30.28 58.68
CA TYR E 154 35.58 29.07 57.88
C TYR E 154 36.71 29.22 56.88
N PHE E 155 37.58 28.20 56.84
CA PHE E 155 38.63 28.11 55.85
C PHE E 155 38.89 26.65 55.50
N PRO E 156 38.95 26.27 54.20
CA PRO E 156 38.73 27.20 53.09
C PRO E 156 37.27 27.28 52.64
N GLU E 157 37.08 27.98 51.52
CA GLU E 157 35.80 28.11 50.84
C GLU E 157 35.54 26.84 50.00
N PRO E 158 34.28 26.53 49.61
CA PRO E 158 33.10 27.31 50.00
C PRO E 158 32.41 26.76 51.24
N VAL E 159 31.21 27.28 51.51
CA VAL E 159 30.25 26.67 52.43
C VAL E 159 28.85 26.92 51.89
N THR E 160 28.12 25.81 51.67
CA THR E 160 26.80 25.84 51.07
C THR E 160 25.77 25.55 52.17
N VAL E 161 24.82 26.49 52.33
CA VAL E 161 23.84 26.40 53.40
C VAL E 161 22.50 25.95 52.81
N SER E 162 21.90 24.94 53.46
CA SER E 162 20.54 24.50 53.19
C SER E 162 19.61 25.07 54.25
N TRP E 163 18.40 25.47 53.83
CA TRP E 163 17.39 26.02 54.73
C TRP E 163 16.21 25.06 54.85
N ASN E 164 16.07 24.48 56.06
CA ASN E 164 15.15 23.40 56.38
C ASN E 164 15.46 22.18 55.51
N SER E 165 16.75 22.02 55.17
CA SER E 165 17.29 21.04 54.23
C SER E 165 16.76 21.29 52.82
N GLY E 166 16.43 22.55 52.53
CA GLY E 166 15.95 22.98 51.22
C GLY E 166 14.42 22.85 51.09
N SER E 167 13.72 22.93 52.22
CA SER E 167 12.25 22.87 52.23
C SER E 167 11.67 24.21 51.78
N LEU E 168 12.27 25.31 52.23
CA LEU E 168 11.91 26.65 51.80
C LEU E 168 12.97 27.18 50.83
N THR E 169 12.52 27.87 49.78
CA THR E 169 13.40 28.37 48.73
C THR E 169 13.06 29.81 48.37
N SER E 170 11.83 30.25 48.71
CA SER E 170 11.31 31.55 48.31
C SER E 170 12.00 32.66 49.09
N GLY E 171 12.74 33.51 48.36
CA GLY E 171 13.43 34.65 48.92
C GLY E 171 14.63 34.26 49.77
N VAL E 172 15.23 33.10 49.46
CA VAL E 172 16.45 32.64 50.08
C VAL E 172 17.62 33.11 49.21
N HIS E 173 18.47 33.97 49.78
CA HIS E 173 19.56 34.62 49.07
C HIS E 173 20.88 34.32 49.79
N THR E 174 21.72 33.52 49.14
CA THR E 174 23.06 33.24 49.65
C THR E 174 23.98 34.38 49.24
N PHE E 175 24.34 35.21 50.24
CA PHE E 175 25.23 36.34 50.04
C PHE E 175 26.66 35.84 49.82
N PRO E 176 27.41 36.40 48.84
CA PRO E 176 28.74 35.91 48.50
C PRO E 176 29.73 35.94 49.68
N ALA E 177 30.77 35.09 49.57
CA ALA E 177 31.79 34.95 50.60
C ALA E 177 32.61 36.22 50.73
N VAL E 178 33.05 36.51 51.96
CA VAL E 178 33.68 37.77 52.32
C VAL E 178 35.05 37.46 52.94
N LEU E 179 36.08 38.12 52.40
CA LEU E 179 37.38 38.21 53.06
C LEU E 179 37.31 39.36 54.07
N GLN E 180 37.29 38.99 55.35
CA GLN E 180 37.38 39.95 56.44
C GLN E 180 38.84 40.35 56.64
N SER E 181 39.06 41.38 57.47
CA SER E 181 40.38 41.83 57.88
C SER E 181 41.08 40.77 58.73
N SER E 182 40.29 39.76 59.16
CA SER E 182 40.76 38.62 59.92
C SER E 182 41.65 37.72 59.06
N GLY E 183 41.59 37.92 57.74
CA GLY E 183 42.21 37.03 56.76
C GLY E 183 41.42 35.72 56.63
N LEU E 184 40.24 35.71 57.26
CA LEU E 184 39.35 34.55 57.33
C LEU E 184 38.13 34.84 56.48
N TYR E 185 37.51 33.78 55.97
CA TYR E 185 36.38 33.90 55.06
C TYR E 185 35.07 33.71 55.81
N SER E 186 34.01 34.35 55.29
CA SER E 186 32.69 34.37 55.91
C SER E 186 31.61 34.81 54.92
N LEU E 187 30.35 34.48 55.25
CA LEU E 187 29.16 34.89 54.51
C LEU E 187 27.91 34.53 55.31
N SER E 188 26.78 35.16 54.93
CA SER E 188 25.46 34.75 55.38
C SER E 188 24.63 34.31 54.18
N SER E 189 23.71 33.37 54.40
CA SER E 189 22.67 33.06 53.45
C SER E 189 21.34 33.52 54.02
N VAL E 190 20.93 34.74 53.65
CA VAL E 190 19.76 35.37 54.24
C VAL E 190 18.50 34.70 53.71
N VAL E 191 17.52 34.54 54.61
CA VAL E 191 16.21 34.00 54.26
C VAL E 191 15.15 35.04 54.60
N THR E 192 14.28 35.30 53.61
CA THR E 192 13.13 36.18 53.78
C THR E 192 11.89 35.32 54.00
N VAL E 193 11.32 35.44 55.20
CA VAL E 193 10.13 34.69 55.61
C VAL E 193 9.06 35.68 56.05
N PRO E 194 7.76 35.46 55.69
CA PRO E 194 6.69 36.42 56.00
C PRO E 194 6.62 36.80 57.48
N SER E 195 6.25 38.07 57.72
CA SER E 195 6.27 38.68 59.05
C SER E 195 5.24 38.04 59.99
N SER E 196 4.28 37.31 59.39
CA SER E 196 3.18 36.67 60.10
C SER E 196 3.67 35.48 60.92
N SER E 197 4.83 34.93 60.54
CA SER E 197 5.36 33.70 61.13
C SER E 197 6.36 34.00 62.25
N LEU E 198 6.45 35.27 62.66
CA LEU E 198 7.42 35.72 63.65
C LEU E 198 7.01 35.26 65.05
N GLY E 199 8.00 34.75 65.80
CA GLY E 199 7.84 34.30 67.17
C GLY E 199 7.10 32.97 67.27
N THR E 200 6.90 32.32 66.11
CA THR E 200 6.11 31.09 66.01
C THR E 200 7.04 29.90 65.77
N GLN E 201 7.67 29.88 64.60
CA GLN E 201 8.53 28.77 64.19
C GLN E 201 9.99 29.09 64.48
N THR E 202 10.71 28.08 64.98
CA THR E 202 12.14 28.14 65.23
C THR E 202 12.86 27.52 64.04
N TYR E 203 13.25 28.36 63.07
CA TYR E 203 13.81 27.91 61.81
C TYR E 203 15.24 27.42 61.98
N VAL E 204 15.70 26.61 61.02
CA VAL E 204 17.01 25.99 61.04
C VAL E 204 17.78 26.35 59.76
N CYS E 205 19.03 26.79 59.95
CA CYS E 205 20.00 26.94 58.88
C CYS E 205 21.02 25.80 58.98
N ASN E 206 21.22 25.11 57.85
CA ASN E 206 21.98 23.87 57.83
C ASN E 206 23.24 24.04 57.00
N VAL E 207 24.39 23.81 57.65
CA VAL E 207 25.70 24.06 57.07
C VAL E 207 26.20 22.78 56.40
N ASN E 208 26.71 22.93 55.17
CA ASN E 208 27.28 21.84 54.40
C ASN E 208 28.69 22.22 53.95
N HIS E 209 29.62 22.24 54.92
CA HIS E 209 31.03 22.42 54.65
C HIS E 209 31.61 21.08 54.21
N LYS E 210 31.47 20.80 52.90
CA LYS E 210 31.63 19.48 52.31
C LYS E 210 33.01 18.89 52.58
N PRO E 211 34.15 19.61 52.34
CA PRO E 211 35.47 19.06 52.65
C PRO E 211 35.71 18.72 54.12
N SER E 212 35.08 19.48 55.01
CA SER E 212 35.16 19.25 56.45
C SER E 212 34.10 18.25 56.91
N ASN E 213 33.09 18.02 56.04
CA ASN E 213 31.99 17.07 56.23
C ASN E 213 31.17 17.46 57.46
N THR E 214 30.89 18.76 57.58
CA THR E 214 30.21 19.32 58.74
C THR E 214 28.74 19.58 58.41
N LYS E 215 27.85 19.16 59.31
CA LYS E 215 26.43 19.45 59.24
C LYS E 215 26.00 20.14 60.53
N VAL E 216 25.54 21.39 60.42
CA VAL E 216 25.09 22.17 61.55
C VAL E 216 23.67 22.68 61.27
N ASP E 217 22.68 21.92 61.75
CA ASP E 217 21.28 22.31 61.73
C ASP E 217 21.00 23.24 62.91
N LYS E 218 21.83 24.28 63.04
CA LYS E 218 21.76 25.23 64.14
C LYS E 218 20.54 26.13 63.96
N ARG E 219 19.79 26.29 65.06
CA ARG E 219 18.60 27.12 65.09
C ARG E 219 18.99 28.57 65.40
N VAL E 220 18.06 29.48 65.12
CA VAL E 220 18.17 30.88 65.46
C VAL E 220 17.07 31.18 66.47
N GLU E 221 17.46 31.61 67.67
CA GLU E 221 16.49 31.91 68.72
C GLU E 221 16.81 33.26 69.38
N ILE E 222 15.74 33.95 69.79
CA ILE E 222 15.82 35.21 70.52
C ILE E 222 16.26 34.91 71.96
N LYS E 223 17.21 35.69 72.47
CA LYS E 223 17.66 35.58 73.85
C LYS E 223 18.02 36.96 74.39
N THR E 224 17.88 37.16 75.71
CA THR E 224 18.15 38.46 76.32
C THR E 224 19.41 38.37 77.19
N CYS E 225 20.36 39.30 77.00
CA CYS E 225 21.57 39.36 77.79
C CYS E 225 21.20 39.72 79.24
N ASP F 1 47.80 35.57 22.19
CA ASP F 1 48.06 35.31 20.74
C ASP F 1 47.14 36.18 19.90
N ILE F 2 45.87 35.75 19.78
CA ILE F 2 44.86 36.47 19.03
C ILE F 2 43.80 36.94 20.04
N GLN F 3 43.88 38.22 20.40
CA GLN F 3 43.00 38.76 21.42
C GLN F 3 41.59 38.95 20.87
N MET F 4 40.63 38.64 21.75
CA MET F 4 39.22 38.67 21.40
C MET F 4 38.55 39.83 22.13
N THR F 5 38.04 40.78 21.33
CA THR F 5 37.44 42.01 21.84
C THR F 5 35.92 41.85 21.87
N GLN F 6 35.31 42.34 22.95
CA GLN F 6 33.88 42.24 23.15
C GLN F 6 33.30 43.64 23.35
N SER F 7 32.21 43.92 22.62
CA SER F 7 31.55 45.22 22.63
C SER F 7 30.04 45.08 22.53
N PRO F 8 29.23 45.95 23.19
CA PRO F 8 29.73 46.90 24.19
C PRO F 8 30.10 46.17 25.47
N SER F 9 31.11 46.72 26.18
CA SER F 9 31.71 46.10 27.34
C SER F 9 30.71 45.93 28.49
N SER F 10 29.65 46.76 28.47
CA SER F 10 28.52 46.67 29.38
C SER F 10 27.24 47.10 28.64
N LEU F 11 26.10 46.50 29.03
CA LEU F 11 24.80 46.83 28.44
C LEU F 11 23.64 46.42 29.35
N SER F 12 22.49 47.06 29.11
CA SER F 12 21.21 46.76 29.73
C SER F 12 20.06 47.23 28.83
N ALA F 13 18.88 46.61 29.01
CA ALA F 13 17.60 47.07 28.46
C ALA F 13 16.45 46.28 29.10
N SER F 14 15.21 46.67 28.78
CA SER F 14 14.01 46.18 29.45
C SER F 14 13.43 44.95 28.75
N VAL F 15 12.27 44.48 29.25
CA VAL F 15 11.55 43.32 28.75
C VAL F 15 11.12 43.56 27.29
N GLY F 16 11.30 42.53 26.47
CA GLY F 16 10.89 42.54 25.06
C GLY F 16 11.69 43.55 24.24
N ASP F 17 12.98 43.70 24.57
CA ASP F 17 13.88 44.60 23.88
C ASP F 17 14.91 43.78 23.13
N THR F 18 15.32 44.30 21.96
CA THR F 18 16.40 43.71 21.18
C THR F 18 17.71 44.42 21.52
N VAL F 19 18.73 43.62 21.88
CA VAL F 19 20.07 44.12 22.15
C VAL F 19 21.07 43.37 21.29
N THR F 20 22.20 44.04 21.00
CA THR F 20 23.26 43.47 20.17
C THR F 20 24.59 43.57 20.91
N ILE F 21 25.30 42.44 20.97
CA ILE F 21 26.65 42.36 21.54
C ILE F 21 27.60 41.95 20.42
N THR F 22 28.60 42.80 20.17
CA THR F 22 29.55 42.65 19.06
C THR F 22 30.87 42.08 19.58
N CYS F 23 31.46 41.17 18.79
CA CYS F 23 32.77 40.62 19.06
C CYS F 23 33.74 41.05 17.96
N ARG F 24 34.97 41.38 18.38
CA ARG F 24 36.04 41.78 17.50
C ARG F 24 37.22 40.82 17.64
N ALA F 25 38.11 40.86 16.64
CA ALA F 25 39.28 39.99 16.56
C ALA F 25 40.51 40.81 16.22
N SER F 26 41.69 40.29 16.58
CA SER F 26 42.96 40.91 16.21
C SER F 26 43.25 40.63 14.74
N GLN F 27 43.10 39.37 14.32
CA GLN F 27 43.23 38.96 12.94
C GLN F 27 41.88 38.41 12.46
N SER F 28 41.42 38.82 11.27
CA SER F 28 40.12 38.41 10.78
C SER F 28 40.06 36.89 10.64
N ILE F 29 39.00 36.26 11.19
CA ILE F 29 38.85 34.81 11.16
C ILE F 29 37.56 34.45 10.43
N SER F 30 37.62 33.55 9.45
CA SER F 30 36.46 33.26 8.60
C SER F 30 35.43 32.37 9.32
N SER F 31 34.44 32.98 9.99
CA SER F 31 33.32 32.25 10.58
C SER F 31 33.80 31.04 11.38
N TRP F 32 34.72 31.29 12.33
CA TRP F 32 35.12 30.31 13.31
C TRP F 32 35.02 30.92 14.71
N LEU F 33 33.79 31.32 15.08
CA LEU F 33 33.54 32.01 16.34
C LEU F 33 32.48 31.26 17.15
N ALA F 34 32.38 31.62 18.44
CA ALA F 34 31.44 30.99 19.36
C ALA F 34 30.86 32.03 20.32
N TRP F 35 29.76 31.64 20.96
CA TRP F 35 29.10 32.44 21.99
C TRP F 35 28.64 31.53 23.11
N TYR F 36 28.73 32.02 24.35
CA TYR F 36 28.38 31.25 25.53
C TYR F 36 27.54 32.06 26.51
N GLN F 37 26.63 31.36 27.20
CA GLN F 37 25.76 31.90 28.23
C GLN F 37 26.25 31.40 29.58
N GLN F 38 26.52 32.35 30.49
CA GLN F 38 27.00 32.00 31.82
C GLN F 38 26.09 32.61 32.88
N LYS F 39 25.18 31.78 33.41
CA LYS F 39 24.41 32.13 34.58
C LYS F 39 25.37 32.31 35.75
N PRO F 40 25.38 33.49 36.43
CA PRO F 40 26.30 33.75 37.55
C PRO F 40 26.11 32.75 38.69
N GLY F 41 27.22 32.13 39.08
CA GLY F 41 27.24 31.10 40.11
C GLY F 41 26.76 29.74 39.59
N LYS F 42 26.71 29.60 38.26
CA LYS F 42 26.31 28.37 37.60
C LYS F 42 27.31 28.03 36.50
N ALA F 43 27.25 26.78 36.02
CA ALA F 43 28.10 26.27 34.95
C ALA F 43 27.72 26.93 33.63
N PRO F 44 28.66 27.61 32.91
CA PRO F 44 28.37 28.19 31.59
C PRO F 44 27.89 27.19 30.53
N LYS F 45 27.07 27.65 29.57
CA LYS F 45 26.47 26.81 28.54
C LYS F 45 26.68 27.43 27.15
N LEU F 46 26.74 26.60 26.09
CA LEU F 46 26.95 27.07 24.73
C LEU F 46 25.68 27.79 24.23
N LEU F 47 25.85 28.97 23.62
CA LEU F 47 24.71 29.77 23.16
C LEU F 47 24.57 29.67 21.63
N ILE F 48 25.65 30.00 20.88
CA ILE F 48 25.68 29.96 19.42
C ILE F 48 27.09 29.53 18.98
N TYR F 49 27.25 28.99 17.75
CA TYR F 49 28.53 28.45 17.33
C TYR F 49 28.85 28.75 15.85
N LYS F 50 30.12 28.62 15.44
CA LYS F 50 30.56 28.77 14.06
C LYS F 50 30.23 30.17 13.58
N ALA F 51 29.67 30.35 12.40
CA ALA F 51 29.46 31.70 11.93
C ALA F 51 28.42 32.31 12.83
N SER F 52 27.50 31.45 13.29
CA SER F 52 26.38 31.86 14.13
C SER F 52 25.18 30.96 13.78
N SER F 53 25.47 29.69 13.49
CA SER F 53 24.39 28.76 13.21
C SER F 53 23.63 28.42 14.49
N LEU F 54 22.28 28.36 14.41
CA LEU F 54 21.45 28.18 15.60
C LEU F 54 21.81 26.86 16.25
N GLN F 55 21.92 26.83 17.59
CA GLN F 55 22.26 25.60 18.29
C GLN F 55 20.95 24.96 18.74
N GLY F 56 20.82 23.64 18.54
CA GLY F 56 19.70 22.88 19.10
C GLY F 56 19.69 22.95 20.63
N GLY F 57 18.54 23.33 21.20
CA GLY F 57 18.38 23.56 22.63
C GLY F 57 18.51 25.04 23.00
N VAL F 58 18.70 25.87 21.96
CA VAL F 58 18.77 27.32 22.06
C VAL F 58 17.60 27.88 21.26
N PRO F 59 16.55 28.44 21.93
CA PRO F 59 15.38 29.01 21.24
C PRO F 59 15.75 30.06 20.20
N SER F 60 14.85 30.27 19.23
CA SER F 60 15.13 30.98 17.99
C SER F 60 15.57 32.43 18.23
N ARG F 61 15.15 33.00 19.37
CA ARG F 61 15.34 34.41 19.69
C ARG F 61 16.82 34.79 19.68
N PHE F 62 17.68 33.85 20.08
CA PHE F 62 19.12 34.06 20.05
C PHE F 62 19.62 33.85 18.62
N SER F 63 20.25 34.90 18.07
CA SER F 63 20.76 34.89 16.70
C SER F 63 22.00 35.75 16.59
N GLY F 64 22.79 35.49 15.53
CA GLY F 64 23.99 36.26 15.25
C GLY F 64 24.37 36.21 13.77
N SER F 65 25.46 36.91 13.42
CA SER F 65 26.00 36.93 12.07
C SER F 65 27.52 37.04 12.12
N GLY F 66 28.18 36.39 11.16
CA GLY F 66 29.63 36.35 11.07
C GLY F 66 30.15 36.87 9.73
N SER F 67 31.08 37.83 9.80
CA SER F 67 31.69 38.43 8.62
C SER F 67 33.15 38.82 8.89
N GLY F 68 34.01 37.80 9.08
CA GLY F 68 35.45 37.96 9.13
C GLY F 68 35.98 38.49 10.46
N SER F 69 35.74 39.78 10.71
CA SER F 69 36.10 40.45 11.95
C SER F 69 34.84 40.87 12.70
N ASP F 70 33.75 41.06 11.93
CA ASP F 70 32.51 41.66 12.41
C ASP F 70 31.53 40.57 12.85
N PHE F 71 31.49 40.34 14.18
CA PHE F 71 30.67 39.28 14.76
C PHE F 71 29.79 39.87 15.85
N THR F 72 28.49 39.62 15.76
CA THR F 72 27.49 40.17 16.67
C THR F 72 26.54 39.07 17.12
N LEU F 73 26.26 39.02 18.44
CA LEU F 73 25.13 38.28 18.96
C LEU F 73 23.98 39.24 19.18
N THR F 74 22.77 38.77 18.85
CA THR F 74 21.53 39.51 19.09
C THR F 74 20.62 38.69 19.99
N ILE F 75 20.21 39.30 21.11
CA ILE F 75 19.03 38.87 21.85
C ILE F 75 17.85 39.59 21.23
N SER F 76 16.96 38.82 20.59
CA SER F 76 15.82 39.38 19.85
C SER F 76 14.79 39.96 20.80
N SER F 77 14.49 39.22 21.87
CA SER F 77 13.56 39.65 22.90
C SER F 77 14.16 39.38 24.28
N LEU F 78 14.24 40.43 25.10
CA LEU F 78 14.86 40.35 26.41
C LEU F 78 13.86 39.81 27.42
N GLN F 79 14.16 38.61 27.93
CA GLN F 79 13.48 38.03 29.07
C GLN F 79 14.41 38.09 30.27
N SER F 80 13.85 38.04 31.49
CA SER F 80 14.59 37.87 32.74
C SER F 80 15.49 36.63 32.70
N GLU F 81 15.02 35.59 31.99
CA GLU F 81 15.63 34.27 31.94
C GLU F 81 17.02 34.34 31.31
N ASP F 82 17.29 35.41 30.54
CA ASP F 82 18.63 35.61 30.00
C ASP F 82 19.26 36.93 30.47
N PHE F 83 19.75 36.89 31.70
CA PHE F 83 20.84 37.77 32.10
C PHE F 83 22.04 36.88 32.34
N ALA F 84 23.20 37.27 31.80
CA ALA F 84 24.40 36.47 31.96
C ALA F 84 25.63 37.27 31.52
N THR F 85 26.77 36.59 31.52
CA THR F 85 28.00 37.11 30.96
C THR F 85 28.29 36.34 29.68
N TYR F 86 28.22 37.05 28.55
CA TYR F 86 28.25 36.45 27.23
C TYR F 86 29.67 36.53 26.68
N TYR F 87 30.16 35.42 26.12
CA TYR F 87 31.55 35.32 25.71
C TYR F 87 31.65 34.83 24.26
N CYS F 88 32.54 35.46 23.47
CA CYS F 88 32.80 35.04 22.11
C CYS F 88 34.16 34.34 22.03
N GLN F 89 34.20 33.08 21.55
CA GLN F 89 35.43 32.30 21.58
C GLN F 89 35.93 32.00 20.17
N GLN F 90 37.24 32.20 19.90
CA GLN F 90 37.81 31.99 18.59
C GLN F 90 38.14 30.52 18.40
N TYR F 91 37.75 29.94 17.26
CA TYR F 91 38.03 28.55 16.94
C TYR F 91 39.01 28.44 15.77
N SER F 92 39.21 29.56 15.06
CA SER F 92 40.00 29.55 13.85
C SER F 92 41.45 29.15 14.11
N GLY F 93 42.04 29.68 15.19
CA GLY F 93 43.46 29.48 15.46
C GLY F 93 43.67 28.85 16.83
N ARG F 94 44.88 28.31 17.07
CA ARG F 94 45.21 27.78 18.37
C ARG F 94 46.41 28.54 18.95
N PRO F 95 46.49 28.80 20.29
CA PRO F 95 45.49 28.35 21.26
C PRO F 95 44.14 29.07 21.16
N PRO F 96 43.04 28.47 21.66
CA PRO F 96 41.74 29.15 21.71
C PRO F 96 41.78 30.39 22.60
N THR F 97 40.96 31.39 22.22
CA THR F 97 40.85 32.65 22.95
C THR F 97 39.38 33.04 23.07
N PHE F 98 39.09 33.85 24.09
CA PHE F 98 37.76 34.01 24.64
C PHE F 98 37.33 35.48 24.64
N GLY F 99 36.01 35.67 24.61
CA GLY F 99 35.38 36.95 24.88
C GLY F 99 35.72 37.43 26.28
N GLN F 100 35.71 38.76 26.46
CA GLN F 100 36.04 39.38 27.73
C GLN F 100 34.96 39.08 28.76
N GLY F 101 33.70 39.13 28.30
CA GLY F 101 32.54 38.88 29.13
C GLY F 101 31.82 40.17 29.50
N THR F 102 30.59 40.28 29.01
CA THR F 102 29.79 41.48 29.22
C THR F 102 28.70 41.18 30.24
N LYS F 103 28.75 41.92 31.36
CA LYS F 103 27.69 41.88 32.35
C LYS F 103 26.45 42.58 31.77
N VAL F 104 25.49 41.77 31.32
CA VAL F 104 24.23 42.30 30.82
C VAL F 104 23.14 42.10 31.87
N GLU F 105 22.39 43.18 32.10
CA GLU F 105 21.31 43.21 33.07
C GLU F 105 20.04 43.73 32.37
N ILE F 106 18.91 43.66 33.07
CA ILE F 106 17.64 44.16 32.57
C ILE F 106 17.37 45.52 33.20
N LYS F 107 17.16 46.53 32.34
CA LYS F 107 16.84 47.87 32.79
C LYS F 107 15.37 47.93 33.16
N ARG F 108 15.04 47.47 34.39
CA ARG F 108 13.64 47.40 34.81
C ARG F 108 13.55 47.22 36.34
N ALA F 109 12.32 47.26 36.89
CA ALA F 109 12.01 46.98 38.29
C ALA F 109 12.73 47.96 39.23
N VAL F 110 12.79 49.25 38.87
CA VAL F 110 13.28 50.25 39.81
C VAL F 110 12.36 50.21 41.04
N ALA F 111 12.91 50.00 42.24
CA ALA F 111 12.09 49.84 43.43
C ALA F 111 12.79 50.37 44.68
N ALA F 112 12.01 50.77 45.70
CA ALA F 112 12.56 51.19 46.98
C ALA F 112 13.16 49.97 47.70
N PRO F 113 14.36 50.08 48.31
CA PRO F 113 15.00 48.93 48.96
C PRO F 113 14.53 48.73 50.40
N SER F 114 14.16 47.49 50.76
CA SER F 114 13.79 47.19 52.13
C SER F 114 15.06 47.04 52.97
N VAL F 115 15.12 47.81 54.07
CA VAL F 115 16.33 47.98 54.88
C VAL F 115 16.29 46.98 56.04
N PHE F 116 17.39 46.24 56.21
CA PHE F 116 17.48 45.16 57.19
C PHE F 116 18.84 45.16 57.89
N ILE F 117 18.94 45.87 59.02
CA ILE F 117 20.09 45.80 59.92
C ILE F 117 20.06 44.45 60.64
N PHE F 118 21.25 43.94 61.00
CA PHE F 118 21.39 42.65 61.65
C PHE F 118 21.95 42.84 63.06
N PRO F 119 21.29 42.27 64.12
CA PRO F 119 21.77 42.43 65.49
C PRO F 119 22.99 41.55 65.79
N PRO F 120 23.86 41.96 66.74
CA PRO F 120 24.88 41.06 67.29
C PRO F 120 24.18 39.98 68.11
N SER F 121 24.29 38.72 67.67
CA SER F 121 23.78 37.59 68.41
C SER F 121 24.65 37.36 69.65
N GLU F 122 24.19 36.47 70.53
CA GLU F 122 24.81 36.24 71.82
C GLU F 122 26.16 35.56 71.63
N ASP F 123 26.20 34.59 70.70
CA ASP F 123 27.42 33.91 70.29
C ASP F 123 28.40 34.94 69.74
N GLN F 124 27.88 35.97 69.08
CA GLN F 124 28.64 37.05 68.46
C GLN F 124 29.31 37.92 69.53
N VAL F 125 28.56 38.21 70.61
CA VAL F 125 29.07 38.99 71.73
C VAL F 125 30.14 38.17 72.46
N LYS F 126 29.91 36.85 72.56
CA LYS F 126 30.84 35.92 73.18
C LYS F 126 32.03 35.65 72.27
N SER F 127 31.83 35.82 70.95
CA SER F 127 32.87 35.55 69.96
C SER F 127 34.02 36.53 70.07
N GLY F 128 33.72 37.74 70.55
CA GLY F 128 34.72 38.79 70.71
C GLY F 128 34.75 39.74 69.52
N THR F 129 33.94 39.43 68.50
CA THR F 129 33.79 40.27 67.31
C THR F 129 32.30 40.53 67.07
N VAL F 130 31.98 41.81 66.81
CA VAL F 130 30.61 42.18 66.45
C VAL F 130 30.59 42.66 65.01
N SER F 131 29.85 41.92 64.18
CA SER F 131 29.58 42.27 62.79
C SER F 131 28.19 42.90 62.70
N VAL F 132 28.15 44.17 62.27
CA VAL F 132 26.89 44.88 62.09
C VAL F 132 26.68 45.17 60.61
N VAL F 133 25.78 44.37 60.03
CA VAL F 133 25.53 44.32 58.60
C VAL F 133 24.13 44.87 58.36
N CYS F 134 23.84 45.33 57.14
CA CYS F 134 22.55 45.90 56.79
C CYS F 134 22.16 45.50 55.37
N LEU F 135 20.93 44.96 55.22
CA LEU F 135 20.44 44.37 53.99
C LEU F 135 19.42 45.27 53.32
N LEU F 136 19.64 45.53 52.03
CA LEU F 136 18.72 46.27 51.16
C LEU F 136 18.21 45.30 50.10
N ASN F 137 16.89 45.07 50.04
CA ASN F 137 16.34 44.07 49.13
C ASN F 137 15.66 44.74 47.94
N ASN F 138 15.76 44.16 46.74
CA ASN F 138 15.06 44.64 45.55
C ASN F 138 15.33 46.11 45.23
N PHE F 139 16.59 46.48 44.97
CA PHE F 139 16.89 47.84 44.52
C PHE F 139 17.59 47.78 43.16
N TYR F 140 16.85 48.05 42.07
CA TYR F 140 17.42 47.89 40.73
C TYR F 140 18.49 48.93 40.43
N PRO F 141 18.31 50.25 40.67
CA PRO F 141 19.36 51.20 40.31
C PRO F 141 20.56 50.95 41.21
N ARG F 142 21.77 50.98 40.69
CA ARG F 142 22.94 50.89 41.56
C ARG F 142 23.20 52.22 42.27
N GLU F 143 22.16 52.75 42.93
CA GLU F 143 22.22 54.10 43.44
C GLU F 143 22.17 54.07 44.96
N ALA F 144 21.57 53.01 45.52
CA ALA F 144 21.52 52.81 46.96
C ALA F 144 22.95 52.65 47.49
N SER F 145 23.32 53.48 48.46
CA SER F 145 24.61 53.37 49.12
C SER F 145 24.40 53.20 50.63
N VAL F 146 25.28 52.40 51.23
CA VAL F 146 25.18 52.06 52.64
C VAL F 146 26.16 52.94 53.43
N LYS F 147 25.75 53.33 54.64
CA LYS F 147 26.61 54.01 55.58
C LYS F 147 26.32 53.56 57.01
N TRP F 148 27.30 53.76 57.89
CA TRP F 148 27.19 53.44 59.30
C TRP F 148 27.62 54.63 60.15
N LYS F 149 26.68 55.11 60.98
CA LYS F 149 26.94 56.16 61.96
C LYS F 149 26.48 55.69 63.33
N VAL F 150 27.45 55.28 64.15
CA VAL F 150 27.26 55.04 65.57
C VAL F 150 27.11 56.40 66.24
N ASP F 151 26.62 56.42 67.49
CA ASP F 151 26.35 57.65 68.22
C ASP F 151 27.59 58.53 68.31
N GLY F 152 28.77 57.89 68.46
CA GLY F 152 30.03 58.57 68.62
C GLY F 152 30.59 59.14 67.31
N ALA F 153 30.75 58.25 66.30
CA ALA F 153 31.48 58.58 65.09
C ALA F 153 30.85 57.93 63.85
N LEU F 154 31.50 58.12 62.71
CA LEU F 154 31.14 57.56 61.42
C LEU F 154 31.99 56.32 61.17
N LYS F 155 31.33 55.16 61.09
CA LYS F 155 31.99 53.87 60.97
C LYS F 155 31.81 53.29 59.57
N THR F 156 31.36 54.15 58.64
CA THR F 156 31.24 53.85 57.21
C THR F 156 32.64 53.66 56.63
N GLY F 157 32.75 52.70 55.70
CA GLY F 157 34.00 52.40 55.03
C GLY F 157 34.75 51.25 55.70
N ASN F 158 34.32 50.92 56.92
CA ASN F 158 34.85 49.79 57.69
C ASN F 158 33.94 48.58 57.47
N SER F 159 33.00 48.72 56.53
CA SER F 159 32.05 47.68 56.17
C SER F 159 32.53 46.92 54.92
N GLN F 160 32.46 45.59 54.99
CA GLN F 160 32.75 44.72 53.87
C GLN F 160 31.45 44.40 53.11
N GLU F 161 31.32 45.02 51.93
CA GLU F 161 30.09 45.00 51.15
C GLU F 161 29.95 43.67 50.40
N SER F 162 28.75 43.08 50.50
CA SER F 162 28.37 41.91 49.74
C SER F 162 26.99 42.11 49.13
N VAL F 163 26.97 42.30 47.80
CA VAL F 163 25.75 42.55 47.05
C VAL F 163 25.45 41.32 46.18
N THR F 164 24.22 40.80 46.29
CA THR F 164 23.77 39.74 45.41
C THR F 164 23.57 40.30 44.01
N GLU F 165 23.88 39.47 43.01
CA GLU F 165 23.59 39.78 41.62
C GLU F 165 22.08 39.82 41.41
N GLN F 166 21.70 40.11 40.17
CA GLN F 166 20.32 40.17 39.73
C GLN F 166 19.70 38.77 39.84
N ASP F 167 18.40 38.73 40.15
CA ASP F 167 17.69 37.51 40.47
C ASP F 167 16.76 37.12 39.31
N SER F 168 16.24 35.90 39.39
CA SER F 168 15.21 35.40 38.47
C SER F 168 13.89 36.14 38.69
N LYS F 169 13.67 36.59 39.93
CA LYS F 169 12.50 37.38 40.31
C LYS F 169 12.64 38.79 39.72
N ASP F 170 13.80 39.41 39.94
CA ASP F 170 14.05 40.79 39.53
C ASP F 170 15.52 40.99 39.19
N ASN F 171 15.76 41.81 38.16
CA ASN F 171 17.10 42.25 37.80
C ASN F 171 17.54 43.35 38.77
N THR F 172 17.48 43.02 40.07
CA THR F 172 17.78 43.97 41.13
C THR F 172 18.89 43.39 42.01
N TYR F 173 19.38 44.23 42.94
CA TYR F 173 20.47 43.88 43.82
C TYR F 173 19.95 43.65 45.23
N SER F 174 20.79 43.03 46.06
CA SER F 174 20.61 42.98 47.50
C SER F 174 21.99 43.03 48.17
N LEU F 175 22.24 44.15 48.88
CA LEU F 175 23.56 44.43 49.44
C LEU F 175 23.50 44.34 50.97
N SER F 176 24.42 43.52 51.53
CA SER F 176 24.72 43.50 52.95
C SER F 176 26.20 43.78 53.17
N SER F 177 26.46 44.90 53.87
CA SER F 177 27.82 45.39 54.08
C SER F 177 28.24 45.13 55.53
N THR F 178 29.27 44.29 55.68
CA THR F 178 29.67 43.69 56.95
C THR F 178 30.69 44.57 57.66
N LEU F 179 30.22 45.31 58.67
CA LEU F 179 31.08 46.05 59.56
C LEU F 179 31.39 45.20 60.80
N THR F 180 32.56 44.56 60.78
CA THR F 180 33.03 43.74 61.89
C THR F 180 33.99 44.56 62.75
N LEU F 181 33.73 44.57 64.06
CA LEU F 181 34.62 45.18 65.05
C LEU F 181 35.07 44.10 66.03
N SER F 182 35.92 44.50 66.99
CA SER F 182 36.17 43.72 68.18
C SER F 182 35.13 44.09 69.23
N SER F 183 34.91 43.20 70.21
CA SER F 183 33.95 43.40 71.29
C SER F 183 34.33 44.63 72.12
N THR F 184 35.64 44.81 72.34
CA THR F 184 36.19 45.95 73.07
C THR F 184 35.85 47.25 72.34
N ASP F 185 36.09 47.30 71.02
CA ASP F 185 35.75 48.47 70.21
C ASP F 185 34.23 48.71 70.24
N TYR F 186 33.45 47.62 70.13
CA TYR F 186 31.99 47.71 70.14
C TYR F 186 31.46 48.21 71.49
N GLN F 187 32.10 47.80 72.59
CA GLN F 187 31.63 48.12 73.93
C GLN F 187 31.58 49.62 74.15
N SER F 188 32.59 50.35 73.64
CA SER F 188 32.68 51.79 73.79
C SER F 188 31.46 52.50 73.19
N HIS F 189 30.99 52.03 72.03
CA HIS F 189 29.90 52.65 71.31
C HIS F 189 28.56 52.45 72.04
N ASN F 190 27.63 53.41 71.90
CA ASN F 190 26.35 53.36 72.62
C ASN F 190 25.15 53.16 71.70
N VAL F 191 24.87 54.12 70.80
CA VAL F 191 23.69 54.05 69.93
C VAL F 191 24.14 53.58 68.54
N TYR F 192 23.42 52.60 67.97
CA TYR F 192 23.82 51.97 66.72
C TYR F 192 22.75 52.20 65.66
N ALA F 193 23.20 52.44 64.42
CA ALA F 193 22.30 52.85 63.35
C ALA F 193 22.79 52.34 61.99
N CYS F 194 21.83 51.88 61.18
CA CYS F 194 22.02 51.66 59.75
C CYS F 194 21.30 52.77 58.99
N GLU F 195 22.07 53.49 58.15
CA GLU F 195 21.55 54.55 57.31
C GLU F 195 21.79 54.21 55.84
N VAL F 196 20.80 54.56 55.01
CA VAL F 196 20.69 54.06 53.64
C VAL F 196 20.44 55.26 52.71
N THR F 197 21.39 55.48 51.79
CA THR F 197 21.32 56.57 50.83
C THR F 197 21.04 56.00 49.44
N HIS F 198 19.76 56.03 49.05
CA HIS F 198 19.32 55.56 47.74
C HIS F 198 19.21 56.75 46.79
N GLN F 199 20.18 56.89 45.88
CA GLN F 199 20.25 57.99 44.92
C GLN F 199 19.05 57.99 43.98
N GLY F 200 18.36 56.84 43.90
CA GLY F 200 17.12 56.73 43.16
C GLY F 200 15.98 57.54 43.79
N LEU F 201 16.07 57.76 45.11
CA LEU F 201 15.03 58.48 45.86
C LEU F 201 15.64 59.62 46.66
N SER F 202 16.92 59.50 47.01
CA SER F 202 17.71 60.49 47.77
C SER F 202 17.15 60.71 49.17
N SER F 203 16.42 59.71 49.68
CA SER F 203 15.79 59.79 51.00
C SER F 203 16.42 58.78 51.95
N PRO F 204 17.34 59.22 52.85
CA PRO F 204 17.94 58.33 53.84
C PRO F 204 17.02 58.00 55.01
N VAL F 205 16.87 56.70 55.27
CA VAL F 205 16.13 56.19 56.43
C VAL F 205 17.14 55.53 57.37
N THR F 206 17.21 56.06 58.60
CA THR F 206 18.14 55.62 59.62
C THR F 206 17.42 54.66 60.56
N LYS F 207 18.02 53.48 60.78
CA LYS F 207 17.42 52.44 61.61
C LYS F 207 18.29 52.19 62.83
N SER F 208 17.75 52.52 64.01
CA SER F 208 18.49 52.57 65.26
C SER F 208 17.86 51.68 66.32
N PHE F 209 18.73 51.01 67.09
CA PHE F 209 18.39 50.42 68.37
C PHE F 209 19.38 50.93 69.43
N ASN F 210 18.88 51.35 70.60
CA ASN F 210 19.74 51.99 71.60
C ASN F 210 20.47 50.94 72.45
N ARG F 211 21.38 51.40 73.33
CA ARG F 211 22.11 50.54 74.23
C ARG F 211 21.15 49.91 75.24
N GLY F 212 21.38 48.64 75.62
CA GLY F 212 20.49 47.93 76.52
C GLY F 212 19.35 47.22 75.77
N GLU F 213 19.34 47.34 74.44
CA GLU F 213 18.38 46.63 73.63
C GLU F 213 19.07 45.43 73.00
N CYS F 214 18.51 44.23 73.18
CA CYS F 214 19.14 43.00 72.68
C CYS F 214 18.18 42.27 71.74
N SER G 9 43.33 12.37 -31.83
CA SER G 9 43.24 12.73 -30.39
C SER G 9 42.93 11.47 -29.57
N THR G 10 42.05 11.62 -28.58
CA THR G 10 41.51 10.52 -27.79
C THR G 10 39.99 10.61 -27.77
N ALA G 11 39.33 9.44 -27.82
CA ALA G 11 37.89 9.34 -27.99
C ALA G 11 37.16 9.61 -26.68
N THR G 12 35.84 9.81 -26.78
CA THR G 12 34.93 10.00 -25.66
C THR G 12 33.53 9.50 -26.05
N LEU G 13 33.03 8.52 -25.28
CA LEU G 13 31.61 8.18 -25.31
C LEU G 13 30.98 8.66 -24.02
N CYS G 14 29.79 9.27 -24.14
CA CYS G 14 29.11 9.88 -23.02
C CYS G 14 27.61 9.57 -23.09
N LEU G 15 27.09 8.97 -22.01
CA LEU G 15 25.74 8.41 -21.99
C LEU G 15 24.75 9.43 -21.44
N GLY G 16 23.46 9.16 -21.69
CA GLY G 16 22.36 9.97 -21.18
C GLY G 16 20.99 9.54 -21.72
N HIS G 17 19.97 10.33 -21.38
CA HIS G 17 18.57 10.05 -21.65
C HIS G 17 17.89 11.32 -22.15
N HIS G 18 16.72 11.18 -22.79
CA HIS G 18 16.00 12.33 -23.35
C HIS G 18 15.21 13.07 -22.27
N ALA G 19 14.74 14.25 -22.66
CA ALA G 19 13.71 14.98 -21.93
C ALA G 19 12.71 15.56 -22.93
N VAL G 20 11.79 16.39 -22.42
CA VAL G 20 10.82 17.12 -23.22
C VAL G 20 10.76 18.55 -22.68
N PRO G 21 10.71 19.60 -23.55
CA PRO G 21 10.66 20.99 -23.08
C PRO G 21 9.47 21.27 -22.16
N ASN G 22 8.35 20.60 -22.42
CA ASN G 22 7.20 20.66 -21.53
C ASN G 22 6.89 19.29 -20.93
N GLY G 23 7.08 19.21 -19.62
CA GLY G 23 6.60 18.08 -18.84
C GLY G 23 5.31 18.44 -18.11
N THR G 24 4.93 17.58 -17.16
CA THR G 24 3.79 17.79 -16.28
C THR G 24 4.16 17.30 -14.88
N ILE G 25 3.59 17.96 -13.87
CA ILE G 25 3.84 17.62 -12.47
C ILE G 25 3.10 16.32 -12.14
N VAL G 26 3.68 15.54 -11.21
CA VAL G 26 3.08 14.29 -10.76
C VAL G 26 3.39 14.08 -9.28
N LYS G 27 2.36 13.63 -8.55
CA LYS G 27 2.45 13.43 -7.10
C LYS G 27 2.96 12.02 -6.81
N THR G 28 3.98 11.93 -5.96
CA THR G 28 4.62 10.67 -5.62
C THR G 28 4.57 10.45 -4.11
N ILE G 29 5.37 9.47 -3.64
CA ILE G 29 5.60 9.23 -2.23
C ILE G 29 6.93 9.88 -1.82
N THR G 30 7.86 9.97 -2.77
CA THR G 30 9.23 10.43 -2.52
C THR G 30 9.25 11.96 -2.40
N ASN G 31 8.53 12.61 -3.32
CA ASN G 31 8.51 14.05 -3.46
C ASN G 31 7.14 14.42 -4.05
N ASP G 32 6.41 15.27 -3.31
CA ASP G 32 5.01 15.57 -3.58
C ASP G 32 4.83 16.20 -4.97
N GLN G 33 5.93 16.70 -5.55
CA GLN G 33 5.94 17.29 -6.88
C GLN G 33 7.21 16.86 -7.62
N ILE G 34 7.04 16.47 -8.89
CA ILE G 34 8.16 16.13 -9.77
C ILE G 34 7.72 16.25 -11.24
N GLU G 35 8.71 16.54 -12.10
CA GLU G 35 8.50 16.73 -13.53
C GLU G 35 8.97 15.51 -14.30
N VAL G 36 8.04 14.90 -15.05
CA VAL G 36 8.31 13.76 -15.92
C VAL G 36 7.83 14.12 -17.33
N THR G 37 8.27 13.31 -18.31
CA THR G 37 8.09 13.60 -19.73
C THR G 37 6.61 13.62 -20.08
N ASN G 38 5.97 12.45 -19.98
CA ASN G 38 4.64 12.23 -20.50
C ASN G 38 3.73 11.77 -19.37
N ALA G 39 2.67 12.55 -19.13
CA ALA G 39 1.67 12.24 -18.12
C ALA G 39 0.41 11.70 -18.79
N THR G 40 -0.50 11.18 -17.98
CA THR G 40 -1.83 10.77 -18.42
C THR G 40 -2.86 11.12 -17.34
N GLU G 41 -4.07 10.57 -17.49
CA GLU G 41 -5.14 10.77 -16.54
C GLU G 41 -5.66 9.44 -16.04
N LEU G 42 -6.06 9.41 -14.76
CA LEU G 42 -6.64 8.23 -14.14
C LEU G 42 -8.09 8.49 -13.71
N VAL G 43 -8.55 9.74 -13.88
CA VAL G 43 -9.89 10.14 -13.45
C VAL G 43 -10.63 10.79 -14.60
N GLN G 44 -11.67 10.10 -15.08
CA GLN G 44 -12.59 10.65 -16.07
C GLN G 44 -13.61 11.54 -15.36
N ASN G 45 -13.49 12.85 -15.60
CA ASN G 45 -14.28 13.85 -14.88
C ASN G 45 -15.41 14.38 -15.76
N SER G 46 -15.47 13.89 -17.01
CA SER G 46 -16.34 14.44 -18.03
C SER G 46 -17.33 13.39 -18.54
N SER G 47 -18.55 13.86 -18.86
CA SER G 47 -19.60 13.04 -19.43
C SER G 47 -19.94 13.53 -20.84
N ILE G 48 -20.54 12.62 -21.63
CA ILE G 48 -21.16 12.95 -22.91
C ILE G 48 -22.33 13.89 -22.64
N GLY G 49 -23.13 13.54 -21.62
CA GLY G 49 -24.22 14.36 -21.15
C GLY G 49 -25.59 13.76 -21.52
N GLU G 50 -25.62 12.45 -21.77
CA GLU G 50 -26.87 11.73 -22.00
C GLU G 50 -26.70 10.23 -21.74
N ILE G 51 -27.83 9.60 -21.40
CA ILE G 51 -27.96 8.17 -21.21
C ILE G 51 -27.96 7.52 -22.58
N CYS G 52 -26.90 6.75 -22.87
CA CYS G 52 -26.72 6.23 -24.20
C CYS G 52 -27.02 4.74 -24.25
N ASP G 53 -27.63 4.33 -25.37
CA ASP G 53 -28.49 3.16 -25.45
C ASP G 53 -27.70 1.85 -25.35
N SER G 54 -26.65 1.70 -26.17
CA SER G 54 -25.95 0.43 -26.28
C SER G 54 -24.90 0.28 -25.19
N PRO G 55 -24.68 -0.94 -24.62
CA PRO G 55 -25.49 -2.12 -24.95
C PRO G 55 -26.70 -2.43 -24.06
N HIS G 56 -26.78 -1.75 -22.90
CA HIS G 56 -27.81 -2.03 -21.90
C HIS G 56 -29.16 -1.46 -22.36
N GLN G 57 -30.23 -2.24 -22.14
CA GLN G 57 -31.58 -1.80 -22.45
C GLN G 57 -32.00 -0.70 -21.47
N ILE G 58 -32.52 0.40 -22.03
CA ILE G 58 -32.93 1.56 -21.26
C ILE G 58 -34.44 1.72 -21.39
N LEU G 59 -35.04 2.46 -20.43
CA LEU G 59 -36.45 2.80 -20.44
C LEU G 59 -36.64 4.08 -19.63
N ASP G 60 -37.25 5.09 -20.26
CA ASP G 60 -37.48 6.38 -19.61
C ASP G 60 -38.96 6.54 -19.30
N GLY G 61 -39.25 6.72 -18.00
CA GLY G 61 -40.58 7.01 -17.48
C GLY G 61 -41.15 8.26 -18.15
N GLU G 62 -40.33 9.31 -18.22
CA GLU G 62 -40.62 10.55 -18.92
C GLU G 62 -41.73 11.31 -18.20
N ASN G 63 -42.48 10.63 -17.34
CA ASN G 63 -43.65 11.20 -16.67
C ASN G 63 -44.09 10.31 -15.51
N CYS G 64 -43.42 9.17 -15.33
CA CYS G 64 -43.89 8.15 -14.40
C CYS G 64 -42.82 7.84 -13.35
N THR G 65 -43.29 7.65 -12.11
CA THR G 65 -42.50 6.96 -11.10
C THR G 65 -42.62 5.46 -11.39
N LEU G 66 -41.66 4.68 -10.88
CA LEU G 66 -41.70 3.23 -11.11
C LEU G 66 -42.91 2.62 -10.42
N ILE G 67 -43.28 3.19 -9.26
CA ILE G 67 -44.48 2.80 -8.53
C ILE G 67 -45.71 3.20 -9.35
N ASP G 68 -45.68 4.41 -9.92
CA ASP G 68 -46.75 4.93 -10.77
C ASP G 68 -46.92 4.05 -12.01
N ALA G 69 -45.80 3.57 -12.56
CA ALA G 69 -45.81 2.68 -13.72
C ALA G 69 -46.21 1.26 -13.30
N LEU G 70 -45.72 0.81 -12.13
CA LEU G 70 -46.10 -0.48 -11.58
C LEU G 70 -47.61 -0.49 -11.32
N LEU G 71 -48.12 0.61 -10.75
CA LEU G 71 -49.54 0.77 -10.50
C LEU G 71 -50.29 1.04 -11.81
N GLY G 72 -49.57 1.46 -12.86
CA GLY G 72 -50.17 1.68 -14.16
C GLY G 72 -50.95 3.00 -14.19
N ASP G 73 -50.24 4.11 -14.37
CA ASP G 73 -50.86 5.43 -14.47
C ASP G 73 -51.52 5.56 -15.84
N PRO G 74 -52.57 6.39 -16.01
CA PRO G 74 -53.17 6.61 -17.33
C PRO G 74 -52.19 7.22 -18.33
N GLN G 75 -51.34 8.15 -17.89
CA GLN G 75 -50.31 8.72 -18.73
C GLN G 75 -49.23 7.69 -19.03
N CYS G 76 -49.17 6.61 -18.24
CA CYS G 76 -48.14 5.60 -18.42
C CYS G 76 -48.77 4.27 -18.80
N ASP G 77 -49.99 4.32 -19.37
CA ASP G 77 -50.70 3.13 -19.81
C ASP G 77 -49.86 2.38 -20.85
N GLY G 78 -49.22 3.15 -21.75
CA GLY G 78 -48.34 2.59 -22.75
C GLY G 78 -47.16 1.81 -22.15
N PHE G 79 -46.64 2.33 -21.02
CA PHE G 79 -45.51 1.71 -20.35
C PHE G 79 -45.95 0.58 -19.44
N GLN G 80 -46.58 -0.48 -19.96
CA GLN G 80 -46.95 -1.65 -19.17
C GLN G 80 -46.36 -2.90 -19.81
N ASN G 81 -46.11 -3.95 -19.01
CA ASN G 81 -45.49 -5.17 -19.50
C ASN G 81 -44.18 -4.83 -20.20
N LYS G 82 -43.38 -3.93 -19.60
CA LYS G 82 -42.13 -3.46 -20.17
C LYS G 82 -40.94 -4.08 -19.43
N LYS G 83 -39.96 -4.61 -20.17
CA LYS G 83 -38.74 -5.16 -19.58
C LYS G 83 -37.60 -4.16 -19.76
N TRP G 84 -36.58 -4.23 -18.90
CA TRP G 84 -35.45 -3.31 -18.96
C TRP G 84 -34.22 -3.87 -18.24
N ASP G 85 -33.06 -3.23 -18.49
CA ASP G 85 -31.85 -3.41 -17.72
C ASP G 85 -31.82 -2.38 -16.59
N LEU G 86 -31.99 -1.10 -16.96
CA LEU G 86 -31.98 0.00 -16.02
C LEU G 86 -33.14 0.96 -16.33
N PHE G 87 -34.06 1.08 -15.37
CA PHE G 87 -35.15 2.04 -15.43
C PHE G 87 -34.64 3.37 -14.89
N VAL G 88 -35.07 4.47 -15.53
CA VAL G 88 -34.74 5.81 -15.09
C VAL G 88 -36.02 6.60 -14.79
N GLU G 89 -35.92 7.50 -13.80
CA GLU G 89 -37.00 8.38 -13.41
C GLU G 89 -36.62 9.82 -13.70
N ARG G 90 -37.62 10.61 -14.13
CA ARG G 90 -37.48 12.04 -14.29
C ARG G 90 -37.98 12.74 -13.03
N SER G 91 -37.30 13.82 -12.64
CA SER G 91 -37.62 14.56 -11.43
C SER G 91 -38.84 15.45 -11.65
N LYS G 92 -39.44 15.34 -12.84
CA LYS G 92 -40.62 16.10 -13.24
C LYS G 92 -41.86 15.22 -13.20
N ALA G 93 -41.67 13.96 -12.78
CA ALA G 93 -42.74 12.98 -12.69
C ALA G 93 -43.53 13.17 -11.39
N TYR G 94 -44.77 12.66 -11.38
CA TYR G 94 -45.75 12.93 -10.33
C TYR G 94 -46.95 11.99 -10.49
N SER G 95 -47.67 11.79 -9.38
CA SER G 95 -48.98 11.16 -9.38
C SER G 95 -50.02 12.18 -9.84
N ASN G 96 -50.83 11.80 -10.83
CA ASN G 96 -51.77 12.72 -11.44
C ASN G 96 -53.07 12.03 -11.81
N CYS G 97 -53.39 10.98 -11.04
CA CYS G 97 -54.59 10.22 -11.26
C CYS G 97 -55.30 9.94 -9.94
N PHE G 98 -54.56 9.31 -9.02
CA PHE G 98 -55.07 9.05 -7.68
C PHE G 98 -53.91 8.99 -6.68
N PRO G 99 -54.01 9.69 -5.52
CA PRO G 99 -52.96 9.69 -4.50
C PRO G 99 -52.88 8.37 -3.75
N TYR G 100 -51.67 8.09 -3.23
CA TYR G 100 -51.39 6.86 -2.51
C TYR G 100 -50.15 7.06 -1.64
N ASP G 101 -50.07 6.27 -0.58
CA ASP G 101 -48.90 6.24 0.30
C ASP G 101 -48.43 4.79 0.44
N VAL G 102 -47.12 4.60 0.29
CA VAL G 102 -46.53 3.28 0.43
C VAL G 102 -45.74 3.26 1.73
N PRO G 103 -46.28 2.63 2.82
CA PRO G 103 -45.48 2.35 4.02
C PRO G 103 -44.31 1.47 3.63
N ASP G 104 -43.10 1.96 3.94
CA ASP G 104 -41.85 1.41 3.45
C ASP G 104 -41.83 1.47 1.92
N TYR G 105 -42.03 2.69 1.41
CA TYR G 105 -42.06 3.01 -0.02
C TYR G 105 -40.74 2.61 -0.66
N ALA G 106 -39.64 3.06 -0.04
CA ALA G 106 -38.29 2.92 -0.56
C ALA G 106 -37.95 1.46 -0.83
N SER G 107 -38.52 0.55 -0.02
CA SER G 107 -38.25 -0.87 -0.12
C SER G 107 -38.95 -1.48 -1.35
N LEU G 108 -40.28 -1.28 -1.45
CA LEU G 108 -41.06 -1.83 -2.55
C LEU G 108 -40.48 -1.36 -3.88
N ARG G 109 -40.25 -0.06 -3.99
CA ARG G 109 -39.68 0.57 -5.16
C ARG G 109 -38.41 -0.18 -5.58
N SER G 110 -37.51 -0.36 -4.60
CA SER G 110 -36.21 -0.98 -4.79
C SER G 110 -36.35 -2.42 -5.28
N LEU G 111 -37.39 -3.13 -4.80
CA LEU G 111 -37.62 -4.52 -5.10
C LEU G 111 -38.12 -4.69 -6.54
N VAL G 112 -39.10 -3.87 -6.94
CA VAL G 112 -39.64 -3.88 -8.29
C VAL G 112 -38.54 -3.46 -9.25
N ALA G 113 -37.74 -2.48 -8.84
CA ALA G 113 -36.56 -2.02 -9.57
C ALA G 113 -35.58 -3.17 -9.77
N SER G 114 -35.48 -4.04 -8.76
CA SER G 114 -34.53 -5.15 -8.76
C SER G 114 -35.03 -6.29 -9.64
N SER G 115 -36.34 -6.31 -9.94
CA SER G 115 -36.93 -7.33 -10.79
C SER G 115 -36.55 -7.12 -12.25
N GLY G 116 -36.82 -5.91 -12.76
CA GLY G 116 -36.44 -5.51 -14.11
C GLY G 116 -37.51 -5.88 -15.14
N THR G 117 -38.65 -6.34 -14.64
CA THR G 117 -39.77 -6.76 -15.47
C THR G 117 -41.06 -6.18 -14.89
N LEU G 118 -42.04 -5.99 -15.77
CA LEU G 118 -43.38 -5.55 -15.39
C LEU G 118 -44.42 -6.41 -16.08
N GLU G 119 -44.07 -7.68 -16.35
CA GLU G 119 -44.99 -8.65 -16.92
C GLU G 119 -46.07 -8.98 -15.90
N PHE G 120 -47.32 -8.90 -16.35
CA PHE G 120 -48.49 -9.08 -15.50
C PHE G 120 -49.43 -10.10 -16.14
N ASN G 121 -50.06 -10.92 -15.30
CA ASN G 121 -51.06 -11.88 -15.75
C ASN G 121 -52.35 -11.67 -14.96
N ASN G 122 -53.48 -11.76 -15.69
CA ASN G 122 -54.81 -11.65 -15.12
C ASN G 122 -55.13 -12.94 -14.35
N GLU G 123 -56.11 -12.82 -13.44
CA GLU G 123 -56.69 -13.96 -12.75
C GLU G 123 -58.13 -13.62 -12.36
N SER G 124 -59.03 -14.57 -12.64
CA SER G 124 -60.44 -14.47 -12.29
C SER G 124 -60.65 -15.00 -10.87
N PHE G 125 -60.55 -14.09 -9.89
CA PHE G 125 -60.94 -14.39 -8.52
C PHE G 125 -62.45 -14.50 -8.45
N ASN G 126 -62.93 -15.29 -7.47
CA ASN G 126 -64.35 -15.44 -7.21
C ASN G 126 -64.86 -14.22 -6.43
N TRP G 127 -64.61 -13.02 -6.99
CA TRP G 127 -65.22 -11.79 -6.50
C TRP G 127 -66.71 -11.85 -6.78
N THR G 128 -67.51 -11.96 -5.72
CA THR G 128 -68.92 -12.27 -5.82
C THR G 128 -69.73 -11.34 -4.92
N GLY G 129 -70.94 -10.99 -5.37
CA GLY G 129 -71.86 -10.15 -4.63
C GLY G 129 -71.33 -8.73 -4.45
N VAL G 130 -70.24 -8.43 -5.15
CA VAL G 130 -69.53 -7.16 -5.09
C VAL G 130 -69.97 -6.31 -6.28
N THR G 131 -70.11 -5.00 -6.04
CA THR G 131 -70.05 -4.04 -7.14
C THR G 131 -68.57 -3.71 -7.37
N GLN G 132 -67.98 -4.37 -8.37
CA GLN G 132 -66.61 -4.12 -8.75
C GLN G 132 -66.58 -3.11 -9.89
N ASN G 133 -65.38 -2.93 -10.48
CA ASN G 133 -65.15 -1.97 -11.56
C ASN G 133 -65.56 -0.57 -11.13
N GLY G 134 -65.32 -0.25 -9.85
CA GLY G 134 -65.66 1.04 -9.26
C GLY G 134 -64.88 2.19 -9.92
N THR G 135 -65.54 3.33 -10.06
CA THR G 135 -65.01 4.45 -10.85
C THR G 135 -64.79 5.68 -9.96
N SER G 136 -63.95 6.59 -10.44
CA SER G 136 -63.72 7.89 -9.84
C SER G 136 -63.27 8.89 -10.91
N SER G 137 -63.87 10.09 -10.88
CA SER G 137 -63.55 11.20 -11.78
C SER G 137 -62.17 11.76 -11.48
N ALA G 138 -61.61 11.37 -10.31
CA ALA G 138 -60.26 11.69 -9.89
C ALA G 138 -59.26 11.24 -10.96
N CYS G 139 -59.36 9.96 -11.36
CA CYS G 139 -58.52 9.35 -12.38
C CYS G 139 -59.25 9.42 -13.73
N ILE G 140 -58.62 10.02 -14.74
CA ILE G 140 -59.29 10.25 -16.02
C ILE G 140 -58.63 9.39 -17.11
N ARG G 141 -59.41 8.51 -17.77
CA ARG G 141 -58.95 7.72 -18.92
C ARG G 141 -59.97 7.88 -20.04
N ARG G 142 -59.52 8.25 -21.26
CA ARG G 142 -60.39 8.44 -22.40
C ARG G 142 -61.51 9.42 -22.03
N SER G 143 -61.14 10.51 -21.32
CA SER G 143 -62.05 11.51 -20.81
C SER G 143 -63.18 10.89 -19.98
N ASN G 144 -62.82 9.90 -19.14
CA ASN G 144 -63.79 9.17 -18.34
C ASN G 144 -63.29 8.99 -16.91
N ASN G 145 -64.25 8.87 -15.99
CA ASN G 145 -64.02 8.41 -14.62
C ASN G 145 -63.39 7.02 -14.68
N SER G 146 -62.29 6.85 -13.93
CA SER G 146 -61.50 5.64 -14.00
C SER G 146 -60.81 5.35 -12.67
N PHE G 147 -59.99 4.28 -12.67
CA PHE G 147 -59.13 3.93 -11.57
C PHE G 147 -57.80 3.42 -12.12
N PHE G 148 -56.97 2.84 -11.25
CA PHE G 148 -55.67 2.30 -11.61
C PHE G 148 -55.81 1.10 -12.55
N SER G 149 -54.78 0.86 -13.35
CA SER G 149 -54.80 -0.13 -14.41
C SER G 149 -54.78 -1.54 -13.84
N ARG G 150 -53.78 -1.82 -12.98
CA ARG G 150 -53.43 -3.17 -12.56
C ARG G 150 -54.30 -3.64 -11.39
N LEU G 151 -55.04 -2.68 -10.83
CA LEU G 151 -55.71 -2.86 -9.55
C LEU G 151 -57.22 -2.89 -9.77
N ASN G 152 -57.95 -3.31 -8.74
CA ASN G 152 -59.41 -3.33 -8.78
C ASN G 152 -59.97 -2.75 -7.49
N TRP G 153 -60.88 -1.78 -7.65
CA TRP G 153 -61.59 -1.18 -6.54
C TRP G 153 -62.93 -1.90 -6.36
N LEU G 154 -63.28 -2.14 -5.10
CA LEU G 154 -64.47 -2.91 -4.76
C LEU G 154 -65.44 -2.04 -3.98
N THR G 155 -66.71 -2.09 -4.40
CA THR G 155 -67.81 -1.38 -3.75
C THR G 155 -68.93 -2.38 -3.45
N GLN G 156 -69.86 -1.99 -2.58
CA GLN G 156 -70.94 -2.85 -2.14
C GLN G 156 -71.99 -2.95 -3.26
N LEU G 157 -72.69 -4.10 -3.30
CA LEU G 157 -73.86 -4.23 -4.15
C LEU G 157 -75.11 -4.25 -3.28
N ASN G 158 -76.04 -3.34 -3.60
CA ASN G 158 -77.41 -3.36 -3.11
C ASN G 158 -77.42 -3.23 -1.58
N PHE G 159 -76.74 -2.19 -1.10
CA PHE G 159 -76.69 -1.79 0.31
C PHE G 159 -76.14 -2.92 1.18
N LYS G 160 -75.47 -3.88 0.54
CA LYS G 160 -75.03 -5.12 1.18
C LYS G 160 -73.61 -5.46 0.72
N TYR G 161 -72.89 -6.16 1.59
CA TYR G 161 -71.51 -6.55 1.34
C TYR G 161 -71.22 -7.86 2.07
N PRO G 162 -71.19 -9.01 1.36
CA PRO G 162 -70.59 -10.23 1.90
C PRO G 162 -69.08 -10.08 2.02
N ALA G 163 -68.54 -10.57 3.15
CA ALA G 163 -67.10 -10.62 3.39
C ALA G 163 -66.45 -11.56 2.38
N LEU G 164 -65.24 -11.22 1.96
CA LEU G 164 -64.62 -11.83 0.79
C LEU G 164 -63.53 -12.80 1.21
N ASN G 165 -63.91 -14.08 1.23
CA ASN G 165 -63.06 -15.20 1.64
C ASN G 165 -62.60 -15.92 0.37
N VAL G 166 -61.38 -15.57 -0.08
CA VAL G 166 -60.88 -15.96 -1.39
C VAL G 166 -59.44 -16.45 -1.26
N THR G 167 -59.05 -17.35 -2.17
CA THR G 167 -57.72 -17.95 -2.21
C THR G 167 -57.12 -17.83 -3.61
N MET G 168 -55.81 -18.10 -3.69
CA MET G 168 -55.12 -18.35 -4.94
C MET G 168 -53.96 -19.32 -4.68
N PRO G 169 -53.94 -20.51 -5.33
CA PRO G 169 -52.78 -21.38 -5.29
C PRO G 169 -51.67 -20.88 -6.22
N ASN G 170 -50.44 -21.34 -5.97
CA ASN G 170 -49.30 -21.10 -6.85
C ASN G 170 -48.61 -22.43 -7.11
N ASN G 171 -49.13 -23.17 -8.10
CA ASN G 171 -48.69 -24.53 -8.39
C ASN G 171 -47.52 -24.51 -9.38
N GLU G 172 -47.03 -23.30 -9.68
CA GLU G 172 -46.04 -23.06 -10.73
C GLU G 172 -44.66 -22.93 -10.12
N GLN G 173 -43.64 -22.77 -10.98
CA GLN G 173 -42.24 -22.87 -10.59
C GLN G 173 -41.59 -21.49 -10.53
N PHE G 174 -42.40 -20.49 -10.16
CA PHE G 174 -41.94 -19.11 -10.06
C PHE G 174 -42.82 -18.36 -9.05
N ASP G 175 -42.18 -17.42 -8.33
CA ASP G 175 -42.82 -16.65 -7.28
C ASP G 175 -43.76 -15.61 -7.89
N LYS G 176 -44.86 -15.35 -7.18
CA LYS G 176 -45.86 -14.39 -7.59
C LYS G 176 -45.79 -13.18 -6.67
N LEU G 177 -45.56 -12.00 -7.27
CA LEU G 177 -45.54 -10.74 -6.54
C LEU G 177 -46.89 -10.05 -6.69
N TYR G 178 -47.66 -10.05 -5.59
CA TYR G 178 -49.00 -9.51 -5.56
C TYR G 178 -48.96 -8.08 -5.02
N ILE G 179 -49.79 -7.21 -5.61
CA ILE G 179 -49.93 -5.82 -5.19
C ILE G 179 -51.41 -5.55 -4.93
N TRP G 180 -51.69 -5.03 -3.74
CA TRP G 180 -53.02 -4.59 -3.36
C TRP G 180 -52.90 -3.32 -2.52
N GLY G 181 -54.05 -2.74 -2.17
CA GLY G 181 -54.11 -1.55 -1.35
C GLY G 181 -55.32 -1.53 -0.42
N VAL G 182 -55.38 -0.49 0.41
CA VAL G 182 -56.51 -0.21 1.28
C VAL G 182 -56.97 1.22 1.03
N HIS G 183 -58.28 1.40 0.87
CA HIS G 183 -58.87 2.73 0.79
C HIS G 183 -58.97 3.32 2.18
N HIS G 184 -58.89 4.66 2.25
CA HIS G 184 -59.10 5.39 3.49
C HIS G 184 -60.33 6.28 3.34
N PRO G 185 -61.54 5.77 3.65
CA PRO G 185 -62.77 6.56 3.58
C PRO G 185 -62.72 7.73 4.55
N VAL G 186 -63.36 8.84 4.15
CA VAL G 186 -63.15 10.11 4.83
C VAL G 186 -64.12 10.25 6.02
N THR G 187 -65.41 9.97 5.78
CA THR G 187 -66.44 10.13 6.79
C THR G 187 -67.18 8.82 7.01
N ASP G 188 -67.90 8.75 8.14
CA ASP G 188 -68.81 7.66 8.47
C ASP G 188 -69.87 7.54 7.37
N LYS G 189 -70.27 8.70 6.83
CA LYS G 189 -71.22 8.81 5.75
C LYS G 189 -70.60 8.31 4.44
N ASP G 190 -69.29 8.58 4.27
CA ASP G 190 -68.53 8.08 3.13
C ASP G 190 -68.33 6.57 3.26
N GLN G 191 -68.18 6.10 4.50
CA GLN G 191 -67.88 4.71 4.81
C GLN G 191 -69.05 3.81 4.42
N ILE G 192 -70.26 4.18 4.86
CA ILE G 192 -71.48 3.43 4.61
C ILE G 192 -71.81 3.46 3.11
N PHE G 193 -71.40 4.53 2.43
CA PHE G 193 -71.64 4.67 1.00
C PHE G 193 -70.76 3.71 0.20
N LEU G 194 -69.49 3.55 0.62
CA LEU G 194 -68.56 2.72 -0.11
C LEU G 194 -68.75 1.24 0.23
N TYR G 195 -68.79 0.91 1.53
CA TYR G 195 -68.59 -0.46 1.97
C TYR G 195 -69.74 -0.99 2.82
N ALA G 196 -70.71 -0.11 3.14
CA ALA G 196 -71.99 -0.43 3.76
C ALA G 196 -71.84 -1.09 5.14
N GLN G 197 -70.59 -1.13 5.65
CA GLN G 197 -70.30 -1.58 7.00
C GLN G 197 -69.15 -0.75 7.56
N SER G 198 -69.39 -0.16 8.74
CA SER G 198 -68.54 0.86 9.36
C SER G 198 -67.15 0.31 9.66
N SER G 199 -67.09 -0.90 10.23
CA SER G 199 -65.84 -1.51 10.62
C SER G 199 -65.15 -2.12 9.40
N GLY G 200 -64.02 -1.52 9.02
CA GLY G 200 -63.15 -2.06 8.00
C GLY G 200 -62.02 -2.89 8.62
N ARG G 201 -61.63 -3.96 7.91
CA ARG G 201 -60.58 -4.88 8.34
C ARG G 201 -60.13 -5.74 7.17
N ILE G 202 -58.81 -5.86 7.02
CA ILE G 202 -58.18 -6.65 5.97
C ILE G 202 -57.22 -7.64 6.61
N THR G 203 -57.24 -8.89 6.12
CA THR G 203 -56.26 -9.89 6.47
C THR G 203 -55.77 -10.59 5.20
N VAL G 204 -54.45 -10.60 5.01
CA VAL G 204 -53.80 -11.41 4.00
C VAL G 204 -52.76 -12.29 4.71
N SER G 205 -52.42 -13.43 4.10
CA SER G 205 -51.47 -14.35 4.70
C SER G 205 -50.83 -15.27 3.66
N THR G 206 -49.69 -15.86 4.07
CA THR G 206 -49.05 -16.99 3.43
C THR G 206 -48.98 -18.13 4.44
N LYS G 207 -48.19 -19.17 4.12
CA LYS G 207 -47.90 -20.23 5.06
C LYS G 207 -46.69 -19.84 5.90
N ARG G 208 -46.01 -18.77 5.50
CA ARG G 208 -44.68 -18.45 5.98
C ARG G 208 -44.63 -17.04 6.57
N SER G 209 -45.67 -16.25 6.30
CA SER G 209 -45.82 -14.88 6.77
C SER G 209 -47.29 -14.45 6.68
N GLN G 210 -47.64 -13.37 7.40
CA GLN G 210 -48.97 -12.79 7.34
C GLN G 210 -48.91 -11.29 7.56
N GLN G 211 -49.94 -10.59 7.05
CA GLN G 211 -50.11 -9.15 7.20
C GLN G 211 -51.60 -8.81 7.33
N ALA G 212 -51.89 -7.85 8.22
CA ALA G 212 -53.23 -7.32 8.39
C ALA G 212 -53.16 -5.85 8.74
N VAL G 213 -54.09 -5.06 8.17
CA VAL G 213 -54.16 -3.63 8.40
C VAL G 213 -55.62 -3.22 8.59
N ILE G 214 -55.82 -2.33 9.58
CA ILE G 214 -57.09 -1.66 9.83
C ILE G 214 -57.09 -0.31 9.10
N PRO G 215 -58.16 0.02 8.34
CA PRO G 215 -58.31 1.35 7.76
C PRO G 215 -58.62 2.39 8.83
N ASN G 216 -57.95 3.54 8.72
CA ASN G 216 -58.13 4.66 9.64
C ASN G 216 -58.93 5.77 8.95
N ILE G 217 -60.24 5.73 9.16
CA ILE G 217 -61.16 6.75 8.67
C ILE G 217 -60.66 8.11 9.13
N GLY G 218 -60.38 8.98 8.14
CA GLY G 218 -59.68 10.22 8.40
C GLY G 218 -59.93 11.28 7.34
N TYR G 219 -60.06 12.53 7.80
CA TYR G 219 -60.17 13.70 6.96
C TYR G 219 -58.76 14.19 6.63
N ARG G 220 -58.36 14.06 5.36
CA ARG G 220 -57.00 14.34 4.94
C ARG G 220 -56.97 15.53 3.99
N PRO G 221 -55.80 16.17 3.74
CA PRO G 221 -55.71 17.31 2.83
C PRO G 221 -55.81 16.82 1.39
N ARG G 222 -56.68 17.50 0.62
CA ARG G 222 -57.06 16.98 -0.68
C ARG G 222 -56.08 17.42 -1.76
N ILE G 223 -55.16 16.51 -2.08
CA ILE G 223 -54.38 16.58 -3.30
C ILE G 223 -55.30 16.21 -4.47
N ARG G 224 -55.39 17.14 -5.43
CA ARG G 224 -56.17 17.00 -6.64
C ARG G 224 -57.65 16.78 -6.31
N ASN G 225 -58.11 17.44 -5.23
CA ASN G 225 -59.49 17.51 -4.80
C ASN G 225 -59.99 16.14 -4.35
N ILE G 226 -59.09 15.33 -3.77
CA ILE G 226 -59.44 14.00 -3.27
C ILE G 226 -59.14 13.92 -1.78
N PRO G 227 -60.18 13.75 -0.93
CA PRO G 227 -60.01 13.75 0.53
C PRO G 227 -59.41 12.45 1.08
N SER G 228 -59.15 11.49 0.18
CA SER G 228 -58.76 10.14 0.55
C SER G 228 -57.37 9.81 0.01
N ARG G 229 -56.82 8.68 0.48
CA ARG G 229 -55.57 8.11 0.00
C ARG G 229 -55.76 6.61 -0.23
N ILE G 230 -54.69 5.96 -0.71
CA ILE G 230 -54.62 4.50 -0.84
C ILE G 230 -53.30 4.03 -0.23
N SER G 231 -53.38 3.12 0.75
CA SER G 231 -52.21 2.50 1.34
C SER G 231 -51.85 1.24 0.56
N ILE G 232 -50.57 1.14 0.16
CA ILE G 232 -50.09 0.10 -0.73
C ILE G 232 -49.09 -0.78 0.03
N TYR G 233 -49.38 -2.09 0.04
CA TYR G 233 -48.44 -3.11 0.51
C TYR G 233 -48.23 -4.14 -0.60
N TRP G 234 -47.26 -5.03 -0.35
CA TRP G 234 -46.83 -6.03 -1.32
C TRP G 234 -46.56 -7.34 -0.58
N THR G 235 -47.21 -8.41 -1.05
CA THR G 235 -47.05 -9.74 -0.49
C THR G 235 -46.41 -10.65 -1.53
N ILE G 236 -45.19 -11.12 -1.20
CA ILE G 236 -44.51 -12.15 -1.96
C ILE G 236 -45.13 -13.50 -1.58
N VAL G 237 -45.24 -14.39 -2.57
CA VAL G 237 -45.69 -15.76 -2.35
C VAL G 237 -44.65 -16.70 -2.95
N LYS G 238 -44.26 -17.71 -2.16
CA LYS G 238 -43.41 -18.79 -2.63
C LYS G 238 -44.31 -19.88 -3.23
N PRO G 239 -43.78 -20.81 -4.07
CA PRO G 239 -44.60 -21.88 -4.65
C PRO G 239 -45.03 -22.89 -3.59
N GLY G 240 -46.20 -23.50 -3.80
CA GLY G 240 -46.78 -24.44 -2.85
C GLY G 240 -47.45 -23.74 -1.67
N ASP G 241 -47.58 -22.41 -1.78
CA ASP G 241 -48.27 -21.59 -0.80
C ASP G 241 -49.58 -21.12 -1.41
N ILE G 242 -50.55 -20.81 -0.53
CA ILE G 242 -51.84 -20.29 -0.93
C ILE G 242 -52.02 -18.89 -0.36
N LEU G 243 -51.84 -17.88 -1.22
CA LEU G 243 -52.20 -16.52 -0.88
C LEU G 243 -53.70 -16.48 -0.69
N LEU G 244 -54.12 -16.24 0.54
CA LEU G 244 -55.53 -16.04 0.83
C LEU G 244 -55.78 -14.62 1.33
N ILE G 245 -56.98 -14.12 1.04
CA ILE G 245 -57.42 -12.80 1.47
C ILE G 245 -58.76 -12.93 2.17
N ASN G 246 -58.83 -12.42 3.41
CA ASN G 246 -60.09 -12.15 4.06
C ASN G 246 -60.20 -10.64 4.26
N SER G 247 -61.42 -10.12 4.04
CA SER G 247 -61.68 -8.68 4.03
C SER G 247 -63.11 -8.39 4.47
N THR G 248 -63.35 -7.13 4.85
CA THR G 248 -64.67 -6.62 5.18
C THR G 248 -65.04 -5.50 4.20
N GLY G 249 -64.13 -5.23 3.25
CA GLY G 249 -64.22 -4.08 2.37
C GLY G 249 -62.89 -3.34 2.31
N ASN G 250 -62.93 -2.11 1.78
CA ASN G 250 -61.81 -1.17 1.75
C ASN G 250 -60.63 -1.74 0.96
N LEU G 251 -60.81 -2.96 0.43
CA LEU G 251 -59.74 -3.68 -0.23
C LEU G 251 -59.63 -3.22 -1.68
N ILE G 252 -58.40 -2.86 -2.06
CA ILE G 252 -58.03 -2.80 -3.47
C ILE G 252 -57.62 -4.22 -3.87
N ALA G 253 -58.45 -4.84 -4.73
CA ALA G 253 -58.19 -6.17 -5.23
C ALA G 253 -57.09 -6.13 -6.28
N PRO G 254 -56.05 -6.98 -6.18
CA PRO G 254 -55.13 -7.23 -7.29
C PRO G 254 -55.90 -7.91 -8.42
N ARG G 255 -55.71 -7.42 -9.65
CA ARG G 255 -56.35 -8.00 -10.82
C ARG G 255 -55.49 -9.14 -11.38
N GLY G 256 -54.53 -9.59 -10.56
CA GLY G 256 -53.59 -10.64 -10.90
C GLY G 256 -52.35 -10.54 -10.03
N TYR G 257 -51.19 -10.52 -10.71
CA TYR G 257 -49.89 -10.51 -10.05
C TYR G 257 -48.82 -10.09 -11.04
N PHE G 258 -47.72 -9.55 -10.51
CA PHE G 258 -46.52 -9.32 -11.29
C PHE G 258 -45.57 -10.48 -11.08
N LYS G 259 -45.21 -11.13 -12.20
CA LYS G 259 -44.17 -12.14 -12.23
C LYS G 259 -42.85 -11.48 -11.83
N ILE G 260 -42.18 -12.07 -10.84
CA ILE G 260 -40.91 -11.56 -10.35
C ILE G 260 -39.76 -12.40 -10.89
N ARG G 261 -38.79 -11.72 -11.49
CA ARG G 261 -37.51 -12.31 -11.86
C ARG G 261 -36.43 -11.68 -10.98
N SER G 262 -35.21 -12.20 -11.10
CA SER G 262 -34.06 -11.66 -10.38
C SER G 262 -32.84 -11.62 -11.31
N GLY G 263 -32.10 -10.51 -11.24
CA GLY G 263 -30.93 -10.30 -12.06
C GLY G 263 -30.22 -9.01 -11.71
N LYS G 264 -29.93 -8.22 -12.75
CA LYS G 264 -29.09 -7.04 -12.66
C LYS G 264 -29.92 -5.76 -12.71
N SER G 265 -31.20 -5.87 -12.35
CA SER G 265 -32.14 -4.78 -12.52
C SER G 265 -32.05 -3.79 -11.34
N SER G 266 -32.30 -2.51 -11.65
CA SER G 266 -32.09 -1.42 -10.73
C SER G 266 -33.03 -0.25 -11.03
N ILE G 267 -32.77 0.90 -10.39
CA ILE G 267 -33.39 2.18 -10.67
C ILE G 267 -32.29 3.25 -10.65
N MET G 268 -32.59 4.43 -11.22
CA MET G 268 -31.70 5.58 -11.18
C MET G 268 -32.49 6.85 -11.46
N ARG G 269 -32.12 7.92 -10.75
CA ARG G 269 -32.83 9.20 -10.81
C ARG G 269 -31.93 10.23 -11.49
N SER G 270 -32.40 10.74 -12.63
CA SER G 270 -31.64 11.67 -13.47
C SER G 270 -32.56 12.45 -14.39
N ASP G 271 -32.02 13.50 -15.03
CA ASP G 271 -32.74 14.33 -15.98
C ASP G 271 -31.91 14.56 -17.23
N ALA G 272 -31.17 13.52 -17.66
CA ALA G 272 -30.43 13.53 -18.91
C ALA G 272 -31.17 12.68 -19.95
N PRO G 273 -31.36 13.16 -21.20
CA PRO G 273 -32.17 12.45 -22.20
C PRO G 273 -31.58 11.12 -22.65
N ILE G 274 -32.39 10.33 -23.36
CA ILE G 274 -31.99 9.05 -23.92
C ILE G 274 -31.36 9.30 -25.29
N GLY G 275 -30.21 8.67 -25.54
CA GLY G 275 -29.46 8.84 -26.77
C GLY G 275 -28.89 7.53 -27.32
N LYS G 276 -28.18 7.66 -28.44
CA LYS G 276 -27.62 6.53 -29.18
C LYS G 276 -26.09 6.64 -29.16
N CYS G 277 -25.46 5.69 -28.45
CA CYS G 277 -24.02 5.58 -28.31
C CYS G 277 -23.67 4.19 -27.77
N ASN G 278 -22.39 3.83 -27.83
CA ASN G 278 -21.91 2.59 -27.21
C ASN G 278 -21.02 2.92 -26.03
N SER G 279 -21.58 2.75 -24.81
CA SER G 279 -20.89 2.87 -23.54
C SER G 279 -21.75 2.26 -22.44
N GLU G 280 -21.09 1.56 -21.51
CA GLU G 280 -21.76 0.73 -20.52
C GLU G 280 -22.16 1.55 -19.30
N CYS G 281 -21.14 2.13 -18.63
CA CYS G 281 -21.31 2.88 -17.39
C CYS G 281 -22.22 4.08 -17.64
N ILE G 282 -23.22 4.22 -16.76
CA ILE G 282 -24.26 5.21 -16.94
C ILE G 282 -24.58 5.89 -15.61
N THR G 283 -24.44 7.22 -15.62
CA THR G 283 -24.51 8.07 -14.44
C THR G 283 -25.58 9.16 -14.67
N PRO G 284 -26.13 9.80 -13.60
CA PRO G 284 -27.00 10.96 -13.75
C PRO G 284 -26.49 12.11 -14.61
N ASN G 285 -25.17 12.32 -14.61
CA ASN G 285 -24.54 13.31 -15.47
C ASN G 285 -24.41 12.77 -16.88
N GLY G 286 -24.45 11.44 -17.04
CA GLY G 286 -24.53 10.81 -18.34
C GLY G 286 -23.54 9.67 -18.52
N SER G 287 -23.57 9.09 -19.72
CA SER G 287 -22.69 8.00 -20.13
C SER G 287 -21.25 8.51 -20.25
N ILE G 288 -20.32 7.75 -19.67
CA ILE G 288 -18.89 7.99 -19.79
C ILE G 288 -18.23 6.70 -20.23
N PRO G 289 -17.03 6.73 -20.88
CA PRO G 289 -16.20 5.53 -21.02
C PRO G 289 -15.81 4.95 -19.65
N ASN G 290 -15.68 3.62 -19.61
CA ASN G 290 -15.40 2.88 -18.38
C ASN G 290 -13.94 2.43 -18.36
N ASP G 291 -13.13 3.14 -19.16
CA ASP G 291 -11.83 2.68 -19.61
C ASP G 291 -10.78 3.00 -18.53
N LYS G 292 -10.88 4.20 -17.98
CA LYS G 292 -9.98 4.68 -16.94
C LYS G 292 -10.48 4.18 -15.59
N PRO G 293 -9.58 3.84 -14.63
CA PRO G 293 -9.97 3.13 -13.40
C PRO G 293 -10.77 3.93 -12.39
N PHE G 294 -10.73 5.27 -12.52
CA PHE G 294 -11.44 6.14 -11.59
C PHE G 294 -12.19 7.24 -12.33
N GLN G 295 -13.18 7.79 -11.63
CA GLN G 295 -13.98 8.93 -12.05
C GLN G 295 -14.41 9.69 -10.78
N ASN G 296 -14.93 10.91 -10.96
CA ASN G 296 -15.44 11.69 -9.85
C ASN G 296 -16.75 12.37 -10.24
N VAL G 297 -17.52 11.70 -11.11
CA VAL G 297 -18.75 12.26 -11.64
C VAL G 297 -19.89 12.11 -10.63
N ASN G 298 -20.00 10.92 -9.99
CA ASN G 298 -21.08 10.66 -9.06
C ASN G 298 -20.83 9.36 -8.27
N ARG G 299 -21.27 9.38 -7.01
CA ARG G 299 -21.40 8.23 -6.14
C ARG G 299 -22.25 7.16 -6.82
N ILE G 300 -23.46 7.55 -7.27
CA ILE G 300 -24.38 6.67 -7.96
C ILE G 300 -23.74 6.28 -9.29
N THR G 301 -23.76 4.97 -9.55
CA THR G 301 -23.22 4.37 -10.76
C THR G 301 -24.12 3.21 -11.19
N TYR G 302 -23.85 2.64 -12.37
CA TYR G 302 -24.48 1.42 -12.82
C TYR G 302 -23.61 0.74 -13.88
N GLY G 303 -23.48 -0.58 -13.76
CA GLY G 303 -22.68 -1.37 -14.67
C GLY G 303 -21.20 -1.31 -14.29
N ALA G 304 -20.32 -1.50 -15.29
CA ALA G 304 -18.89 -1.56 -15.09
C ALA G 304 -18.33 -0.16 -14.89
N CYS G 305 -18.86 0.55 -13.89
CA CYS G 305 -18.47 1.91 -13.58
C CYS G 305 -17.23 1.91 -12.69
N PRO G 306 -16.14 2.57 -13.14
CA PRO G 306 -14.93 2.76 -12.32
C PRO G 306 -15.25 3.43 -10.99
N ARG G 307 -14.50 3.03 -9.95
CA ARG G 307 -14.77 3.38 -8.56
C ARG G 307 -14.79 4.89 -8.39
N TYR G 308 -15.79 5.37 -7.63
CA TYR G 308 -15.96 6.79 -7.36
C TYR G 308 -14.99 7.24 -6.26
N VAL G 309 -14.43 8.43 -6.44
CA VAL G 309 -13.51 9.05 -5.49
C VAL G 309 -13.92 10.50 -5.25
N LYS G 310 -13.14 11.21 -4.42
CA LYS G 310 -13.42 12.59 -4.04
C LYS G 310 -12.48 13.55 -4.74
N GLN G 311 -11.38 13.01 -5.29
CA GLN G 311 -10.30 13.81 -5.86
C GLN G 311 -10.72 14.44 -7.17
N SER G 312 -10.05 15.54 -7.52
CA SER G 312 -10.27 16.23 -8.79
C SER G 312 -9.44 15.57 -9.89
N THR G 313 -8.16 15.31 -9.58
CA THR G 313 -7.19 14.82 -10.54
C THR G 313 -6.04 14.11 -9.81
N LEU G 314 -5.70 12.91 -10.31
CA LEU G 314 -4.62 12.09 -9.77
C LEU G 314 -3.77 11.58 -10.93
N LYS G 315 -2.80 12.42 -11.33
CA LYS G 315 -2.06 12.21 -12.57
C LYS G 315 -1.04 11.08 -12.39
N LEU G 316 -0.96 10.22 -13.41
CA LEU G 316 -0.08 9.06 -13.42
C LEU G 316 1.01 9.26 -14.47
N ALA G 317 2.26 9.02 -14.04
CA ALA G 317 3.45 9.18 -14.87
C ALA G 317 3.58 7.99 -15.81
N THR G 318 4.07 8.27 -17.03
CA THR G 318 4.27 7.24 -18.04
C THR G 318 5.66 7.35 -18.66
N GLY G 319 6.48 8.27 -18.14
CA GLY G 319 7.83 8.49 -18.64
C GLY G 319 8.83 8.77 -17.51
N MET G 320 10.11 8.85 -17.88
CA MET G 320 11.18 9.07 -16.92
C MET G 320 11.24 10.54 -16.51
N ARG G 321 12.12 10.85 -15.55
CA ARG G 321 12.15 12.13 -14.85
C ARG G 321 12.73 13.22 -15.76
N ASN G 322 11.91 14.22 -16.05
CA ASN G 322 12.21 15.30 -16.98
C ASN G 322 13.18 16.29 -16.33
N VAL G 323 14.36 16.46 -16.94
CA VAL G 323 15.36 17.40 -16.43
C VAL G 323 15.69 18.40 -17.53
N PRO G 324 14.88 19.46 -17.74
CA PRO G 324 15.13 20.40 -18.84
C PRO G 324 16.46 21.10 -18.57
N GLU G 325 17.33 21.20 -19.57
CA GLU G 325 18.63 21.79 -19.38
C GLU G 325 18.73 23.08 -20.21
N LYS G 326 18.86 24.23 -19.53
CA LYS G 326 19.05 25.49 -20.24
C LYS G 326 20.43 26.08 -19.96
N GLN G 327 21.34 25.32 -19.32
CA GLN G 327 22.70 25.79 -19.05
C GLN G 327 23.46 25.87 -20.37
N THR G 328 24.63 26.54 -20.37
CA THR G 328 25.38 26.70 -21.61
C THR G 328 26.30 25.51 -21.83
N ARG G 329 25.98 24.64 -22.81
CA ARG G 329 26.81 23.48 -23.12
C ARG G 329 28.14 23.94 -23.66
N GLY G 330 28.15 25.09 -24.30
CA GLY G 330 29.43 25.56 -24.80
C GLY G 330 29.94 24.61 -25.89
N ILE G 331 31.23 24.29 -25.91
CA ILE G 331 31.79 23.41 -26.93
C ILE G 331 31.99 22.03 -26.33
N PHE G 332 31.42 21.77 -25.16
CA PHE G 332 31.66 20.51 -24.49
C PHE G 332 31.05 19.37 -25.31
N GLY G 333 31.75 18.23 -25.39
CA GLY G 333 31.27 17.11 -26.17
C GLY G 333 30.00 16.55 -25.58
N ALA G 334 29.07 16.10 -26.45
CA ALA G 334 27.87 15.36 -26.08
C ALA G 334 26.87 16.29 -25.40
N ILE G 335 27.01 17.60 -25.58
CA ILE G 335 25.99 18.50 -25.07
C ILE G 335 25.81 18.23 -23.57
N ALA G 336 26.93 18.02 -22.86
CA ALA G 336 26.96 17.80 -21.41
C ALA G 336 26.11 16.59 -20.99
N GLY G 337 26.53 15.45 -21.57
CA GLY G 337 25.81 14.20 -21.39
C GLY G 337 25.90 13.70 -19.95
N PHE G 338 24.78 13.24 -19.38
CA PHE G 338 24.71 12.87 -17.96
C PHE G 338 23.39 12.15 -17.69
N ILE G 339 23.35 11.28 -16.65
CA ILE G 339 22.10 10.69 -16.19
C ILE G 339 21.36 11.72 -15.33
N GLU G 340 22.12 12.71 -14.82
CA GLU G 340 21.53 13.83 -14.08
C GLU G 340 21.04 14.92 -15.02
N ASN G 341 21.97 15.64 -15.66
CA ASN G 341 21.67 16.67 -16.66
C ASN G 341 20.80 16.04 -17.75
N GLY G 342 19.78 16.76 -18.19
CA GLY G 342 18.89 16.25 -19.22
C GLY G 342 19.48 16.38 -20.62
N TRP G 343 18.86 15.72 -21.60
CA TRP G 343 19.18 15.84 -23.01
C TRP G 343 17.92 16.28 -23.73
N GLU G 344 18.01 16.77 -24.99
CA GLU G 344 16.80 17.22 -25.65
C GLU G 344 16.61 16.53 -27.00
N GLY G 345 15.53 16.83 -27.69
CA GLY G 345 15.33 16.12 -28.95
C GLY G 345 14.88 14.70 -28.60
N MET G 346 15.55 13.71 -29.19
CA MET G 346 15.38 12.30 -28.89
C MET G 346 13.91 11.86 -28.93
N VAL G 347 13.20 12.22 -30.01
CA VAL G 347 11.86 11.71 -30.25
C VAL G 347 11.94 10.22 -30.58
N ASP G 348 13.11 9.78 -31.08
CA ASP G 348 13.24 8.44 -31.63
C ASP G 348 13.06 7.38 -30.55
N GLY G 349 13.55 7.57 -29.34
CA GLY G 349 13.46 6.53 -28.33
C GLY G 349 13.32 7.16 -26.95
N TRP G 350 13.75 6.43 -25.91
CA TRP G 350 13.75 6.97 -24.57
C TRP G 350 15.17 7.08 -24.02
N TYR G 351 16.07 6.29 -24.61
CA TYR G 351 17.47 6.26 -24.22
C TYR G 351 18.32 6.26 -25.48
N GLY G 352 19.50 6.89 -25.37
CA GLY G 352 20.41 7.03 -26.50
C GLY G 352 21.83 7.33 -26.03
N PHE G 353 22.77 7.33 -26.99
CA PHE G 353 24.17 7.58 -26.71
C PHE G 353 24.64 8.76 -27.56
N ARG G 354 25.33 9.69 -26.89
CA ARG G 354 26.03 10.77 -27.58
C ARG G 354 27.53 10.47 -27.51
N HIS G 355 28.13 10.29 -28.68
CA HIS G 355 29.57 10.13 -28.76
C HIS G 355 30.22 11.47 -29.09
N GLN G 356 31.52 11.56 -28.83
CA GLN G 356 32.39 12.55 -29.43
C GLN G 356 33.65 11.84 -29.90
N ASN G 357 33.76 11.66 -31.22
CA ASN G 357 34.90 10.97 -31.81
C ASN G 357 35.82 11.97 -32.50
N SER G 358 36.79 11.44 -33.26
CA SER G 358 37.68 12.22 -34.11
C SER G 358 36.91 12.75 -35.31
N GLU G 359 35.97 11.93 -35.81
CA GLU G 359 35.23 12.15 -37.04
C GLU G 359 34.26 13.33 -36.87
N GLY G 360 33.69 13.47 -35.67
CA GLY G 360 32.76 14.54 -35.36
C GLY G 360 31.95 14.28 -34.09
N ARG G 361 30.70 14.78 -34.10
CA ARG G 361 29.82 14.65 -32.95
C ARG G 361 28.45 14.18 -33.44
N GLY G 362 28.02 13.04 -32.88
CA GLY G 362 26.81 12.35 -33.32
C GLY G 362 26.09 11.64 -32.18
N GLN G 363 24.88 11.17 -32.50
CA GLN G 363 24.03 10.45 -31.57
C GLN G 363 23.48 9.22 -32.29
N ALA G 364 23.17 8.19 -31.51
CA ALA G 364 22.41 7.05 -32.00
C ALA G 364 21.51 6.52 -30.89
N ALA G 365 20.28 6.19 -31.26
CA ALA G 365 19.29 5.69 -30.32
C ALA G 365 19.46 4.18 -30.13
N ASP G 366 19.05 3.71 -28.96
CA ASP G 366 18.90 2.30 -28.67
C ASP G 366 17.44 1.90 -28.90
N LEU G 367 17.21 0.61 -29.14
CA LEU G 367 15.86 0.07 -29.26
C LEU G 367 15.64 -0.99 -28.18
N LYS G 368 16.71 -1.70 -27.81
CA LYS G 368 16.67 -2.88 -26.96
C LYS G 368 16.15 -2.53 -25.57
N SER G 369 16.84 -1.59 -24.89
CA SER G 369 16.53 -1.22 -23.53
C SER G 369 15.22 -0.43 -23.45
N THR G 370 15.02 0.46 -24.43
CA THR G 370 13.88 1.35 -24.46
C THR G 370 12.59 0.59 -24.74
N GLN G 371 12.69 -0.51 -25.51
CA GLN G 371 11.56 -1.37 -25.80
C GLN G 371 11.10 -2.07 -24.52
N ALA G 372 12.08 -2.50 -23.70
CA ALA G 372 11.81 -3.13 -22.41
C ALA G 372 11.25 -2.10 -21.43
N ALA G 373 11.69 -0.85 -21.56
CA ALA G 373 11.20 0.26 -20.77
C ALA G 373 9.71 0.46 -21.03
N ILE G 374 9.37 0.81 -22.28
CA ILE G 374 8.00 1.10 -22.69
C ILE G 374 7.11 -0.11 -22.41
N ASP G 375 7.64 -1.33 -22.63
CA ASP G 375 6.93 -2.58 -22.44
C ASP G 375 6.37 -2.68 -21.02
N GLN G 376 7.22 -2.42 -20.02
CA GLN G 376 6.88 -2.53 -18.62
C GLN G 376 5.88 -1.44 -18.21
N ILE G 377 5.95 -0.30 -18.90
CA ILE G 377 5.04 0.82 -18.68
C ILE G 377 3.66 0.45 -19.24
N ASN G 378 3.65 -0.22 -20.39
CA ASN G 378 2.44 -0.56 -21.13
C ASN G 378 1.60 -1.57 -20.35
N GLY G 379 2.28 -2.51 -19.69
CA GLY G 379 1.64 -3.45 -18.78
C GLY G 379 0.95 -2.72 -17.62
N LYS G 380 1.70 -1.81 -16.99
CA LYS G 380 1.26 -1.02 -15.86
C LYS G 380 0.00 -0.23 -16.22
N LEU G 381 -0.07 0.23 -17.48
CA LEU G 381 -1.28 0.82 -18.01
C LEU G 381 -2.42 -0.19 -17.93
N ASN G 382 -2.23 -1.35 -18.57
CA ASN G 382 -3.26 -2.37 -18.78
C ASN G 382 -3.76 -2.95 -17.45
N ARG G 383 -2.85 -3.08 -16.47
CA ARG G 383 -3.18 -3.60 -15.14
C ARG G 383 -4.01 -2.56 -14.37
N LEU G 384 -4.09 -1.33 -14.90
CA LEU G 384 -4.81 -0.25 -14.26
C LEU G 384 -5.82 0.38 -15.23
N ILE G 385 -5.84 -0.10 -16.47
CA ILE G 385 -6.74 0.42 -17.50
C ILE G 385 -7.62 -0.71 -18.01
N GLY G 386 -8.92 -0.42 -18.11
CA GLY G 386 -9.89 -1.34 -18.70
C GLY G 386 -10.39 -2.37 -17.69
N LYS G 387 -9.59 -2.63 -16.65
CA LYS G 387 -9.98 -3.44 -15.52
C LYS G 387 -11.07 -2.71 -14.76
N THR G 388 -12.12 -3.45 -14.39
CA THR G 388 -13.30 -2.85 -13.79
C THR G 388 -14.07 -3.88 -12.96
N ASN G 389 -14.90 -3.35 -12.05
CA ASN G 389 -15.93 -4.12 -11.37
C ASN G 389 -17.29 -3.61 -11.81
N GLU G 390 -18.24 -4.55 -11.91
CA GLU G 390 -19.63 -4.27 -12.24
C GLU G 390 -20.45 -4.26 -10.96
N LYS G 391 -21.30 -3.24 -10.82
CA LYS G 391 -22.22 -3.11 -9.71
C LYS G 391 -23.63 -2.87 -10.26
N PHE G 392 -24.57 -3.72 -9.85
CA PHE G 392 -25.82 -3.86 -10.58
C PHE G 392 -27.00 -3.26 -9.82
N HIS G 393 -27.00 -3.40 -8.49
CA HIS G 393 -27.99 -2.73 -7.66
C HIS G 393 -27.37 -2.28 -6.34
N GLN G 394 -27.14 -0.97 -6.25
CA GLN G 394 -26.69 -0.29 -5.05
C GLN G 394 -27.91 0.01 -4.19
N ILE G 395 -27.67 0.53 -2.99
CA ILE G 395 -28.70 1.27 -2.27
C ILE G 395 -28.64 2.73 -2.75
N GLU G 396 -29.76 3.43 -2.60
CA GLU G 396 -29.89 4.85 -2.91
C GLU G 396 -28.79 5.64 -2.21
N LYS G 397 -28.32 6.71 -2.87
CA LYS G 397 -27.16 7.45 -2.41
C LYS G 397 -27.45 8.95 -2.31
N GLU G 398 -28.71 9.32 -2.61
CA GLU G 398 -29.22 10.67 -2.38
C GLU G 398 -30.58 10.57 -1.71
N PHE G 399 -30.88 11.54 -0.85
CA PHE G 399 -32.07 11.49 -0.01
C PHE G 399 -32.81 12.82 -0.05
N SER G 400 -34.00 12.79 -0.66
CA SER G 400 -34.88 13.93 -0.83
C SER G 400 -35.58 14.27 0.48
N GLU G 401 -35.86 13.22 1.28
CA GLU G 401 -36.46 13.37 2.60
C GLU G 401 -35.60 12.66 3.63
N VAL G 402 -35.70 13.11 4.89
CA VAL G 402 -35.01 12.49 6.00
C VAL G 402 -36.00 11.69 6.84
N GLU G 403 -36.05 10.37 6.58
CA GLU G 403 -36.88 9.44 7.34
C GLU G 403 -36.29 9.26 8.74
N GLY G 404 -34.96 9.24 8.82
CA GLY G 404 -34.26 9.22 10.09
C GLY G 404 -33.11 8.22 10.13
N ARG G 405 -33.15 7.34 11.15
CA ARG G 405 -32.04 6.54 11.62
C ARG G 405 -31.43 5.70 10.49
N ILE G 406 -32.28 5.01 9.72
CA ILE G 406 -31.84 4.12 8.66
C ILE G 406 -31.03 4.92 7.65
N GLN G 407 -31.64 6.00 7.16
CA GLN G 407 -31.04 6.91 6.19
C GLN G 407 -29.68 7.41 6.65
N ASP G 408 -29.56 7.67 7.96
CA ASP G 408 -28.36 8.20 8.58
C ASP G 408 -27.21 7.21 8.43
N LEU G 409 -27.52 5.91 8.50
CA LEU G 409 -26.48 4.88 8.51
C LEU G 409 -25.90 4.63 7.12
N GLU G 410 -26.71 4.79 6.06
CA GLU G 410 -26.19 4.53 4.73
C GLU G 410 -25.42 5.74 4.18
N LYS G 411 -25.73 6.93 4.70
CA LYS G 411 -24.90 8.12 4.52
C LYS G 411 -23.52 7.86 5.11
N TYR G 412 -23.51 7.18 6.27
CA TYR G 412 -22.28 6.76 6.92
C TYR G 412 -21.56 5.74 6.05
N VAL G 413 -22.30 4.74 5.56
CA VAL G 413 -21.77 3.65 4.74
C VAL G 413 -21.14 4.22 3.47
N GLU G 414 -21.84 5.17 2.85
CA GLU G 414 -21.42 5.85 1.63
C GLU G 414 -20.08 6.54 1.87
N ASP G 415 -20.06 7.48 2.83
CA ASP G 415 -18.89 8.29 3.17
C ASP G 415 -17.73 7.39 3.57
N THR G 416 -18.03 6.29 4.28
CA THR G 416 -17.04 5.28 4.65
C THR G 416 -16.31 4.82 3.39
N LYS G 417 -17.08 4.35 2.40
CA LYS G 417 -16.55 3.75 1.19
C LYS G 417 -15.69 4.75 0.42
N ILE G 418 -16.25 5.95 0.18
CA ILE G 418 -15.62 6.96 -0.66
C ILE G 418 -14.28 7.37 -0.03
N ASP G 419 -14.28 7.60 1.29
CA ASP G 419 -13.10 7.99 2.05
C ASP G 419 -12.01 6.93 1.92
N LEU G 420 -12.39 5.66 2.17
CA LEU G 420 -11.46 4.54 2.16
C LEU G 420 -10.84 4.41 0.78
N TRP G 421 -11.70 4.38 -0.25
CA TRP G 421 -11.30 4.25 -1.64
C TRP G 421 -10.41 5.42 -2.06
N SER G 422 -10.80 6.64 -1.65
CA SER G 422 -10.09 7.86 -2.02
C SER G 422 -8.64 7.78 -1.57
N TYR G 423 -8.46 7.47 -0.28
CA TYR G 423 -7.13 7.31 0.31
C TYR G 423 -6.42 6.14 -0.35
N ASN G 424 -7.17 5.05 -0.57
CA ASN G 424 -6.67 3.80 -1.10
C ASN G 424 -6.10 4.02 -2.50
N ALA G 425 -6.87 4.74 -3.33
CA ALA G 425 -6.50 5.10 -4.68
C ALA G 425 -5.30 6.03 -4.67
N GLU G 426 -5.31 6.99 -3.73
CA GLU G 426 -4.28 8.00 -3.57
C GLU G 426 -2.92 7.33 -3.38
N LEU G 427 -2.89 6.27 -2.58
CA LEU G 427 -1.69 5.51 -2.30
C LEU G 427 -1.28 4.70 -3.53
N LEU G 428 -2.23 3.97 -4.13
CA LEU G 428 -1.99 3.15 -5.31
C LEU G 428 -1.26 3.98 -6.37
N VAL G 429 -1.81 5.14 -6.69
CA VAL G 429 -1.27 6.06 -7.67
C VAL G 429 0.18 6.37 -7.33
N ALA G 430 0.41 6.85 -6.09
CA ALA G 430 1.70 7.37 -5.64
C ALA G 430 2.77 6.29 -5.64
N LEU G 431 2.39 5.06 -5.26
CA LEU G 431 3.29 3.92 -5.15
C LEU G 431 3.82 3.54 -6.54
N GLU G 432 2.96 3.68 -7.55
CA GLU G 432 3.23 3.29 -8.92
C GLU G 432 4.12 4.31 -9.61
N ASN G 433 3.82 5.59 -9.36
CA ASN G 433 4.62 6.72 -9.85
C ASN G 433 6.07 6.49 -9.47
N GLN G 434 6.30 6.23 -8.17
CA GLN G 434 7.61 5.93 -7.61
C GLN G 434 8.22 4.74 -8.34
N HIS G 435 7.43 3.67 -8.50
CA HIS G 435 7.87 2.43 -9.11
C HIS G 435 8.39 2.67 -10.53
N THR G 436 7.63 3.43 -11.32
CA THR G 436 7.97 3.74 -12.70
C THR G 436 9.27 4.53 -12.75
N ILE G 437 9.34 5.60 -11.95
CA ILE G 437 10.50 6.49 -11.87
C ILE G 437 11.73 5.67 -11.47
N ASP G 438 11.53 4.74 -10.53
CA ASP G 438 12.57 3.81 -10.09
C ASP G 438 13.03 2.95 -11.26
N LEU G 439 12.05 2.31 -11.93
CA LEU G 439 12.29 1.33 -12.99
C LEU G 439 13.01 1.97 -14.17
N THR G 440 12.64 3.21 -14.51
CA THR G 440 13.20 3.94 -15.64
C THR G 440 14.69 4.18 -15.42
N ASP G 441 15.02 4.80 -14.30
CA ASP G 441 16.38 5.22 -13.97
C ASP G 441 17.23 4.01 -13.59
N SER G 442 16.58 2.95 -13.10
CA SER G 442 17.25 1.69 -12.80
C SER G 442 17.71 1.02 -14.10
N GLU G 443 16.88 1.11 -15.14
CA GLU G 443 17.20 0.57 -16.46
C GLU G 443 18.27 1.43 -17.11
N MET G 444 18.23 2.73 -16.81
CA MET G 444 19.28 3.67 -17.16
C MET G 444 20.59 3.21 -16.51
N ASN G 445 20.51 2.86 -15.22
CA ASN G 445 21.63 2.38 -14.42
C ASN G 445 22.10 1.02 -14.96
N LYS G 446 21.14 0.19 -15.40
CA LYS G 446 21.42 -1.15 -15.89
C LYS G 446 22.15 -1.07 -17.23
N LEU G 447 21.70 -0.16 -18.11
CA LEU G 447 22.37 0.12 -19.36
C LEU G 447 23.74 0.74 -19.07
N PHE G 448 23.77 1.67 -18.11
CA PHE G 448 25.00 2.31 -17.66
C PHE G 448 26.01 1.23 -17.26
N GLU G 449 25.57 0.29 -16.42
CA GLU G 449 26.45 -0.77 -15.93
C GLU G 449 26.92 -1.66 -17.07
N LYS G 450 26.00 -2.00 -17.99
CA LYS G 450 26.29 -2.88 -19.11
C LYS G 450 27.49 -2.35 -19.90
N THR G 451 27.50 -1.04 -20.16
CA THR G 451 28.57 -0.39 -20.89
C THR G 451 29.88 -0.52 -20.13
N LYS G 452 29.88 -0.09 -18.86
CA LYS G 452 31.05 -0.02 -18.00
C LYS G 452 31.60 -1.42 -17.73
N LYS G 453 30.71 -2.40 -17.56
CA LYS G 453 31.07 -3.78 -17.27
C LYS G 453 31.75 -4.40 -18.50
N GLN G 454 31.20 -4.07 -19.68
CA GLN G 454 31.72 -4.48 -20.98
C GLN G 454 33.12 -3.89 -21.18
N LEU G 455 33.27 -2.62 -20.77
CA LEU G 455 34.55 -1.90 -20.82
C LEU G 455 35.41 -2.34 -19.64
N ARG G 456 36.24 -3.37 -19.89
CA ARG G 456 37.09 -4.00 -18.88
C ARG G 456 37.89 -2.94 -18.13
N GLU G 457 38.70 -2.17 -18.88
CA GLU G 457 39.59 -1.20 -18.26
C GLU G 457 39.67 0.12 -19.07
N ASN G 458 39.19 0.07 -20.32
CA ASN G 458 39.45 1.13 -21.29
C ASN G 458 38.66 2.40 -20.96
N ALA G 459 37.73 2.30 -20.01
CA ALA G 459 36.89 3.43 -19.65
C ALA G 459 37.23 3.93 -18.25
N GLU G 460 37.52 5.22 -18.18
CA GLU G 460 37.50 5.98 -16.94
C GLU G 460 36.05 6.42 -16.69
N ASP G 461 35.83 7.16 -15.59
CA ASP G 461 34.54 7.75 -15.31
C ASP G 461 34.72 9.27 -15.23
N MET G 462 34.17 9.98 -16.23
CA MET G 462 34.45 11.39 -16.45
C MET G 462 33.96 12.24 -15.27
N GLY G 463 32.80 11.87 -14.71
CA GLY G 463 32.29 12.52 -13.52
C GLY G 463 30.89 13.09 -13.73
N ASN G 464 30.33 12.89 -14.93
CA ASN G 464 28.99 13.33 -15.24
C ASN G 464 28.34 12.32 -16.21
N GLY G 465 28.42 11.04 -15.88
CA GLY G 465 27.88 9.96 -16.69
C GLY G 465 28.52 9.91 -18.07
N CYS G 466 29.85 10.01 -18.08
CA CYS G 466 30.66 10.16 -19.27
C CYS G 466 31.86 9.22 -19.18
N PHE G 467 32.33 8.73 -20.33
CA PHE G 467 33.50 7.86 -20.35
C PHE G 467 34.55 8.41 -21.31
N LYS G 468 35.81 8.11 -21.00
CA LYS G 468 36.94 8.48 -21.83
C LYS G 468 37.59 7.20 -22.34
N ILE G 469 37.56 7.04 -23.68
CA ILE G 469 38.07 5.86 -24.37
C ILE G 469 39.46 6.21 -24.91
N TYR G 470 40.43 5.33 -24.65
CA TYR G 470 41.84 5.64 -24.84
C TYR G 470 42.40 5.02 -26.10
N HIS G 471 41.67 5.20 -27.21
CA HIS G 471 42.14 4.83 -28.53
C HIS G 471 41.25 5.55 -29.52
N LYS G 472 41.79 5.89 -30.70
CA LYS G 472 40.90 6.37 -31.73
C LYS G 472 39.76 5.36 -31.81
N CYS G 473 38.54 5.86 -31.58
CA CYS G 473 37.36 5.00 -31.61
C CYS G 473 36.48 5.54 -32.74
N ASP G 474 36.61 4.90 -33.91
CA ASP G 474 35.92 5.33 -35.11
C ASP G 474 34.44 4.94 -35.04
N ASN G 475 33.68 5.26 -36.10
CA ASN G 475 32.23 5.05 -36.15
C ASN G 475 31.87 3.59 -35.87
N ALA G 476 32.65 2.65 -36.42
CA ALA G 476 32.45 1.23 -36.21
C ALA G 476 32.65 0.88 -34.74
N CYS G 477 33.71 1.43 -34.13
CA CYS G 477 34.11 1.21 -32.75
C CYS G 477 33.05 1.76 -31.80
N ILE G 478 32.63 3.02 -32.02
CA ILE G 478 31.60 3.67 -31.22
C ILE G 478 30.32 2.84 -31.31
N GLY G 479 29.97 2.44 -32.54
CA GLY G 479 28.82 1.59 -32.82
C GLY G 479 28.94 0.19 -32.23
N SER G 480 30.20 -0.28 -32.05
CA SER G 480 30.47 -1.60 -31.51
C SER G 480 30.09 -1.67 -30.04
N ILE G 481 30.45 -0.63 -29.28
CA ILE G 481 30.15 -0.52 -27.86
C ILE G 481 28.63 -0.46 -27.68
N ARG G 482 27.97 0.28 -28.58
CA ARG G 482 26.51 0.36 -28.66
C ARG G 482 25.94 -1.03 -28.91
N ASN G 483 26.59 -1.79 -29.79
CA ASN G 483 26.11 -3.09 -30.22
C ASN G 483 26.47 -4.17 -29.19
N GLY G 484 27.34 -3.81 -28.23
CA GLY G 484 27.73 -4.67 -27.12
C GLY G 484 28.59 -5.84 -27.58
N THR G 485 29.50 -5.55 -28.53
CA THR G 485 30.36 -6.54 -29.15
C THR G 485 31.83 -6.17 -28.97
N TYR G 486 32.06 -4.99 -28.36
CA TYR G 486 33.38 -4.38 -28.30
C TYR G 486 34.36 -5.28 -27.57
N ASP G 487 35.42 -5.68 -28.29
CA ASP G 487 36.56 -6.33 -27.70
C ASP G 487 37.40 -5.27 -26.99
N HIS G 488 37.82 -5.60 -25.75
CA HIS G 488 38.73 -4.75 -25.01
C HIS G 488 40.17 -5.02 -25.45
N ASP G 489 40.44 -6.29 -25.79
CA ASP G 489 41.79 -6.82 -26.00
C ASP G 489 42.53 -6.10 -27.12
N VAL G 490 41.84 -5.87 -28.26
CA VAL G 490 42.46 -5.33 -29.46
C VAL G 490 43.16 -4.00 -29.16
N TYR G 491 42.57 -3.20 -28.26
CA TYR G 491 43.01 -1.84 -28.02
C TYR G 491 43.70 -1.72 -26.65
N ARG G 492 43.46 -2.73 -25.78
CA ARG G 492 43.74 -2.69 -24.36
C ARG G 492 45.13 -2.12 -24.05
N ASP G 493 46.14 -2.62 -24.78
CA ASP G 493 47.54 -2.30 -24.52
C ASP G 493 47.79 -0.81 -24.74
N GLU G 494 47.28 -0.28 -25.86
CA GLU G 494 47.47 1.11 -26.25
C GLU G 494 46.68 2.03 -25.33
N ALA G 495 45.54 1.52 -24.83
CA ALA G 495 44.68 2.24 -23.91
C ALA G 495 45.40 2.51 -22.59
N LEU G 496 46.25 1.56 -22.18
CA LEU G 496 46.95 1.59 -20.90
C LEU G 496 48.21 2.44 -20.98
N ASN G 497 48.93 2.35 -22.10
CA ASN G 497 50.10 3.18 -22.37
C ASN G 497 49.67 4.64 -22.38
N ASN G 498 48.47 4.89 -22.90
CA ASN G 498 47.87 6.23 -22.90
C ASN G 498 47.41 6.60 -21.49
N ARG G 499 46.70 5.68 -20.83
CA ARG G 499 46.04 5.95 -19.56
C ARG G 499 47.06 6.16 -18.44
N PHE G 500 48.05 5.26 -18.37
CA PHE G 500 49.07 5.31 -17.33
C PHE G 500 50.41 5.74 -17.95
N GLN G 501 50.36 6.84 -18.71
CA GLN G 501 51.52 7.40 -19.38
C GLN G 501 52.53 7.91 -18.34
N ILE G 502 53.80 7.91 -18.74
CA ILE G 502 54.91 8.24 -17.85
C ILE G 502 55.60 9.52 -18.37
N GLN H 1 4.28 22.76 -29.64
CA GLN H 1 5.62 22.14 -29.45
C GLN H 1 6.68 23.04 -30.10
N VAL H 2 7.06 22.71 -31.33
CA VAL H 2 8.01 23.45 -32.13
C VAL H 2 7.32 23.94 -33.39
N GLN H 3 7.31 25.27 -33.57
CA GLN H 3 6.82 25.90 -34.78
C GLN H 3 7.87 26.91 -35.24
N LEU H 4 7.83 27.21 -36.55
CA LEU H 4 8.80 28.11 -37.16
C LEU H 4 8.04 29.18 -37.94
N GLN H 5 8.60 30.40 -37.96
CA GLN H 5 8.10 31.46 -38.82
C GLN H 5 9.22 31.98 -39.71
N GLU H 6 9.05 31.73 -41.02
CA GLU H 6 9.98 32.13 -42.05
C GLU H 6 9.73 33.60 -42.41
N SER H 7 10.83 34.36 -42.54
CA SER H 7 10.76 35.78 -42.84
C SER H 7 11.81 36.16 -43.89
N GLY H 8 11.52 37.21 -44.64
CA GLY H 8 12.46 37.78 -45.58
C GLY H 8 11.79 38.42 -46.80
N PRO H 9 12.54 39.20 -47.62
CA PRO H 9 12.01 39.76 -48.86
C PRO H 9 11.90 38.68 -49.91
N GLY H 10 10.68 38.53 -50.45
CA GLY H 10 10.39 37.56 -51.49
C GLY H 10 10.91 38.00 -52.86
N LEU H 11 11.58 39.18 -52.90
CA LEU H 11 12.15 39.75 -54.10
C LEU H 11 13.59 40.22 -53.81
N VAL H 12 14.43 40.19 -54.86
CA VAL H 12 15.82 40.61 -54.78
C VAL H 12 16.37 40.79 -56.20
N LYS H 13 17.07 41.91 -56.43
CA LYS H 13 17.75 42.20 -57.69
C LYS H 13 18.72 41.07 -58.03
N PRO H 14 18.93 40.73 -59.33
CA PRO H 14 19.91 39.73 -59.72
C PRO H 14 21.34 40.06 -59.27
N SER H 15 22.10 39.00 -58.97
CA SER H 15 23.50 39.05 -58.57
C SER H 15 23.69 39.84 -57.26
N GLU H 16 22.78 39.62 -56.31
CA GLU H 16 22.80 40.32 -55.03
C GLU H 16 22.70 39.31 -53.88
N THR H 17 22.86 39.83 -52.65
CA THR H 17 22.84 39.06 -51.42
C THR H 17 21.39 38.72 -51.06
N LEU H 18 21.18 37.48 -50.64
CA LEU H 18 19.91 37.02 -50.08
C LEU H 18 20.04 36.94 -48.56
N SER H 19 19.12 37.61 -47.87
CA SER H 19 19.06 37.64 -46.42
C SER H 19 17.69 37.14 -45.96
N LEU H 20 17.70 36.03 -45.21
CA LEU H 20 16.48 35.43 -44.68
C LEU H 20 16.66 35.13 -43.19
N THR H 21 15.54 35.11 -42.47
CA THR H 21 15.50 34.72 -41.07
C THR H 21 14.26 33.83 -40.84
N CYS H 22 14.42 32.86 -39.94
CA CYS H 22 13.31 32.03 -39.50
C CYS H 22 13.26 32.03 -37.98
N ALA H 23 12.03 31.90 -37.44
CA ALA H 23 11.76 32.01 -36.02
C ALA H 23 11.68 30.62 -35.39
N VAL H 24 11.91 30.57 -34.07
CA VAL H 24 11.64 29.38 -33.28
C VAL H 24 10.59 29.72 -32.22
N SER H 25 9.76 28.72 -31.88
CA SER H 25 8.74 28.84 -30.86
C SER H 25 8.60 27.50 -30.12
N GLY H 26 8.92 27.51 -28.83
CA GLY H 26 9.03 26.31 -28.03
C GLY H 26 10.39 25.63 -28.22
N GLY H 27 10.78 24.82 -27.24
CA GLY H 27 12.11 24.23 -27.18
C GLY H 27 13.17 25.28 -26.91
N THR H 28 14.43 24.84 -26.89
CA THR H 28 15.56 25.72 -26.64
C THR H 28 16.52 25.59 -27.82
N PHE H 29 16.82 26.74 -28.44
CA PHE H 29 17.62 26.81 -29.67
C PHE H 29 18.98 26.14 -29.48
N SER H 30 19.50 26.17 -28.25
CA SER H 30 20.82 25.67 -27.90
C SER H 30 20.91 24.15 -28.00
N ALA H 31 19.75 23.47 -28.12
CA ALA H 31 19.68 22.04 -27.88
C ALA H 31 19.50 21.24 -29.17
N TYR H 32 19.55 21.91 -30.33
CA TYR H 32 19.40 21.24 -31.61
C TYR H 32 20.37 21.80 -32.64
N TYR H 33 20.33 21.21 -33.84
CA TYR H 33 20.98 21.75 -35.03
C TYR H 33 19.89 22.16 -36.02
N TRP H 34 20.23 23.12 -36.90
CA TRP H 34 19.29 23.69 -37.84
C TRP H 34 19.95 23.85 -39.20
N GLY H 35 19.18 23.52 -40.24
CA GLY H 35 19.59 23.68 -41.63
C GLY H 35 18.56 24.43 -42.45
N TRP H 36 18.92 24.68 -43.72
CA TRP H 36 18.02 25.26 -44.70
C TRP H 36 17.89 24.30 -45.88
N ILE H 37 16.79 24.43 -46.63
CA ILE H 37 16.46 23.53 -47.72
C ILE H 37 15.66 24.30 -48.77
N ARG H 38 16.07 24.11 -50.02
CA ARG H 38 15.63 24.91 -51.15
C ARG H 38 14.82 24.04 -52.12
N GLN H 39 13.78 24.63 -52.71
CA GLN H 39 12.94 23.95 -53.69
C GLN H 39 12.35 24.96 -54.67
N PRO H 40 12.79 24.96 -55.96
CA PRO H 40 12.02 25.61 -57.02
C PRO H 40 10.74 24.82 -57.28
N PRO H 41 9.63 25.47 -57.71
CA PRO H 41 8.32 24.80 -57.79
C PRO H 41 8.27 23.68 -58.82
N GLY H 42 7.92 22.48 -58.36
CA GLY H 42 7.61 21.34 -59.21
C GLY H 42 8.84 20.58 -59.69
N LYS H 43 10.01 20.88 -59.10
CA LYS H 43 11.24 20.15 -59.38
C LYS H 43 11.74 19.50 -58.09
N GLY H 44 12.97 18.95 -58.16
CA GLY H 44 13.65 18.40 -57.00
C GLY H 44 14.09 19.50 -56.03
N LEU H 45 14.05 19.15 -54.74
CA LEU H 45 14.51 20.03 -53.67
C LEU H 45 15.91 19.61 -53.21
N GLU H 46 16.56 20.48 -52.43
CA GLU H 46 17.95 20.25 -52.04
C GLU H 46 18.25 20.81 -50.65
N TRP H 47 19.07 20.04 -49.91
CA TRP H 47 19.65 20.42 -48.62
C TRP H 47 20.74 21.44 -48.87
N ILE H 48 20.73 22.51 -48.06
CA ILE H 48 21.64 23.64 -48.24
C ILE H 48 22.86 23.47 -47.33
N GLY H 49 22.60 23.27 -46.03
CA GLY H 49 23.64 23.20 -45.01
C GLY H 49 23.07 23.35 -43.61
N SER H 50 23.85 22.96 -42.60
CA SER H 50 23.42 23.02 -41.21
C SER H 50 24.50 23.64 -40.33
N ILE H 51 24.09 24.05 -39.12
CA ILE H 51 24.93 24.73 -38.16
C ILE H 51 24.67 24.11 -36.78
N SER H 52 25.65 24.26 -35.89
CA SER H 52 25.44 23.93 -34.48
C SER H 52 24.60 25.02 -33.83
N GLY H 53 23.29 24.73 -33.71
CA GLY H 53 22.35 25.60 -33.01
C GLY H 53 22.74 25.82 -31.56
N GLY H 54 23.72 25.02 -31.10
CA GLY H 54 24.30 25.13 -29.77
C GLY H 54 25.61 25.93 -29.78
N SER H 55 26.47 25.66 -30.77
CA SER H 55 27.84 26.15 -30.75
C SER H 55 28.16 27.07 -31.93
N GLY H 56 27.70 26.69 -33.13
CA GLY H 56 27.90 27.48 -34.34
C GLY H 56 28.76 26.78 -35.39
N SER H 57 29.23 25.57 -35.06
CA SER H 57 29.97 24.71 -35.99
C SER H 57 29.03 24.21 -37.09
N THR H 58 29.46 24.38 -38.34
CA THR H 58 28.55 24.37 -39.47
C THR H 58 28.98 23.38 -40.54
N ASP H 59 28.12 23.17 -41.55
CA ASP H 59 28.41 22.37 -42.73
C ASP H 59 27.47 22.85 -43.84
N TYR H 60 27.92 22.77 -45.10
CA TYR H 60 27.14 23.26 -46.23
C TYR H 60 27.16 22.26 -47.38
N SER H 61 26.13 22.28 -48.25
CA SER H 61 26.16 21.48 -49.46
C SER H 61 27.31 21.97 -50.34
N PRO H 62 28.12 21.08 -50.95
CA PRO H 62 29.31 21.51 -51.70
C PRO H 62 28.98 22.52 -52.79
N SER H 63 27.83 22.36 -53.45
CA SER H 63 27.43 23.23 -54.54
C SER H 63 27.27 24.67 -54.04
N LEU H 64 26.61 24.84 -52.89
CA LEU H 64 26.29 26.17 -52.37
C LEU H 64 27.31 26.67 -51.35
N LYS H 65 28.38 25.90 -51.11
CA LYS H 65 29.28 26.26 -50.04
C LYS H 65 29.94 27.61 -50.28
N SER H 66 30.32 27.87 -51.53
CA SER H 66 31.04 29.09 -51.83
C SER H 66 30.14 30.33 -51.65
N ARG H 67 28.88 30.24 -52.05
CA ARG H 67 27.98 31.39 -52.10
C ARG H 67 27.14 31.51 -50.81
N ALA H 68 26.53 30.40 -50.38
CA ALA H 68 25.67 30.39 -49.20
C ALA H 68 26.50 30.58 -47.94
N THR H 69 25.86 31.21 -46.93
CA THR H 69 26.42 31.43 -45.60
C THR H 69 25.27 31.44 -44.59
N ILE H 70 25.23 30.44 -43.72
CA ILE H 70 24.16 30.36 -42.72
C ILE H 70 24.69 30.80 -41.35
N SER H 71 23.78 31.33 -40.54
CA SER H 71 24.09 31.88 -39.23
C SER H 71 22.99 31.55 -38.23
N ARG H 72 23.20 32.01 -36.99
CA ARG H 72 22.34 31.74 -35.84
C ARG H 72 22.37 32.97 -34.93
N ASP H 73 21.48 32.96 -33.92
CA ASP H 73 21.61 33.84 -32.76
C ASP H 73 21.04 33.13 -31.53
N THR H 74 21.86 33.06 -30.48
CA THR H 74 21.46 32.55 -29.17
C THR H 74 20.49 33.55 -28.52
N SER H 75 20.76 34.84 -28.76
CA SER H 75 20.09 35.94 -28.11
C SER H 75 18.59 35.98 -28.43
N LYS H 76 18.27 36.00 -29.75
CA LYS H 76 16.93 36.33 -30.21
C LYS H 76 16.14 35.08 -30.61
N ASN H 77 16.74 33.90 -30.40
CA ASN H 77 16.15 32.60 -30.71
C ASN H 77 16.02 32.42 -32.23
N GLN H 78 16.86 33.13 -32.99
CA GLN H 78 16.75 33.17 -34.44
C GLN H 78 18.03 32.65 -35.09
N PHE H 79 18.03 32.63 -36.43
CA PHE H 79 19.09 32.10 -37.26
C PHE H 79 18.85 32.56 -38.71
N SER H 80 19.96 32.81 -39.43
CA SER H 80 19.88 33.45 -40.74
C SER H 80 20.63 32.64 -41.80
N LEU H 81 20.28 32.90 -43.07
CA LEU H 81 21.04 32.49 -44.24
C LEU H 81 21.41 33.73 -45.05
N LYS H 82 22.67 33.80 -45.45
CA LYS H 82 23.19 34.85 -46.32
C LYS H 82 23.77 34.22 -47.58
N LEU H 83 23.11 34.47 -48.72
CA LEU H 83 23.51 33.91 -49.99
C LEU H 83 23.96 35.03 -50.92
N THR H 84 25.18 34.90 -51.46
CA THR H 84 25.78 35.91 -52.33
C THR H 84 25.78 35.42 -53.78
N SER H 85 25.84 36.38 -54.71
CA SER H 85 25.96 36.15 -56.14
C SER H 85 24.88 35.18 -56.62
N VAL H 86 23.62 35.54 -56.35
CA VAL H 86 22.45 34.71 -56.65
C VAL H 86 22.27 34.62 -58.16
N THR H 87 21.66 33.52 -58.61
CA THR H 87 21.32 33.32 -60.01
C THR H 87 19.83 33.65 -60.21
N ALA H 88 19.45 33.78 -61.48
CA ALA H 88 18.05 33.95 -61.88
C ALA H 88 17.27 32.67 -61.61
N ALA H 89 17.98 31.52 -61.61
CA ALA H 89 17.41 30.20 -61.45
C ALA H 89 17.12 29.89 -59.98
N ASP H 90 17.87 30.53 -59.08
CA ASP H 90 17.84 30.27 -57.64
C ASP H 90 16.49 30.63 -57.02
N THR H 91 15.67 31.36 -57.80
CA THR H 91 14.27 31.66 -57.49
C THR H 91 13.56 30.36 -57.10
N ALA H 92 13.07 30.34 -55.86
CA ALA H 92 12.53 29.14 -55.24
C ALA H 92 11.62 29.49 -54.06
N VAL H 93 11.21 28.46 -53.31
CA VAL H 93 10.65 28.58 -51.98
C VAL H 93 11.70 28.02 -51.01
N TYR H 94 11.81 28.65 -49.83
CA TYR H 94 12.80 28.22 -48.85
C TYR H 94 12.12 27.62 -47.62
N TYR H 95 12.93 27.01 -46.75
CA TYR H 95 12.49 26.41 -45.51
C TYR H 95 13.59 26.51 -44.45
N CYS H 96 13.14 26.61 -43.20
CA CYS H 96 13.93 26.34 -42.01
C CYS H 96 13.44 25.00 -41.44
N VAL H 97 14.38 24.17 -40.99
CA VAL H 97 14.07 22.81 -40.58
C VAL H 97 14.86 22.43 -39.34
N ARG H 98 14.29 21.50 -38.57
CA ARG H 98 14.94 20.90 -37.41
C ARG H 98 15.49 19.53 -37.79
N LYS H 99 16.77 19.31 -37.48
CA LYS H 99 17.44 18.05 -37.74
C LYS H 99 18.00 17.51 -36.41
N TYR H 100 18.63 16.34 -36.49
CA TYR H 100 19.34 15.78 -35.35
C TYR H 100 20.77 16.28 -35.34
N TRP H 101 21.32 16.40 -34.13
CA TRP H 101 22.62 17.01 -33.93
C TRP H 101 23.74 16.03 -34.26
N GLY H 102 23.36 14.87 -34.82
CA GLY H 102 24.29 13.84 -35.23
C GLY H 102 24.92 14.12 -36.59
N ASP H 103 26.22 13.84 -36.68
CA ASP H 103 26.99 13.88 -37.91
C ASP H 103 26.48 12.80 -38.86
N TYR H 104 26.33 11.57 -38.35
CA TYR H 104 25.86 10.43 -39.14
C TYR H 104 24.51 9.96 -38.61
N TYR H 105 23.48 10.79 -38.79
CA TYR H 105 22.17 10.48 -38.24
C TYR H 105 21.19 10.02 -39.32
N ALA H 106 19.94 9.79 -38.89
CA ALA H 106 18.86 9.33 -39.75
C ALA H 106 17.62 10.19 -39.52
N ASN H 107 16.66 10.09 -40.42
CA ASN H 107 15.37 10.76 -40.38
C ASN H 107 15.49 12.27 -40.13
N TRP H 108 16.32 12.90 -40.96
CA TRP H 108 16.53 14.34 -40.93
C TRP H 108 15.28 15.12 -41.34
N PHE H 109 15.19 16.37 -40.83
CA PHE H 109 14.08 17.28 -41.07
C PHE H 109 12.77 16.71 -40.54
N ASP H 110 12.59 16.82 -39.23
CA ASP H 110 11.43 16.33 -38.51
C ASP H 110 10.29 17.34 -38.55
N VAL H 111 10.60 18.63 -38.34
CA VAL H 111 9.63 19.72 -38.40
C VAL H 111 10.14 20.77 -39.37
N TRP H 112 9.25 21.42 -40.15
CA TRP H 112 9.68 22.35 -41.18
C TRP H 112 9.10 23.74 -40.97
N GLY H 113 9.69 24.74 -41.64
CA GLY H 113 9.18 26.11 -41.67
C GLY H 113 7.92 26.23 -42.52
N PRO H 114 7.15 27.34 -42.42
CA PRO H 114 5.87 27.46 -43.11
C PRO H 114 5.98 27.48 -44.64
N GLY H 115 7.15 27.88 -45.14
CA GLY H 115 7.41 27.95 -46.58
C GLY H 115 7.15 29.35 -47.12
N VAL H 116 8.23 30.04 -47.51
CA VAL H 116 8.15 31.39 -48.04
C VAL H 116 8.80 31.42 -49.43
N LEU H 117 8.05 31.95 -50.40
CA LEU H 117 8.50 32.07 -51.78
C LEU H 117 9.54 33.19 -51.88
N VAL H 118 10.57 32.98 -52.71
CA VAL H 118 11.60 33.98 -52.95
C VAL H 118 11.82 34.09 -54.46
N THR H 119 11.31 35.16 -55.08
CA THR H 119 11.46 35.39 -56.52
C THR H 119 12.51 36.48 -56.71
N VAL H 120 13.57 36.22 -57.50
CA VAL H 120 14.50 37.28 -57.86
C VAL H 120 13.80 38.24 -58.80
N SER H 121 14.01 39.54 -58.62
CA SER H 121 13.18 40.46 -59.38
C SER H 121 13.97 40.99 -60.55
N SER H 122 13.52 40.65 -61.73
CA SER H 122 14.21 41.14 -62.89
C SER H 122 13.57 42.41 -63.41
N ALA H 123 12.43 42.80 -62.83
CA ALA H 123 11.74 44.00 -63.24
C ALA H 123 11.45 44.82 -61.99
N SER H 124 11.14 46.12 -62.12
CA SER H 124 10.84 46.97 -60.98
C SER H 124 9.57 46.44 -60.29
N THR H 125 9.57 46.46 -58.94
CA THR H 125 8.43 46.04 -58.15
C THR H 125 7.20 46.86 -58.55
N LYS H 126 6.16 46.17 -59.05
CA LYS H 126 4.93 46.83 -59.43
C LYS H 126 3.82 46.42 -58.46
N GLY H 127 2.94 47.38 -58.17
CA GLY H 127 1.73 47.11 -57.41
C GLY H 127 0.78 46.20 -58.17
N PRO H 128 -0.07 45.42 -57.46
CA PRO H 128 -1.06 44.55 -58.11
C PRO H 128 -2.13 45.35 -58.85
N SER H 129 -2.60 44.80 -59.98
CA SER H 129 -3.74 45.35 -60.68
C SER H 129 -4.96 44.45 -60.49
N VAL H 130 -5.86 44.90 -59.62
CA VAL H 130 -7.00 44.14 -59.13
C VAL H 130 -8.13 44.29 -60.15
N PHE H 131 -8.44 43.19 -60.84
CA PHE H 131 -9.45 43.16 -61.88
C PHE H 131 -10.66 42.36 -61.39
N PRO H 132 -11.75 43.04 -60.95
CA PRO H 132 -13.02 42.38 -60.66
C PRO H 132 -13.58 41.66 -61.89
N LEU H 133 -14.40 40.63 -61.65
CA LEU H 133 -15.03 39.90 -62.73
C LEU H 133 -16.48 39.59 -62.37
N ALA H 134 -17.39 40.29 -63.05
CA ALA H 134 -18.82 40.21 -62.81
C ALA H 134 -19.35 38.84 -63.21
N PRO H 135 -20.17 38.18 -62.36
CA PRO H 135 -20.88 36.96 -62.76
C PRO H 135 -21.96 37.30 -63.78
N CYS H 136 -22.06 36.46 -64.82
CA CYS H 136 -23.05 36.59 -65.87
C CYS H 136 -23.96 35.38 -65.87
N SER H 137 -24.82 35.29 -66.89
CA SER H 137 -25.68 34.14 -67.13
C SER H 137 -24.84 32.94 -67.57
N ARG H 138 -23.71 33.22 -68.23
CA ARG H 138 -22.86 32.20 -68.85
C ARG H 138 -21.70 31.84 -67.92
N SER H 139 -21.76 32.32 -66.67
CA SER H 139 -20.76 32.00 -65.66
C SER H 139 -21.50 31.57 -64.40
N THR H 140 -22.77 31.14 -64.56
CA THR H 140 -23.61 30.76 -63.43
C THR H 140 -24.12 29.33 -63.65
N SER H 141 -23.68 28.38 -62.81
CA SER H 141 -24.25 27.04 -62.82
C SER H 141 -25.50 27.05 -61.96
N GLU H 142 -26.40 26.07 -62.09
CA GLU H 142 -27.62 26.09 -61.33
C GLU H 142 -27.30 26.05 -59.84
N SER H 143 -26.31 25.23 -59.47
CA SER H 143 -25.87 25.11 -58.08
C SER H 143 -25.15 26.38 -57.60
N THR H 144 -24.27 26.99 -58.42
CA THR H 144 -23.47 28.12 -57.98
C THR H 144 -23.09 29.04 -59.14
N ALA H 145 -22.80 30.32 -58.86
CA ALA H 145 -22.35 31.28 -59.86
C ALA H 145 -20.83 31.38 -59.85
N ALA H 146 -20.24 32.28 -60.65
CA ALA H 146 -18.79 32.46 -60.64
C ALA H 146 -18.42 33.93 -60.56
N LEU H 147 -18.01 34.35 -59.36
CA LEU H 147 -17.43 35.67 -59.12
C LEU H 147 -15.91 35.54 -59.19
N GLY H 148 -15.27 36.47 -59.90
CA GLY H 148 -13.84 36.44 -60.12
C GLY H 148 -13.15 37.73 -59.68
N CYS H 149 -11.83 37.62 -59.42
CA CYS H 149 -10.99 38.75 -59.06
C CYS H 149 -9.57 38.47 -59.52
N LEU H 150 -9.19 39.11 -60.64
CA LEU H 150 -7.90 38.94 -61.27
C LEU H 150 -6.91 39.94 -60.69
N VAL H 151 -5.77 39.43 -60.22
CA VAL H 151 -4.63 40.27 -59.90
C VAL H 151 -3.62 40.15 -61.04
N LYS H 152 -3.61 41.17 -61.91
CA LYS H 152 -2.74 41.24 -63.07
C LYS H 152 -1.66 42.30 -62.81
N ASP H 153 -0.70 42.40 -63.75
CA ASP H 153 0.27 43.49 -63.85
C ASP H 153 1.13 43.56 -62.59
N TYR H 154 0.99 42.55 -61.71
CA TYR H 154 1.67 42.52 -60.43
C TYR H 154 3.05 41.91 -60.60
N PHE H 155 4.05 42.61 -60.07
CA PHE H 155 5.41 42.10 -60.01
C PHE H 155 6.09 42.61 -58.74
N PRO H 156 6.76 41.75 -57.94
CA PRO H 156 6.81 40.31 -58.21
C PRO H 156 5.70 39.51 -57.53
N GLU H 157 5.82 38.19 -57.61
CA GLU H 157 4.94 37.23 -56.96
C GLU H 157 5.32 37.13 -55.49
N PRO H 158 4.43 36.62 -54.59
CA PRO H 158 3.06 36.24 -54.94
C PRO H 158 2.06 37.37 -54.68
N VAL H 159 0.77 37.03 -54.77
CA VAL H 159 -0.31 37.84 -54.26
C VAL H 159 -1.40 36.92 -53.71
N THR H 160 -1.71 37.10 -52.42
CA THR H 160 -2.65 36.26 -51.71
C THR H 160 -3.95 37.03 -51.49
N VAL H 161 -5.06 36.47 -51.97
CA VAL H 161 -6.35 37.14 -51.94
C VAL H 161 -7.19 36.53 -50.82
N SER H 162 -7.77 37.41 -50.00
CA SER H 162 -8.78 37.06 -49.01
C SER H 162 -10.16 37.41 -49.54
N TRP H 163 -11.14 36.55 -49.24
CA TRP H 163 -12.53 36.76 -49.66
C TRP H 163 -13.40 37.05 -48.46
N ASN H 164 -13.90 38.30 -48.39
CA ASN H 164 -14.62 38.86 -47.25
C ASN H 164 -13.72 38.83 -46.01
N SER H 165 -12.41 38.96 -46.25
CA SER H 165 -11.33 38.82 -45.28
C SER H 165 -11.29 37.40 -44.73
N GLY H 166 -11.72 36.44 -45.55
CA GLY H 166 -11.71 35.02 -45.22
C GLY H 166 -12.97 34.57 -44.48
N SER H 167 -14.08 35.29 -44.71
CA SER H 167 -15.36 34.96 -44.11
C SER H 167 -15.99 33.75 -44.81
N LEU H 168 -15.88 33.72 -46.15
CA LEU H 168 -16.32 32.60 -46.97
C LEU H 168 -15.10 31.82 -47.45
N THR H 169 -15.22 30.48 -47.44
CA THR H 169 -14.12 29.59 -47.78
C THR H 169 -14.59 28.48 -48.73
N SER H 170 -15.91 28.22 -48.74
CA SER H 170 -16.50 27.12 -49.48
C SER H 170 -16.45 27.39 -50.98
N GLY H 171 -15.67 26.55 -51.69
CA GLY H 171 -15.53 26.61 -53.14
C GLY H 171 -14.73 27.83 -53.59
N VAL H 172 -13.82 28.30 -52.73
CA VAL H 172 -12.89 29.37 -53.05
C VAL H 172 -11.60 28.71 -53.55
N HIS H 173 -11.28 28.97 -54.83
CA HIS H 173 -10.15 28.35 -55.52
C HIS H 173 -9.22 29.43 -56.04
N THR H 174 -8.02 29.52 -55.45
CA THR H 174 -6.98 30.41 -55.92
C THR H 174 -6.26 29.75 -57.09
N PHE H 175 -6.55 30.23 -58.30
CA PHE H 175 -5.91 29.74 -59.52
C PHE H 175 -4.45 30.17 -59.55
N PRO H 176 -3.50 29.29 -59.92
CA PRO H 176 -2.06 29.60 -59.89
C PRO H 176 -1.67 30.80 -60.75
N ALA H 177 -0.53 31.41 -60.40
CA ALA H 177 0.00 32.58 -61.07
C ALA H 177 0.39 32.26 -62.50
N VAL H 178 0.22 33.25 -63.39
CA VAL H 178 0.37 33.08 -64.82
C VAL H 178 1.39 34.10 -65.33
N LEU H 179 2.40 33.60 -66.06
CA LEU H 179 3.25 34.42 -66.90
C LEU H 179 2.53 34.67 -68.23
N GLN H 180 2.07 35.91 -68.41
CA GLN H 180 1.48 36.34 -69.68
C GLN H 180 2.62 36.69 -70.65
N SER H 181 2.24 36.92 -71.92
CA SER H 181 3.15 37.35 -72.96
C SER H 181 3.65 38.77 -72.66
N SER H 182 3.00 39.43 -71.71
CA SER H 182 3.36 40.75 -71.22
C SER H 182 4.69 40.72 -70.48
N GLY H 183 5.14 39.51 -70.10
CA GLY H 183 6.28 39.33 -69.21
C GLY H 183 5.91 39.68 -67.78
N LEU H 184 4.60 39.89 -67.55
CA LEU H 184 4.05 40.28 -66.27
C LEU H 184 3.24 39.12 -65.71
N TYR H 185 3.14 39.08 -64.38
CA TYR H 185 2.49 37.97 -63.69
C TYR H 185 1.06 38.35 -63.32
N SER H 186 0.19 37.33 -63.25
CA SER H 186 -1.24 37.50 -63.00
C SER H 186 -1.88 36.19 -62.56
N LEU H 187 -3.07 36.30 -61.94
CA LEU H 187 -3.91 35.17 -61.53
C LEU H 187 -5.26 35.69 -61.06
N SER H 188 -6.24 34.78 -61.01
CA SER H 188 -7.52 35.00 -60.34
C SER H 188 -7.67 34.01 -59.18
N SER H 189 -8.37 34.45 -58.13
CA SER H 189 -8.84 33.54 -57.09
C SER H 189 -10.37 33.44 -57.20
N VAL H 190 -10.84 32.43 -57.92
CA VAL H 190 -12.26 32.30 -58.22
C VAL H 190 -13.02 31.87 -56.96
N VAL H 191 -14.21 32.44 -56.80
CA VAL H 191 -15.12 32.08 -55.72
C VAL H 191 -16.42 31.56 -56.32
N THR H 192 -16.84 30.39 -55.81
CA THR H 192 -18.11 29.78 -56.18
C THR H 192 -19.12 30.07 -55.06
N VAL H 193 -20.15 30.84 -55.42
CA VAL H 193 -21.20 31.26 -54.49
C VAL H 193 -22.55 30.86 -55.07
N PRO H 194 -23.50 30.33 -54.26
CA PRO H 194 -24.79 29.84 -54.77
C PRO H 194 -25.54 30.85 -55.64
N SER H 195 -26.23 30.33 -56.66
CA SER H 195 -26.89 31.12 -57.69
C SER H 195 -28.04 31.95 -57.12
N SER H 196 -28.50 31.58 -55.92
CA SER H 196 -29.62 32.21 -55.24
C SER H 196 -29.26 33.61 -54.75
N SER H 197 -27.96 33.88 -54.58
CA SER H 197 -27.47 35.11 -53.98
C SER H 197 -27.10 36.15 -55.05
N LEU H 198 -27.46 35.87 -56.30
CA LEU H 198 -27.10 36.72 -57.43
C LEU H 198 -27.94 38.00 -57.45
N GLY H 199 -27.25 39.12 -57.69
CA GLY H 199 -27.86 40.44 -57.78
C GLY H 199 -28.27 40.99 -56.42
N THR H 200 -27.82 40.33 -55.35
CA THR H 200 -28.22 40.64 -53.99
C THR H 200 -27.05 41.28 -53.24
N GLN H 201 -25.99 40.49 -53.01
CA GLN H 201 -24.84 40.94 -52.24
C GLN H 201 -23.72 41.39 -53.19
N THR H 202 -23.06 42.48 -52.81
CA THR H 202 -21.90 43.02 -53.52
C THR H 202 -20.64 42.54 -52.81
N TYR H 203 -20.07 41.43 -53.31
CA TYR H 203 -18.97 40.74 -52.66
C TYR H 203 -17.67 41.51 -52.85
N VAL H 204 -16.70 41.24 -51.96
CA VAL H 204 -15.41 41.90 -51.95
C VAL H 204 -14.29 40.86 -52.06
N CYS H 205 -13.36 41.11 -52.98
CA CYS H 205 -12.09 40.41 -53.05
C CYS H 205 -10.99 41.32 -52.52
N ASN H 206 -10.19 40.79 -51.59
CA ASN H 206 -9.24 41.59 -50.82
C ASN H 206 -7.81 41.13 -51.15
N VAL H 207 -7.01 42.08 -51.64
CA VAL H 207 -5.67 41.81 -52.13
C VAL H 207 -4.67 42.03 -50.99
N ASN H 208 -3.76 41.07 -50.82
CA ASN H 208 -2.70 41.13 -49.83
C ASN H 208 -1.35 40.93 -50.52
N HIS H 209 -0.92 41.96 -51.26
CA HIS H 209 0.40 42.01 -51.86
C HIS H 209 1.38 42.47 -50.77
N LYS H 210 1.85 41.49 -49.99
CA LYS H 210 2.52 41.71 -48.71
C LYS H 210 3.77 42.58 -48.85
N PRO H 211 4.72 42.32 -49.80
CA PRO H 211 5.88 43.19 -49.97
C PRO H 211 5.57 44.63 -50.35
N SER H 212 4.47 44.83 -51.10
CA SER H 212 4.00 46.15 -51.48
C SER H 212 3.09 46.75 -50.41
N ASN H 213 2.61 45.90 -49.50
CA ASN H 213 1.77 46.26 -48.37
C ASN H 213 0.45 46.86 -48.85
N THR H 214 -0.15 46.23 -49.87
CA THR H 214 -1.34 46.74 -50.53
C THR H 214 -2.55 45.95 -50.05
N LYS H 215 -3.62 46.68 -49.71
CA LYS H 215 -4.92 46.11 -49.38
C LYS H 215 -5.98 46.72 -50.29
N VAL H 216 -6.61 45.88 -51.12
CA VAL H 216 -7.64 46.32 -52.04
C VAL H 216 -8.89 45.46 -51.83
N ASP H 217 -9.80 45.98 -51.00
CA ASP H 217 -11.12 45.40 -50.77
C ASP H 217 -12.05 45.84 -51.90
N LYS H 218 -11.59 45.64 -53.14
CA LYS H 218 -12.31 46.06 -54.34
C LYS H 218 -13.52 45.15 -54.55
N ARG H 219 -14.66 45.78 -54.83
CA ARG H 219 -15.90 45.07 -55.08
C ARG H 219 -16.00 44.73 -56.56
N VAL H 220 -16.91 43.78 -56.85
CA VAL H 220 -17.25 43.40 -58.21
C VAL H 220 -18.72 43.79 -58.43
N GLU H 221 -18.95 44.67 -59.41
CA GLU H 221 -20.30 45.15 -59.70
C GLU H 221 -20.58 45.10 -61.20
N ILE H 222 -21.84 44.81 -61.53
CA ILE H 222 -22.35 44.81 -62.89
C ILE H 222 -22.48 46.25 -63.38
N LYS H 223 -21.96 46.51 -64.59
CA LYS H 223 -22.16 47.79 -65.26
C LYS H 223 -22.63 47.54 -66.69
N THR H 224 -23.37 48.53 -67.23
CA THR H 224 -23.91 48.50 -68.57
C THR H 224 -23.12 49.46 -69.46
N CYS H 225 -22.88 49.03 -70.71
CA CYS H 225 -22.16 49.83 -71.70
C CYS H 225 -23.03 50.97 -72.20
N ASP I 1 25.66 12.96 -56.69
CA ASP I 1 26.54 11.96 -56.03
C ASP I 1 25.86 10.58 -56.08
N ILE I 2 24.87 10.39 -55.20
CA ILE I 2 24.11 9.15 -55.13
C ILE I 2 22.66 9.45 -55.50
N GLN I 3 22.30 9.12 -56.74
CA GLN I 3 20.98 9.42 -57.30
C GLN I 3 19.92 8.55 -56.62
N MET I 4 18.79 9.19 -56.27
CA MET I 4 17.65 8.50 -55.69
C MET I 4 16.58 8.33 -56.76
N THR I 5 16.26 7.07 -57.05
CA THR I 5 15.25 6.72 -58.05
C THR I 5 13.93 6.45 -57.34
N GLN I 6 12.84 6.93 -57.94
CA GLN I 6 11.50 6.78 -57.38
C GLN I 6 10.60 6.10 -58.41
N SER I 7 9.86 5.08 -57.95
CA SER I 7 9.01 4.27 -58.80
C SER I 7 7.73 3.87 -58.05
N PRO I 8 6.55 3.76 -58.72
CA PRO I 8 6.38 4.25 -60.10
C PRO I 8 6.35 5.78 -60.12
N SER I 9 6.83 6.35 -61.24
CA SER I 9 7.04 7.78 -61.40
C SER I 9 5.71 8.54 -61.32
N SER I 10 4.60 7.85 -61.59
CA SER I 10 3.24 8.35 -61.44
C SER I 10 2.32 7.21 -61.03
N LEU I 11 1.29 7.52 -60.23
CA LEU I 11 0.30 6.54 -59.80
C LEU I 11 -1.00 7.19 -59.35
N SER I 12 -2.07 6.37 -59.36
CA SER I 12 -3.40 6.70 -58.85
C SER I 12 -4.15 5.43 -58.46
N ALA I 13 -5.14 5.57 -57.56
CA ALA I 13 -6.14 4.57 -57.24
C ALA I 13 -7.25 5.18 -56.38
N SER I 14 -8.33 4.41 -56.16
CA SER I 14 -9.57 4.89 -55.55
C SER I 14 -9.54 4.78 -54.03
N VAL I 15 -10.66 5.09 -53.37
CA VAL I 15 -10.84 5.07 -51.91
C VAL I 15 -10.70 3.64 -51.37
N GLY I 16 -10.01 3.51 -50.24
CA GLY I 16 -9.74 2.25 -49.56
C GLY I 16 -8.91 1.27 -50.39
N ASP I 17 -7.94 1.79 -51.13
CA ASP I 17 -7.04 1.00 -51.97
C ASP I 17 -5.64 1.07 -51.39
N THR I 18 -4.91 -0.04 -51.53
CA THR I 18 -3.50 -0.10 -51.15
C THR I 18 -2.64 0.16 -52.39
N VAL I 19 -1.71 1.12 -52.25
CA VAL I 19 -0.74 1.45 -53.28
C VAL I 19 0.66 1.37 -52.69
N THR I 20 1.63 1.09 -53.57
CA THR I 20 3.03 0.97 -53.18
C THR I 20 3.89 1.87 -54.07
N ILE I 21 4.75 2.67 -53.41
CA ILE I 21 5.73 3.53 -54.07
C ILE I 21 7.12 3.05 -53.67
N THR I 22 7.93 2.69 -54.66
CA THR I 22 9.25 2.09 -54.47
C THR I 22 10.33 3.16 -54.69
N CYS I 23 11.38 3.11 -53.86
CA CYS I 23 12.55 3.95 -54.01
C CYS I 23 13.76 3.08 -54.32
N ARG I 24 14.60 3.58 -55.24
CA ARG I 24 15.83 2.92 -55.66
C ARG I 24 17.01 3.83 -55.31
N ALA I 25 18.21 3.21 -55.30
CA ALA I 25 19.46 3.88 -54.98
C ALA I 25 20.51 3.52 -56.02
N SER I 26 21.53 4.37 -56.18
CA SER I 26 22.65 4.05 -57.05
C SER I 26 23.61 3.10 -56.32
N GLN I 27 23.93 3.41 -55.06
CA GLN I 27 24.71 2.53 -54.20
C GLN I 27 23.83 2.07 -53.04
N SER I 28 23.83 0.75 -52.74
CA SER I 28 22.94 0.23 -51.71
C SER I 28 23.29 0.85 -50.36
N ILE I 29 22.27 1.33 -49.62
CA ILE I 29 22.46 1.96 -48.31
C ILE I 29 21.68 1.15 -47.27
N SER I 30 22.31 0.78 -46.15
CA SER I 30 21.69 -0.10 -45.18
C SER I 30 20.67 0.65 -44.31
N SER I 31 19.39 0.67 -44.73
CA SER I 31 18.30 1.23 -43.93
C SER I 31 18.67 2.63 -43.42
N TRP I 32 19.03 3.52 -44.33
CA TRP I 32 19.19 4.93 -44.02
C TRP I 32 18.39 5.76 -45.03
N LEU I 33 17.07 5.55 -45.04
CA LEU I 33 16.19 6.18 -46.01
C LEU I 33 15.08 6.96 -45.31
N ALA I 34 14.38 7.81 -46.06
CA ALA I 34 13.32 8.65 -45.53
C ALA I 34 12.19 8.78 -46.55
N TRP I 35 11.02 9.23 -46.05
CA TRP I 35 9.86 9.51 -46.87
C TRP I 35 9.18 10.78 -46.35
N TYR I 36 8.65 11.58 -47.29
CA TYR I 36 8.03 12.86 -46.96
C TYR I 36 6.71 13.03 -47.70
N GLN I 37 5.77 13.71 -47.02
CA GLN I 37 4.46 14.06 -47.56
C GLN I 37 4.44 15.56 -47.85
N GLN I 38 4.13 15.91 -49.09
CA GLN I 38 4.07 17.31 -49.50
C GLN I 38 2.69 17.63 -50.07
N LYS I 39 1.85 18.25 -49.23
CA LYS I 39 0.60 18.84 -49.69
C LYS I 39 0.94 19.97 -50.66
N PRO I 40 0.42 19.94 -51.92
CA PRO I 40 0.72 20.97 -52.91
C PRO I 40 0.30 22.37 -52.44
N GLY I 41 1.26 23.30 -52.50
CA GLY I 41 1.07 24.67 -52.04
C GLY I 41 1.15 24.79 -50.52
N LYS I 42 1.69 23.74 -49.87
CA LYS I 42 1.88 23.72 -48.43
C LYS I 42 3.29 23.23 -48.10
N ALA I 43 3.70 23.45 -46.84
CA ALA I 43 4.98 23.04 -46.32
C ALA I 43 5.05 21.52 -46.22
N PRO I 44 5.99 20.84 -46.94
CA PRO I 44 6.13 19.38 -46.88
C PRO I 44 6.41 18.84 -45.48
N LYS I 45 5.71 17.77 -45.09
CA LYS I 45 5.86 17.13 -43.78
C LYS I 45 6.74 15.88 -43.89
N LEU I 46 6.94 15.13 -42.78
CA LEU I 46 7.78 13.94 -42.76
C LEU I 46 6.91 12.69 -42.56
N LEU I 47 7.15 11.64 -43.35
CA LEU I 47 6.33 10.45 -43.30
C LEU I 47 6.99 9.35 -42.48
N ILE I 48 8.24 8.97 -42.83
CA ILE I 48 8.88 7.82 -42.19
C ILE I 48 10.40 7.97 -42.20
N TYR I 49 11.10 7.28 -41.29
CA TYR I 49 12.54 7.40 -41.14
C TYR I 49 13.21 6.03 -41.05
N LYS I 50 14.03 5.69 -42.05
CA LYS I 50 14.83 4.47 -42.08
C LYS I 50 13.97 3.22 -42.28
N ALA I 51 12.69 3.43 -42.54
CA ALA I 51 11.82 2.34 -42.95
C ALA I 51 11.83 1.29 -41.87
N SER I 52 11.82 1.76 -40.63
CA SER I 52 11.76 0.76 -39.62
C SER I 52 10.68 1.16 -38.64
N SER I 53 10.67 2.41 -38.14
CA SER I 53 9.79 2.75 -37.03
C SER I 53 8.77 3.78 -37.51
N LEU I 54 7.49 3.57 -37.18
CA LEU I 54 6.43 4.49 -37.55
C LEU I 54 6.66 5.81 -36.80
N GLN I 55 6.31 6.95 -37.42
CA GLN I 55 6.46 8.24 -36.77
C GLN I 55 5.27 8.44 -35.82
N GLY I 56 5.51 9.06 -34.67
CA GLY I 56 4.45 9.35 -33.71
C GLY I 56 3.50 10.41 -34.27
N GLY I 57 2.19 10.23 -34.01
CA GLY I 57 1.19 11.12 -34.55
C GLY I 57 1.01 10.92 -36.06
N VAL I 58 1.52 9.81 -36.60
CA VAL I 58 1.32 9.47 -38.01
C VAL I 58 0.55 8.16 -38.10
N PRO I 59 -0.50 8.06 -38.97
CA PRO I 59 -1.34 6.86 -39.06
C PRO I 59 -0.56 5.59 -39.39
N SER I 60 -0.96 4.46 -38.78
CA SER I 60 -0.32 3.18 -38.98
C SER I 60 -0.51 2.68 -40.42
N ARG I 61 -1.43 3.31 -41.17
CA ARG I 61 -1.68 2.97 -42.55
C ARG I 61 -0.43 3.17 -43.40
N PHE I 62 0.32 4.25 -43.14
CA PHE I 62 1.60 4.47 -43.81
C PHE I 62 2.56 3.35 -43.42
N SER I 63 3.18 2.69 -44.41
CA SER I 63 4.10 1.60 -44.11
C SER I 63 5.32 1.66 -45.03
N GLY I 64 6.44 1.04 -44.62
CA GLY I 64 7.67 1.10 -45.37
C GLY I 64 8.65 0.02 -44.94
N SER I 65 9.17 -0.75 -45.90
CA SER I 65 10.18 -1.75 -45.61
C SER I 65 11.50 -1.38 -46.32
N GLY I 66 12.62 -1.67 -45.64
CA GLY I 66 13.94 -1.34 -46.13
C GLY I 66 14.84 -2.57 -46.26
N SER I 67 15.43 -2.76 -47.45
CA SER I 67 16.31 -3.88 -47.74
C SER I 67 17.43 -3.47 -48.70
N GLY I 68 18.32 -2.57 -48.24
CA GLY I 68 19.55 -2.25 -48.94
C GLY I 68 19.36 -1.27 -50.11
N SER I 69 18.76 -1.78 -51.20
CA SER I 69 18.43 -0.98 -52.37
C SER I 69 16.91 -0.92 -52.54
N ASP I 70 16.22 -1.93 -51.97
CA ASP I 70 14.79 -2.14 -52.19
C ASP I 70 13.99 -1.48 -51.07
N PHE I 71 13.46 -0.29 -51.38
CA PHE I 71 12.72 0.52 -50.41
C PHE I 71 11.37 0.89 -51.00
N THR I 72 10.30 0.60 -50.24
CA THR I 72 8.94 0.82 -50.68
C THR I 72 8.14 1.50 -49.57
N LEU I 73 7.38 2.53 -49.94
CA LEU I 73 6.31 3.06 -49.08
C LEU I 73 4.99 2.45 -49.53
N THR I 74 4.15 2.10 -48.54
CA THR I 74 2.81 1.60 -48.79
C THR I 74 1.80 2.51 -48.10
N ILE I 75 0.85 3.03 -48.88
CA ILE I 75 -0.41 3.55 -48.37
C ILE I 75 -1.36 2.36 -48.28
N SER I 76 -1.72 1.99 -47.04
CA SER I 76 -2.54 0.80 -46.79
C SER I 76 -3.97 1.02 -47.25
N SER I 77 -4.51 2.21 -46.92
CA SER I 77 -5.85 2.59 -47.32
C SER I 77 -5.83 4.00 -47.89
N LEU I 78 -6.27 4.08 -49.15
CA LEU I 78 -6.19 5.30 -49.95
C LEU I 78 -7.26 6.28 -49.51
N GLN I 79 -6.76 7.39 -48.99
CA GLN I 79 -7.61 8.51 -48.69
C GLN I 79 -7.09 9.68 -49.49
N SER I 80 -8.02 10.47 -50.01
CA SER I 80 -7.73 11.68 -50.77
C SER I 80 -6.89 12.64 -49.92
N GLU I 81 -7.30 12.77 -48.66
CA GLU I 81 -6.64 13.63 -47.71
C GLU I 81 -5.20 13.20 -47.52
N ASP I 82 -4.97 11.88 -47.51
CA ASP I 82 -3.61 11.41 -47.36
C ASP I 82 -2.94 11.24 -48.72
N PHE I 83 -2.69 12.36 -49.40
CA PHE I 83 -1.99 12.21 -50.67
C PHE I 83 -1.19 13.46 -51.02
N ALA I 84 0.00 13.26 -51.64
CA ALA I 84 0.98 14.33 -51.85
C ALA I 84 2.17 13.82 -52.66
N THR I 85 2.99 14.74 -53.15
CA THR I 85 4.19 14.31 -53.85
C THR I 85 5.14 13.69 -52.81
N TYR I 86 5.38 12.38 -52.95
CA TYR I 86 6.08 11.60 -51.93
C TYR I 86 7.55 11.47 -52.33
N TYR I 87 8.46 11.71 -51.39
CA TYR I 87 9.88 11.78 -51.68
C TYR I 87 10.66 10.84 -50.76
N CYS I 88 11.57 10.05 -51.34
CA CYS I 88 12.46 9.21 -50.57
C CYS I 88 13.84 9.86 -50.47
N GLN I 89 14.32 10.10 -49.23
CA GLN I 89 15.57 10.83 -49.04
C GLN I 89 16.62 9.92 -48.39
N GLN I 90 17.88 10.05 -48.81
CA GLN I 90 18.94 9.22 -48.29
C GLN I 90 19.84 10.04 -47.37
N TYR I 91 20.08 9.56 -46.14
CA TYR I 91 21.03 10.25 -45.29
C TYR I 91 22.24 9.37 -44.99
N SER I 92 22.31 8.20 -45.64
CA SER I 92 23.43 7.29 -45.44
C SER I 92 24.74 7.95 -45.86
N GLY I 93 24.72 8.65 -47.00
CA GLY I 93 25.92 9.31 -47.49
C GLY I 93 25.68 10.81 -47.63
N ARG I 94 26.76 11.60 -47.53
CA ARG I 94 26.63 13.03 -47.73
C ARG I 94 27.30 13.42 -49.05
N PRO I 95 26.75 14.41 -49.81
CA PRO I 95 25.57 15.19 -49.41
C PRO I 95 24.27 14.40 -49.47
N PRO I 96 23.22 14.82 -48.72
CA PRO I 96 21.89 14.20 -48.81
C PRO I 96 21.28 14.31 -50.21
N THR I 97 20.47 13.30 -50.59
CA THR I 97 19.82 13.25 -51.88
C THR I 97 18.38 12.79 -51.71
N PHE I 98 17.53 13.20 -52.66
CA PHE I 98 16.09 13.20 -52.52
C PHE I 98 15.42 12.34 -53.59
N GLY I 99 14.22 11.85 -53.26
CA GLY I 99 13.30 11.25 -54.21
C GLY I 99 12.88 12.27 -55.27
N GLN I 100 12.52 11.76 -56.44
CA GLN I 100 12.16 12.58 -57.58
C GLN I 100 10.84 13.30 -57.29
N GLY I 101 9.90 12.56 -56.68
CA GLY I 101 8.58 13.08 -56.35
C GLY I 101 7.53 12.55 -57.30
N THR I 102 6.59 11.78 -56.74
CA THR I 102 5.54 11.14 -57.52
C THR I 102 4.22 11.85 -57.25
N LYS I 103 3.64 12.43 -58.32
CA LYS I 103 2.31 12.99 -58.25
C LYS I 103 1.31 11.84 -58.15
N VAL I 104 0.82 11.60 -56.93
CA VAL I 104 -0.20 10.58 -56.70
C VAL I 104 -1.55 11.27 -56.56
N GLU I 105 -2.56 10.72 -57.24
CA GLU I 105 -3.91 11.24 -57.22
C GLU I 105 -4.86 10.09 -56.88
N ILE I 106 -6.14 10.40 -56.70
CA ILE I 106 -7.16 9.41 -56.42
C ILE I 106 -7.97 9.19 -57.70
N LYS I 107 -8.10 7.92 -58.11
CA LYS I 107 -8.91 7.57 -59.27
C LYS I 107 -10.37 7.49 -58.83
N ARG I 108 -11.05 8.64 -58.70
CA ARG I 108 -12.41 8.67 -58.19
C ARG I 108 -13.17 9.91 -58.66
N ALA I 109 -14.51 9.91 -58.50
CA ALA I 109 -15.36 11.06 -58.77
C ALA I 109 -15.21 11.59 -60.20
N VAL I 110 -15.23 10.71 -61.21
CA VAL I 110 -15.30 11.16 -62.60
C VAL I 110 -16.58 11.99 -62.72
N ALA I 111 -16.51 13.24 -63.20
CA ALA I 111 -17.69 14.09 -63.23
C ALA I 111 -17.68 15.04 -64.43
N ALA I 112 -18.87 15.47 -64.88
CA ALA I 112 -19.01 16.46 -65.94
C ALA I 112 -18.52 17.82 -65.42
N PRO I 113 -17.77 18.61 -66.22
CA PRO I 113 -17.23 19.90 -65.75
C PRO I 113 -18.20 21.06 -65.96
N SER I 114 -18.41 21.88 -64.93
CA SER I 114 -19.23 23.06 -65.06
C SER I 114 -18.42 24.17 -65.74
N VAL I 115 -18.97 24.72 -66.83
CA VAL I 115 -18.27 25.61 -67.75
C VAL I 115 -18.57 27.06 -67.34
N PHE I 116 -17.53 27.89 -67.17
CA PHE I 116 -17.73 29.25 -66.70
C PHE I 116 -16.86 30.23 -67.50
N ILE I 117 -17.39 30.77 -68.62
CA ILE I 117 -16.70 31.79 -69.39
C ILE I 117 -16.64 33.08 -68.56
N PHE I 118 -15.53 33.84 -68.66
CA PHE I 118 -15.34 35.06 -67.90
C PHE I 118 -15.46 36.28 -68.79
N PRO I 119 -16.40 37.23 -68.50
CA PRO I 119 -16.62 38.41 -69.33
C PRO I 119 -15.54 39.48 -69.14
N PRO I 120 -15.25 40.34 -70.15
CA PRO I 120 -14.32 41.46 -69.95
C PRO I 120 -14.99 42.52 -69.08
N SER I 121 -14.33 42.94 -67.99
CA SER I 121 -14.86 43.97 -67.10
C SER I 121 -14.66 45.37 -67.71
N GLU I 122 -15.35 46.38 -67.17
CA GLU I 122 -15.25 47.74 -67.65
C GLU I 122 -13.81 48.24 -67.51
N ASP I 123 -13.17 47.92 -66.37
CA ASP I 123 -11.77 48.24 -66.15
C ASP I 123 -10.89 47.53 -67.19
N GLN I 124 -11.24 46.28 -67.53
CA GLN I 124 -10.48 45.47 -68.49
C GLN I 124 -10.51 46.12 -69.87
N VAL I 125 -11.69 46.63 -70.28
CA VAL I 125 -11.85 47.33 -71.55
C VAL I 125 -11.01 48.60 -71.51
N LYS I 126 -11.07 49.33 -70.37
CA LYS I 126 -10.30 50.55 -70.18
C LYS I 126 -8.80 50.25 -70.17
N SER I 127 -8.40 49.10 -69.60
CA SER I 127 -7.01 48.70 -69.49
C SER I 127 -6.35 48.60 -70.87
N GLY I 128 -7.14 48.20 -71.88
CA GLY I 128 -6.64 48.06 -73.23
C GLY I 128 -6.18 46.64 -73.54
N THR I 129 -6.28 45.74 -72.54
CA THR I 129 -6.03 44.33 -72.73
C THR I 129 -7.28 43.56 -72.32
N VAL I 130 -7.80 42.67 -73.18
CA VAL I 130 -8.97 41.88 -72.80
C VAL I 130 -8.56 40.42 -72.61
N SER I 131 -8.74 39.88 -71.40
CA SER I 131 -8.52 38.47 -71.14
C SER I 131 -9.87 37.75 -71.09
N VAL I 132 -10.15 36.92 -72.10
CA VAL I 132 -11.36 36.11 -72.11
C VAL I 132 -10.97 34.73 -71.58
N VAL I 133 -11.59 34.27 -70.48
CA VAL I 133 -11.11 33.07 -69.80
C VAL I 133 -12.27 32.12 -69.50
N CYS I 134 -11.97 30.79 -69.40
CA CYS I 134 -13.07 29.84 -69.16
C CYS I 134 -12.72 28.85 -68.04
N LEU I 135 -13.59 28.75 -67.01
CA LEU I 135 -13.39 27.88 -65.85
C LEU I 135 -14.20 26.59 -66.00
N LEU I 136 -13.52 25.43 -65.88
CA LEU I 136 -14.18 24.12 -65.84
C LEU I 136 -14.07 23.59 -64.41
N ASN I 137 -15.18 23.21 -63.77
CA ASN I 137 -15.14 22.87 -62.35
C ASN I 137 -15.39 21.37 -62.11
N ASN I 138 -14.62 20.72 -61.24
CA ASN I 138 -14.84 19.34 -60.82
C ASN I 138 -14.91 18.34 -61.98
N PHE I 139 -13.76 18.08 -62.64
CA PHE I 139 -13.69 17.03 -63.65
C PHE I 139 -12.48 16.14 -63.35
N TYR I 140 -12.71 14.85 -63.03
CA TYR I 140 -11.62 13.97 -62.66
C TYR I 140 -10.67 13.68 -63.84
N PRO I 141 -11.13 13.36 -65.07
CA PRO I 141 -10.19 13.11 -66.17
C PRO I 141 -9.44 14.37 -66.56
N ARG I 142 -8.14 14.28 -66.82
CA ARG I 142 -7.40 15.41 -67.35
C ARG I 142 -7.66 15.53 -68.84
N GLU I 143 -8.51 14.63 -69.37
CA GLU I 143 -8.83 14.57 -70.79
C GLU I 143 -9.58 15.83 -71.20
N ALA I 144 -10.41 16.36 -70.30
CA ALA I 144 -11.21 17.54 -70.59
C ALA I 144 -10.27 18.68 -71.00
N SER I 145 -10.61 19.39 -72.09
CA SER I 145 -9.73 20.42 -72.62
C SER I 145 -10.48 21.74 -72.84
N VAL I 146 -9.81 22.71 -73.47
CA VAL I 146 -10.39 24.02 -73.71
C VAL I 146 -10.03 24.48 -75.11
N LYS I 147 -10.97 25.19 -75.75
CA LYS I 147 -10.73 25.86 -77.02
C LYS I 147 -11.49 27.19 -77.07
N TRP I 148 -11.01 28.08 -77.95
CA TRP I 148 -11.62 29.37 -78.19
C TRP I 148 -11.85 29.57 -79.69
N LYS I 149 -13.11 29.77 -80.06
CA LYS I 149 -13.50 30.13 -81.42
C LYS I 149 -14.38 31.37 -81.38
N VAL I 150 -13.76 32.51 -81.71
CA VAL I 150 -14.46 33.76 -81.99
C VAL I 150 -15.17 33.58 -83.34
N ASP I 151 -16.12 34.48 -83.66
CA ASP I 151 -16.93 34.40 -84.87
C ASP I 151 -16.04 34.35 -86.11
N GLY I 152 -14.93 35.10 -86.08
CA GLY I 152 -14.01 35.23 -87.20
C GLY I 152 -13.11 34.01 -87.37
N ALA I 153 -12.36 33.67 -86.30
CA ALA I 153 -11.28 32.69 -86.39
C ALA I 153 -11.20 31.82 -85.13
N LEU I 154 -10.19 30.95 -85.10
CA LEU I 154 -9.87 30.07 -84.00
C LEU I 154 -8.75 30.70 -83.18
N LYS I 155 -9.05 31.04 -81.91
CA LYS I 155 -8.13 31.76 -81.05
C LYS I 155 -7.61 30.84 -79.94
N THR I 156 -7.80 29.53 -80.13
CA THR I 156 -7.27 28.48 -79.28
C THR I 156 -5.75 28.44 -79.42
N GLY I 157 -5.06 28.19 -78.30
CA GLY I 157 -3.60 28.11 -78.26
C GLY I 157 -2.96 29.43 -77.85
N ASN I 158 -3.77 30.50 -77.88
CA ASN I 158 -3.38 31.82 -77.43
C ASN I 158 -3.83 32.01 -75.98
N SER I 159 -4.32 30.93 -75.37
CA SER I 159 -4.80 30.89 -74.01
C SER I 159 -3.70 30.38 -73.08
N GLN I 160 -3.50 31.07 -71.95
CA GLN I 160 -2.59 30.66 -70.89
C GLN I 160 -3.36 29.86 -69.85
N GLU I 161 -3.14 28.54 -69.86
CA GLU I 161 -3.91 27.59 -69.07
C GLU I 161 -3.43 27.58 -67.63
N SER I 162 -4.41 27.66 -66.71
CA SER I 162 -4.18 27.52 -65.27
C SER I 162 -5.19 26.53 -64.69
N VAL I 163 -4.70 25.35 -64.32
CA VAL I 163 -5.54 24.29 -63.76
C VAL I 163 -5.19 24.12 -62.28
N THR I 164 -6.22 24.17 -61.42
CA THR I 164 -6.04 23.86 -60.01
C THR I 164 -5.77 22.36 -59.88
N GLU I 165 -4.88 22.01 -58.94
CA GLU I 165 -4.67 20.61 -58.64
C GLU I 165 -5.86 20.06 -57.85
N GLN I 166 -5.73 18.80 -57.45
CA GLN I 166 -6.80 18.03 -56.83
C GLN I 166 -7.12 18.64 -55.46
N ASP I 167 -8.41 18.59 -55.09
CA ASP I 167 -8.91 19.28 -53.92
C ASP I 167 -9.20 18.28 -52.80
N SER I 168 -9.42 18.81 -51.59
CA SER I 168 -9.84 18.04 -50.43
C SER I 168 -11.26 17.50 -50.63
N LYS I 169 -12.07 18.25 -51.39
CA LYS I 169 -13.42 17.86 -51.77
C LYS I 169 -13.36 16.71 -52.77
N ASP I 170 -12.55 16.87 -53.82
CA ASP I 170 -12.46 15.91 -54.91
C ASP I 170 -11.06 15.92 -55.50
N ASN I 171 -10.59 14.72 -55.88
CA ASN I 171 -9.36 14.55 -56.63
C ASN I 171 -9.61 14.92 -58.10
N THR I 172 -10.13 16.13 -58.30
CA THR I 172 -10.50 16.62 -59.63
C THR I 172 -9.76 17.93 -59.91
N TYR I 173 -9.87 18.39 -61.15
CA TYR I 173 -9.18 19.58 -61.61
C TYR I 173 -10.18 20.72 -61.76
N SER I 174 -9.65 21.94 -61.88
CA SER I 174 -10.39 23.10 -62.34
C SER I 174 -9.46 23.96 -63.19
N LEU I 175 -9.75 24.08 -64.48
CA LEU I 175 -8.88 24.74 -65.44
C LEU I 175 -9.52 26.05 -65.92
N SER I 176 -8.74 27.13 -65.80
CA SER I 176 -9.05 28.43 -66.39
C SER I 176 -7.92 28.86 -67.31
N SER I 177 -8.22 28.94 -68.61
CA SER I 177 -7.21 29.23 -69.64
C SER I 177 -7.37 30.66 -70.15
N THR I 178 -6.33 31.47 -69.91
CA THR I 178 -6.37 32.92 -70.04
C THR I 178 -5.94 33.33 -71.46
N LEU I 179 -6.93 33.68 -72.28
CA LEU I 179 -6.68 34.26 -73.60
C LEU I 179 -6.74 35.79 -73.46
N THR I 180 -5.56 36.40 -73.37
CA THR I 180 -5.41 37.85 -73.30
C THR I 180 -5.08 38.40 -74.68
N LEU I 181 -5.86 39.41 -75.10
CA LEU I 181 -5.60 40.15 -76.32
C LEU I 181 -5.37 41.62 -75.97
N SER I 182 -5.09 42.43 -76.99
CA SER I 182 -5.20 43.88 -76.90
C SER I 182 -6.63 44.28 -77.22
N SER I 183 -7.06 45.45 -76.75
CA SER I 183 -8.39 45.96 -77.04
C SER I 183 -8.59 46.07 -78.55
N THR I 184 -7.51 46.39 -79.29
CA THR I 184 -7.54 46.53 -80.73
C THR I 184 -7.94 45.21 -81.41
N ASP I 185 -7.33 44.10 -80.97
CA ASP I 185 -7.67 42.77 -81.48
C ASP I 185 -9.12 42.43 -81.14
N TYR I 186 -9.55 42.77 -79.91
CA TYR I 186 -10.90 42.50 -79.44
C TYR I 186 -11.94 43.29 -80.24
N GLN I 187 -11.61 44.54 -80.61
CA GLN I 187 -12.53 45.43 -81.30
C GLN I 187 -13.02 44.81 -82.61
N SER I 188 -12.10 44.18 -83.37
CA SER I 188 -12.43 43.57 -84.65
C SER I 188 -13.46 42.45 -84.49
N HIS I 189 -13.34 41.64 -83.41
CA HIS I 189 -14.17 40.45 -83.22
C HIS I 189 -15.59 40.84 -82.78
N ASN I 190 -16.57 39.93 -82.99
CA ASN I 190 -17.98 40.20 -82.69
C ASN I 190 -18.58 39.15 -81.76
N VAL I 191 -18.75 37.91 -82.23
CA VAL I 191 -19.34 36.85 -81.42
C VAL I 191 -18.23 36.07 -80.72
N TYR I 192 -18.34 35.97 -79.39
CA TYR I 192 -17.32 35.35 -78.55
C TYR I 192 -17.88 34.09 -77.90
N ALA I 193 -17.03 33.06 -77.80
CA ALA I 193 -17.48 31.74 -77.38
C ALA I 193 -16.38 30.97 -76.63
N CYS I 194 -16.80 30.28 -75.57
CA CYS I 194 -16.01 29.26 -74.90
C CYS I 194 -16.55 27.88 -75.28
N GLU I 195 -15.66 27.04 -75.84
CA GLU I 195 -15.99 25.68 -76.24
C GLU I 195 -15.15 24.71 -75.40
N VAL I 196 -15.78 23.59 -75.01
CA VAL I 196 -15.22 22.68 -74.04
C VAL I 196 -15.30 21.26 -74.58
N THR I 197 -14.14 20.63 -74.77
CA THR I 197 -14.04 19.27 -75.29
C THR I 197 -13.60 18.34 -74.16
N HIS I 198 -14.57 17.65 -73.56
CA HIS I 198 -14.32 16.70 -72.50
C HIS I 198 -14.30 15.29 -73.08
N GLN I 199 -13.10 14.71 -73.21
CA GLN I 199 -12.89 13.39 -73.80
C GLN I 199 -13.57 12.31 -72.96
N GLY I 200 -13.89 12.65 -71.71
CA GLY I 200 -14.68 11.80 -70.83
C GLY I 200 -16.10 11.59 -71.34
N LEU I 201 -16.62 12.58 -72.09
CA LEU I 201 -17.99 12.55 -72.59
C LEU I 201 -18.04 12.81 -74.09
N SER I 202 -17.01 13.50 -74.62
CA SER I 202 -16.83 13.83 -76.03
C SER I 202 -17.96 14.73 -76.54
N SER I 203 -18.59 15.49 -75.64
CA SER I 203 -19.71 16.35 -75.96
C SER I 203 -19.32 17.82 -75.72
N PRO I 204 -18.97 18.58 -76.78
CA PRO I 204 -18.64 20.00 -76.65
C PRO I 204 -19.87 20.89 -76.48
N VAL I 205 -19.83 21.72 -75.42
CA VAL I 205 -20.83 22.74 -75.16
C VAL I 205 -20.20 24.11 -75.36
N THR I 206 -20.75 24.87 -76.31
CA THR I 206 -20.25 26.19 -76.69
C THR I 206 -21.07 27.25 -75.97
N LYS I 207 -20.37 28.17 -75.30
CA LYS I 207 -21.02 29.22 -74.51
C LYS I 207 -20.69 30.59 -75.11
N SER I 208 -21.73 31.25 -75.62
CA SER I 208 -21.59 32.45 -76.44
C SER I 208 -22.38 33.61 -75.86
N PHE I 209 -21.78 34.81 -75.94
CA PHE I 209 -22.48 36.08 -75.80
C PHE I 209 -22.15 36.96 -77.01
N ASN I 210 -23.18 37.59 -77.57
CA ASN I 210 -23.05 38.42 -78.76
C ASN I 210 -22.63 39.83 -78.35
N ARG I 211 -22.28 40.65 -79.35
CA ARG I 211 -21.94 42.06 -79.16
C ARG I 211 -23.17 42.82 -78.66
N GLY I 212 -22.97 43.67 -77.66
CA GLY I 212 -24.07 44.37 -77.04
C GLY I 212 -24.30 43.89 -75.60
N GLU I 213 -24.13 42.59 -75.36
CA GLU I 213 -24.19 42.05 -74.01
C GLU I 213 -23.02 42.62 -73.23
N CYS I 214 -23.26 43.13 -72.00
CA CYS I 214 -22.23 43.79 -71.23
C CYS I 214 -22.34 43.36 -69.76
C1 NAG J . 9.47 -24.00 0.37
C2 NAG J . 10.14 -25.27 0.91
C3 NAG J . 9.30 -25.89 2.04
C4 NAG J . 8.47 -24.92 2.92
C5 NAG J . 8.10 -23.59 2.24
C6 NAG J . 7.72 -22.50 3.23
C7 NAG J . 11.51 -26.54 -0.70
C8 NAG J . 11.77 -28.01 -0.84
N2 NAG J . 10.32 -26.22 -0.18
O3 NAG J . 10.18 -26.64 2.89
O4 NAG J . 7.23 -25.56 3.28
O5 NAG J . 9.18 -23.12 1.44
O6 NAG J . 6.30 -22.51 3.42
O7 NAG J . 12.33 -25.70 -1.06
C1 NAG J . 7.19 -26.08 4.64
C2 NAG J . 6.97 -25.01 5.72
C3 NAG J . 5.48 -24.74 6.04
C4 NAG J . 4.49 -25.34 5.05
C5 NAG J . 4.80 -26.83 4.73
C6 NAG J . 4.14 -27.28 3.43
C7 NAG J . 8.08 -24.51 7.87
C8 NAG J . 7.61 -24.83 9.26
N2 NAG J . 7.70 -25.37 6.92
O3 NAG J . 5.26 -23.32 6.17
O4 NAG J . 3.16 -25.24 5.60
O5 NAG J . 6.21 -27.14 4.75
O6 NAG J . 4.89 -26.84 2.28
O7 NAG J . 8.77 -23.53 7.64
C1 NAG K . -19.55 -24.13 0.16
C2 NAG K . -18.89 -23.85 -1.19
C3 NAG K . -19.46 -22.54 -1.74
C4 NAG K . -20.99 -22.46 -1.68
C5 NAG K . -21.52 -22.85 -0.28
C6 NAG K . -23.04 -22.95 -0.17
C7 NAG K . -16.50 -24.48 -1.62
C8 NAG K . -16.89 -25.48 -2.68
N2 NAG K . -17.45 -23.72 -1.05
O3 NAG K . -18.99 -22.38 -3.08
O4 NAG K . -21.34 -21.13 -2.11
O5 NAG K . -20.98 -24.11 0.13
O6 NAG K . -23.43 -22.76 1.19
O7 NAG K . -15.34 -24.37 -1.28
C1 NAG K . -22.29 -20.99 -3.21
C2 NAG K . -22.06 -21.97 -4.41
C3 NAG K . -23.23 -22.03 -5.40
C4 NAG K . -24.56 -22.21 -4.64
C5 NAG K . -24.75 -21.05 -3.62
C6 NAG K . -26.02 -21.19 -2.78
C7 NAG K . -20.31 -20.66 -5.71
C8 NAG K . -18.85 -20.74 -6.10
N2 NAG K . -20.77 -21.76 -5.08
O3 NAG K . -23.03 -23.11 -6.31
O4 NAG K . -25.71 -22.50 -5.46
O5 NAG K . -23.64 -21.02 -2.70
O6 NAG K . -26.19 -20.02 -1.96
O7 NAG K . -20.98 -19.67 -5.97
C1 BMA K . -26.07 -21.50 -6.46
C2 BMA K . -26.41 -22.16 -7.81
C3 BMA K . -26.96 -21.14 -8.83
C4 BMA K . -27.94 -20.12 -8.23
C5 BMA K . -27.45 -19.57 -6.89
C6 BMA K . -28.47 -18.67 -6.20
O2 BMA K . -27.37 -23.22 -7.60
O3 BMA K . -27.59 -21.83 -9.92
O4 BMA K . -28.12 -19.05 -9.17
O5 BMA K . -27.14 -20.66 -6.00
O6 BMA K . -27.92 -18.17 -4.97
C1 NAG L . -34.92 -35.24 12.75
C2 NAG L . -35.71 -36.38 13.45
C3 NAG L . -35.72 -37.64 12.60
C4 NAG L . -36.32 -37.34 11.21
C5 NAG L . -35.61 -36.13 10.56
C6 NAG L . -36.32 -35.66 9.28
C7 NAG L . -35.96 -36.94 15.90
C8 NAG L . -37.39 -36.46 16.00
N2 NAG L . -35.23 -36.64 14.81
O3 NAG L . -36.47 -38.67 13.25
O4 NAG L . -36.23 -38.50 10.38
O5 NAG L . -35.51 -35.00 11.46
O6 NAG L . -37.53 -34.96 9.60
O7 NAG L . -35.46 -37.58 16.82
C1 NAG L . -37.51 -39.12 10.13
C2 NAG L . -37.23 -40.43 9.39
C3 NAG L . -38.47 -41.31 9.34
C4 NAG L . -38.92 -41.59 10.79
C5 NAG L . -39.36 -40.25 11.41
C6 NAG L . -39.78 -40.40 12.88
C7 NAG L . -35.66 -40.81 7.48
C8 NAG L . -34.54 -41.32 8.34
N2 NAG L . -36.67 -40.15 8.07
O3 NAG L . -38.18 -42.50 8.61
O4 NAG L . -39.94 -42.59 10.91
O5 NAG L . -38.27 -39.30 11.36
O6 NAG L . -40.01 -39.10 13.45
O7 NAG L . -35.65 -40.98 6.28
C1 BMA L . -39.32 -43.87 11.17
C2 BMA L . -40.06 -44.71 12.22
C3 BMA L . -39.43 -46.11 12.34
C4 BMA L . -39.07 -46.78 11.01
C5 BMA L . -38.39 -45.80 10.04
C6 BMA L . -38.21 -46.36 8.64
O2 BMA L . -41.44 -44.80 11.87
O3 BMA L . -40.31 -46.97 13.08
O4 BMA L . -38.22 -47.90 11.25
O5 BMA L . -39.18 -44.61 9.94
O6 BMA L . -37.57 -45.40 7.79
C1 NAG M . -50.04 -27.08 34.97
C2 NAG M . -49.73 -25.87 35.87
C3 NAG M . -48.44 -26.13 36.65
C4 NAG M . -48.50 -27.45 37.45
C5 NAG M . -49.00 -28.63 36.58
C6 NAG M . -49.40 -29.84 37.43
C7 NAG M . -49.67 -23.35 35.56
C8 NAG M . -50.48 -22.94 36.77
N2 NAG M . -49.71 -24.62 35.11
O3 NAG M . -48.16 -25.08 37.58
O4 NAG M . -47.29 -27.78 38.19
O5 NAG M . -50.14 -28.26 35.77
O6 NAG M . -48.26 -30.46 38.02
O7 NAG M . -49.00 -22.51 34.98
C1 NAG M . -46.00 -27.54 37.57
C2 NAG M . -44.85 -27.56 38.59
C3 NAG M . -43.47 -27.39 37.90
C4 NAG M . -43.33 -28.13 36.56
C5 NAG M . -44.59 -28.05 35.70
C6 NAG M . -44.53 -28.97 34.47
C7 NAG M . -44.55 -26.59 40.86
C8 NAG M . -44.79 -25.35 41.67
N2 NAG M . -45.04 -26.55 39.62
O3 NAG M . -42.43 -27.80 38.77
O4 NAG M . -42.20 -27.59 35.86
O5 NAG M . -45.73 -28.43 36.48
O6 NAG M . -45.74 -28.84 33.73
O7 NAG M . -43.95 -27.54 41.34
C1 NAG N . -53.53 -3.87 39.56
C2 NAG N . -52.05 -3.58 39.64
C3 NAG N . -51.67 -2.55 40.70
C4 NAG N . -52.77 -1.57 41.15
C5 NAG N . -54.23 -2.06 40.90
C6 NAG N . -55.30 -0.97 41.03
C7 NAG N . -50.52 -5.50 39.35
C8 NAG N . -50.25 -6.81 40.00
N2 NAG N . -51.40 -4.80 40.06
O3 NAG N . -50.55 -1.82 40.18
O4 NAG N . -52.54 -1.25 42.54
O5 NAG N . -54.33 -2.68 39.61
O6 NAG N . -55.93 -0.70 39.77
O7 NAG N . -49.99 -5.14 38.31
C1 NAG N . -51.64 -0.11 42.71
C2 NAG N . -51.90 0.53 44.07
C3 NAG N . -50.92 1.66 44.32
C4 NAG N . -49.44 1.37 43.96
C5 NAG N . -49.36 0.70 42.57
C6 NAG N . -47.96 0.24 42.16
C7 NAG N . -54.35 0.32 44.47
C8 NAG N . -55.66 1.05 44.34
N2 NAG N . -53.27 1.04 44.14
O3 NAG N . -51.07 2.02 45.70
O4 NAG N . -48.63 2.57 43.94
O5 NAG N . -50.25 -0.44 42.56
O6 NAG N . -48.01 -0.37 40.86
O7 NAG N . -54.32 -0.85 44.84
C1 BMA N . -48.04 2.91 45.22
C2 BMA N . -46.91 3.93 45.06
C3 BMA N . -46.50 4.58 46.38
C4 BMA N . -47.69 5.01 47.27
C5 BMA N . -48.67 3.84 47.42
C6 BMA N . -49.97 4.22 48.13
O2 BMA N . -47.29 4.94 44.12
O3 BMA N . -45.67 5.73 46.15
O4 BMA N . -47.20 5.43 48.54
O5 BMA N . -49.05 3.40 46.12
O6 BMA N . -49.74 4.79 49.43
C1 NAG O . -56.05 -3.32 33.34
C2 NAG O . -57.17 -3.34 32.30
C3 NAG O . -58.49 -2.95 32.94
C4 NAG O . -58.82 -3.82 34.17
C5 NAG O . -57.62 -3.98 35.11
C6 NAG O . -57.84 -5.11 36.11
C7 NAG O . -56.63 -2.89 29.92
C8 NAG O . -56.61 -4.36 29.60
N2 NAG O . -56.85 -2.48 31.17
O3 NAG O . -59.52 -3.07 31.97
O4 NAG O . -59.88 -3.20 34.90
O5 NAG O . -56.39 -4.24 34.40
O6 NAG O . -58.60 -4.61 37.22
O7 NAG O . -56.44 -2.08 29.04
C1 NAG O . -61.17 -3.83 34.76
C2 NAG O . -62.09 -3.04 35.69
C3 NAG O . -63.57 -3.01 35.28
C4 NAG O . -63.80 -2.88 33.77
C5 NAG O . -62.97 -3.93 32.99
C6 NAG O . -63.02 -3.68 31.49
C7 NAG O . -62.43 -4.57 37.69
C8 NAG O . -62.82 -4.34 39.13
N2 NAG O . -61.91 -3.49 37.08
O3 NAG O . -64.22 -1.92 35.96
O4 NAG O . -65.20 -2.80 33.40
O5 NAG O . -61.60 -3.89 33.37
O6 NAG O . -64.15 -4.34 30.91
O7 NAG O . -62.59 -5.66 37.15
C1 BMA O . -66.06 -3.93 33.74
C2 BMA O . -67.11 -3.51 34.79
C3 BMA O . -68.05 -4.67 35.10
C4 BMA O . -68.66 -5.31 33.84
C5 BMA O . -67.59 -5.60 32.77
C6 BMA O . -68.22 -5.95 31.42
O2 BMA O . -67.84 -2.36 34.33
O3 BMA O . -69.08 -4.24 36.00
O4 BMA O . -69.35 -6.51 34.21
O5 BMA O . -66.70 -4.48 32.57
O6 BMA O . -68.95 -7.17 31.48
C1 NAG P . 13.44 14.74 16.45
C2 NAG P . 14.01 15.88 17.30
C3 NAG P . 12.82 16.55 18.01
C4 NAG P . 11.59 16.83 17.12
C5 NAG P . 11.35 15.76 16.04
C6 NAG P . 10.45 16.24 14.91
C7 NAG P . 16.32 15.45 18.05
C8 NAG P . 17.14 15.51 19.30
N2 NAG P . 15.00 15.39 18.24
O3 NAG P . 13.29 17.77 18.62
O4 NAG P . 10.40 16.87 17.94
O5 NAG P . 12.57 15.29 15.46
O6 NAG P . 9.23 15.49 14.93
O7 NAG P . 16.85 15.46 16.94
C1 NAG P . 9.94 18.20 18.22
C2 NAG P . 8.47 18.37 17.78
C3 NAG P . 7.79 19.60 18.39
C4 NAG P . 8.10 19.80 19.89
C5 NAG P . 9.61 19.72 20.15
C6 NAG P . 9.94 19.76 21.63
C7 NAG P . 7.38 18.06 15.57
C8 NAG P . 7.45 18.50 14.13
N2 NAG P . 8.40 18.47 16.33
O3 NAG P . 6.36 19.49 18.24
O4 NAG P . 7.58 21.07 20.30
O5 NAG P . 10.14 18.48 19.62
O6 NAG P . 10.08 21.12 22.05
O7 NAG P . 6.44 17.40 15.98
C1 NAG Q . -12.18 7.14 27.69
C2 NAG Q . -11.10 6.07 27.74
C3 NAG Q . -11.64 4.80 27.07
C4 NAG Q . -13.05 4.41 27.56
C5 NAG Q . -14.02 5.63 27.55
C6 NAG Q . -15.39 5.36 28.17
C7 NAG Q . -8.67 6.58 27.51
C8 NAG Q . -8.45 6.93 28.95
N2 NAG Q . -9.92 6.53 27.02
O3 NAG Q . -10.72 3.73 27.29
O4 NAG Q . -13.48 3.30 26.74
O5 NAG Q . -13.44 6.74 28.24
O6 NAG Q . -16.24 6.49 27.91
O7 NAG Q . -7.71 6.35 26.77
C1 NAG Q . -13.91 2.09 27.43
C2 NAG Q . -13.05 1.70 28.65
C3 NAG Q . -13.70 0.63 29.55
C4 NAG Q . -15.18 0.97 29.83
C5 NAG Q . -15.94 1.15 28.51
C6 NAG Q . -17.41 1.55 28.70
C7 NAG Q . -11.20 0.38 27.50
C8 NAG Q . -9.73 0.45 27.24
N2 NAG Q . -11.66 1.33 28.32
O3 NAG Q . -12.98 0.51 30.78
O4 NAG Q . -15.82 0.09 30.80
O5 NAG Q . -15.32 2.16 27.70
O6 NAG Q . -18.08 1.53 27.44
O7 NAG Q . -11.89 -0.49 26.98
C1 BMA Q . -15.87 -1.33 30.49
C2 BMA Q . -15.47 -2.14 31.73
C3 BMA Q . -15.73 -3.65 31.55
C4 BMA Q . -17.06 -3.98 30.85
C5 BMA Q . -17.29 -3.09 29.63
C6 BMA Q . -18.67 -3.29 28.99
O2 BMA Q . -16.17 -1.66 32.89
O3 BMA Q . -15.68 -4.32 32.82
O4 BMA Q . -17.05 -5.37 30.48
O5 BMA Q . -17.17 -1.71 30.00
O6 BMA Q . -18.78 -2.47 27.82
C1 NAG R . -28.57 19.11 38.01
C2 NAG R . -29.35 20.04 38.94
C3 NAG R . -28.69 19.99 40.32
C4 NAG R . -28.71 18.53 40.85
C5 NAG R . -28.09 17.54 39.84
C6 NAG R . -28.36 16.08 40.23
C7 NAG R . -30.46 22.26 38.64
C8 NAG R . -31.85 21.87 38.21
N2 NAG R . -29.46 21.40 38.40
O3 NAG R . -29.36 20.86 41.22
O4 NAG R . -28.01 18.48 42.10
O5 NAG R . -28.58 17.76 38.51
O6 NAG R . -29.73 15.74 40.01
O7 NAG R . -30.24 23.34 39.17
C1 NAG R . -28.90 18.29 43.23
C2 NAG R . -28.03 18.38 44.48
C3 NAG R . -28.90 18.47 45.75
C4 NAG R . -29.88 19.65 45.63
C5 NAG R . -30.79 19.41 44.41
C6 NAG R . -31.76 20.57 44.16
C7 NAG R . -25.79 17.35 44.87
C8 NAG R . -25.06 18.66 44.71
N2 NAG R . -27.09 17.28 44.54
O3 NAG R . -28.03 18.58 46.88
O4 NAG R . -30.67 19.88 46.80
O5 NAG R . -29.99 19.24 43.23
O6 NAG R . -32.47 20.36 42.92
O7 NAG R . -25.20 16.37 45.28
C1 BMA R . -30.00 20.81 47.70
C2 BMA R . -30.95 21.86 48.29
C3 BMA R . -30.23 22.71 49.36
C4 BMA R . -29.35 21.90 50.33
C5 BMA R . -28.49 20.87 49.59
C6 BMA R . -27.74 19.93 50.53
O2 BMA R . -32.09 21.21 48.85
O3 BMA R . -31.19 23.47 50.11
O4 BMA R . -28.53 22.80 51.08
O5 BMA R . -29.31 20.09 48.72
O6 BMA R . -26.93 19.01 49.77
C1 NAG S . -52.78 29.49 28.30
C2 NAG S . -53.02 29.67 26.80
C3 NAG S . -52.12 30.79 26.26
C4 NAG S . -52.35 32.12 27.01
C5 NAG S . -52.29 31.91 28.54
C6 NAG S . -52.86 33.12 29.29
C7 NAG S . -53.57 27.95 25.04
C8 NAG S . -54.56 28.81 24.30
N2 NAG S . -52.79 28.45 26.04
O3 NAG S . -52.36 31.00 24.87
O4 NAG S . -51.53 33.23 26.55
O5 NAG S . -53.02 30.75 28.98
O6 NAG S . -51.91 34.20 29.33
O7 NAG S . -53.48 26.78 24.74
C1 NAG S . -50.18 32.94 26.13
C2 NAG S . -49.56 34.10 25.31
C3 NAG S . -48.08 33.80 24.94
C4 NAG S . -47.26 33.13 26.04
C5 NAG S . -48.05 32.04 26.79
C6 NAG S . -47.32 31.51 28.03
C7 NAG S . -50.43 35.52 23.47
C8 NAG S . -51.18 35.48 22.17
N2 NAG S . -50.34 34.35 24.12
O3 NAG S . -47.45 35.03 24.57
O4 NAG S . -46.08 32.57 25.45
O5 NAG S . -49.31 32.58 27.21
O6 NAG S . -48.11 30.49 28.63
O7 NAG S . -49.95 36.57 23.87
C1 NAG T . -62.68 20.70 8.30
C2 NAG T . -61.48 20.61 7.37
C3 NAG T . -61.76 21.14 5.99
C4 NAG T . -63.19 20.94 5.48
C5 NAG T . -64.28 20.81 6.57
C6 NAG T . -65.59 20.21 6.05
C7 NAG T . -59.19 21.18 7.84
C8 NAG T . -58.53 21.83 8.98
N2 NAG T . -60.46 21.50 7.84
O3 NAG T . -60.78 20.60 5.10
O4 NAG T . -63.45 22.08 4.65
O5 NAG T . -63.80 20.04 7.69
O6 NAG T . -66.00 19.08 6.85
O7 NAG T . -58.61 20.46 7.03
C1 NAG T . -63.04 21.85 3.28
C2 NAG T . -63.92 22.77 2.45
C3 NAG T . -63.46 22.91 1.01
C4 NAG T . -61.92 22.89 0.75
C5 NAG T . -61.18 21.95 1.71
C6 NAG T . -59.66 22.16 1.70
C7 NAG T . -66.21 22.65 3.43
C8 NAG T . -67.62 22.26 3.12
N2 NAG T . -65.30 22.31 2.50
O3 NAG T . -64.03 24.13 0.53
O4 NAG T . -61.63 22.47 -0.61
O5 NAG T . -61.65 22.14 3.06
O6 NAG T . -59.04 21.35 2.69
O7 NAG T . -65.93 23.24 4.47
C1 BMA T . -61.79 23.52 -1.60
C2 BMA T . -60.93 23.25 -2.84
C3 BMA T . -61.31 24.17 -4.03
C4 BMA T . -62.82 24.38 -4.21
C5 BMA T . -63.47 24.72 -2.87
C6 BMA T . -65.00 24.96 -2.89
O2 BMA T . -61.06 21.88 -3.24
O3 BMA T . -60.75 23.65 -5.25
O4 BMA T . -63.04 25.41 -5.18
O5 BMA T . -63.17 23.66 -1.96
O6 BMA T . -65.66 24.36 -4.01
C1 NAG U . -62.41 14.26 11.11
C2 NAG U . -62.87 13.38 12.28
C3 NAG U . -63.79 14.16 13.22
C4 NAG U . -64.89 14.95 12.52
C5 NAG U . -64.45 15.60 11.21
C6 NAG U . -64.91 17.05 11.12
C7 NAG U . -63.43 10.97 12.51
C8 NAG U . -62.09 10.47 12.99
N2 NAG U . -63.46 12.12 11.82
O3 NAG U . -62.97 15.09 13.93
O4 NAG U . -65.97 14.06 12.20
O5 NAG U . -63.02 15.56 11.08
O6 NAG U . -66.07 17.12 10.29
O7 NAG U . -64.45 10.34 12.74
C1 NAG U . -67.01 14.15 13.20
C2 NAG U . -68.23 14.82 12.53
C3 NAG U . -69.56 14.49 13.21
C4 NAG U . -69.64 13.00 13.56
C5 NAG U . -68.46 12.60 14.47
C6 NAG U . -68.41 11.14 14.94
C7 NAG U . -67.91 17.21 13.34
C8 NAG U . -67.99 18.62 12.82
N2 NAG U . -68.04 16.27 12.38
O3 NAG U . -70.63 14.85 12.34
O4 NAG U . -70.96 12.58 14.01
O5 NAG U . -67.24 12.84 13.75
O6 NAG U . -69.56 10.36 14.56
O7 NAG U . -67.74 17.00 14.53
C1 BMA U . -71.49 13.16 15.24
C2 BMA U . -72.88 13.74 14.97
C3 BMA U . -73.62 14.11 16.27
C4 BMA U . -73.54 13.01 17.34
C5 BMA U . -72.09 12.53 17.55
C6 BMA U . -72.01 11.32 18.46
O2 BMA U . -73.67 12.83 14.19
O3 BMA U . -74.99 14.40 15.99
O4 BMA U . -74.07 13.52 18.57
O5 BMA U . -71.49 12.17 16.28
O6 BMA U . -72.19 11.71 19.82
C1 NAG V . 2.01 9.70 -23.86
C2 NAG V . 1.92 9.93 -25.37
C3 NAG V . 0.44 9.84 -25.78
C4 NAG V . -0.39 8.72 -25.10
C5 NAG V . 0.10 8.35 -23.69
C6 NAG V . -0.37 6.96 -23.26
C7 NAG V . 3.77 11.38 -26.15
C8 NAG V . 4.07 12.76 -26.68
N2 NAG V . 2.51 11.22 -25.73
O3 NAG V . 0.38 9.68 -27.20
O4 NAG V . -1.76 9.13 -24.98
O5 NAG V . 1.51 8.39 -23.56
O6 NAG V . -1.37 7.08 -22.24
O7 NAG V . 4.63 10.52 -26.13
C1 NAG V . -2.62 8.62 -26.02
C2 NAG V . -3.71 7.71 -25.41
C3 NAG V . -4.93 7.49 -26.33
C4 NAG V . -5.36 8.73 -27.13
C5 NAG V . -4.15 9.43 -27.78
C6 NAG V . -4.54 10.74 -28.45
C7 NAG V . -3.58 5.61 -24.09
C8 NAG V . -2.94 4.25 -24.09
N2 NAG V . -3.14 6.42 -25.07
O3 NAG V . -6.04 7.04 -25.55
O4 NAG V . -6.31 8.32 -28.14
O5 NAG V . -3.17 9.72 -26.76
O6 NAG V . -4.81 10.49 -29.84
O7 NAG V . -4.43 5.92 -23.27
C1 NAG W . -23.63 16.12 -12.02
C2 NAG W . -22.47 16.98 -11.55
C3 NAG W . -22.43 16.96 -10.02
C4 NAG W . -23.80 17.21 -9.36
C5 NAG W . -24.92 16.38 -10.02
C6 NAG W . -26.33 16.74 -9.55
C7 NAG W . -20.35 17.10 -12.88
C8 NAG W . -20.55 18.56 -13.20
N2 NAG W . -21.20 16.47 -12.05
O3 NAG W . -21.46 17.91 -9.57
O4 NAG W . -23.62 16.94 -7.94
O5 NAG W . -24.89 16.50 -11.45
O6 NAG W . -27.26 15.74 -9.99
O7 NAG W . -19.40 16.50 -13.36
C1 NAG W . -23.98 18.00 -7.01
C2 NAG W . -23.60 19.44 -7.45
C3 NAG W . -24.28 20.54 -6.64
C4 NAG W . -25.79 20.28 -6.52
C5 NAG W . -26.03 18.89 -5.89
C6 NAG W . -27.52 18.52 -5.82
C7 NAG W . -21.19 19.56 -6.64
C8 NAG W . -19.79 19.66 -7.15
N2 NAG W . -22.15 19.66 -7.57
O3 NAG W . -24.06 21.81 -7.26
O4 NAG W . -26.52 21.39 -5.93
O5 NAG W . -25.38 17.86 -6.66
O6 NAG W . -27.68 17.26 -5.17
O7 NAG W . -21.41 19.40 -5.44
C1 BMA W . -26.20 21.75 -4.56
C2 BMA W . -26.14 23.28 -4.39
C3 BMA W . -25.97 23.69 -2.93
C4 BMA W . -26.83 22.89 -1.93
C5 BMA W . -26.78 21.37 -2.25
C6 BMA W . -27.74 20.56 -1.37
O2 BMA W . -27.32 23.87 -4.95
O3 BMA W . -26.26 25.09 -2.77
O4 BMA W . -26.36 23.14 -0.60
O5 BMA W . -27.11 21.15 -3.62
O6 BMA W . -27.56 19.16 -1.65
C1 NAG X . -44.97 14.50 -19.81
C2 NAG X . -46.24 14.65 -20.65
C3 NAG X . -46.19 15.99 -21.36
C4 NAG X . -46.02 17.16 -20.37
C5 NAG X . -44.83 16.92 -19.41
C6 NAG X . -44.79 17.93 -18.27
C7 NAG X . -47.56 12.96 -21.96
C8 NAG X . -48.71 12.91 -20.99
N2 NAG X . -46.40 13.54 -21.58
O3 NAG X . -47.37 16.16 -22.15
O4 NAG X . -45.82 18.38 -21.09
O5 NAG X . -44.85 15.58 -18.87
O6 NAG X . -45.03 17.32 -16.99
O7 NAG X . -47.67 12.47 -23.07
C1 NAG X . -46.99 19.26 -21.03
C2 NAG X . -46.68 20.45 -21.94
C3 NAG X . -47.93 21.30 -22.20
C4 NAG X . -49.06 20.41 -22.75
C5 NAG X . -49.38 19.32 -21.72
C6 NAG X . -50.45 18.34 -22.19
C7 NAG X . -44.49 21.67 -21.99
C8 NAG X . -44.18 21.19 -23.39
N2 NAG X . -45.61 21.27 -21.37
O3 NAG X . -47.57 22.36 -23.10
O4 NAG X . -50.26 21.14 -23.08
O5 NAG X . -48.19 18.57 -21.40
O6 NAG X . -50.59 17.26 -21.27
O7 NAG X . -43.70 22.42 -21.43
C1 BMA X . -50.21 21.59 -24.44
C2 BMA X . -51.47 21.28 -25.25
C3 BMA X . -51.38 21.90 -26.66
C4 BMA X . -50.84 23.34 -26.69
C5 BMA X . -49.62 23.52 -25.78
C6 BMA X . -49.21 24.98 -25.62
O2 BMA X . -52.62 21.79 -24.54
O3 BMA X . -52.68 21.86 -27.30
O4 BMA X . -50.51 23.67 -28.05
O5 BMA X . -49.90 22.99 -24.48
O6 BMA X . -48.11 25.09 -24.71
C1 NAG Y . -64.76 -5.00 -15.50
C2 NAG Y . -64.53 -6.44 -15.00
C3 NAG Y . -63.71 -7.21 -16.05
C4 NAG Y . -64.44 -7.22 -17.41
C5 NAG Y . -64.88 -5.79 -17.84
C6 NAG Y . -65.90 -5.82 -18.98
C7 NAG Y . -63.85 -7.48 -12.77
C8 NAG Y . -64.94 -8.54 -12.75
N2 NAG Y . -63.90 -6.46 -13.67
O3 NAG Y . -63.47 -8.55 -15.64
O4 NAG Y . -63.75 -7.95 -18.47
O5 NAG Y . -65.46 -5.05 -16.75
O6 NAG Y . -65.32 -6.36 -20.18
O7 NAG Y . -62.94 -7.53 -11.97
C1 NAG Y . -62.31 -7.79 -18.56
C2 NAG Y . -61.66 -8.88 -19.44
C3 NAG Y . -60.14 -8.68 -19.52
C4 NAG Y . -59.69 -7.22 -19.71
C5 NAG Y . -60.49 -6.26 -18.81
C6 NAG Y . -60.21 -4.79 -19.11
C7 NAG Y . -62.02 -11.34 -19.64
C8 NAG Y . -62.28 -12.58 -18.84
N2 NAG Y . -61.98 -10.21 -18.92
O3 NAG Y . -59.60 -9.47 -20.60
O4 NAG Y . -58.29 -7.13 -19.42
O5 NAG Y . -61.89 -6.50 -18.99
O6 NAG Y . -60.95 -3.97 -18.19
O7 NAG Y . -61.87 -11.40 -20.85
C1 NAG Z . -63.18 -19.82 3.17
C2 NAG Z . -61.75 -20.26 2.80
C3 NAG Z . -61.27 -21.58 3.39
C4 NAG Z . -62.29 -22.44 4.17
C5 NAG Z . -63.75 -21.95 4.03
C6 NAG Z . -64.73 -22.69 4.96
C7 NAG Z . -61.61 -19.65 0.40
C8 NAG Z . -62.56 -19.96 -0.72
N2 NAG Z . -61.63 -20.54 1.38
O3 NAG Z . -60.08 -21.34 4.17
O4 NAG Z . -62.18 -23.79 3.70
O5 NAG Z . -63.80 -20.54 4.23
O6 NAG Z . -65.36 -21.78 5.87
O7 NAG Z . -60.88 -18.67 0.41
C1 NAG Z . -61.18 -24.54 4.41
C2 NAG Z . -61.61 -26.00 4.29
C3 NAG Z . -60.61 -26.86 3.50
C4 NAG Z . -59.14 -26.66 3.93
C5 NAG Z . -58.79 -25.21 4.27
C6 NAG Z . -57.50 -24.78 3.58
C7 NAG Z . -63.08 -26.76 6.11
C8 NAG Z . -63.39 -28.18 6.48
N2 NAG Z . -61.85 -26.55 5.62
O3 NAG Z . -60.74 -26.59 2.10
O4 NAG Z . -58.80 -27.49 5.05
O5 NAG Z . -59.86 -24.30 3.89
O6 NAG Z . -57.40 -23.35 3.53
O7 NAG Z . -63.89 -25.86 6.25
C1 BMA Z . -58.86 -28.89 4.73
C2 BMA Z . -57.54 -29.60 5.04
C3 BMA Z . -57.64 -31.13 4.82
C4 BMA Z . -58.94 -31.76 5.34
C5 BMA Z . -60.18 -30.92 4.97
C6 BMA Z . -61.48 -31.45 5.56
O2 BMA Z . -57.15 -29.31 6.39
O3 BMA Z . -56.52 -31.79 5.43
O4 BMA Z . -59.06 -33.08 4.81
O5 BMA Z . -59.97 -29.55 5.38
O6 BMA Z . -61.57 -31.14 6.96
C1 NAG AA . -63.34 -14.20 7.23
C2 NAG AA . -63.93 -13.07 8.07
C3 NAG AA . -65.25 -13.53 8.69
C4 NAG AA . -66.25 -14.02 7.63
C5 NAG AA . -65.60 -14.98 6.63
C6 NAG AA . -66.48 -15.18 5.39
C7 NAG AA . -62.52 -11.38 9.21
C8 NAG AA . -62.55 -10.45 8.02
N2 NAG AA . -62.98 -12.63 9.07
O3 NAG AA . -65.81 -12.44 9.45
O4 NAG AA . -67.31 -14.73 8.30
O5 NAG AA . -64.29 -14.54 6.20
O6 NAG AA . -67.46 -16.18 5.67
O7 NAG AA . -62.09 -10.99 10.28
C1 NAG AA . -68.57 -14.01 8.40
C2 NAG AA . -69.45 -14.95 9.22
C3 NAG AA . -70.59 -14.27 9.99
C4 NAG AA . -70.20 -12.92 10.61
C5 NAG AA . -69.52 -12.01 9.57
C6 NAG AA . -68.97 -10.73 10.19
C7 NAG AA . -70.94 -16.06 7.49
C8 NAG AA . -71.67 -17.37 7.37
N2 NAG AA . -69.93 -16.07 8.39
O3 NAG AA . -71.05 -15.15 11.03
O4 NAG AA . -71.29 -12.29 11.35
O5 NAG AA . -68.40 -12.70 8.98
O6 NAG AA . -69.98 -9.72 10.22
O7 NAG AA . -71.24 -15.10 6.80
C1 BMA AA . -72.53 -12.02 10.64
C2 BMA AA . -73.68 -12.89 11.16
C3 BMA AA . -74.97 -12.58 10.41
C4 BMA AA . -75.30 -11.07 10.35
C5 BMA AA . -74.06 -10.24 9.94
C6 BMA AA . -74.33 -8.74 10.08
O2 BMA AA . -73.84 -12.70 12.57
O3 BMA AA . -76.07 -13.27 11.02
O4 BMA AA . -76.36 -10.87 9.42
O5 BMA AA . -72.89 -10.61 10.69
O6 BMA AA . -73.56 -8.14 11.13
C1 NAG BA . 7.86 -28.58 -14.59
C2 NAG BA . 8.48 -29.05 -15.90
C3 NAG BA . 7.52 -28.81 -17.05
C4 NAG BA . 6.20 -29.53 -16.74
C5 NAG BA . 5.66 -29.03 -15.41
C6 NAG BA . 4.36 -29.74 -15.05
C7 NAG BA . 10.91 -28.90 -15.88
C8 NAG BA . 12.10 -28.04 -16.18
N2 NAG BA . 9.73 -28.36 -16.16
O3 NAG BA . 8.06 -29.33 -18.25
O4 NAG BA . 5.26 -29.26 -17.78
O5 NAG BA . 6.62 -29.25 -14.38
O6 NAG BA . 4.63 -31.11 -14.75
O7 NAG BA . 11.02 -30.03 -15.42
C1 NAG CA . 18.83 4.48 26.80
C2 NAG CA . 20.24 4.23 27.43
C3 NAG CA . 20.17 3.61 28.83
C4 NAG CA . 19.11 4.24 29.74
C5 NAG CA . 17.76 4.46 29.02
C6 NAG CA . 16.78 5.28 29.85
C7 NAG CA . 22.45 3.52 26.49
C8 NAG CA . 23.08 2.74 25.38
N2 NAG CA . 21.11 3.46 26.54
O3 NAG CA . 21.44 3.73 29.47
O4 NAG CA . 18.91 3.38 30.87
O5 NAG CA . 17.98 5.13 27.77
O6 NAG CA . 17.08 6.68 29.77
O7 NAG CA . 23.14 4.16 27.29
C1 NAG DA . 4.80 24.77 -21.35
C2 NAG DA . 5.83 25.76 -21.94
C3 NAG DA . 5.33 27.21 -21.94
C4 NAG DA . 3.88 27.37 -22.41
C5 NAG DA . 2.95 26.33 -21.77
C6 NAG DA . 1.55 26.33 -22.39
C7 NAG DA . 8.33 25.87 -21.91
C8 NAG DA . 9.53 25.53 -21.07
N2 NAG DA . 7.15 25.67 -21.30
O3 NAG DA . 6.17 28.02 -22.78
O4 NAG DA . 3.43 28.69 -22.10
O5 NAG DA . 3.50 25.01 -21.91
O6 NAG DA . 1.53 25.58 -23.62
O7 NAG DA . 8.45 26.30 -23.04
#